data_9J4Y
#
_entry.id   9J4Y
#
_cell.length_a   119.160
_cell.length_b   121.440
_cell.length_c   147.410
_cell.angle_alpha   90.00
_cell.angle_beta   111.88
_cell.angle_gamma   90.00
#
_symmetry.space_group_name_H-M   'P 1 21 1'
#
loop_
_entity.id
_entity.type
_entity.pdbx_description
1 polymer 'Aminotransferase, class III'
2 non-polymer DI(HYDROXYETHYL)ETHER
3 non-polymer 1,2-ETHANEDIOL
4 non-polymer 'SULFATE ION'
5 non-polymer GLYCEROL
6 water water
#
_entity_poly.entity_id   1
_entity_poly.type   'polypeptide(L)'
_entity_poly.pdbx_seq_one_letter_code
;MSTHSSTVQNDLAALIHPNTNLAQHREVGPLVIARGDGVRVFDEQGNAYIEAMSGLWSAALGFSEQRLVDAAVEQFKQLP
YYHSFSHKTNAPAAALAAKLAALAPGDLNHVFFTNSGSEANDSVVKMVWYVNNALGRPAKKKFISRQQAYHGATVAAASL
TGIPSMHRDFDLPAIPVHHLTCPNFYRFARPGESQEAFTVRLANELERYILAEGPETIAAFIGEPVIAAGGVIPPPTGYW
AAIQAVCKRYDILVVIDEIITGFGRLGTMFGSQLYGIQPDIMVLSKQLTSSYQPLAAVVVSDAMNDVLVSQSQRLGAFAH
GFTCTGHPVATAVALENIRIIEERDLVGHVQHLAPVFQRHLRAFEDHPLVGNVRGVGLMGGIELVADKATRQPFAQPGTL
GGYVFKQAHKHGLIIRAIYDTIAFCPPLITTQDDIEAIFSAFERTLADATDWARSQHLL
;
_entity_poly.pdbx_strand_id   A,B,C,D,E,F,G,H
#
loop_
_chem_comp.id
_chem_comp.type
_chem_comp.name
_chem_comp.formula
EDO non-polymer 1,2-ETHANEDIOL 'C2 H6 O2'
GOL non-polymer GLYCEROL 'C3 H8 O3'
PEG non-polymer DI(HYDROXYETHYL)ETHER 'C4 H10 O3'
SO4 non-polymer 'SULFATE ION' 'O4 S -2'
#
# COMPACT_ATOMS: atom_id res chain seq x y z
N HIS A 4 17.02 3.88 20.70
CA HIS A 4 15.59 3.48 20.60
C HIS A 4 15.16 2.81 21.92
N SER A 5 14.42 3.58 22.75
CA SER A 5 13.75 3.08 23.96
C SER A 5 12.45 2.35 23.60
N SER A 6 11.73 1.85 24.61
CA SER A 6 10.50 1.10 24.37
C SER A 6 9.45 2.02 23.73
N THR A 7 9.37 3.27 24.22
CA THR A 7 8.40 4.23 23.75
C THR A 7 8.71 4.61 22.30
N VAL A 8 9.99 4.79 21.99
CA VAL A 8 10.40 5.17 20.64
C VAL A 8 10.09 4.03 19.65
N GLN A 9 10.35 2.78 20.06
CA GLN A 9 10.13 1.65 19.17
C GLN A 9 8.63 1.50 18.89
N ASN A 10 7.85 1.66 19.96
CA ASN A 10 6.41 1.56 19.92
C ASN A 10 5.83 2.65 19.03
N ASP A 11 6.28 3.88 19.26
CA ASP A 11 5.87 5.06 18.50
C ASP A 11 6.13 4.83 17.02
N LEU A 12 7.38 4.44 16.69
CA LEU A 12 7.80 4.31 15.30
C LEU A 12 7.05 3.17 14.62
N ALA A 13 6.58 2.18 15.36
CA ALA A 13 5.93 1.01 14.76
C ALA A 13 4.47 1.34 14.41
N ALA A 14 3.77 2.09 15.28
CA ALA A 14 2.32 2.00 15.36
C ALA A 14 1.61 3.35 15.42
N LEU A 15 2.32 4.45 15.69
CA LEU A 15 1.64 5.70 16.01
C LEU A 15 1.65 6.66 14.82
N ILE A 16 0.44 7.00 14.33
CA ILE A 16 0.21 8.07 13.37
C ILE A 16 0.09 9.39 14.12
N HIS A 17 1.03 10.31 13.85
CA HIS A 17 1.09 11.57 14.60
C HIS A 17 0.22 12.60 13.92
N PRO A 18 -0.54 13.38 14.71
CA PRO A 18 -1.20 14.57 14.18
C PRO A 18 -0.22 15.66 13.78
N ASN A 19 -0.59 16.42 12.76
CA ASN A 19 0.11 17.66 12.40
C ASN A 19 1.61 17.41 12.49
N THR A 20 2.05 16.36 11.80
CA THR A 20 3.44 15.95 11.78
C THR A 20 3.75 15.50 10.37
N ASN A 21 4.96 15.81 9.89
CA ASN A 21 5.50 15.22 8.68
C ASN A 21 5.77 13.74 8.95
N LEU A 22 4.87 12.87 8.46
CA LEU A 22 4.88 11.45 8.77
C LEU A 22 6.10 10.75 8.15
N ALA A 23 6.63 11.30 7.05
CA ALA A 23 7.78 10.74 6.36
C ALA A 23 9.07 11.06 7.11
N GLN A 24 9.23 12.34 7.46
CA GLN A 24 10.31 12.81 8.32
C GLN A 24 10.31 12.05 9.64
N HIS A 25 9.12 11.73 10.16
CA HIS A 25 9.00 11.13 11.47
C HIS A 25 9.69 9.77 11.51
N ARG A 26 9.61 9.02 10.40
CA ARG A 26 10.27 7.72 10.32
C ARG A 26 11.79 7.85 10.49
N GLU A 27 12.36 9.00 10.09
CA GLU A 27 13.81 9.19 10.10
C GLU A 27 14.26 9.77 11.45
N VAL A 28 13.65 10.86 11.90
CA VAL A 28 14.13 11.57 13.08
C VAL A 28 13.51 10.96 14.34
N GLY A 29 12.33 10.36 14.20
CA GLY A 29 11.69 9.70 15.34
C GLY A 29 11.07 10.71 16.30
N PRO A 30 10.36 10.23 17.33
CA PRO A 30 9.66 11.12 18.25
C PRO A 30 10.60 11.72 19.30
N LEU A 31 10.15 12.81 19.91
CA LEU A 31 10.69 13.27 21.17
C LEU A 31 9.71 12.90 22.28
N VAL A 32 10.16 12.03 23.19
CA VAL A 32 9.29 11.50 24.22
C VAL A 32 9.26 12.50 25.37
N ILE A 33 8.08 13.00 25.70
CA ILE A 33 7.90 13.82 26.87
C ILE A 33 7.36 12.93 27.98
N ALA A 34 8.02 13.01 29.16
CA ALA A 34 7.84 12.05 30.23
C ALA A 34 7.23 12.69 31.46
N ARG A 35 7.60 13.96 31.75
CA ARG A 35 7.28 14.53 33.05
C ARG A 35 7.03 16.03 32.93
N GLY A 36 6.22 16.56 33.86
CA GLY A 36 5.80 17.97 33.83
C GLY A 36 6.10 18.66 35.15
N ASP A 37 6.47 19.95 35.12
CA ASP A 37 6.75 20.70 36.33
C ASP A 37 6.61 22.20 36.05
N GLY A 38 5.50 22.79 36.52
CA GLY A 38 5.17 24.17 36.23
C GLY A 38 5.16 24.47 34.72
N VAL A 39 6.06 25.37 34.33
CA VAL A 39 6.10 25.84 32.95
C VAL A 39 7.08 25.00 32.16
N ARG A 40 7.53 23.88 32.75
CA ARG A 40 8.55 23.04 32.14
C ARG A 40 8.01 21.64 31.89
N VAL A 41 8.56 20.99 30.85
CA VAL A 41 8.36 19.57 30.65
C VAL A 41 9.73 18.95 30.42
N PHE A 42 9.81 17.65 30.69
CA PHE A 42 11.05 16.91 30.60
C PHE A 42 10.86 15.76 29.64
N ASP A 43 11.88 15.51 28.83
CA ASP A 43 11.92 14.34 27.97
C ASP A 43 12.37 13.12 28.76
N GLU A 44 12.39 11.97 28.08
CA GLU A 44 12.68 10.68 28.68
C GLU A 44 14.12 10.67 29.21
N GLN A 45 15.02 11.43 28.58
CA GLN A 45 16.42 11.49 29.00
C GLN A 45 16.59 12.48 30.14
N GLY A 46 15.54 13.22 30.50
CA GLY A 46 15.60 14.11 31.65
C GLY A 46 15.98 15.56 31.31
N ASN A 47 16.15 15.89 30.02
CA ASN A 47 16.35 17.28 29.61
C ASN A 47 15.10 18.10 29.88
N ALA A 48 15.30 19.35 30.31
CA ALA A 48 14.20 20.27 30.63
C ALA A 48 13.97 21.21 29.48
N TYR A 49 12.69 21.54 29.28
CA TYR A 49 12.29 22.51 28.29
C TYR A 49 11.24 23.42 28.90
N ILE A 50 11.43 24.73 28.73
CA ILE A 50 10.40 25.69 29.04
C ILE A 50 9.36 25.63 27.93
N GLU A 51 8.10 25.38 28.33
CA GLU A 51 7.05 25.16 27.36
C GLU A 51 6.39 26.51 27.10
N ALA A 52 6.96 27.26 26.16
CA ALA A 52 6.55 28.62 25.90
C ALA A 52 5.23 28.69 25.11
N MET A 53 4.65 27.52 24.79
CA MET A 53 3.39 27.45 24.05
C MET A 53 2.29 26.82 24.90
N SER A 54 2.58 26.54 26.18
CA SER A 54 1.61 25.86 27.03
C SER A 54 1.09 24.60 26.37
N GLY A 55 1.97 23.90 25.64
CA GLY A 55 1.57 22.73 24.88
C GLY A 55 0.96 23.15 23.56
N LEU A 56 -0.36 23.13 23.46
CA LEU A 56 -1.05 23.68 22.30
C LEU A 56 -1.93 24.83 22.76
N TRP A 57 -1.29 25.91 23.21
CA TRP A 57 -1.98 27.11 23.64
C TRP A 57 -2.93 26.82 24.81
N SER A 58 -2.69 25.73 25.57
CA SER A 58 -3.78 25.14 26.32
C SER A 58 -3.52 25.03 27.83
N ALA A 59 -2.28 24.72 28.22
CA ALA A 59 -1.97 24.34 29.59
C ALA A 59 -1.89 25.58 30.50
N ALA A 60 -3.05 26.13 30.85
CA ALA A 60 -3.12 27.42 31.52
C ALA A 60 -2.36 27.38 32.85
N LEU A 61 -2.55 26.32 33.65
CA LEU A 61 -1.99 26.25 34.98
C LEU A 61 -0.68 25.45 34.99
N GLY A 62 -0.06 25.28 33.82
CA GLY A 62 1.20 24.54 33.74
C GLY A 62 0.98 23.03 33.80
N PHE A 63 2.08 22.28 33.89
CA PHE A 63 2.05 20.85 33.67
C PHE A 63 2.17 20.05 34.96
N SER A 64 1.89 20.65 36.14
CA SER A 64 1.93 19.90 37.39
C SER A 64 1.13 20.57 38.50
N GLU A 65 -0.10 20.97 38.17
CA GLU A 65 -1.02 21.57 39.13
C GLU A 65 -1.78 20.47 39.87
N GLN A 66 -1.38 20.23 41.12
CA GLN A 66 -1.90 19.10 41.90
C GLN A 66 -3.40 19.27 42.16
N ARG A 67 -3.89 20.51 42.24
CA ARG A 67 -5.29 20.73 42.59
C ARG A 67 -6.22 20.13 41.50
N LEU A 68 -5.77 20.10 40.24
CA LEU A 68 -6.54 19.51 39.15
C LEU A 68 -6.56 18.00 39.28
N VAL A 69 -5.41 17.42 39.61
CA VAL A 69 -5.35 16.00 39.90
C VAL A 69 -6.31 15.67 41.04
N ASP A 70 -6.33 16.50 42.09
CA ASP A 70 -7.16 16.26 43.25
C ASP A 70 -8.65 16.29 42.87
N ALA A 71 -9.04 17.24 41.99
CA ALA A 71 -10.43 17.35 41.59
C ALA A 71 -10.87 16.12 40.80
N ALA A 72 -9.94 15.60 39.99
CA ALA A 72 -10.13 14.40 39.19
C ALA A 72 -10.30 13.21 40.13
N VAL A 73 -9.38 13.07 41.07
CA VAL A 73 -9.38 11.97 42.02
C VAL A 73 -10.69 11.96 42.82
N GLU A 74 -11.07 13.13 43.34
CA GLU A 74 -12.28 13.28 44.11
C GLU A 74 -13.47 12.78 43.32
N GLN A 75 -13.54 13.14 42.04
CA GLN A 75 -14.70 12.82 41.22
C GLN A 75 -14.68 11.35 40.81
N PHE A 76 -13.48 10.82 40.55
CA PHE A 76 -13.31 9.43 40.18
C PHE A 76 -13.90 8.51 41.25
N LYS A 77 -13.77 8.91 42.52
CA LYS A 77 -14.16 8.08 43.64
C LYS A 77 -15.66 8.13 43.83
N GLN A 78 -16.30 9.25 43.43
CA GLN A 78 -17.75 9.36 43.45
C GLN A 78 -18.36 8.63 42.25
N LEU A 79 -18.02 9.08 41.04
CA LEU A 79 -18.65 8.61 39.81
C LEU A 79 -17.67 8.82 38.66
N PRO A 80 -16.90 7.80 38.25
CA PRO A 80 -15.92 7.95 37.20
C PRO A 80 -16.51 8.24 35.82
N TYR A 81 -17.75 7.78 35.57
CA TYR A 81 -18.40 8.04 34.28
C TYR A 81 -19.92 7.95 34.38
N TYR A 82 -20.62 8.91 33.77
CA TYR A 82 -22.00 8.69 33.33
C TYR A 82 -22.32 9.69 32.21
N HIS A 83 -23.38 9.36 31.46
CA HIS A 83 -23.75 10.11 30.27
C HIS A 83 -24.83 11.12 30.62
N SER A 84 -25.18 11.96 29.64
CA SER A 84 -26.16 13.01 29.84
C SER A 84 -27.32 12.86 28.84
N PHE A 85 -27.49 11.63 28.30
CA PHE A 85 -28.57 11.36 27.35
C PHE A 85 -29.86 11.08 28.13
N SER A 86 -31.01 11.27 27.48
CA SER A 86 -32.31 10.87 28.03
C SER A 86 -32.52 11.46 29.42
N HIS A 87 -32.13 12.72 29.61
CA HIS A 87 -32.42 13.53 30.79
C HIS A 87 -31.42 13.27 31.92
N LYS A 88 -30.51 12.30 31.74
CA LYS A 88 -29.56 11.98 32.80
C LYS A 88 -28.61 13.16 32.96
N THR A 89 -28.12 13.39 34.19
CA THR A 89 -27.14 14.45 34.42
C THR A 89 -26.21 14.04 35.56
N ASN A 90 -25.22 14.90 35.83
CA ASN A 90 -24.31 14.72 36.94
C ASN A 90 -23.99 16.10 37.50
N ALA A 91 -23.47 16.14 38.73
CA ALA A 91 -23.37 17.38 39.48
C ALA A 91 -22.32 18.32 38.88
N PRO A 92 -21.11 17.83 38.52
CA PRO A 92 -20.09 18.70 37.95
C PRO A 92 -20.49 19.34 36.63
N ALA A 93 -21.06 18.55 35.74
CA ALA A 93 -21.52 19.07 34.46
C ALA A 93 -22.50 20.22 34.72
N ALA A 94 -23.48 19.99 35.59
CA ALA A 94 -24.54 20.96 35.86
C ALA A 94 -23.95 22.22 36.47
N ALA A 95 -22.98 22.04 37.37
CA ALA A 95 -22.35 23.16 38.04
C ALA A 95 -21.51 23.94 37.03
N LEU A 96 -20.81 23.22 36.15
CA LEU A 96 -19.94 23.88 35.20
C LEU A 96 -20.80 24.63 34.17
N ALA A 97 -21.94 24.05 33.79
CA ALA A 97 -22.84 24.75 32.89
C ALA A 97 -23.23 26.10 33.49
N ALA A 98 -23.60 26.10 34.78
CA ALA A 98 -24.06 27.31 35.44
C ALA A 98 -22.92 28.31 35.57
N LYS A 99 -21.73 27.78 35.87
CA LYS A 99 -20.55 28.62 36.00
C LYS A 99 -20.26 29.34 34.68
N LEU A 100 -20.27 28.58 33.58
CA LEU A 100 -19.95 29.16 32.28
C LEU A 100 -21.04 30.14 31.85
N ALA A 101 -22.30 29.82 32.20
CA ALA A 101 -23.42 30.70 31.88
C ALA A 101 -23.23 32.06 32.56
N ALA A 102 -22.71 32.02 33.79
CA ALA A 102 -22.48 33.23 34.58
C ALA A 102 -21.29 34.01 34.05
N LEU A 103 -20.21 33.31 33.65
CA LEU A 103 -19.01 33.99 33.21
C LEU A 103 -19.19 34.63 31.85
N ALA A 104 -20.02 34.00 31.01
CA ALA A 104 -20.12 34.42 29.63
C ALA A 104 -20.91 35.72 29.57
N PRO A 105 -20.52 36.68 28.71
CA PRO A 105 -21.24 37.95 28.60
C PRO A 105 -22.64 37.78 28.02
N GLY A 106 -23.49 38.79 28.25
CA GLY A 106 -24.77 38.93 27.57
C GLY A 106 -25.72 37.84 28.05
N ASP A 107 -26.57 37.37 27.14
CA ASP A 107 -27.53 36.34 27.47
C ASP A 107 -27.05 34.96 26.98
N LEU A 108 -25.72 34.76 27.00
CA LEU A 108 -25.11 33.47 26.78
C LEU A 108 -25.27 32.64 28.05
N ASN A 109 -26.32 31.81 28.08
CA ASN A 109 -26.77 31.18 29.32
C ASN A 109 -27.03 29.69 29.19
N HIS A 110 -26.77 29.09 28.02
CA HIS A 110 -27.08 27.68 27.83
C HIS A 110 -25.86 26.98 27.23
N VAL A 111 -25.52 25.82 27.80
CA VAL A 111 -24.25 25.19 27.52
C VAL A 111 -24.44 23.76 27.00
N PHE A 112 -23.72 23.45 25.92
CA PHE A 112 -23.65 22.09 25.41
C PHE A 112 -22.19 21.65 25.40
N PHE A 113 -21.92 20.47 25.96
CA PHE A 113 -20.55 20.01 26.19
C PHE A 113 -20.12 19.04 25.09
N THR A 114 -18.86 19.15 24.68
CA THR A 114 -18.22 18.18 23.81
C THR A 114 -16.86 17.84 24.39
N ASN A 115 -16.07 17.04 23.66
CA ASN A 115 -14.71 16.72 24.07
C ASN A 115 -13.71 17.74 23.52
N SER A 116 -13.91 18.16 22.27
CA SER A 116 -12.93 18.94 21.54
C SER A 116 -13.55 20.23 21.02
N GLY A 117 -12.68 21.19 20.69
CA GLY A 117 -13.06 22.39 19.96
C GLY A 117 -13.65 22.06 18.59
N SER A 118 -13.04 21.08 17.92
CA SER A 118 -13.53 20.61 16.63
C SER A 118 -14.99 20.16 16.74
N GLU A 119 -15.28 19.28 17.70
CA GLU A 119 -16.64 18.80 17.87
C GLU A 119 -17.56 19.97 18.19
N ALA A 120 -17.03 20.92 18.97
CA ALA A 120 -17.83 22.06 19.42
C ALA A 120 -18.27 22.90 18.22
N ASN A 121 -17.30 23.24 17.35
CA ASN A 121 -17.60 24.05 16.19
C ASN A 121 -18.50 23.28 15.22
N ASP A 122 -18.30 21.96 15.12
CA ASP A 122 -19.15 21.10 14.32
C ASP A 122 -20.58 21.19 14.87
N SER A 123 -20.71 21.16 16.18
CA SER A 123 -22.01 21.26 16.81
C SER A 123 -22.66 22.62 16.46
N VAL A 124 -21.83 23.66 16.38
CA VAL A 124 -22.33 24.99 16.07
C VAL A 124 -22.95 24.99 14.68
N VAL A 125 -22.24 24.45 13.70
CA VAL A 125 -22.74 24.39 12.34
C VAL A 125 -24.11 23.69 12.33
N LYS A 126 -24.20 22.54 13.02
CA LYS A 126 -25.45 21.80 13.06
C LYS A 126 -26.54 22.61 13.75
N MET A 127 -26.20 23.27 14.87
CA MET A 127 -27.20 24.00 15.63
C MET A 127 -27.79 25.11 14.77
N VAL A 128 -26.93 25.82 14.05
CA VAL A 128 -27.35 26.96 13.25
C VAL A 128 -28.26 26.51 12.10
N TRP A 129 -27.89 25.41 11.45
CA TRP A 129 -28.72 24.86 10.40
C TRP A 129 -30.08 24.45 10.96
N TYR A 130 -30.05 23.80 12.13
CA TYR A 130 -31.26 23.30 12.78
C TYR A 130 -32.19 24.46 13.11
N VAL A 131 -31.60 25.51 13.69
CA VAL A 131 -32.36 26.67 14.11
C VAL A 131 -33.00 27.34 12.90
N ASN A 132 -32.22 27.56 11.83
CA ASN A 132 -32.74 28.24 10.67
C ASN A 132 -33.84 27.41 9.99
N ASN A 133 -33.73 26.08 10.02
CA ASN A 133 -34.80 25.27 9.46
C ASN A 133 -36.05 25.45 10.31
N ALA A 134 -35.87 25.49 11.64
CA ALA A 134 -36.99 25.65 12.56
C ALA A 134 -37.68 26.98 12.34
N LEU A 135 -36.93 28.03 11.99
CA LEU A 135 -37.49 29.36 11.78
C LEU A 135 -38.03 29.53 10.36
N GLY A 136 -38.08 28.44 9.58
CA GLY A 136 -38.59 28.54 8.21
C GLY A 136 -37.67 29.35 7.29
N ARG A 137 -36.35 29.26 7.53
CA ARG A 137 -35.37 29.95 6.68
C ARG A 137 -34.38 28.92 6.12
N PRO A 138 -34.84 28.04 5.21
CA PRO A 138 -34.03 26.92 4.75
C PRO A 138 -32.75 27.36 4.03
N ALA A 139 -32.76 28.57 3.45
CA ALA A 139 -31.66 29.02 2.62
C ALA A 139 -30.55 29.61 3.46
N LYS A 140 -30.84 29.92 4.73
CA LYS A 140 -29.93 30.68 5.56
C LYS A 140 -28.98 29.71 6.28
N LYS A 141 -27.90 29.32 5.61
CA LYS A 141 -27.06 28.23 6.08
C LYS A 141 -25.57 28.48 5.91
N LYS A 142 -25.19 29.48 5.10
CA LYS A 142 -23.78 29.67 4.77
C LYS A 142 -23.05 30.26 5.97
N PHE A 143 -21.82 29.79 6.18
CA PHE A 143 -20.94 30.35 7.19
C PHE A 143 -19.90 31.22 6.50
N ILE A 144 -19.55 32.32 7.18
CA ILE A 144 -18.46 33.19 6.78
C ILE A 144 -17.32 33.03 7.77
N SER A 145 -16.14 32.73 7.25
CA SER A 145 -14.95 32.62 8.06
C SER A 145 -13.89 33.52 7.42
N ARG A 146 -12.62 33.25 7.71
CA ARG A 146 -11.56 34.13 7.26
C ARG A 146 -10.36 33.27 6.94
N GLN A 147 -9.60 33.69 5.93
CA GLN A 147 -8.33 33.07 5.65
C GLN A 147 -7.43 33.14 6.87
N GLN A 148 -6.75 32.02 7.13
CA GLN A 148 -5.81 31.85 8.22
C GLN A 148 -6.53 31.57 9.54
N ALA A 149 -7.86 31.54 9.52
CA ALA A 149 -8.59 31.11 10.70
C ALA A 149 -8.28 29.65 10.97
N TYR A 150 -8.34 29.25 12.25
CA TYR A 150 -8.34 27.84 12.60
C TYR A 150 -9.51 27.57 13.53
N HIS A 151 -10.36 26.58 13.18
CA HIS A 151 -11.55 26.29 13.95
C HIS A 151 -11.73 24.79 14.24
N GLY A 152 -10.75 23.96 13.84
CA GLY A 152 -10.81 22.54 14.10
C GLY A 152 -10.50 21.68 12.88
N ALA A 153 -10.72 20.35 13.04
CA ALA A 153 -10.17 19.36 12.15
C ALA A 153 -11.21 18.36 11.64
N THR A 154 -12.43 18.37 12.17
CA THR A 154 -13.50 17.60 11.56
C THR A 154 -13.80 18.20 10.20
N VAL A 155 -14.56 17.49 9.39
CA VAL A 155 -14.83 17.93 8.03
C VAL A 155 -15.49 19.30 8.07
N ALA A 156 -16.52 19.46 8.90
CA ALA A 156 -17.20 20.73 9.02
C ALA A 156 -16.29 21.82 9.60
N ALA A 157 -15.64 21.51 10.72
CA ALA A 157 -14.84 22.53 11.41
C ALA A 157 -13.65 22.94 10.54
N ALA A 158 -13.05 21.96 9.86
CA ALA A 158 -11.89 22.23 9.03
C ALA A 158 -12.30 23.02 7.79
N SER A 159 -13.58 22.91 7.43
CA SER A 159 -14.13 23.71 6.35
C SER A 159 -14.16 25.18 6.75
N LEU A 160 -14.49 25.43 8.03
CA LEU A 160 -14.49 26.77 8.58
C LEU A 160 -13.04 27.26 8.69
N THR A 161 -12.14 26.37 9.11
CA THR A 161 -10.72 26.66 9.08
C THR A 161 -10.34 27.25 7.72
N GLY A 162 -9.39 28.19 7.69
CA GLY A 162 -9.05 28.92 6.48
C GLY A 162 -7.55 28.91 6.18
N ILE A 163 -6.81 28.00 6.80
CA ILE A 163 -5.40 27.79 6.49
C ILE A 163 -5.29 26.82 5.33
N PRO A 164 -4.78 27.23 4.15
CA PRO A 164 -4.82 26.43 2.94
C PRO A 164 -4.28 25.01 3.10
N SER A 165 -3.22 24.82 3.90
CA SER A 165 -2.62 23.50 4.05
C SER A 165 -3.53 22.51 4.77
N MET A 166 -4.50 23.01 5.53
CA MET A 166 -5.45 22.18 6.25
C MET A 166 -6.56 21.67 5.33
N HIS A 167 -6.63 22.21 4.12
CA HIS A 167 -7.64 21.85 3.14
C HIS A 167 -7.06 20.92 2.07
N ARG A 168 -5.74 21.00 1.84
CA ARG A 168 -5.10 20.37 0.70
C ARG A 168 -5.38 18.87 0.73
N ASP A 169 -6.11 18.42 -0.31
CA ASP A 169 -6.33 17.01 -0.61
C ASP A 169 -7.34 16.40 0.37
N PHE A 170 -8.04 17.25 1.15
CA PHE A 170 -9.13 16.79 2.00
C PHE A 170 -10.49 17.22 1.44
N ASP A 171 -10.52 17.77 0.22
CA ASP A 171 -11.76 18.18 -0.41
C ASP A 171 -12.51 19.17 0.49
N LEU A 172 -11.80 20.15 1.03
CA LEU A 172 -12.42 21.14 1.91
C LEU A 172 -12.29 22.51 1.28
N PRO A 173 -13.25 23.43 1.52
CA PRO A 173 -14.42 23.14 2.33
C PRO A 173 -15.39 22.14 1.71
N ALA A 174 -16.14 21.45 2.57
CA ALA A 174 -17.13 20.46 2.13
C ALA A 174 -18.54 20.88 2.52
N ILE A 175 -18.68 22.10 3.05
CA ILE A 175 -19.94 22.70 3.41
C ILE A 175 -19.87 24.15 2.94
N PRO A 176 -21.02 24.85 2.80
CA PRO A 176 -20.99 26.25 2.35
C PRO A 176 -20.25 27.17 3.32
N VAL A 177 -19.10 27.69 2.87
CA VAL A 177 -18.27 28.56 3.68
C VAL A 177 -17.55 29.53 2.75
N HIS A 178 -17.44 30.79 3.18
CA HIS A 178 -16.68 31.78 2.42
C HIS A 178 -15.65 32.39 3.36
N HIS A 179 -14.41 32.51 2.85
CA HIS A 179 -13.31 32.99 3.67
C HIS A 179 -12.93 34.41 3.27
N LEU A 180 -13.15 35.36 4.19
CA LEU A 180 -12.74 36.75 3.97
C LEU A 180 -11.23 36.83 4.05
N THR A 181 -10.66 37.97 3.65
CA THR A 181 -9.21 38.12 3.75
C THR A 181 -8.82 38.16 5.22
N CYS A 182 -7.59 37.74 5.49
CA CYS A 182 -7.06 37.67 6.83
C CYS A 182 -6.88 39.09 7.34
N PRO A 183 -7.45 39.46 8.51
CA PRO A 183 -7.24 40.78 9.08
C PRO A 183 -5.85 40.96 9.66
N ASN A 184 -4.88 41.12 8.76
CA ASN A 184 -3.46 41.16 9.06
C ASN A 184 -2.86 42.43 8.48
N PHE A 185 -2.79 43.47 9.34
CA PHE A 185 -2.40 44.80 8.90
C PHE A 185 -0.98 44.79 8.31
N TYR A 186 -0.06 44.09 8.97
CA TYR A 186 1.32 44.00 8.48
C TYR A 186 1.35 43.50 7.04
N ARG A 187 0.51 42.50 6.72
CA ARG A 187 0.62 41.81 5.44
C ARG A 187 -0.18 42.54 4.37
N PHE A 188 -1.39 43.03 4.68
CA PHE A 188 -2.33 43.39 3.62
C PHE A 188 -2.68 44.88 3.61
N ALA A 189 -2.15 45.68 4.54
CA ALA A 189 -2.40 47.11 4.52
C ALA A 189 -1.75 47.73 3.29
N ARG A 190 -2.40 48.74 2.72
CA ARG A 190 -1.83 49.48 1.60
C ARG A 190 -0.81 50.49 2.11
N PRO A 191 0.17 50.94 1.28
CA PRO A 191 1.12 51.96 1.71
C PRO A 191 0.46 53.17 2.37
N GLY A 192 0.89 53.45 3.60
CA GLY A 192 0.44 54.62 4.35
C GLY A 192 -0.98 54.48 4.88
N GLU A 193 -1.58 53.29 4.75
CA GLU A 193 -2.95 53.08 5.18
C GLU A 193 -2.98 52.88 6.69
N SER A 194 -3.93 53.54 7.36
CA SER A 194 -4.09 53.39 8.79
C SER A 194 -4.84 52.09 9.10
N GLN A 195 -4.74 51.63 10.34
CA GLN A 195 -5.50 50.48 10.78
C GLN A 195 -7.00 50.76 10.69
N GLU A 196 -7.42 52.00 10.99
CA GLU A 196 -8.84 52.34 11.01
C GLU A 196 -9.43 52.19 9.60
N ALA A 197 -8.61 52.55 8.59
CA ALA A 197 -9.00 52.49 7.19
C ALA A 197 -9.02 51.03 6.69
N PHE A 198 -8.00 50.25 7.10
CA PHE A 198 -7.96 48.83 6.82
C PHE A 198 -9.22 48.14 7.34
N THR A 199 -9.57 48.42 8.59
CA THR A 199 -10.78 47.87 9.19
C THR A 199 -11.98 48.19 8.29
N VAL A 200 -12.04 49.42 7.81
CA VAL A 200 -13.19 49.86 7.04
C VAL A 200 -13.26 49.06 5.74
N ARG A 201 -12.12 48.77 5.09
CA ARG A 201 -12.11 47.97 3.86
C ARG A 201 -12.52 46.53 4.16
N LEU A 202 -12.03 45.99 5.28
CA LEU A 202 -12.37 44.64 5.69
C LEU A 202 -13.87 44.51 5.93
N ALA A 203 -14.47 45.53 6.56
CA ALA A 203 -15.90 45.49 6.83
C ALA A 203 -16.68 45.64 5.52
N ASN A 204 -16.15 46.44 4.60
CA ASN A 204 -16.78 46.62 3.30
C ASN A 204 -16.71 45.31 2.53
N GLU A 205 -15.58 44.60 2.63
CA GLU A 205 -15.42 43.32 1.96
C GLU A 205 -16.55 42.37 2.41
N LEU A 206 -16.78 42.33 3.73
CA LEU A 206 -17.80 41.46 4.27
C LEU A 206 -19.19 41.85 3.73
N GLU A 207 -19.49 43.14 3.75
CA GLU A 207 -20.82 43.61 3.38
C GLU A 207 -21.06 43.33 1.90
N ARG A 208 -20.05 43.54 1.06
CA ARG A 208 -20.18 43.36 -0.37
C ARG A 208 -20.45 41.89 -0.70
N TYR A 209 -19.78 41.00 0.06
CA TYR A 209 -20.02 39.58 -0.09
C TYR A 209 -21.45 39.21 0.29
N ILE A 210 -21.93 39.74 1.42
CA ILE A 210 -23.27 39.45 1.88
C ILE A 210 -24.30 39.85 0.82
N LEU A 211 -24.10 41.02 0.22
CA LEU A 211 -25.05 41.58 -0.72
C LEU A 211 -25.00 40.82 -2.04
N ALA A 212 -23.80 40.38 -2.42
CA ALA A 212 -23.62 39.60 -3.64
C ALA A 212 -24.30 38.23 -3.52
N GLU A 213 -24.14 37.57 -2.37
CA GLU A 213 -24.68 36.23 -2.17
C GLU A 213 -26.17 36.29 -1.88
N GLY A 214 -26.60 37.39 -1.25
CA GLY A 214 -27.92 37.43 -0.65
C GLY A 214 -27.86 37.18 0.86
N PRO A 215 -28.28 38.16 1.68
CA PRO A 215 -28.20 38.02 3.12
C PRO A 215 -29.01 36.84 3.64
N GLU A 216 -30.08 36.49 2.93
CA GLU A 216 -31.00 35.47 3.38
C GLU A 216 -30.36 34.08 3.25
N THR A 217 -29.17 34.01 2.63
CA THR A 217 -28.45 32.75 2.46
C THR A 217 -27.32 32.63 3.48
N ILE A 218 -27.05 33.68 4.27
CA ILE A 218 -25.91 33.69 5.17
C ILE A 218 -26.39 33.57 6.62
N ALA A 219 -25.92 32.51 7.29
CA ALA A 219 -26.43 32.19 8.61
C ALA A 219 -25.56 32.80 9.70
N ALA A 220 -24.23 32.81 9.50
CA ALA A 220 -23.33 33.01 10.62
C ALA A 220 -21.94 33.44 10.17
N PHE A 221 -21.32 34.27 11.02
CA PHE A 221 -19.91 34.57 10.96
C PHE A 221 -19.22 33.89 12.14
N ILE A 222 -18.06 33.29 11.88
CA ILE A 222 -17.27 32.69 12.95
C ILE A 222 -15.86 33.27 12.89
N GLY A 223 -15.29 33.57 14.06
CA GLY A 223 -13.91 34.05 14.14
C GLY A 223 -13.34 33.95 15.55
N GLU A 224 -12.04 33.66 15.62
CA GLU A 224 -11.24 33.86 16.82
C GLU A 224 -11.03 35.36 17.04
N PRO A 225 -11.10 35.88 18.29
CA PRO A 225 -10.77 37.28 18.53
C PRO A 225 -9.40 37.65 17.97
N VAL A 226 -8.41 36.79 18.28
CA VAL A 226 -7.08 36.89 17.70
C VAL A 226 -6.80 35.57 16.96
N ILE A 227 -6.32 35.68 15.71
CA ILE A 227 -6.00 34.51 14.91
C ILE A 227 -4.70 33.90 15.44
N ALA A 228 -4.79 32.67 15.97
CA ALA A 228 -3.68 32.07 16.69
C ALA A 228 -2.86 31.19 15.76
N ALA A 229 -3.41 30.03 15.39
CA ALA A 229 -2.67 29.03 14.65
C ALA A 229 -2.30 29.54 13.27
N GLY A 230 -3.04 30.55 12.79
CA GLY A 230 -2.77 31.15 11.49
C GLY A 230 -1.63 32.19 11.51
N GLY A 231 -1.04 32.47 12.68
CA GLY A 231 0.18 33.26 12.77
C GLY A 231 0.11 34.40 13.79
N VAL A 232 -0.65 34.21 14.88
CA VAL A 232 -0.75 35.19 15.96
C VAL A 232 -0.96 36.57 15.37
N ILE A 233 -2.19 36.79 14.89
CA ILE A 233 -2.54 38.00 14.18
C ILE A 233 -3.67 38.69 14.92
N PRO A 234 -3.34 39.71 15.75
CA PRO A 234 -4.39 40.48 16.41
C PRO A 234 -5.19 41.27 15.40
N PRO A 235 -6.47 41.60 15.71
CA PRO A 235 -7.28 42.36 14.79
C PRO A 235 -6.81 43.80 14.68
N PRO A 236 -6.99 44.47 13.53
CA PRO A 236 -6.77 45.91 13.46
C PRO A 236 -7.80 46.70 14.27
N THR A 237 -7.42 47.94 14.61
CA THR A 237 -8.25 48.81 15.43
C THR A 237 -9.67 48.86 14.86
N GLY A 238 -10.65 48.63 15.74
CA GLY A 238 -12.05 48.87 15.41
C GLY A 238 -12.70 47.69 14.68
N TYR A 239 -11.89 46.66 14.37
CA TYR A 239 -12.31 45.57 13.52
C TYR A 239 -13.62 44.97 14.02
N TRP A 240 -13.65 44.57 15.29
CA TRP A 240 -14.75 43.79 15.80
C TRP A 240 -16.05 44.59 15.87
N ALA A 241 -15.98 45.89 16.13
CA ALA A 241 -17.18 46.73 16.15
C ALA A 241 -17.75 46.84 14.74
N ALA A 242 -16.88 46.96 13.74
CA ALA A 242 -17.31 47.10 12.36
C ALA A 242 -17.94 45.79 11.86
N ILE A 243 -17.31 44.64 12.20
CA ILE A 243 -17.77 43.36 11.71
C ILE A 243 -19.15 43.06 12.31
N GLN A 244 -19.27 43.30 13.63
CA GLN A 244 -20.54 43.06 14.31
C GLN A 244 -21.65 43.94 13.72
N ALA A 245 -21.34 45.20 13.39
CA ALA A 245 -22.37 46.10 12.91
C ALA A 245 -22.93 45.58 11.59
N VAL A 246 -22.04 45.10 10.72
CA VAL A 246 -22.46 44.50 9.46
C VAL A 246 -23.30 43.24 9.72
N CYS A 247 -22.81 42.35 10.59
CA CYS A 247 -23.55 41.12 10.89
C CYS A 247 -24.94 41.45 11.41
N LYS A 248 -25.04 42.42 12.33
CA LYS A 248 -26.32 42.77 12.96
C LYS A 248 -27.26 43.28 11.88
N ARG A 249 -26.75 44.05 10.91
CA ARG A 249 -27.57 44.66 9.89
C ARG A 249 -28.28 43.58 9.08
N TYR A 250 -27.64 42.41 8.89
CA TYR A 250 -28.17 41.40 7.98
C TYR A 250 -28.58 40.14 8.75
N ASP A 251 -28.75 40.26 10.06
CA ASP A 251 -29.27 39.18 10.88
C ASP A 251 -28.40 37.94 10.73
N ILE A 252 -27.09 38.16 10.82
CA ILE A 252 -26.11 37.10 10.76
C ILE A 252 -25.57 36.86 12.18
N LEU A 253 -25.66 35.61 12.63
CA LEU A 253 -25.17 35.21 13.95
C LEU A 253 -23.67 35.48 14.04
N VAL A 254 -23.23 35.92 15.21
CA VAL A 254 -21.80 36.11 15.46
C VAL A 254 -21.32 34.97 16.38
N VAL A 255 -20.44 34.13 15.83
CA VAL A 255 -19.91 32.99 16.57
C VAL A 255 -18.45 33.29 16.89
N ILE A 256 -18.14 33.35 18.19
CA ILE A 256 -16.80 33.70 18.58
C ILE A 256 -16.12 32.45 19.14
N ASP A 257 -15.00 32.10 18.50
CA ASP A 257 -14.22 30.94 18.86
C ASP A 257 -13.16 31.39 19.87
N GLU A 258 -13.39 31.07 21.15
CA GLU A 258 -12.44 31.42 22.21
C GLU A 258 -11.73 30.16 22.71
N ILE A 259 -11.52 29.21 21.79
CA ILE A 259 -10.85 27.97 22.14
C ILE A 259 -9.47 28.30 22.70
N ILE A 260 -8.83 29.35 22.14
CA ILE A 260 -7.50 29.74 22.59
C ILE A 260 -7.53 30.98 23.47
N THR A 261 -8.35 31.98 23.11
CA THR A 261 -8.35 33.27 23.80
C THR A 261 -9.07 33.16 25.15
N GLY A 262 -9.84 32.11 25.35
CA GLY A 262 -10.66 32.01 26.55
C GLY A 262 -9.83 31.82 27.81
N PHE A 263 -10.32 32.37 28.93
CA PHE A 263 -9.79 32.17 30.27
C PHE A 263 -8.45 32.87 30.43
N GLY A 264 -8.39 34.15 30.02
CA GLY A 264 -7.38 35.06 30.55
C GLY A 264 -6.25 35.31 29.58
N ARG A 265 -6.26 34.63 28.43
CA ARG A 265 -5.10 34.64 27.55
C ARG A 265 -4.76 36.08 27.12
N LEU A 266 -5.77 36.92 26.92
CA LEU A 266 -5.56 38.27 26.38
C LEU A 266 -5.58 39.34 27.47
N GLY A 267 -5.75 38.93 28.73
CA GLY A 267 -5.75 39.88 29.82
C GLY A 267 -7.17 40.23 30.24
N THR A 268 -8.15 39.57 29.61
CA THR A 268 -9.50 39.52 30.12
C THR A 268 -9.96 38.07 30.15
N MET A 269 -11.00 37.78 30.94
CA MET A 269 -11.46 36.42 31.10
C MET A 269 -11.75 35.83 29.71
N PHE A 270 -12.50 36.59 28.90
CA PHE A 270 -12.72 36.24 27.50
C PHE A 270 -12.26 37.38 26.61
N GLY A 271 -11.65 37.03 25.48
CA GLY A 271 -11.22 38.02 24.52
C GLY A 271 -12.38 38.89 24.05
N SER A 272 -13.60 38.33 24.06
CA SER A 272 -14.78 39.07 23.65
C SER A 272 -14.91 40.38 24.44
N GLN A 273 -14.48 40.34 25.71
CA GLN A 273 -14.57 41.53 26.56
C GLN A 273 -13.56 42.57 26.10
N LEU A 274 -12.34 42.12 25.78
CA LEU A 274 -11.29 43.03 25.36
C LEU A 274 -11.71 43.79 24.11
N TYR A 275 -12.38 43.12 23.15
CA TYR A 275 -12.66 43.72 21.85
C TYR A 275 -14.12 44.16 21.74
N GLY A 276 -14.86 44.09 22.85
CA GLY A 276 -16.24 44.56 22.86
C GLY A 276 -17.15 43.74 21.95
N ILE A 277 -16.93 42.41 21.90
CA ILE A 277 -17.72 41.53 21.07
C ILE A 277 -18.86 40.98 21.92
N GLN A 278 -20.08 41.04 21.39
CA GLN A 278 -21.20 40.38 22.03
C GLN A 278 -21.63 39.20 21.17
N PRO A 279 -21.10 37.98 21.41
CA PRO A 279 -21.42 36.85 20.56
C PRO A 279 -22.84 36.36 20.76
N ASP A 280 -23.41 35.78 19.70
CA ASP A 280 -24.61 34.96 19.84
C ASP A 280 -24.25 33.58 20.37
N ILE A 281 -23.03 33.13 20.00
CA ILE A 281 -22.53 31.82 20.38
C ILE A 281 -21.04 31.97 20.71
N MET A 282 -20.62 31.34 21.81
CA MET A 282 -19.23 31.36 22.22
C MET A 282 -18.78 29.92 22.42
N VAL A 283 -17.55 29.62 21.95
CA VAL A 283 -17.00 28.27 22.00
C VAL A 283 -15.72 28.29 22.84
N LEU A 284 -15.60 27.31 23.75
CA LEU A 284 -14.54 27.26 24.73
C LEU A 284 -13.92 25.87 24.74
N SER A 285 -12.62 25.82 25.03
CA SER A 285 -11.90 24.58 25.29
C SER A 285 -10.52 24.92 25.83
N LYS A 286 -9.58 23.97 25.73
CA LYS A 286 -8.17 24.17 26.04
C LYS A 286 -8.00 24.67 27.48
N GLN A 287 -7.85 25.99 27.65
CA GLN A 287 -7.54 26.55 28.97
C GLN A 287 -8.71 26.30 29.91
N LEU A 288 -9.85 25.84 29.37
CA LEU A 288 -10.98 25.44 30.19
C LEU A 288 -10.59 24.36 31.20
N THR A 289 -9.66 23.47 30.82
CA THR A 289 -9.21 22.40 31.71
C THR A 289 -7.69 22.34 31.75
N SER A 290 -7.03 23.33 31.17
CA SER A 290 -5.59 23.26 30.95
C SER A 290 -5.23 22.00 30.17
N SER A 291 -6.23 21.42 29.48
CA SER A 291 -6.07 20.21 28.69
C SER A 291 -5.74 19.01 29.56
N TYR A 292 -6.04 19.08 30.87
CA TYR A 292 -5.80 17.93 31.75
C TYR A 292 -6.84 16.85 31.47
N GLN A 293 -7.97 17.32 30.95
CA GLN A 293 -9.03 16.45 30.48
C GLN A 293 -9.59 17.03 29.19
N PRO A 294 -9.97 16.18 28.21
CA PRO A 294 -10.66 16.65 27.01
C PRO A 294 -12.05 17.22 27.31
N LEU A 295 -12.19 18.51 27.09
CA LEU A 295 -13.47 19.16 27.25
C LEU A 295 -13.56 20.41 26.38
N ALA A 296 -14.77 20.67 25.89
CA ALA A 296 -15.12 21.91 25.24
C ALA A 296 -16.58 22.23 25.54
N ALA A 297 -16.95 23.50 25.37
CA ALA A 297 -18.31 23.93 25.60
C ALA A 297 -18.77 24.86 24.48
N VAL A 298 -20.01 24.67 24.05
CA VAL A 298 -20.71 25.65 23.25
C VAL A 298 -21.67 26.40 24.14
N VAL A 299 -21.54 27.73 24.22
CA VAL A 299 -22.48 28.54 24.97
C VAL A 299 -23.33 29.36 24.01
N VAL A 300 -24.66 29.27 24.15
CA VAL A 300 -25.56 29.91 23.21
C VAL A 300 -26.50 30.86 23.95
N SER A 301 -27.04 31.81 23.19
CA SER A 301 -28.01 32.79 23.69
C SER A 301 -29.31 32.11 24.12
N ASP A 302 -30.15 32.84 24.87
CA ASP A 302 -31.47 32.36 25.25
C ASP A 302 -32.33 32.19 24.00
N ALA A 303 -32.11 33.05 22.99
CA ALA A 303 -32.89 33.00 21.77
C ALA A 303 -32.62 31.68 21.05
N MET A 304 -31.34 31.36 20.87
CA MET A 304 -30.91 30.11 20.25
C MET A 304 -31.56 28.95 20.99
N ASN A 305 -31.45 28.98 22.32
CA ASN A 305 -31.89 27.86 23.12
C ASN A 305 -33.39 27.66 22.95
N ASP A 306 -34.13 28.79 22.88
CA ASP A 306 -35.57 28.74 22.75
C ASP A 306 -35.96 27.98 21.47
N VAL A 307 -35.19 28.20 20.40
CA VAL A 307 -35.49 27.55 19.14
C VAL A 307 -35.15 26.07 19.23
N LEU A 308 -34.04 25.73 19.91
CA LEU A 308 -33.67 24.34 20.11
C LEU A 308 -34.80 23.61 20.82
N VAL A 309 -35.37 24.29 21.83
CA VAL A 309 -36.40 23.71 22.66
C VAL A 309 -37.69 23.55 21.84
N SER A 310 -38.00 24.53 20.99
CA SER A 310 -39.22 24.49 20.20
C SER A 310 -39.13 23.37 19.19
N GLN A 311 -37.91 23.05 18.75
CA GLN A 311 -37.70 21.93 17.84
C GLN A 311 -38.04 20.60 18.51
N SER A 312 -37.70 20.45 19.80
CA SER A 312 -37.96 19.20 20.51
C SER A 312 -39.47 18.97 20.62
N GLN A 313 -40.23 20.06 20.68
CA GLN A 313 -41.70 19.99 20.71
C GLN A 313 -42.21 19.20 19.49
N ARG A 314 -41.63 19.40 18.31
CA ARG A 314 -42.19 18.80 17.09
C ARG A 314 -41.31 17.66 16.57
N LEU A 315 -40.05 17.54 17.00
CA LEU A 315 -39.17 16.51 16.47
C LEU A 315 -38.91 15.41 17.49
N GLY A 316 -39.20 15.66 18.77
CA GLY A 316 -39.04 14.60 19.76
C GLY A 316 -37.79 14.79 20.61
N ALA A 317 -36.61 14.77 20.02
CA ALA A 317 -35.37 14.93 20.79
C ALA A 317 -34.38 15.77 20.00
N PHE A 318 -33.44 16.38 20.71
CA PHE A 318 -32.29 17.00 20.08
C PHE A 318 -31.30 15.90 19.72
N ALA A 319 -31.32 15.48 18.46
CA ALA A 319 -30.65 14.26 18.02
C ALA A 319 -29.18 14.58 17.70
N HIS A 320 -28.45 14.87 18.77
CA HIS A 320 -27.05 15.26 18.69
C HIS A 320 -26.41 15.00 20.05
N GLY A 321 -25.24 14.36 20.08
CA GLY A 321 -24.54 14.14 21.33
C GLY A 321 -23.30 13.26 21.17
N PHE A 322 -22.38 13.36 22.14
CA PHE A 322 -21.22 12.49 22.21
C PHE A 322 -21.27 11.68 23.49
N THR A 323 -20.68 10.47 23.46
CA THR A 323 -20.71 9.56 24.60
C THR A 323 -20.28 10.31 25.87
N CYS A 324 -19.19 11.06 25.76
CA CYS A 324 -18.55 11.74 26.88
C CYS A 324 -18.96 13.20 27.00
N THR A 325 -20.04 13.59 26.31
CA THR A 325 -20.67 14.88 26.59
C THR A 325 -20.97 14.95 28.08
N GLY A 326 -20.42 15.98 28.73
CA GLY A 326 -20.71 16.26 30.13
C GLY A 326 -19.95 15.35 31.08
N HIS A 327 -18.83 14.79 30.64
CA HIS A 327 -18.12 13.80 31.45
C HIS A 327 -17.87 14.36 32.86
N PRO A 328 -18.27 13.62 33.90
CA PRO A 328 -18.20 14.13 35.26
C PRO A 328 -16.78 14.46 35.69
N VAL A 329 -15.79 13.67 35.22
CA VAL A 329 -14.42 13.92 35.60
C VAL A 329 -13.88 15.16 34.87
N ALA A 330 -14.11 15.22 33.56
CA ALA A 330 -13.61 16.34 32.78
C ALA A 330 -14.23 17.64 33.27
N THR A 331 -15.55 17.63 33.57
CA THR A 331 -16.21 18.85 34.01
C THR A 331 -15.77 19.23 35.43
N ALA A 332 -15.56 18.21 36.28
CA ALA A 332 -15.05 18.46 37.63
C ALA A 332 -13.71 19.19 37.54
N VAL A 333 -12.86 18.75 36.61
CA VAL A 333 -11.53 19.34 36.46
C VAL A 333 -11.66 20.77 35.94
N ALA A 334 -12.63 21.03 35.08
CA ALA A 334 -12.83 22.36 34.52
C ALA A 334 -13.22 23.31 35.64
N LEU A 335 -14.09 22.84 36.53
CA LEU A 335 -14.56 23.64 37.64
C LEU A 335 -13.39 24.08 38.51
N GLU A 336 -12.53 23.13 38.88
CA GLU A 336 -11.38 23.43 39.72
C GLU A 336 -10.42 24.36 38.97
N ASN A 337 -10.23 24.10 37.69
CA ASN A 337 -9.35 24.92 36.87
C ASN A 337 -9.82 26.37 36.91
N ILE A 338 -11.14 26.60 36.82
CA ILE A 338 -11.68 27.94 36.79
C ILE A 338 -11.60 28.57 38.18
N ARG A 339 -11.96 27.78 39.21
CA ARG A 339 -11.79 28.21 40.59
C ARG A 339 -10.38 28.78 40.80
N ILE A 340 -9.37 28.06 40.28
CA ILE A 340 -8.00 28.44 40.52
C ILE A 340 -7.69 29.74 39.80
N ILE A 341 -8.21 29.91 38.59
CA ILE A 341 -7.89 31.09 37.82
C ILE A 341 -8.47 32.32 38.54
N GLU A 342 -9.68 32.17 39.08
CA GLU A 342 -10.37 33.28 39.74
C GLU A 342 -9.69 33.58 41.08
N GLU A 343 -9.46 32.54 41.89
CA GLU A 343 -8.99 32.70 43.25
C GLU A 343 -7.62 33.33 43.26
N ARG A 344 -6.75 32.93 42.32
CA ARG A 344 -5.40 33.49 42.26
C ARG A 344 -5.36 34.75 41.41
N ASP A 345 -6.53 35.19 40.91
CA ASP A 345 -6.64 36.33 40.01
C ASP A 345 -5.60 36.24 38.91
N LEU A 346 -5.65 35.17 38.10
CA LEU A 346 -4.64 34.96 37.07
C LEU A 346 -4.89 35.86 35.88
N VAL A 347 -6.13 36.34 35.73
CA VAL A 347 -6.43 37.36 34.74
C VAL A 347 -5.68 38.64 35.13
N GLY A 348 -5.77 39.03 36.40
CA GLY A 348 -4.97 40.14 36.93
C GLY A 348 -3.46 39.95 36.67
N HIS A 349 -2.97 38.73 36.94
CA HIS A 349 -1.57 38.42 36.72
C HIS A 349 -1.19 38.66 35.26
N VAL A 350 -2.06 38.27 34.33
CA VAL A 350 -1.76 38.42 32.92
C VAL A 350 -1.67 39.91 32.57
N GLN A 351 -2.57 40.72 33.13
CA GLN A 351 -2.58 42.15 32.84
C GLN A 351 -1.25 42.79 33.26
N HIS A 352 -0.70 42.35 34.41
CA HIS A 352 0.55 42.90 34.91
C HIS A 352 1.74 42.30 34.15
N LEU A 353 1.63 41.06 33.65
CA LEU A 353 2.75 40.42 32.99
C LEU A 353 2.80 40.75 31.49
N ALA A 354 1.65 41.08 30.92
CA ALA A 354 1.56 41.26 29.47
C ALA A 354 2.56 42.29 28.96
N PRO A 355 2.68 43.48 29.60
CA PRO A 355 3.58 44.52 29.13
C PRO A 355 5.03 44.06 29.10
N VAL A 356 5.43 43.22 30.06
CA VAL A 356 6.82 42.76 30.12
C VAL A 356 7.04 41.71 29.04
N PHE A 357 6.06 40.81 28.88
CA PHE A 357 6.09 39.84 27.79
C PHE A 357 6.19 40.52 26.43
N GLN A 358 5.34 41.53 26.21
CA GLN A 358 5.31 42.23 24.93
C GLN A 358 6.63 43.00 24.70
N ARG A 359 7.21 43.55 25.77
CA ARG A 359 8.43 44.33 25.66
C ARG A 359 9.58 43.41 25.22
N HIS A 360 9.61 42.19 25.79
CA HIS A 360 10.59 41.20 25.40
C HIS A 360 10.45 40.83 23.93
N LEU A 361 9.21 40.73 23.46
CA LEU A 361 8.94 40.42 22.07
C LEU A 361 9.47 41.54 21.18
N ARG A 362 9.09 42.78 21.53
CA ARG A 362 9.38 43.95 20.72
C ARG A 362 10.88 44.15 20.59
N ALA A 363 11.64 43.69 21.60
CA ALA A 363 13.08 43.85 21.59
C ALA A 363 13.69 43.29 20.30
N PHE A 364 12.97 42.39 19.61
CA PHE A 364 13.53 41.73 18.44
C PHE A 364 13.14 42.45 17.15
N GLU A 365 12.46 43.61 17.25
CA GLU A 365 11.97 44.33 16.08
C GLU A 365 13.14 44.68 15.14
N ASP A 366 14.29 45.04 15.70
CA ASP A 366 15.39 45.58 14.94
C ASP A 366 16.36 44.48 14.52
N HIS A 367 16.01 43.21 14.75
CA HIS A 367 16.84 42.08 14.37
C HIS A 367 16.84 41.94 12.84
N PRO A 368 17.96 41.52 12.19
CA PRO A 368 18.01 41.48 10.74
C PRO A 368 16.99 40.52 10.10
N LEU A 369 16.65 39.44 10.82
CA LEU A 369 15.77 38.39 10.31
C LEU A 369 14.29 38.70 10.54
N VAL A 370 13.99 39.65 11.44
CA VAL A 370 12.63 39.89 11.89
C VAL A 370 11.96 40.99 11.06
N GLY A 371 10.81 40.65 10.47
CA GLY A 371 10.05 41.59 9.65
C GLY A 371 8.92 42.24 10.44
N ASN A 372 8.38 41.54 11.45
CA ASN A 372 7.22 42.02 12.18
C ASN A 372 7.15 41.34 13.54
N VAL A 373 6.71 42.09 14.55
CA VAL A 373 6.42 41.54 15.86
C VAL A 373 5.02 41.98 16.26
N ARG A 374 4.23 41.06 16.82
CA ARG A 374 2.85 41.37 17.13
C ARG A 374 2.43 40.49 18.28
N GLY A 375 1.42 40.94 19.03
CA GLY A 375 0.99 40.22 20.23
C GLY A 375 -0.04 41.00 21.02
N VAL A 376 -0.78 40.28 21.85
CA VAL A 376 -1.70 40.86 22.80
C VAL A 376 -1.66 39.98 24.03
N GLY A 377 -1.77 40.60 25.21
CA GLY A 377 -1.84 39.83 26.44
C GLY A 377 -0.63 38.90 26.49
N LEU A 378 -0.90 37.61 26.71
CA LEU A 378 0.18 36.65 26.86
C LEU A 378 0.28 35.77 25.62
N MET A 379 0.02 36.35 24.44
CA MET A 379 0.28 35.65 23.18
C MET A 379 1.03 36.59 22.24
N GLY A 380 2.07 36.07 21.59
CA GLY A 380 2.87 36.90 20.71
C GLY A 380 3.46 36.11 19.54
N GLY A 381 3.89 36.84 18.52
CA GLY A 381 4.49 36.26 17.33
C GLY A 381 5.65 37.11 16.80
N ILE A 382 6.69 36.44 16.32
CA ILE A 382 7.82 37.08 15.69
C ILE A 382 7.96 36.51 14.29
N GLU A 383 7.66 37.32 13.28
CA GLU A 383 7.70 36.83 11.91
C GLU A 383 9.07 37.10 11.31
N LEU A 384 9.74 36.03 10.87
CA LEU A 384 11.03 36.13 10.18
C LEU A 384 10.78 36.28 8.68
N VAL A 385 11.60 37.11 8.02
CA VAL A 385 11.47 37.40 6.59
C VAL A 385 12.87 37.41 5.96
N ALA A 386 12.89 37.35 4.62
CA ALA A 386 14.12 37.31 3.84
C ALA A 386 14.62 38.72 3.58
N ASP A 387 13.70 39.67 3.42
CA ASP A 387 14.05 41.07 3.21
C ASP A 387 13.08 41.93 4.02
N LYS A 388 13.62 42.76 4.94
CA LYS A 388 12.82 43.61 5.80
C LYS A 388 12.17 44.75 5.02
N ALA A 389 12.85 45.24 3.98
CA ALA A 389 12.36 46.33 3.16
C ALA A 389 11.05 45.95 2.46
N THR A 390 11.05 44.79 1.76
CA THR A 390 9.93 44.38 0.93
C THR A 390 8.99 43.44 1.68
N ARG A 391 9.24 43.23 2.99
CA ARG A 391 8.43 42.38 3.87
C ARG A 391 8.20 41.00 3.25
N GLN A 392 9.16 40.52 2.44
CA GLN A 392 8.92 39.39 1.55
C GLN A 392 9.38 38.07 2.20
N PRO A 393 8.57 36.98 2.11
CA PRO A 393 8.96 35.67 2.62
C PRO A 393 10.12 35.00 1.88
N PHE A 394 10.49 33.81 2.38
CA PHE A 394 11.64 33.05 1.91
C PHE A 394 11.26 32.19 0.72
N ALA A 395 12.26 31.51 0.14
CA ALA A 395 12.08 30.71 -1.05
C ALA A 395 11.02 29.64 -0.81
N GLN A 396 11.26 28.75 0.16
CA GLN A 396 10.24 27.82 0.62
C GLN A 396 9.86 28.22 2.04
N PRO A 397 8.72 28.93 2.24
CA PRO A 397 8.34 29.37 3.57
C PRO A 397 8.34 28.21 4.56
N GLY A 398 8.84 28.46 5.78
CA GLY A 398 8.82 27.46 6.84
C GLY A 398 10.17 26.79 7.01
N THR A 399 11.12 27.04 6.10
CA THR A 399 12.45 26.44 6.20
C THR A 399 13.14 26.99 7.45
N LEU A 400 13.16 28.32 7.58
CA LEU A 400 13.84 28.95 8.70
C LEU A 400 13.09 28.69 10.00
N GLY A 401 11.76 28.83 9.96
CA GLY A 401 10.92 28.55 11.12
C GLY A 401 11.10 27.12 11.60
N GLY A 402 11.17 26.19 10.64
CA GLY A 402 11.37 24.77 10.93
C GLY A 402 12.67 24.56 11.70
N TYR A 403 13.71 25.31 11.29
CA TYR A 403 15.02 25.22 11.93
C TYR A 403 14.97 25.79 13.35
N VAL A 404 14.31 26.95 13.49
CA VAL A 404 14.18 27.58 14.80
C VAL A 404 13.47 26.62 15.75
N PHE A 405 12.47 25.90 15.26
CA PHE A 405 11.68 25.01 16.09
C PHE A 405 12.58 23.91 16.64
N LYS A 406 13.39 23.30 15.76
CA LYS A 406 14.28 22.21 16.13
C LYS A 406 15.36 22.74 17.05
N GLN A 407 15.98 23.87 16.66
CA GLN A 407 17.16 24.40 17.32
C GLN A 407 16.82 24.91 18.73
N ALA A 408 15.61 25.46 18.91
CA ALA A 408 15.22 25.97 20.21
C ALA A 408 15.29 24.87 21.27
N HIS A 409 15.08 23.62 20.86
CA HIS A 409 15.10 22.49 21.78
C HIS A 409 16.48 22.34 22.40
N LYS A 410 17.53 22.62 21.62
CA LYS A 410 18.90 22.47 22.08
C LYS A 410 19.22 23.54 23.13
N HIS A 411 18.37 24.58 23.25
CA HIS A 411 18.54 25.60 24.26
C HIS A 411 17.43 25.52 25.32
N GLY A 412 16.78 24.36 25.43
CA GLY A 412 15.79 24.14 26.49
C GLY A 412 14.48 24.91 26.29
N LEU A 413 14.13 25.21 25.03
CA LEU A 413 12.94 25.99 24.72
C LEU A 413 12.04 25.27 23.71
N ILE A 414 10.76 25.14 24.07
CA ILE A 414 9.75 24.70 23.11
C ILE A 414 8.88 25.89 22.68
N ILE A 415 8.94 26.21 21.38
CA ILE A 415 8.02 27.15 20.76
C ILE A 415 7.27 26.47 19.62
N ARG A 416 6.49 27.25 18.86
CA ARG A 416 5.80 26.75 17.68
C ARG A 416 6.13 27.63 16.48
N ALA A 417 6.51 26.98 15.38
CA ALA A 417 6.76 27.68 14.13
C ALA A 417 5.50 27.55 13.27
N ILE A 418 4.92 28.70 12.92
CA ILE A 418 3.85 28.78 11.95
C ILE A 418 4.47 29.35 10.68
N TYR A 419 4.90 28.43 9.80
CA TYR A 419 5.80 28.77 8.70
C TYR A 419 7.01 29.47 9.31
N ASP A 420 7.19 30.77 9.06
CA ASP A 420 8.39 31.45 9.53
C ASP A 420 8.00 32.48 10.58
N THR A 421 6.85 32.28 11.23
CA THR A 421 6.46 33.08 12.36
C THR A 421 6.65 32.24 13.61
N ILE A 422 7.34 32.78 14.62
CA ILE A 422 7.56 32.04 15.85
C ILE A 422 6.51 32.48 16.87
N ALA A 423 5.78 31.51 17.41
CA ALA A 423 4.65 31.79 18.26
C ALA A 423 5.05 31.55 19.71
N PHE A 424 4.51 32.40 20.59
CA PHE A 424 4.71 32.31 22.02
C PHE A 424 3.35 32.44 22.71
N CYS A 425 3.06 31.51 23.61
CA CYS A 425 1.80 31.44 24.30
C CYS A 425 2.01 30.71 25.62
N PRO A 426 2.81 31.28 26.54
CA PRO A 426 3.23 30.59 27.75
C PRO A 426 2.11 30.47 28.78
N PRO A 427 2.25 29.56 29.77
CA PRO A 427 1.19 29.35 30.77
C PRO A 427 0.81 30.62 31.52
N LEU A 428 -0.39 30.63 32.10
CA LEU A 428 -0.86 31.80 32.82
C LEU A 428 -0.03 31.99 34.10
N ILE A 429 0.61 30.91 34.57
CA ILE A 429 1.41 30.94 35.78
C ILE A 429 2.85 31.37 35.50
N THR A 430 3.15 31.70 34.25
CA THR A 430 4.46 32.23 33.89
C THR A 430 4.81 33.41 34.81
N THR A 431 6.10 33.48 35.21
CA THR A 431 6.64 34.59 35.98
C THR A 431 7.53 35.44 35.09
N GLN A 432 7.85 36.64 35.59
CA GLN A 432 8.82 37.52 34.96
C GLN A 432 10.14 36.77 34.70
N ASP A 433 10.57 35.93 35.65
CA ASP A 433 11.82 35.20 35.51
C ASP A 433 11.71 34.18 34.37
N ASP A 434 10.58 33.48 34.30
CA ASP A 434 10.31 32.55 33.21
C ASP A 434 10.42 33.28 31.87
N ILE A 435 9.90 34.51 31.80
CA ILE A 435 9.90 35.26 30.55
C ILE A 435 11.34 35.55 30.12
N GLU A 436 12.18 35.93 31.08
CA GLU A 436 13.58 36.25 30.80
C GLU A 436 14.30 35.00 30.31
N ALA A 437 13.96 33.84 30.91
CA ALA A 437 14.55 32.57 30.54
C ALA A 437 14.14 32.19 29.12
N ILE A 438 12.87 32.46 28.78
CA ILE A 438 12.33 32.11 27.49
C ILE A 438 13.11 32.88 26.43
N PHE A 439 13.21 34.21 26.59
CA PHE A 439 13.70 35.05 25.52
C PHE A 439 15.21 35.00 25.44
N SER A 440 15.86 34.76 26.58
CA SER A 440 17.26 34.43 26.61
C SER A 440 17.53 33.21 25.71
N ALA A 441 16.81 32.12 25.95
CA ALA A 441 16.94 30.91 25.16
C ALA A 441 16.59 31.16 23.69
N PHE A 442 15.60 32.02 23.46
CA PHE A 442 15.19 32.31 22.10
C PHE A 442 16.28 33.13 21.39
N GLU A 443 16.95 34.00 22.14
CA GLU A 443 17.97 34.86 21.55
C GLU A 443 19.14 34.03 21.03
N ARG A 444 19.56 33.02 21.81
CA ARG A 444 20.56 32.07 21.37
C ARG A 444 20.06 31.30 20.15
N THR A 445 18.79 30.89 20.16
CA THR A 445 18.26 30.14 19.03
C THR A 445 18.32 30.99 17.76
N LEU A 446 17.99 32.27 17.92
CA LEU A 446 17.90 33.16 16.78
C LEU A 446 19.29 33.49 16.26
N ALA A 447 20.28 33.47 17.15
CA ALA A 447 21.68 33.66 16.77
C ALA A 447 22.15 32.47 15.93
N ASP A 448 21.87 31.25 16.40
CA ASP A 448 22.14 30.05 15.63
C ASP A 448 21.45 30.13 14.26
N ALA A 449 20.22 30.66 14.25
CA ALA A 449 19.42 30.71 13.04
C ALA A 449 20.03 31.69 12.05
N THR A 450 20.60 32.78 12.57
CA THR A 450 21.23 33.79 11.72
C THR A 450 22.45 33.18 11.03
N ASP A 451 23.25 32.39 11.77
CA ASP A 451 24.38 31.66 11.20
C ASP A 451 23.89 30.69 10.13
N TRP A 452 22.90 29.85 10.50
CA TRP A 452 22.45 28.75 9.67
C TRP A 452 21.91 29.29 8.35
N ALA A 453 21.26 30.45 8.40
CA ALA A 453 20.61 31.05 7.24
C ALA A 453 21.64 31.58 6.24
N ARG A 454 22.80 32.04 6.74
CA ARG A 454 23.85 32.53 5.86
C ARG A 454 24.48 31.34 5.14
N SER A 455 24.80 30.26 5.85
CA SER A 455 25.44 29.10 5.25
C SER A 455 24.50 28.37 4.28
N GLN A 456 23.20 28.64 4.34
CA GLN A 456 22.22 28.05 3.44
C GLN A 456 21.89 28.99 2.28
N HIS A 457 22.54 30.16 2.25
CA HIS A 457 22.35 31.21 1.25
C HIS A 457 20.85 31.49 1.07
N LEU A 458 20.16 31.93 2.14
CA LEU A 458 18.71 32.08 2.11
C LEU A 458 18.31 33.57 2.06
N LEU A 459 19.21 34.47 2.48
CA LEU A 459 18.88 35.87 2.79
C LEU A 459 18.98 36.76 1.53
N SER B 6 -29.60 21.70 44.23
CA SER B 6 -28.71 22.67 43.56
C SER B 6 -28.27 22.14 42.20
N THR B 7 -28.05 20.83 42.09
CA THR B 7 -27.69 20.19 40.83
C THR B 7 -28.83 20.32 39.81
N VAL B 8 -30.06 20.09 40.28
CA VAL B 8 -31.23 20.12 39.41
C VAL B 8 -31.47 21.56 38.94
N GLN B 9 -31.27 22.54 39.82
CA GLN B 9 -31.54 23.94 39.48
C GLN B 9 -30.53 24.41 38.45
N ASN B 10 -29.26 23.99 38.67
CA ASN B 10 -28.15 24.29 37.79
C ASN B 10 -28.38 23.68 36.42
N ASP B 11 -28.73 22.38 36.41
CA ASP B 11 -29.04 21.64 35.19
C ASP B 11 -30.13 22.37 34.41
N LEU B 12 -31.25 22.66 35.07
CA LEU B 12 -32.42 23.24 34.41
C LEU B 12 -32.11 24.62 33.86
N ALA B 13 -31.17 25.34 34.46
CA ALA B 13 -30.93 26.73 34.09
C ALA B 13 -30.06 26.80 32.84
N ALA B 14 -29.08 25.88 32.73
CA ALA B 14 -27.91 26.16 31.92
C ALA B 14 -27.51 24.99 31.00
N LEU B 15 -28.03 23.78 31.24
CA LEU B 15 -27.52 22.61 30.53
C LEU B 15 -28.43 22.22 29.37
N ILE B 16 -27.89 22.26 28.14
CA ILE B 16 -28.47 21.67 26.96
C ILE B 16 -28.06 20.20 26.88
N HIS B 17 -29.05 19.30 26.97
CA HIS B 17 -28.78 17.87 27.06
C HIS B 17 -28.68 17.26 25.66
N PRO B 18 -27.70 16.35 25.46
CA PRO B 18 -27.67 15.51 24.28
C PRO B 18 -28.82 14.51 24.23
N ASN B 19 -29.28 14.20 23.02
CA ASN B 19 -30.20 13.11 22.77
C ASN B 19 -31.26 13.12 23.86
N THR B 20 -31.89 14.28 24.03
CA THR B 20 -32.92 14.49 25.03
C THR B 20 -33.98 15.37 24.40
N ASN B 21 -35.25 15.10 24.73
CA ASN B 21 -36.32 16.03 24.44
C ASN B 21 -36.16 17.26 25.31
N LEU B 22 -35.67 18.37 24.72
CA LEU B 22 -35.28 19.55 25.47
C LEU B 22 -36.49 20.27 26.06
N ALA B 23 -37.67 20.10 25.42
CA ALA B 23 -38.90 20.73 25.87
C ALA B 23 -39.49 19.98 27.06
N GLN B 24 -39.58 18.65 26.93
CA GLN B 24 -39.94 17.76 28.04
C GLN B 24 -39.00 17.96 29.21
N HIS B 25 -37.71 18.22 28.96
CA HIS B 25 -36.71 18.32 30.02
C HIS B 25 -37.04 19.46 30.97
N ARG B 26 -37.61 20.56 30.43
CA ARG B 26 -38.00 21.69 31.26
C ARG B 26 -39.11 21.29 32.25
N GLU B 27 -39.92 20.28 31.90
CA GLU B 27 -41.06 19.87 32.72
C GLU B 27 -40.63 18.83 33.75
N VAL B 28 -40.00 17.74 33.30
CA VAL B 28 -39.72 16.60 34.17
C VAL B 28 -38.37 16.80 34.87
N GLY B 29 -37.47 17.57 34.25
CA GLY B 29 -36.17 17.81 34.84
C GLY B 29 -35.25 16.61 34.72
N PRO B 30 -33.99 16.74 35.18
CA PRO B 30 -33.01 15.67 35.03
C PRO B 30 -33.16 14.59 36.08
N LEU B 31 -32.56 13.43 35.81
CA LEU B 31 -32.25 12.44 36.82
C LEU B 31 -30.76 12.50 37.15
N VAL B 32 -30.44 12.89 38.38
CA VAL B 32 -29.07 13.10 38.78
C VAL B 32 -28.44 11.77 39.17
N ILE B 33 -27.39 11.36 38.47
CA ILE B 33 -26.61 10.20 38.86
C ILE B 33 -25.40 10.67 39.67
N ALA B 34 -25.21 10.03 40.82
CA ALA B 34 -24.31 10.56 41.84
C ALA B 34 -23.16 9.59 42.10
N ARG B 35 -23.44 8.27 42.10
CA ARG B 35 -22.46 7.30 42.57
C ARG B 35 -22.53 6.04 41.71
N GLY B 36 -21.40 5.34 41.62
CA GLY B 36 -21.29 4.12 40.85
C GLY B 36 -20.76 2.97 41.69
N ASP B 37 -21.22 1.75 41.41
CA ASP B 37 -20.73 0.56 42.10
C ASP B 37 -20.97 -0.66 41.21
N GLY B 38 -19.87 -1.18 40.62
CA GLY B 38 -19.96 -2.29 39.68
C GLY B 38 -20.99 -2.04 38.56
N VAL B 39 -22.02 -2.87 38.51
CA VAL B 39 -22.99 -2.81 37.43
C VAL B 39 -24.15 -1.90 37.84
N ARG B 40 -23.97 -1.14 38.92
CA ARG B 40 -25.04 -0.31 39.46
CA ARG B 40 -25.04 -0.31 39.46
C ARG B 40 -24.62 1.17 39.45
N VAL B 41 -25.61 2.04 39.29
CA VAL B 41 -25.42 3.45 39.58
C VAL B 41 -26.54 3.89 40.51
N PHE B 42 -26.28 4.98 41.23
CA PHE B 42 -27.20 5.49 42.23
C PHE B 42 -27.50 6.94 41.88
N ASP B 43 -28.77 7.33 42.08
CA ASP B 43 -29.17 8.71 41.92
C ASP B 43 -28.88 9.46 43.22
N GLU B 44 -29.14 10.78 43.17
CA GLU B 44 -28.85 11.69 44.26
C GLU B 44 -29.66 11.31 45.50
N GLN B 45 -30.85 10.72 45.30
CA GLN B 45 -31.77 10.34 46.37
C GLN B 45 -31.35 8.98 46.93
N GLY B 46 -30.38 8.30 46.30
CA GLY B 46 -29.84 7.06 46.84
C GLY B 46 -30.47 5.79 46.26
N ASN B 47 -31.43 5.93 45.33
CA ASN B 47 -31.98 4.77 44.64
C ASN B 47 -30.92 4.09 43.77
N ALA B 48 -30.98 2.76 43.73
CA ALA B 48 -30.06 1.96 42.95
C ALA B 48 -30.71 1.55 41.62
N TYR B 49 -29.86 1.49 40.59
CA TYR B 49 -30.27 1.02 39.29
C TYR B 49 -29.18 0.09 38.76
N ILE B 50 -29.60 -1.08 38.26
CA ILE B 50 -28.73 -1.91 37.46
C ILE B 50 -28.62 -1.27 36.08
N GLU B 51 -27.38 -0.98 35.68
CA GLU B 51 -27.14 -0.32 34.41
C GLU B 51 -26.94 -1.40 33.35
N ALA B 52 -28.06 -1.88 32.79
CA ALA B 52 -28.03 -3.00 31.87
C ALA B 52 -27.57 -2.56 30.48
N MET B 53 -27.19 -1.28 30.32
CA MET B 53 -26.67 -0.76 29.06
C MET B 53 -25.20 -0.31 29.20
N SER B 54 -24.59 -0.55 30.37
CA SER B 54 -23.23 -0.10 30.60
C SER B 54 -23.08 1.39 30.28
N GLY B 55 -24.11 2.17 30.57
CA GLY B 55 -24.10 3.59 30.22
C GLY B 55 -24.58 3.75 28.79
N LEU B 56 -23.62 4.00 27.89
CA LEU B 56 -23.91 4.01 26.47
C LEU B 56 -23.09 2.91 25.81
N TRP B 57 -23.43 1.66 26.12
CA TRP B 57 -22.77 0.51 25.54
C TRP B 57 -21.27 0.50 25.87
N SER B 58 -20.84 1.20 26.92
CA SER B 58 -19.45 1.64 26.98
C SER B 58 -18.70 1.17 28.22
N ALA B 59 -19.36 1.14 29.39
CA ALA B 59 -18.70 0.93 30.68
C ALA B 59 -18.33 -0.53 30.91
N ALA B 60 -17.29 -0.99 30.21
CA ALA B 60 -16.97 -2.40 30.16
C ALA B 60 -16.74 -2.96 31.57
N LEU B 61 -15.96 -2.23 32.38
CA LEU B 61 -15.55 -2.73 33.70
C LEU B 61 -16.43 -2.16 34.80
N GLY B 62 -17.62 -1.68 34.45
CA GLY B 62 -18.55 -1.15 35.44
C GLY B 62 -18.16 0.24 35.95
N PHE B 63 -18.86 0.72 36.98
CA PHE B 63 -18.81 2.13 37.34
C PHE B 63 -17.99 2.43 38.60
N SER B 64 -17.07 1.54 38.98
CA SER B 64 -16.25 1.78 40.16
C SER B 64 -15.03 0.86 40.16
N GLU B 65 -14.35 0.76 39.02
CA GLU B 65 -13.13 -0.01 38.90
C GLU B 65 -11.93 0.84 39.30
N GLN B 66 -11.40 0.58 40.49
CA GLN B 66 -10.39 1.41 41.10
C GLN B 66 -9.08 1.36 40.29
N ARG B 67 -8.82 0.25 39.59
CA ARG B 67 -7.54 0.11 38.89
C ARG B 67 -7.41 1.16 37.78
N LEU B 68 -8.55 1.55 37.18
CA LEU B 68 -8.57 2.58 36.15
C LEU B 68 -8.28 3.94 36.76
N VAL B 69 -8.91 4.21 37.90
CA VAL B 69 -8.62 5.43 38.64
C VAL B 69 -7.13 5.49 38.96
N ASP B 70 -6.55 4.35 39.38
CA ASP B 70 -5.15 4.31 39.78
C ASP B 70 -4.24 4.63 38.59
N ALA B 71 -4.57 4.09 37.41
CA ALA B 71 -3.76 4.32 36.23
C ALA B 71 -3.78 5.81 35.85
N ALA B 72 -4.96 6.42 36.02
CA ALA B 72 -5.18 7.83 35.76
C ALA B 72 -4.34 8.67 36.72
N VAL B 73 -4.46 8.35 38.01
CA VAL B 73 -3.76 9.07 39.06
C VAL B 73 -2.26 8.99 38.83
N GLU B 74 -1.75 7.78 38.57
CA GLU B 74 -0.34 7.56 38.36
C GLU B 74 0.15 8.46 37.24
N GLN B 75 -0.64 8.55 36.15
CA GLN B 75 -0.21 9.29 34.97
C GLN B 75 -0.32 10.79 35.20
N PHE B 76 -1.36 11.20 35.93
CA PHE B 76 -1.56 12.61 36.28
C PHE B 76 -0.34 13.17 36.99
N LYS B 77 0.29 12.36 37.85
CA LYS B 77 1.37 12.84 38.70
C LYS B 77 2.66 12.89 37.90
N GLN B 78 2.79 12.07 36.84
CA GLN B 78 3.94 12.15 35.95
C GLN B 78 3.76 13.34 34.99
N LEU B 79 2.72 13.26 34.15
CA LEU B 79 2.52 14.18 33.03
C LEU B 79 1.02 14.29 32.75
N PRO B 80 0.33 15.31 33.30
CA PRO B 80 -1.12 15.38 33.18
C PRO B 80 -1.60 15.66 31.77
N TYR B 81 -0.76 16.33 30.96
CA TYR B 81 -1.11 16.62 29.57
C TYR B 81 0.14 16.87 28.73
N TYR B 82 0.16 16.30 27.53
CA TYR B 82 1.01 16.78 26.45
C TYR B 82 0.43 16.35 25.11
N HIS B 83 0.86 17.03 24.05
CA HIS B 83 0.31 16.82 22.73
C HIS B 83 1.22 15.88 21.95
N SER B 84 0.78 15.50 20.75
CA SER B 84 1.52 14.60 19.89
C SER B 84 1.81 15.25 18.54
N PHE B 85 1.77 16.58 18.48
CA PHE B 85 2.05 17.32 17.26
C PHE B 85 3.56 17.48 17.10
N SER B 86 4.01 17.72 15.86
CA SER B 86 5.40 18.06 15.59
C SER B 86 6.35 17.03 16.19
N HIS B 87 5.97 15.73 16.11
CA HIS B 87 6.83 14.60 16.44
C HIS B 87 6.85 14.31 17.93
N LYS B 88 6.18 15.12 18.75
CA LYS B 88 6.14 14.90 20.18
C LYS B 88 5.34 13.62 20.46
N THR B 89 5.74 12.85 21.48
CA THR B 89 4.97 11.69 21.90
C THR B 89 5.06 11.52 23.41
N ASN B 90 4.32 10.53 23.90
CA ASN B 90 4.34 10.15 25.30
C ASN B 90 4.22 8.63 25.41
N ALA B 91 4.59 8.08 26.58
CA ALA B 91 4.79 6.64 26.68
C ALA B 91 3.47 5.88 26.57
N PRO B 92 2.40 6.30 27.28
CA PRO B 92 1.12 5.60 27.20
C PRO B 92 0.51 5.57 25.80
N ALA B 93 0.52 6.70 25.12
CA ALA B 93 0.00 6.77 23.76
C ALA B 93 0.71 5.74 22.90
N ALA B 94 2.06 5.75 22.97
CA ALA B 94 2.89 4.92 22.12
C ALA B 94 2.65 3.45 22.44
N ALA B 95 2.50 3.14 23.73
CA ALA B 95 2.29 1.77 24.17
C ALA B 95 0.91 1.31 23.72
N LEU B 96 -0.09 2.20 23.86
CA LEU B 96 -1.45 1.85 23.47
C LEU B 96 -1.54 1.63 21.97
N ALA B 97 -0.84 2.47 21.20
CA ALA B 97 -0.83 2.29 19.77
C ALA B 97 -0.33 0.90 19.42
N ALA B 98 0.78 0.47 20.04
CA ALA B 98 1.41 -0.78 19.70
C ALA B 98 0.52 -1.94 20.13
N LYS B 99 -0.11 -1.77 21.30
CA LYS B 99 -1.00 -2.80 21.80
C LYS B 99 -2.17 -3.00 20.83
N LEU B 100 -2.79 -1.89 20.38
CA LEU B 100 -3.94 -1.97 19.50
C LEU B 100 -3.52 -2.53 18.13
N ALA B 101 -2.32 -2.15 17.67
CA ALA B 101 -1.79 -2.65 16.42
C ALA B 101 -1.65 -4.17 16.47
N ALA B 102 -1.26 -4.69 17.63
CA ALA B 102 -1.05 -6.12 17.81
C ALA B 102 -2.39 -6.84 17.94
N LEU B 103 -3.36 -6.23 18.63
CA LEU B 103 -4.65 -6.87 18.84
C LEU B 103 -5.45 -6.93 17.55
N ALA B 104 -5.28 -5.90 16.69
CA ALA B 104 -6.15 -5.77 15.54
C ALA B 104 -5.74 -6.82 14.50
N PRO B 105 -6.72 -7.41 13.78
CA PRO B 105 -6.41 -8.44 12.79
C PRO B 105 -5.67 -7.89 11.58
N GLY B 106 -5.01 -8.79 10.84
CA GLY B 106 -4.46 -8.47 9.53
C GLY B 106 -3.30 -7.51 9.67
N ASP B 107 -3.14 -6.62 8.69
CA ASP B 107 -2.08 -5.65 8.73
C ASP B 107 -2.61 -4.30 9.23
N LEU B 108 -3.60 -4.32 10.13
CA LEU B 108 -4.04 -3.15 10.85
C LEU B 108 -3.03 -2.82 11.94
N ASN B 109 -2.09 -1.92 11.62
CA ASN B 109 -0.90 -1.76 12.44
C ASN B 109 -0.58 -0.30 12.78
N HIS B 110 -1.44 0.64 12.39
CA HIS B 110 -1.10 2.05 12.54
C HIS B 110 -2.30 2.76 13.15
N VAL B 111 -2.05 3.57 14.17
CA VAL B 111 -3.12 4.07 15.03
C VAL B 111 -3.10 5.59 15.08
N PHE B 112 -4.26 6.19 14.87
CA PHE B 112 -4.46 7.61 15.08
C PHE B 112 -5.54 7.82 16.14
N PHE B 113 -5.24 8.67 17.12
CA PHE B 113 -6.06 8.81 18.31
C PHE B 113 -6.93 10.06 18.22
N THR B 114 -8.15 9.96 18.71
CA THR B 114 -9.06 11.08 18.83
C THR B 114 -9.72 10.97 20.20
N ASN B 115 -10.68 11.88 20.48
CA ASN B 115 -11.42 11.85 21.72
C ASN B 115 -12.67 10.96 21.59
N SER B 116 -13.36 11.05 20.44
CA SER B 116 -14.66 10.42 20.28
C SER B 116 -14.69 9.51 19.04
N GLY B 117 -15.70 8.64 19.01
CA GLY B 117 -16.00 7.85 17.82
C GLY B 117 -16.37 8.74 16.63
N SER B 118 -17.11 9.81 16.93
CA SER B 118 -17.51 10.75 15.89
C SER B 118 -16.26 11.34 15.23
N GLU B 119 -15.33 11.85 16.03
CA GLU B 119 -14.11 12.43 15.49
C GLU B 119 -13.35 11.38 14.69
N ALA B 120 -13.37 10.13 15.19
CA ALA B 120 -12.65 9.04 14.59
C ALA B 120 -13.20 8.78 13.19
N ASN B 121 -14.52 8.64 13.07
CA ASN B 121 -15.14 8.36 11.78
C ASN B 121 -14.95 9.54 10.83
N ASP B 122 -14.98 10.75 11.40
CA ASP B 122 -14.72 11.97 10.64
C ASP B 122 -13.30 11.89 10.07
N SER B 123 -12.36 11.43 10.89
CA SER B 123 -10.99 11.28 10.47
C SER B 123 -10.90 10.26 9.32
N VAL B 124 -11.73 9.22 9.39
CA VAL B 124 -11.71 8.18 8.38
C VAL B 124 -12.12 8.78 7.04
N VAL B 125 -13.21 9.55 7.03
CA VAL B 125 -13.67 10.19 5.80
C VAL B 125 -12.54 11.00 5.18
N LYS B 126 -11.87 11.80 6.01
CA LYS B 126 -10.82 12.66 5.52
C LYS B 126 -9.65 11.83 5.02
N MET B 127 -9.28 10.77 5.76
CA MET B 127 -8.14 9.94 5.35
C MET B 127 -8.40 9.33 3.97
N VAL B 128 -9.62 8.84 3.75
CA VAL B 128 -9.96 8.15 2.52
C VAL B 128 -9.93 9.13 1.35
N TRP B 129 -10.48 10.33 1.56
CA TRP B 129 -10.46 11.33 0.53
C TRP B 129 -9.02 11.72 0.22
N TYR B 130 -8.20 11.87 1.27
CA TYR B 130 -6.81 12.28 1.15
C TYR B 130 -6.06 11.25 0.34
N VAL B 131 -6.25 9.98 0.68
CA VAL B 131 -5.56 8.89 0.02
C VAL B 131 -5.95 8.84 -1.46
N ASN B 132 -7.24 8.93 -1.76
CA ASN B 132 -7.70 8.86 -3.14
C ASN B 132 -7.19 10.06 -3.95
N ASN B 133 -7.08 11.24 -3.33
CA ASN B 133 -6.52 12.38 -4.04
C ASN B 133 -5.04 12.10 -4.32
N ALA B 134 -4.34 11.53 -3.33
CA ALA B 134 -2.92 11.23 -3.46
C ALA B 134 -2.70 10.27 -4.62
N LEU B 135 -3.60 9.29 -4.78
CA LEU B 135 -3.43 8.25 -5.77
C LEU B 135 -4.07 8.67 -7.11
N GLY B 136 -4.41 9.94 -7.26
CA GLY B 136 -4.88 10.44 -8.55
C GLY B 136 -6.27 9.90 -8.93
N ARG B 137 -7.13 9.69 -7.92
CA ARG B 137 -8.50 9.28 -8.13
C ARG B 137 -9.46 10.29 -7.49
N PRO B 138 -9.58 11.49 -8.06
CA PRO B 138 -10.38 12.55 -7.43
C PRO B 138 -11.86 12.23 -7.30
N ALA B 139 -12.37 11.33 -8.16
CA ALA B 139 -13.80 11.08 -8.17
C ALA B 139 -14.19 10.03 -7.12
N LYS B 140 -13.18 9.32 -6.59
CA LYS B 140 -13.46 8.16 -5.78
C LYS B 140 -13.58 8.57 -4.31
N LYS B 141 -14.77 8.99 -3.91
CA LYS B 141 -14.94 9.68 -2.63
C LYS B 141 -16.21 9.29 -1.88
N LYS B 142 -17.15 8.62 -2.56
CA LYS B 142 -18.42 8.32 -1.95
C LYS B 142 -18.23 7.23 -0.91
N PHE B 143 -19.00 7.34 0.16
CA PHE B 143 -19.09 6.31 1.17
C PHE B 143 -20.41 5.58 0.98
N ILE B 144 -20.38 4.27 1.26
CA ILE B 144 -21.57 3.46 1.35
C ILE B 144 -21.79 3.09 2.80
N SER B 145 -22.99 3.38 3.31
CA SER B 145 -23.37 3.02 4.66
C SER B 145 -24.68 2.25 4.57
N ARG B 146 -25.43 2.19 5.66
CA ARG B 146 -26.66 1.42 5.67
C ARG B 146 -27.69 2.15 6.50
N GLN B 147 -28.96 1.97 6.13
CA GLN B 147 -30.05 2.44 6.96
C GLN B 147 -29.94 1.84 8.36
N GLN B 148 -30.15 2.71 9.37
CA GLN B 148 -30.14 2.32 10.77
C GLN B 148 -28.72 2.21 11.33
N ALA B 149 -27.72 2.46 10.47
CA ALA B 149 -26.36 2.52 10.96
C ALA B 149 -26.22 3.72 11.90
N TYR B 150 -25.33 3.61 12.90
CA TYR B 150 -24.94 4.78 13.67
C TYR B 150 -23.42 4.87 13.67
N HIS B 151 -22.89 6.04 13.26
CA HIS B 151 -21.45 6.23 13.15
C HIS B 151 -20.98 7.54 13.78
N GLY B 152 -21.88 8.29 14.43
CA GLY B 152 -21.48 9.49 15.14
C GLY B 152 -22.38 10.69 14.83
N ALA B 153 -21.95 11.88 15.33
CA ALA B 153 -22.81 13.04 15.46
C ALA B 153 -22.19 14.31 14.85
N THR B 154 -20.92 14.27 14.44
CA THR B 154 -20.39 15.36 13.63
C THR B 154 -21.10 15.36 12.28
N VAL B 155 -20.93 16.44 11.53
CA VAL B 155 -21.59 16.61 10.25
C VAL B 155 -21.29 15.42 9.35
N ALA B 156 -20.00 15.08 9.20
CA ALA B 156 -19.62 13.99 8.32
C ALA B 156 -20.09 12.66 8.89
N ALA B 157 -19.82 12.41 10.17
CA ALA B 157 -20.11 11.11 10.76
C ALA B 157 -21.62 10.87 10.76
N ALA B 158 -22.39 11.92 11.05
CA ALA B 158 -23.83 11.80 11.11
C ALA B 158 -24.40 11.60 9.72
N SER B 159 -23.66 12.06 8.71
CA SER B 159 -24.02 11.82 7.32
C SER B 159 -23.92 10.32 7.02
N LEU B 160 -22.89 9.67 7.58
CA LEU B 160 -22.72 8.23 7.45
C LEU B 160 -23.79 7.50 8.24
N THR B 161 -24.11 8.04 9.42
CA THR B 161 -25.23 7.54 10.20
C THR B 161 -26.46 7.45 9.27
N GLY B 162 -27.31 6.45 9.51
CA GLY B 162 -28.45 6.16 8.65
C GLY B 162 -29.76 6.05 9.42
N ILE B 163 -29.79 6.55 10.65
CA ILE B 163 -31.00 6.66 11.46
C ILE B 163 -31.69 7.97 11.12
N PRO B 164 -32.91 7.93 10.52
CA PRO B 164 -33.48 9.13 9.91
C PRO B 164 -33.62 10.31 10.87
N SER B 165 -33.87 10.02 12.16
CA SER B 165 -34.08 11.07 13.15
C SER B 165 -32.83 11.89 13.40
N MET B 166 -31.65 11.33 13.09
CA MET B 166 -30.38 12.00 13.30
C MET B 166 -30.11 13.01 12.18
N HIS B 167 -30.91 12.94 11.11
CA HIS B 167 -30.74 13.81 9.95
C HIS B 167 -31.76 14.94 9.94
N ARG B 168 -32.90 14.72 10.62
CA ARG B 168 -34.07 15.59 10.50
C ARG B 168 -33.67 17.01 10.90
N ASP B 169 -33.72 17.93 9.91
CA ASP B 169 -33.55 19.36 10.12
C ASP B 169 -32.09 19.73 10.36
N PHE B 170 -31.17 18.79 10.12
CA PHE B 170 -29.74 19.06 10.20
C PHE B 170 -29.11 19.15 8.80
N ASP B 171 -29.90 19.10 7.75
CA ASP B 171 -29.38 19.17 6.39
C ASP B 171 -28.36 18.06 6.14
N LEU B 172 -28.66 16.87 6.61
CA LEU B 172 -27.78 15.72 6.44
C LEU B 172 -28.48 14.68 5.56
N PRO B 173 -27.75 13.86 4.80
CA PRO B 173 -26.31 13.95 4.68
C PRO B 173 -25.83 15.24 4.03
N ALA B 174 -24.59 15.63 4.34
CA ALA B 174 -23.96 16.79 3.75
C ALA B 174 -22.74 16.41 2.91
N ILE B 175 -22.51 15.09 2.75
CA ILE B 175 -21.38 14.59 1.98
C ILE B 175 -21.90 13.44 1.12
N PRO B 176 -21.18 13.03 0.06
CA PRO B 176 -21.58 11.89 -0.75
C PRO B 176 -21.64 10.57 0.01
N VAL B 177 -22.87 10.05 0.14
CA VAL B 177 -23.10 8.81 0.88
C VAL B 177 -24.32 8.11 0.27
N HIS B 178 -24.30 6.78 0.24
CA HIS B 178 -25.51 6.02 -0.08
C HIS B 178 -25.79 5.06 1.07
N HIS B 179 -27.05 4.93 1.46
CA HIS B 179 -27.43 4.01 2.53
C HIS B 179 -28.12 2.78 1.96
N LEU B 180 -27.49 1.61 2.10
CA LEU B 180 -28.11 0.35 1.69
C LEU B 180 -29.26 0.03 2.62
N THR B 181 -30.08 -0.96 2.26
CA THR B 181 -31.16 -1.37 3.13
C THR B 181 -30.55 -2.00 4.37
N CYS B 182 -31.29 -1.89 5.48
CA CYS B 182 -30.82 -2.37 6.76
C CYS B 182 -30.80 -3.89 6.72
N PRO B 183 -29.66 -4.56 7.03
CA PRO B 183 -29.61 -6.02 7.03
C PRO B 183 -30.30 -6.61 8.26
N ASN B 184 -31.63 -6.59 8.21
CA ASN B 184 -32.50 -6.96 9.31
C ASN B 184 -33.47 -8.03 8.81
N PHE B 185 -33.11 -9.30 9.02
CA PHE B 185 -33.83 -10.44 8.49
C PHE B 185 -35.29 -10.43 8.95
N TYR B 186 -35.50 -10.20 10.25
CA TYR B 186 -36.84 -10.17 10.81
C TYR B 186 -37.72 -9.18 10.05
N ARG B 187 -37.17 -8.01 9.71
CA ARG B 187 -37.98 -6.92 9.20
C ARG B 187 -38.11 -6.99 7.68
N PHE B 188 -37.05 -7.34 6.94
CA PHE B 188 -37.02 -7.08 5.49
C PHE B 188 -36.87 -8.35 4.67
N ALA B 189 -36.79 -9.52 5.31
CA ALA B 189 -36.83 -10.77 4.57
C ALA B 189 -38.20 -10.91 3.90
N ARG B 190 -38.23 -11.52 2.73
CA ARG B 190 -39.49 -11.86 2.07
C ARG B 190 -40.08 -13.11 2.70
N PRO B 191 -41.42 -13.32 2.63
CA PRO B 191 -42.04 -14.49 3.26
C PRO B 191 -41.35 -15.79 2.87
N GLY B 192 -40.89 -16.54 3.89
CA GLY B 192 -40.30 -17.86 3.69
C GLY B 192 -38.90 -17.80 3.09
N GLU B 193 -38.31 -16.59 3.04
CA GLU B 193 -36.96 -16.42 2.54
C GLU B 193 -35.95 -16.84 3.61
N SER B 194 -34.92 -17.59 3.21
CA SER B 194 -33.84 -17.95 4.11
C SER B 194 -32.89 -16.76 4.32
N GLN B 195 -32.11 -16.83 5.39
CA GLN B 195 -31.08 -15.82 5.64
C GLN B 195 -30.06 -15.81 4.51
N GLU B 196 -29.73 -17.00 3.98
CA GLU B 196 -28.70 -17.12 2.96
C GLU B 196 -29.13 -16.36 1.70
N ALA B 197 -30.44 -16.44 1.40
CA ALA B 197 -31.04 -15.79 0.24
C ALA B 197 -31.14 -14.27 0.43
N PHE B 198 -31.54 -13.86 1.64
CA PHE B 198 -31.55 -12.46 2.02
C PHE B 198 -30.17 -11.84 1.83
N THR B 199 -29.14 -12.49 2.36
CA THR B 199 -27.76 -12.05 2.22
C THR B 199 -27.47 -11.85 0.74
N VAL B 200 -27.89 -12.80 -0.09
CA VAL B 200 -27.56 -12.77 -1.51
C VAL B 200 -28.17 -11.52 -2.14
N ARG B 201 -29.40 -11.17 -1.78
CA ARG B 201 -30.03 -9.99 -2.35
C ARG B 201 -29.35 -8.72 -1.84
N LEU B 202 -28.99 -8.70 -0.54
CA LEU B 202 -28.31 -7.56 0.04
C LEU B 202 -26.96 -7.32 -0.66
N ALA B 203 -26.24 -8.39 -0.98
CA ALA B 203 -24.96 -8.24 -1.64
C ALA B 203 -25.14 -7.78 -3.08
N ASN B 204 -26.22 -8.26 -3.69
CA ASN B 204 -26.52 -7.86 -5.05
C ASN B 204 -26.95 -6.39 -5.07
N GLU B 205 -27.70 -5.97 -4.05
CA GLU B 205 -28.12 -4.58 -3.92
C GLU B 205 -26.88 -3.68 -3.96
N LEU B 206 -25.86 -4.05 -3.18
CA LEU B 206 -24.65 -3.24 -3.11
C LEU B 206 -23.96 -3.19 -4.47
N GLU B 207 -23.84 -4.35 -5.11
CA GLU B 207 -23.07 -4.42 -6.34
C GLU B 207 -23.76 -3.61 -7.44
N ARG B 208 -25.10 -3.70 -7.49
CA ARG B 208 -25.84 -3.07 -8.57
C ARG B 208 -25.80 -1.56 -8.36
N TYR B 209 -25.80 -1.10 -7.10
CA TYR B 209 -25.64 0.32 -6.81
C TYR B 209 -24.27 0.81 -7.26
N ILE B 210 -23.21 0.05 -6.95
CA ILE B 210 -21.86 0.44 -7.34
C ILE B 210 -21.79 0.61 -8.86
N LEU B 211 -22.38 -0.33 -9.60
CA LEU B 211 -22.28 -0.33 -11.06
C LEU B 211 -23.12 0.80 -11.65
N ALA B 212 -24.26 1.09 -11.02
CA ALA B 212 -25.15 2.15 -11.46
C ALA B 212 -24.49 3.52 -11.26
N GLU B 213 -23.83 3.73 -10.11
CA GLU B 213 -23.21 5.01 -9.82
C GLU B 213 -21.88 5.14 -10.54
N GLY B 214 -21.24 4.00 -10.80
CA GLY B 214 -19.85 4.00 -11.25
C GLY B 214 -18.91 3.66 -10.10
N PRO B 215 -18.16 2.54 -10.23
CA PRO B 215 -17.24 2.14 -9.18
C PRO B 215 -16.18 3.18 -8.90
N GLU B 216 -15.83 3.96 -9.93
CA GLU B 216 -14.75 4.92 -9.83
C GLU B 216 -15.15 6.10 -8.93
N THR B 217 -16.43 6.15 -8.51
CA THR B 217 -16.92 7.20 -7.63
C THR B 217 -17.05 6.69 -6.20
N ILE B 218 -16.85 5.40 -5.93
CA ILE B 218 -17.12 4.84 -4.61
C ILE B 218 -15.82 4.49 -3.90
N ALA B 219 -15.58 5.11 -2.74
CA ALA B 219 -14.28 5.00 -2.09
C ALA B 219 -14.29 3.91 -1.02
N ALA B 220 -15.40 3.77 -0.30
CA ALA B 220 -15.39 3.04 0.97
C ALA B 220 -16.78 2.59 1.38
N PHE B 221 -16.82 1.43 2.07
CA PHE B 221 -17.98 0.95 2.78
C PHE B 221 -17.68 1.05 4.27
N ILE B 222 -18.67 1.50 5.05
CA ILE B 222 -18.53 1.52 6.49
C ILE B 222 -19.71 0.79 7.11
N GLY B 223 -19.45 0.01 8.16
CA GLY B 223 -20.52 -0.64 8.88
C GLY B 223 -20.06 -1.18 10.23
N GLU B 224 -21.00 -1.15 11.20
CA GLU B 224 -20.88 -1.90 12.44
C GLU B 224 -21.05 -3.39 12.15
N PRO B 225 -20.28 -4.30 12.76
CA PRO B 225 -20.52 -5.73 12.58
C PRO B 225 -21.96 -6.12 12.93
N VAL B 226 -22.41 -5.62 14.07
CA VAL B 226 -23.79 -5.68 14.51
C VAL B 226 -24.27 -4.24 14.68
N ILE B 227 -25.42 -3.93 14.07
CA ILE B 227 -26.02 -2.63 14.18
C ILE B 227 -26.59 -2.48 15.60
N ALA B 228 -26.03 -1.57 16.39
CA ALA B 228 -26.34 -1.49 17.81
C ALA B 228 -27.41 -0.43 18.02
N ALA B 229 -27.05 0.85 17.88
CA ALA B 229 -27.93 1.95 18.23
C ALA B 229 -29.17 1.97 17.32
N GLY B 230 -29.05 1.33 16.15
CA GLY B 230 -30.17 1.27 15.22
C GLY B 230 -31.13 0.12 15.50
N GLY B 231 -30.87 -0.70 16.52
CA GLY B 231 -31.88 -1.63 17.03
C GLY B 231 -31.37 -3.04 17.28
N VAL B 232 -30.10 -3.16 17.65
CA VAL B 232 -29.48 -4.44 17.98
C VAL B 232 -29.84 -5.45 16.90
N ILE B 233 -29.23 -5.27 15.72
CA ILE B 233 -29.58 -6.06 14.56
C ILE B 233 -28.34 -6.82 14.09
N PRO B 234 -28.21 -8.11 14.47
CA PRO B 234 -27.13 -8.92 13.94
C PRO B 234 -27.27 -9.11 12.44
N PRO B 235 -26.15 -9.33 11.72
CA PRO B 235 -26.23 -9.54 10.29
C PRO B 235 -26.85 -10.89 9.97
N PRO B 236 -27.50 -11.06 8.81
CA PRO B 236 -27.88 -12.39 8.36
C PRO B 236 -26.68 -13.25 7.99
N THR B 237 -26.89 -14.58 8.03
CA THR B 237 -25.86 -15.55 7.75
C THR B 237 -25.16 -15.19 6.43
N GLY B 238 -23.82 -15.15 6.47
CA GLY B 238 -23.01 -15.04 5.27
C GLY B 238 -22.80 -13.59 4.83
N TYR B 239 -23.49 -12.66 5.51
CA TYR B 239 -23.57 -11.27 5.09
C TYR B 239 -22.16 -10.70 4.82
N TRP B 240 -21.30 -10.81 5.82
CA TRP B 240 -20.03 -10.11 5.80
C TRP B 240 -19.09 -10.67 4.74
N ALA B 241 -19.15 -11.98 4.47
CA ALA B 241 -18.33 -12.56 3.41
C ALA B 241 -18.76 -12.01 2.04
N ALA B 242 -20.06 -11.88 1.86
CA ALA B 242 -20.60 -11.41 0.60
C ALA B 242 -20.23 -9.95 0.39
N ILE B 243 -20.37 -9.12 1.44
CA ILE B 243 -20.15 -7.69 1.34
C ILE B 243 -18.68 -7.44 1.02
N GLN B 244 -17.79 -8.15 1.72
CA GLN B 244 -16.37 -8.01 1.49
C GLN B 244 -16.01 -8.37 0.05
N ALA B 245 -16.61 -9.44 -0.48
CA ALA B 245 -16.26 -9.91 -1.80
C ALA B 245 -16.58 -8.82 -2.84
N VAL B 246 -17.73 -8.18 -2.66
CA VAL B 246 -18.15 -7.11 -3.56
C VAL B 246 -17.20 -5.92 -3.42
N CYS B 247 -16.92 -5.52 -2.18
CA CYS B 247 -16.02 -4.39 -1.97
C CYS B 247 -14.65 -4.66 -2.60
N LYS B 248 -14.12 -5.87 -2.41
CA LYS B 248 -12.80 -6.23 -2.93
C LYS B 248 -12.83 -6.10 -4.46
N ARG B 249 -13.94 -6.51 -5.09
CA ARG B 249 -14.03 -6.54 -6.52
C ARG B 249 -13.88 -5.13 -7.10
N TYR B 250 -14.34 -4.11 -6.39
CA TYR B 250 -14.36 -2.75 -6.95
C TYR B 250 -13.39 -1.84 -6.20
N ASP B 251 -12.44 -2.40 -5.46
CA ASP B 251 -11.40 -1.63 -4.78
C ASP B 251 -12.06 -0.59 -3.87
N ILE B 252 -13.03 -1.07 -3.08
CA ILE B 252 -13.72 -0.25 -2.12
C ILE B 252 -13.23 -0.65 -0.74
N LEU B 253 -12.71 0.34 0.00
CA LEU B 253 -12.15 0.11 1.33
C LEU B 253 -13.26 -0.39 2.24
N VAL B 254 -12.92 -1.31 3.14
CA VAL B 254 -13.87 -1.79 4.12
C VAL B 254 -13.54 -1.19 5.47
N VAL B 255 -14.45 -0.36 5.97
CA VAL B 255 -14.26 0.34 7.23
C VAL B 255 -15.22 -0.27 8.25
N ILE B 256 -14.67 -0.86 9.31
CA ILE B 256 -15.51 -1.54 10.28
C ILE B 256 -15.53 -0.70 11.56
N ASP B 257 -16.73 -0.32 11.95
CA ASP B 257 -16.95 0.50 13.11
C ASP B 257 -17.20 -0.42 14.29
N GLU B 258 -16.19 -0.58 15.16
CA GLU B 258 -16.29 -1.40 16.34
C GLU B 258 -16.38 -0.53 17.60
N ILE B 259 -16.97 0.65 17.46
CA ILE B 259 -17.07 1.58 18.57
C ILE B 259 -17.82 0.90 19.71
N ILE B 260 -18.78 0.03 19.38
CA ILE B 260 -19.55 -0.68 20.39
C ILE B 260 -19.11 -2.13 20.50
N THR B 261 -18.90 -2.81 19.36
CA THR B 261 -18.63 -4.25 19.35
C THR B 261 -17.22 -4.56 19.85
N GLY B 262 -16.35 -3.56 19.87
CA GLY B 262 -14.96 -3.77 20.24
C GLY B 262 -14.79 -4.17 21.71
N PHE B 263 -13.79 -5.03 21.96
CA PHE B 263 -13.34 -5.40 23.30
C PHE B 263 -14.37 -6.31 23.99
N GLY B 264 -14.82 -7.34 23.29
CA GLY B 264 -15.37 -8.52 23.94
C GLY B 264 -16.89 -8.56 23.87
N ARG B 265 -17.52 -7.50 23.35
CA ARG B 265 -18.96 -7.37 23.44
C ARG B 265 -19.67 -8.56 22.81
N LEU B 266 -19.13 -9.11 21.72
CA LEU B 266 -19.81 -10.17 20.98
C LEU B 266 -19.25 -11.55 21.28
N GLY B 267 -18.31 -11.64 22.22
CA GLY B 267 -17.76 -12.92 22.59
C GLY B 267 -16.42 -13.16 21.91
N THR B 268 -15.98 -12.19 21.10
CA THR B 268 -14.59 -12.13 20.67
C THR B 268 -14.03 -10.74 20.93
N MET B 269 -12.71 -10.62 20.92
CA MET B 269 -12.07 -9.34 21.22
C MET B 269 -12.64 -8.26 20.30
N PHE B 270 -12.68 -8.57 19.00
CA PHE B 270 -13.34 -7.70 18.03
C PHE B 270 -14.40 -8.50 17.29
N GLY B 271 -15.54 -7.86 17.03
CA GLY B 271 -16.61 -8.48 16.26
C GLY B 271 -16.13 -8.95 14.89
N SER B 272 -15.12 -8.27 14.34
CA SER B 272 -14.56 -8.62 13.04
C SER B 272 -14.13 -10.08 13.04
N GLN B 273 -13.65 -10.58 14.18
CA GLN B 273 -13.17 -11.95 14.28
C GLN B 273 -14.36 -12.90 14.21
N LEU B 274 -15.44 -12.58 14.92
CA LEU B 274 -16.60 -13.46 14.94
C LEU B 274 -17.16 -13.63 13.52
N TYR B 275 -17.19 -12.56 12.72
CA TYR B 275 -17.88 -12.57 11.43
C TYR B 275 -16.89 -12.70 10.28
N GLY B 276 -15.62 -12.93 10.60
CA GLY B 276 -14.62 -13.16 9.56
C GLY B 276 -14.42 -11.94 8.66
N ILE B 277 -14.44 -10.75 9.26
CA ILE B 277 -14.22 -9.52 8.52
C ILE B 277 -12.74 -9.17 8.60
N GLN B 278 -12.14 -8.87 7.44
CA GLN B 278 -10.81 -8.27 7.41
C GLN B 278 -10.93 -6.81 7.00
N PRO B 279 -11.02 -5.85 7.94
CA PRO B 279 -11.13 -4.45 7.58
C PRO B 279 -9.85 -3.89 7.00
N ASP B 280 -9.97 -2.87 6.15
CA ASP B 280 -8.87 -1.98 5.81
C ASP B 280 -8.66 -0.96 6.92
N ILE B 281 -9.76 -0.60 7.61
CA ILE B 281 -9.74 0.40 8.68
C ILE B 281 -10.69 -0.08 9.77
N MET B 282 -10.27 0.02 11.02
CA MET B 282 -11.10 -0.33 12.17
C MET B 282 -11.12 0.86 13.12
N VAL B 283 -12.32 1.13 13.67
CA VAL B 283 -12.55 2.26 14.56
C VAL B 283 -13.02 1.77 15.93
N LEU B 284 -12.40 2.31 16.99
CA LEU B 284 -12.60 1.85 18.35
C LEU B 284 -12.87 3.04 19.26
N SER B 285 -13.65 2.81 20.31
CA SER B 285 -13.87 3.77 21.39
C SER B 285 -14.63 3.08 22.52
N LYS B 286 -15.29 3.85 23.38
CA LYS B 286 -16.20 3.36 24.40
C LYS B 286 -15.50 2.34 25.32
N GLN B 287 -15.68 1.04 25.05
CA GLN B 287 -15.16 -0.02 25.90
C GLN B 287 -13.64 0.05 25.93
N LEU B 288 -13.06 0.82 25.03
CA LEU B 288 -11.62 1.05 25.01
C LEU B 288 -11.14 1.63 26.34
N THR B 289 -11.96 2.46 27.00
CA THR B 289 -11.61 3.06 28.28
C THR B 289 -12.74 2.88 29.30
N SER B 290 -13.74 2.06 28.97
CA SER B 290 -14.95 1.99 29.75
C SER B 290 -15.56 3.40 29.91
N SER B 291 -15.20 4.31 29.01
CA SER B 291 -15.66 5.70 29.04
C SER B 291 -15.17 6.44 30.28
N TYR B 292 -14.11 5.94 30.95
CA TYR B 292 -13.59 6.62 32.13
C TYR B 292 -12.81 7.86 31.68
N GLN B 293 -12.36 7.81 30.43
CA GLN B 293 -11.74 8.97 29.79
C GLN B 293 -12.24 8.99 28.34
N PRO B 294 -12.43 10.18 27.72
CA PRO B 294 -12.71 10.28 26.30
C PRO B 294 -11.53 9.84 25.43
N LEU B 295 -11.73 8.75 24.69
CA LEU B 295 -10.73 8.26 23.78
C LEU B 295 -11.37 7.43 22.67
N ALA B 296 -10.76 7.52 21.49
CA ALA B 296 -11.07 6.66 20.36
C ALA B 296 -9.82 6.48 19.51
N ALA B 297 -9.85 5.49 18.63
CA ALA B 297 -8.69 5.14 17.84
C ALA B 297 -9.16 4.73 16.44
N VAL B 298 -8.43 5.22 15.45
CA VAL B 298 -8.55 4.74 14.08
C VAL B 298 -7.34 3.85 13.81
N VAL B 299 -7.58 2.59 13.45
CA VAL B 299 -6.50 1.69 13.10
C VAL B 299 -6.56 1.40 11.61
N VAL B 300 -5.43 1.57 10.91
CA VAL B 300 -5.43 1.49 9.46
C VAL B 300 -4.37 0.48 9.02
N SER B 301 -4.57 -0.04 7.79
CA SER B 301 -3.65 -0.99 7.16
C SER B 301 -2.29 -0.35 6.90
N ASP B 302 -1.29 -1.19 6.62
CA ASP B 302 0.03 -0.71 6.21
C ASP B 302 -0.08 0.06 4.90
N ALA B 303 -0.98 -0.39 4.02
CA ALA B 303 -1.12 0.21 2.71
C ALA B 303 -1.62 1.64 2.86
N MET B 304 -2.69 1.81 3.65
CA MET B 304 -3.26 3.11 3.96
C MET B 304 -2.15 4.01 4.48
N ASN B 305 -1.41 3.48 5.47
CA ASN B 305 -0.44 4.28 6.19
C ASN B 305 0.65 4.72 5.22
N ASP B 306 1.03 3.84 4.29
CA ASP B 306 2.07 4.14 3.33
C ASP B 306 1.69 5.35 2.50
N VAL B 307 0.41 5.46 2.15
CA VAL B 307 -0.06 6.58 1.35
C VAL B 307 -0.05 7.84 2.22
N LEU B 308 -0.45 7.73 3.49
CA LEU B 308 -0.41 8.86 4.40
C LEU B 308 1.02 9.40 4.49
N VAL B 309 1.98 8.48 4.57
CA VAL B 309 3.38 8.83 4.68
C VAL B 309 3.89 9.48 3.40
N SER B 310 3.46 8.96 2.24
CA SER B 310 3.91 9.47 0.97
C SER B 310 3.37 10.88 0.78
N GLN B 311 2.20 11.17 1.35
CA GLN B 311 1.62 12.51 1.26
C GLN B 311 2.47 13.51 2.07
N SER B 312 2.99 13.10 3.23
CA SER B 312 3.83 13.98 4.04
C SER B 312 5.09 14.37 3.27
N GLN B 313 5.58 13.45 2.43
CA GLN B 313 6.74 13.71 1.60
C GLN B 313 6.51 14.94 0.72
N ARG B 314 5.30 15.14 0.18
CA ARG B 314 5.08 16.24 -0.74
C ARG B 314 4.28 17.38 -0.13
N LEU B 315 3.55 17.15 0.98
CA LEU B 315 2.72 18.19 1.56
C LEU B 315 3.36 18.79 2.80
N GLY B 316 4.30 18.08 3.43
CA GLY B 316 5.01 18.61 4.58
C GLY B 316 4.38 18.18 5.90
N ALA B 317 3.15 17.67 5.90
CA ALA B 317 2.49 17.33 7.13
C ALA B 317 1.21 16.57 6.84
N PHE B 318 0.85 15.68 7.77
CA PHE B 318 -0.51 15.22 7.86
C PHE B 318 -1.31 16.26 8.61
N ALA B 319 -2.01 17.13 7.86
CA ALA B 319 -2.61 18.33 8.42
C ALA B 319 -3.97 18.00 9.05
N HIS B 320 -3.89 17.21 10.13
CA HIS B 320 -5.06 16.74 10.84
C HIS B 320 -4.63 16.37 12.26
N GLY B 321 -5.42 16.81 13.24
CA GLY B 321 -5.13 16.53 14.64
C GLY B 321 -6.13 17.21 15.57
N PHE B 322 -6.25 16.67 16.79
CA PHE B 322 -6.99 17.30 17.87
C PHE B 322 -6.03 17.59 19.00
N THR B 323 -6.32 18.66 19.77
CA THR B 323 -5.49 19.07 20.88
C THR B 323 -5.13 17.86 21.75
N CYS B 324 -6.15 17.03 22.08
CA CYS B 324 -5.97 15.95 23.03
C CYS B 324 -5.74 14.60 22.34
N THR B 325 -5.40 14.62 21.05
CA THR B 325 -4.96 13.42 20.37
C THR B 325 -3.81 12.81 21.16
N GLY B 326 -3.97 11.55 21.58
CA GLY B 326 -2.92 10.80 22.25
C GLY B 326 -2.76 11.20 23.73
N HIS B 327 -3.80 11.78 24.33
CA HIS B 327 -3.70 12.28 25.68
C HIS B 327 -3.10 11.23 26.60
N PRO B 328 -2.03 11.56 27.35
CA PRO B 328 -1.33 10.59 28.17
C PRO B 328 -2.22 9.94 29.23
N VAL B 329 -3.15 10.71 29.81
CA VAL B 329 -4.02 10.15 30.83
C VAL B 329 -5.07 9.23 30.19
N ALA B 330 -5.71 9.69 29.13
CA ALA B 330 -6.75 8.90 28.49
C ALA B 330 -6.15 7.60 27.94
N THR B 331 -4.96 7.66 27.34
CA THR B 331 -4.35 6.47 26.78
C THR B 331 -3.85 5.55 27.90
N ALA B 332 -3.32 6.13 28.98
CA ALA B 332 -2.90 5.34 30.13
C ALA B 332 -4.09 4.51 30.63
N VAL B 333 -5.27 5.14 30.69
CA VAL B 333 -6.45 4.47 31.20
C VAL B 333 -6.88 3.36 30.24
N ALA B 334 -6.72 3.60 28.94
CA ALA B 334 -7.11 2.60 27.95
C ALA B 334 -6.22 1.37 28.10
N LEU B 335 -4.93 1.61 28.32
CA LEU B 335 -3.99 0.54 28.49
C LEU B 335 -4.39 -0.35 29.67
N GLU B 336 -4.68 0.28 30.81
CA GLU B 336 -5.05 -0.45 32.02
C GLU B 336 -6.35 -1.19 31.78
N ASN B 337 -7.29 -0.52 31.12
CA ASN B 337 -8.58 -1.12 30.81
C ASN B 337 -8.39 -2.41 30.01
N ILE B 338 -7.48 -2.39 29.03
CA ILE B 338 -7.27 -3.55 28.18
C ILE B 338 -6.51 -4.62 28.95
N ARG B 339 -5.49 -4.21 29.72
CA ARG B 339 -4.76 -5.13 30.60
C ARG B 339 -5.76 -5.90 31.46
N ILE B 340 -6.77 -5.20 32.01
CA ILE B 340 -7.72 -5.82 32.91
C ILE B 340 -8.59 -6.81 32.15
N ILE B 341 -9.00 -6.46 30.93
CA ILE B 341 -9.87 -7.34 30.17
C ILE B 341 -9.12 -8.64 29.86
N GLU B 342 -7.82 -8.53 29.54
CA GLU B 342 -7.02 -9.69 29.19
C GLU B 342 -6.74 -10.53 30.43
N GLU B 343 -6.29 -9.88 31.51
CA GLU B 343 -5.87 -10.57 32.72
C GLU B 343 -7.03 -11.39 33.31
N ARG B 344 -8.24 -10.82 33.32
CA ARG B 344 -9.40 -11.50 33.85
C ARG B 344 -10.07 -12.39 32.80
N ASP B 345 -9.51 -12.43 31.60
CA ASP B 345 -10.09 -13.10 30.45
C ASP B 345 -11.59 -12.79 30.34
N LEU B 346 -11.94 -11.50 30.18
CA LEU B 346 -13.33 -11.10 30.13
C LEU B 346 -13.98 -11.48 28.80
N VAL B 347 -13.17 -11.71 27.76
CA VAL B 347 -13.67 -12.30 26.53
C VAL B 347 -14.20 -13.69 26.81
N GLY B 348 -13.39 -14.49 27.50
CA GLY B 348 -13.78 -15.81 27.98
C GLY B 348 -15.05 -15.75 28.82
N HIS B 349 -15.12 -14.77 29.74
CA HIS B 349 -16.28 -14.60 30.61
C HIS B 349 -17.53 -14.41 29.75
N VAL B 350 -17.42 -13.61 28.69
CA VAL B 350 -18.59 -13.32 27.86
C VAL B 350 -19.03 -14.60 27.16
N GLN B 351 -18.07 -15.41 26.70
CA GLN B 351 -18.39 -16.66 26.00
C GLN B 351 -19.19 -17.59 26.91
N HIS B 352 -18.84 -17.63 28.20
CA HIS B 352 -19.53 -18.52 29.14
CA HIS B 352 -19.52 -18.51 29.16
C HIS B 352 -20.85 -17.90 29.58
N LEU B 353 -20.94 -16.56 29.61
CA LEU B 353 -22.15 -15.90 30.09
C LEU B 353 -23.17 -15.71 28.96
N ALA B 354 -22.69 -15.68 27.70
CA ALA B 354 -23.53 -15.31 26.58
C ALA B 354 -24.74 -16.24 26.49
N PRO B 355 -24.55 -17.59 26.56
CA PRO B 355 -25.68 -18.51 26.43
C PRO B 355 -26.77 -18.29 27.47
N VAL B 356 -26.37 -17.90 28.69
CA VAL B 356 -27.31 -17.64 29.79
C VAL B 356 -28.05 -16.34 29.49
N PHE B 357 -27.30 -15.31 29.10
CA PHE B 357 -27.86 -14.04 28.73
C PHE B 357 -28.87 -14.20 27.59
N GLN B 358 -28.46 -14.92 26.54
CA GLN B 358 -29.32 -15.10 25.36
C GLN B 358 -30.57 -15.92 25.73
N ARG B 359 -30.42 -16.91 26.61
CA ARG B 359 -31.55 -17.75 27.01
C ARG B 359 -32.57 -16.91 27.76
N HIS B 360 -32.10 -16.01 28.64
CA HIS B 360 -32.98 -15.11 29.35
C HIS B 360 -33.74 -14.21 28.38
N LEU B 361 -33.05 -13.76 27.31
CA LEU B 361 -33.68 -12.93 26.30
C LEU B 361 -34.77 -13.72 25.59
N ARG B 362 -34.41 -14.92 25.14
CA ARG B 362 -35.27 -15.77 24.32
C ARG B 362 -36.53 -16.14 25.09
N ALA B 363 -36.45 -16.18 26.43
CA ALA B 363 -37.58 -16.53 27.26
C ALA B 363 -38.78 -15.65 26.94
N PHE B 364 -38.55 -14.46 26.37
CA PHE B 364 -39.63 -13.51 26.14
C PHE B 364 -40.24 -13.68 24.74
N GLU B 365 -39.78 -14.66 23.97
CA GLU B 365 -40.21 -14.84 22.59
C GLU B 365 -41.73 -15.04 22.52
N ASP B 366 -42.30 -15.76 23.48
CA ASP B 366 -43.71 -16.13 23.38
C ASP B 366 -44.59 -15.15 24.18
N HIS B 367 -44.02 -14.02 24.63
CA HIS B 367 -44.78 -12.97 25.29
C HIS B 367 -45.69 -12.27 24.26
N PRO B 368 -46.91 -11.82 24.65
CA PRO B 368 -47.85 -11.25 23.69
C PRO B 368 -47.35 -10.00 22.97
N LEU B 369 -46.51 -9.19 23.65
CA LEU B 369 -46.02 -7.92 23.15
C LEU B 369 -44.78 -8.07 22.26
N VAL B 370 -44.07 -9.20 22.37
CA VAL B 370 -42.77 -9.38 21.75
C VAL B 370 -42.90 -10.02 20.37
N GLY B 371 -42.35 -9.37 19.35
CA GLY B 371 -42.41 -9.85 17.98
C GLY B 371 -41.14 -10.57 17.57
N ASN B 372 -40.01 -10.17 18.16
CA ASN B 372 -38.72 -10.70 17.77
C ASN B 372 -37.73 -10.53 18.92
N VAL B 373 -36.85 -11.52 19.08
CA VAL B 373 -35.73 -11.41 20.00
C VAL B 373 -34.46 -11.72 19.23
N ARG B 374 -33.42 -10.91 19.45
CA ARG B 374 -32.17 -11.10 18.72
C ARG B 374 -31.02 -10.63 19.60
N GLY B 375 -29.84 -11.20 19.33
CA GLY B 375 -28.71 -10.91 20.20
C GLY B 375 -27.50 -11.73 19.79
N VAL B 376 -26.32 -11.23 20.19
CA VAL B 376 -25.08 -11.95 20.06
C VAL B 376 -24.26 -11.62 21.28
N GLY B 377 -23.51 -12.59 21.79
CA GLY B 377 -22.64 -12.33 22.93
C GLY B 377 -23.42 -11.67 24.06
N LEU B 378 -22.96 -10.49 24.51
CA LEU B 378 -23.57 -9.82 25.64
C LEU B 378 -24.32 -8.58 25.17
N MET B 379 -24.92 -8.69 23.97
CA MET B 379 -25.77 -7.64 23.42
C MET B 379 -27.08 -8.30 22.98
N GLY B 380 -28.21 -7.69 23.34
CA GLY B 380 -29.48 -8.26 22.96
C GLY B 380 -30.56 -7.21 22.80
N GLY B 381 -31.62 -7.60 22.09
CA GLY B 381 -32.76 -6.73 21.83
C GLY B 381 -34.06 -7.53 21.84
N ILE B 382 -35.09 -6.89 22.39
CA ILE B 382 -36.42 -7.45 22.45
C ILE B 382 -37.36 -6.46 21.77
N GLU B 383 -37.86 -6.81 20.58
CA GLU B 383 -38.65 -5.85 19.81
C GLU B 383 -40.13 -6.09 20.13
N LEU B 384 -40.79 -5.04 20.63
CA LEU B 384 -42.22 -5.07 20.90
C LEU B 384 -42.97 -4.66 19.63
N VAL B 385 -44.11 -5.34 19.38
CA VAL B 385 -44.92 -5.10 18.19
C VAL B 385 -46.40 -5.10 18.59
N ALA B 386 -47.24 -4.59 17.69
CA ALA B 386 -48.68 -4.50 17.92
C ALA B 386 -49.36 -5.82 17.52
N ASP B 387 -48.83 -6.48 16.48
CA ASP B 387 -49.35 -7.76 16.02
C ASP B 387 -48.20 -8.69 15.69
N LYS B 388 -48.12 -9.83 16.37
CA LYS B 388 -47.06 -10.81 16.19
C LYS B 388 -47.18 -11.51 14.83
N ALA B 389 -48.42 -11.72 14.36
CA ALA B 389 -48.68 -12.39 13.10
C ALA B 389 -48.09 -11.58 11.93
N THR B 390 -48.41 -10.29 11.86
CA THR B 390 -48.07 -9.46 10.71
C THR B 390 -46.77 -8.67 10.96
N ARG B 391 -46.10 -8.96 12.08
CA ARG B 391 -44.84 -8.32 12.45
C ARG B 391 -44.94 -6.80 12.39
N GLN B 392 -46.14 -6.26 12.64
CA GLN B 392 -46.46 -4.87 12.33
C GLN B 392 -46.20 -3.97 13.54
N PRO B 393 -45.57 -2.78 13.34
CA PRO B 393 -45.31 -1.84 14.44
C PRO B 393 -46.56 -1.13 14.96
N PHE B 394 -46.37 -0.26 15.95
CA PHE B 394 -47.45 0.49 16.58
C PHE B 394 -47.75 1.76 15.80
N ALA B 395 -48.82 2.45 16.21
CA ALA B 395 -49.30 3.65 15.52
C ALA B 395 -48.17 4.68 15.44
N GLN B 396 -47.67 5.12 16.60
CA GLN B 396 -46.50 5.97 16.65
C GLN B 396 -45.36 5.15 17.27
N PRO B 397 -44.41 4.63 16.46
CA PRO B 397 -43.31 3.86 17.00
C PRO B 397 -42.59 4.63 18.10
N GLY B 398 -42.23 3.93 19.18
CA GLY B 398 -41.45 4.51 20.26
C GLY B 398 -42.29 4.87 21.47
N THR B 399 -43.62 4.81 21.33
CA THR B 399 -44.52 5.16 22.42
C THR B 399 -44.35 4.13 23.53
N LEU B 400 -44.46 2.84 23.18
CA LEU B 400 -44.37 1.77 24.15
C LEU B 400 -42.95 1.67 24.70
N GLY B 401 -41.96 1.73 23.81
CA GLY B 401 -40.56 1.70 24.22
C GLY B 401 -40.23 2.85 25.17
N GLY B 402 -40.75 4.05 24.87
CA GLY B 402 -40.57 5.21 25.72
C GLY B 402 -41.06 4.96 27.14
N TYR B 403 -42.20 4.26 27.24
CA TYR B 403 -42.82 3.93 28.51
C TYR B 403 -41.96 2.90 29.25
N VAL B 404 -41.51 1.87 28.53
CA VAL B 404 -40.69 0.82 29.14
C VAL B 404 -39.41 1.44 29.72
N PHE B 405 -38.86 2.44 29.02
CA PHE B 405 -37.62 3.07 29.45
C PHE B 405 -37.84 3.75 30.80
N LYS B 406 -38.94 4.51 30.91
CA LYS B 406 -39.27 5.26 32.11
C LYS B 406 -39.63 4.28 33.22
N GLN B 407 -40.48 3.31 32.90
CA GLN B 407 -41.05 2.40 33.89
C GLN B 407 -39.99 1.49 34.50
N ALA B 408 -39.01 1.07 33.69
CA ALA B 408 -37.97 0.19 34.16
C ALA B 408 -37.23 0.82 35.34
N HIS B 409 -37.18 2.17 35.39
CA HIS B 409 -36.48 2.90 36.45
C HIS B 409 -37.14 2.61 37.81
N LYS B 410 -38.48 2.48 37.80
CA LYS B 410 -39.23 2.26 39.02
C LYS B 410 -38.94 0.85 39.56
N HIS B 411 -38.35 -0.03 38.73
CA HIS B 411 -37.96 -1.36 39.18
C HIS B 411 -36.44 -1.51 39.24
N GLY B 412 -35.72 -0.38 39.36
CA GLY B 412 -34.29 -0.40 39.58
C GLY B 412 -33.48 -0.83 38.35
N LEU B 413 -34.04 -0.64 37.14
CA LEU B 413 -33.40 -1.10 35.91
C LEU B 413 -33.27 0.04 34.90
N ILE B 414 -32.05 0.23 34.38
CA ILE B 414 -31.83 1.14 33.25
C ILE B 414 -31.54 0.31 32.00
N ILE B 415 -32.43 0.46 31.02
CA ILE B 415 -32.22 -0.10 29.69
C ILE B 415 -32.28 1.04 28.67
N ARG B 416 -32.28 0.69 27.37
CA ARG B 416 -32.42 1.69 26.32
C ARG B 416 -33.55 1.28 25.37
N ALA B 417 -34.43 2.23 25.05
CA ALA B 417 -35.47 2.01 24.08
C ALA B 417 -35.00 2.57 22.74
N ILE B 418 -34.91 1.68 21.75
CA ILE B 418 -34.67 2.09 20.38
C ILE B 418 -35.98 1.95 19.63
N TYR B 419 -36.75 3.05 19.58
CA TYR B 419 -38.14 3.00 19.21
C TYR B 419 -38.82 1.97 20.12
N ASP B 420 -39.28 0.84 19.57
CA ASP B 420 -40.01 -0.12 20.39
C ASP B 420 -39.20 -1.39 20.59
N THR B 421 -37.88 -1.28 20.43
CA THR B 421 -36.98 -2.38 20.71
C THR B 421 -36.26 -2.07 22.01
N ILE B 422 -36.24 -3.02 22.95
CA ILE B 422 -35.56 -2.80 24.22
C ILE B 422 -34.16 -3.40 24.14
N ALA B 423 -33.16 -2.57 24.44
CA ALA B 423 -31.77 -2.95 24.22
C ALA B 423 -31.12 -3.30 25.55
N PHE B 424 -30.25 -4.31 25.50
CA PHE B 424 -29.52 -4.78 26.66
C PHE B 424 -28.06 -4.94 26.25
N CYS B 425 -27.18 -4.34 27.06
CA CYS B 425 -25.76 -4.31 26.80
C CYS B 425 -25.02 -4.12 28.12
N PRO B 426 -25.13 -5.11 29.05
CA PRO B 426 -24.61 -4.95 30.39
C PRO B 426 -23.09 -5.03 30.44
N PRO B 427 -22.45 -4.58 31.54
CA PRO B 427 -21.00 -4.57 31.64
C PRO B 427 -20.39 -5.95 31.45
N LEU B 428 -19.09 -5.98 31.10
CA LEU B 428 -18.42 -7.25 30.86
C LEU B 428 -18.31 -8.01 32.18
N ILE B 429 -18.38 -7.28 33.32
CA ILE B 429 -18.21 -7.88 34.64
C ILE B 429 -19.54 -8.41 35.18
N THR B 430 -20.61 -8.30 34.39
CA THR B 430 -21.91 -8.84 34.79
C THR B 430 -21.75 -10.31 35.21
N THR B 431 -22.47 -10.70 36.28
CA THR B 431 -22.52 -12.08 36.74
C THR B 431 -23.87 -12.70 36.37
N GLN B 432 -23.93 -14.04 36.49
CA GLN B 432 -25.19 -14.76 36.36
C GLN B 432 -26.26 -14.18 37.28
N ASP B 433 -25.90 -13.78 38.51
CA ASP B 433 -26.87 -13.22 39.45
C ASP B 433 -27.41 -11.89 38.94
N ASP B 434 -26.50 -11.05 38.43
CA ASP B 434 -26.87 -9.78 37.82
C ASP B 434 -27.88 -10.02 36.70
N ILE B 435 -27.66 -11.08 35.89
CA ILE B 435 -28.53 -11.34 34.74
C ILE B 435 -29.94 -11.65 35.24
N GLU B 436 -30.03 -12.45 36.31
CA GLU B 436 -31.33 -12.84 36.86
C GLU B 436 -32.04 -11.61 37.39
N ALA B 437 -31.28 -10.70 38.02
CA ALA B 437 -31.83 -9.48 38.58
C ALA B 437 -32.34 -8.57 37.46
N ILE B 438 -31.59 -8.52 36.35
CA ILE B 438 -31.94 -7.67 35.23
C ILE B 438 -33.31 -8.13 34.68
N PHE B 439 -33.45 -9.42 34.40
CA PHE B 439 -34.60 -9.89 33.64
C PHE B 439 -35.81 -10.04 34.54
N SER B 440 -35.56 -10.32 35.83
CA SER B 440 -36.59 -10.21 36.84
C SER B 440 -37.21 -8.81 36.81
N ALA B 441 -36.37 -7.77 36.92
CA ALA B 441 -36.83 -6.40 36.92
C ALA B 441 -37.50 -6.06 35.58
N PHE B 442 -36.98 -6.62 34.49
CA PHE B 442 -37.55 -6.36 33.18
C PHE B 442 -38.93 -7.01 33.08
N GLU B 443 -39.10 -8.18 33.70
CA GLU B 443 -40.36 -8.91 33.61
C GLU B 443 -41.47 -8.12 34.27
N ARG B 444 -41.19 -7.53 35.44
CA ARG B 444 -42.12 -6.62 36.09
C ARG B 444 -42.40 -5.40 35.21
N THR B 445 -41.35 -4.84 34.57
CA THR B 445 -41.54 -3.66 33.74
C THR B 445 -42.48 -4.01 32.59
N LEU B 446 -42.30 -5.21 32.03
CA LEU B 446 -43.04 -5.61 30.85
C LEU B 446 -44.49 -5.91 31.23
N ALA B 447 -44.69 -6.35 32.48
CA ALA B 447 -46.03 -6.56 33.00
C ALA B 447 -46.76 -5.21 33.12
N ASP B 448 -46.09 -4.21 33.71
CA ASP B 448 -46.65 -2.86 33.77
C ASP B 448 -46.96 -2.36 32.35
N ALA B 449 -46.08 -2.68 31.41
CA ALA B 449 -46.23 -2.21 30.04
C ALA B 449 -47.45 -2.86 29.38
N THR B 450 -47.71 -4.13 29.71
CA THR B 450 -48.83 -4.86 29.16
C THR B 450 -50.14 -4.22 29.65
N ASP B 451 -50.19 -3.83 30.93
CA ASP B 451 -51.32 -3.09 31.50
C ASP B 451 -51.48 -1.75 30.78
N TRP B 452 -50.39 -1.00 30.68
CA TRP B 452 -50.41 0.36 30.16
C TRP B 452 -50.87 0.36 28.70
N ALA B 453 -50.51 -0.69 27.96
CA ALA B 453 -50.84 -0.82 26.55
C ALA B 453 -52.33 -1.09 26.35
N ARG B 454 -52.97 -1.78 27.29
CA ARG B 454 -54.42 -2.02 27.24
C ARG B 454 -55.14 -0.69 27.46
N SER B 455 -54.76 0.06 28.50
CA SER B 455 -55.44 1.30 28.84
C SER B 455 -55.22 2.39 27.78
N GLN B 456 -54.23 2.21 26.90
CA GLN B 456 -53.95 3.15 25.83
C GLN B 456 -54.60 2.69 24.52
N HIS B 457 -55.29 1.54 24.56
CA HIS B 457 -55.92 0.91 23.40
C HIS B 457 -54.95 0.82 22.22
N LEU B 458 -53.98 -0.10 22.32
CA LEU B 458 -53.28 -0.67 21.17
C LEU B 458 -52.97 -2.17 21.44
N HIS C 4 -13.97 4.92 -22.86
CA HIS C 4 -13.12 3.81 -22.34
C HIS C 4 -13.40 2.54 -23.17
N SER C 5 -12.51 2.25 -24.15
CA SER C 5 -12.50 1.01 -24.92
C SER C 5 -11.87 -0.14 -24.12
N SER C 6 -11.78 -1.33 -24.72
CA SER C 6 -11.25 -2.49 -24.03
C SER C 6 -9.77 -2.29 -23.68
N THR C 7 -9.03 -1.68 -24.62
CA THR C 7 -7.61 -1.41 -24.46
C THR C 7 -7.39 -0.37 -23.36
N VAL C 8 -8.23 0.66 -23.31
CA VAL C 8 -8.12 1.71 -22.31
C VAL C 8 -8.43 1.14 -20.91
N GLN C 9 -9.43 0.26 -20.82
CA GLN C 9 -9.82 -0.31 -19.52
C GLN C 9 -8.69 -1.21 -19.01
N ASN C 10 -8.13 -1.99 -19.93
CA ASN C 10 -7.03 -2.89 -19.67
C ASN C 10 -5.81 -2.10 -19.21
N ASP C 11 -5.47 -1.06 -19.98
CA ASP C 11 -4.36 -0.17 -19.68
C ASP C 11 -4.50 0.40 -18.27
N LEU C 12 -5.66 1.00 -17.98
CA LEU C 12 -5.88 1.70 -16.73
C LEU C 12 -5.85 0.72 -15.55
N ALA C 13 -6.17 -0.56 -15.79
CA ALA C 13 -6.26 -1.53 -14.71
C ALA C 13 -4.87 -2.04 -14.33
N ALA C 14 -3.99 -2.25 -15.31
CA ALA C 14 -2.91 -3.22 -15.17
C ALA C 14 -1.56 -2.73 -15.67
N LEU C 15 -1.51 -1.65 -16.45
CA LEU C 15 -0.26 -1.28 -17.12
C LEU C 15 0.46 -0.15 -16.40
N ILE C 16 1.68 -0.43 -15.92
CA ILE C 16 2.61 0.59 -15.42
C ILE C 16 3.39 1.15 -16.61
N HIS C 17 3.22 2.45 -16.84
CA HIS C 17 3.78 3.10 -18.03
C HIS C 17 5.20 3.57 -17.74
N PRO C 18 6.11 3.39 -18.71
CA PRO C 18 7.43 4.01 -18.64
C PRO C 18 7.37 5.52 -18.82
N ASN C 19 8.26 6.24 -18.14
CA ASN C 19 8.45 7.66 -18.39
C ASN C 19 7.10 8.33 -18.57
N THR C 20 6.24 8.12 -17.56
CA THR C 20 4.90 8.66 -17.57
C THR C 20 4.60 9.10 -16.15
N ASN C 21 3.88 10.21 -16.02
CA ASN C 21 3.26 10.59 -14.77
C ASN C 21 2.14 9.59 -14.46
N LEU C 22 2.40 8.67 -13.53
CA LEU C 22 1.51 7.56 -13.24
C LEU C 22 0.22 8.02 -12.56
N ALA C 23 0.29 9.17 -11.86
CA ALA C 23 -0.85 9.73 -11.16
C ALA C 23 -1.78 10.44 -12.13
N GLN C 24 -1.19 11.29 -12.98
CA GLN C 24 -1.89 11.94 -14.08
C GLN C 24 -2.53 10.90 -14.99
N HIS C 25 -1.87 9.75 -15.18
CA HIS C 25 -2.34 8.76 -16.13
C HIS C 25 -3.70 8.21 -15.72
N ARG C 26 -3.95 8.11 -14.41
CA ARG C 26 -5.24 7.63 -13.92
C ARG C 26 -6.37 8.58 -14.34
N GLU C 27 -6.06 9.87 -14.50
CA GLU C 27 -7.07 10.88 -14.83
C GLU C 27 -7.24 11.01 -16.33
N VAL C 28 -6.16 11.23 -17.08
CA VAL C 28 -6.23 11.54 -18.50
C VAL C 28 -6.29 10.25 -19.32
N GLY C 29 -5.75 9.15 -18.79
CA GLY C 29 -5.83 7.87 -19.45
C GLY C 29 -4.84 7.79 -20.62
N PRO C 30 -4.71 6.61 -21.25
CA PRO C 30 -3.76 6.43 -22.34
C PRO C 30 -4.29 6.99 -23.66
N LEU C 31 -3.37 7.26 -24.58
CA LEU C 31 -3.68 7.44 -25.98
C LEU C 31 -3.27 6.18 -26.72
N VAL C 32 -4.25 5.46 -27.26
CA VAL C 32 -3.99 4.17 -27.87
C VAL C 32 -3.54 4.41 -29.30
N ILE C 33 -2.32 3.96 -29.63
CA ILE C 33 -1.87 3.97 -31.00
C ILE C 33 -2.12 2.57 -31.59
N ALA C 34 -2.75 2.56 -32.76
CA ALA C 34 -3.34 1.35 -33.31
C ALA C 34 -2.68 0.95 -34.63
N ARG C 35 -2.32 1.92 -35.47
CA ARG C 35 -1.88 1.62 -36.82
C ARG C 35 -0.75 2.58 -37.23
N GLY C 36 0.09 2.11 -38.15
CA GLY C 36 1.18 2.88 -38.68
C GLY C 36 1.14 3.00 -40.20
N ASP C 37 1.59 4.14 -40.72
CA ASP C 37 1.67 4.35 -42.16
C ASP C 37 2.73 5.40 -42.45
N GLY C 38 3.89 4.95 -42.96
CA GLY C 38 5.04 5.83 -43.21
C GLY C 38 5.39 6.68 -41.99
N VAL C 39 5.27 8.00 -42.11
CA VAL C 39 5.69 8.91 -41.07
C VAL C 39 4.50 9.21 -40.17
N ARG C 40 3.41 8.46 -40.33
CA ARG C 40 2.18 8.72 -39.59
C ARG C 40 1.83 7.52 -38.70
N VAL C 41 1.19 7.82 -37.57
CA VAL C 41 0.53 6.79 -36.79
C VAL C 41 -0.89 7.25 -36.53
N PHE C 42 -1.76 6.26 -36.28
CA PHE C 42 -3.16 6.52 -36.06
C PHE C 42 -3.56 5.97 -34.70
N ASP C 43 -4.41 6.72 -34.00
CA ASP C 43 -4.98 6.26 -32.75
C ASP C 43 -6.16 5.34 -33.04
N GLU C 44 -6.74 4.80 -31.97
CA GLU C 44 -7.79 3.80 -32.06
C GLU C 44 -9.02 4.43 -32.71
N GLN C 45 -9.22 5.74 -32.52
CA GLN C 45 -10.37 6.46 -33.05
C GLN C 45 -10.11 6.90 -34.49
N GLY C 46 -8.90 6.66 -35.01
CA GLY C 46 -8.63 6.87 -36.42
C GLY C 46 -8.01 8.24 -36.74
N ASN C 47 -7.75 9.09 -35.72
CA ASN C 47 -7.02 10.32 -35.95
C ASN C 47 -5.58 10.04 -36.38
N ALA C 48 -5.08 10.87 -37.31
CA ALA C 48 -3.73 10.73 -37.83
C ALA C 48 -2.81 11.71 -37.13
N TYR C 49 -1.57 11.25 -36.93
CA TYR C 49 -0.53 12.08 -36.36
C TYR C 49 0.74 11.87 -37.18
N ILE C 50 1.40 12.96 -37.54
CA ILE C 50 2.75 12.88 -38.05
C ILE C 50 3.67 12.66 -36.86
N GLU C 51 4.45 11.58 -36.93
CA GLU C 51 5.31 11.21 -35.82
C GLU C 51 6.68 11.86 -36.05
N ALA C 52 6.80 13.12 -35.61
CA ALA C 52 7.98 13.91 -35.90
C ALA C 52 9.16 13.53 -35.00
N MET C 53 8.99 12.51 -34.14
CA MET C 53 10.06 12.02 -33.28
C MET C 53 10.44 10.59 -33.65
N SER C 54 9.87 10.03 -34.72
CA SER C 54 10.12 8.66 -35.11
C SER C 54 9.90 7.72 -33.92
N GLY C 55 8.88 8.03 -33.12
CA GLY C 55 8.63 7.27 -31.91
C GLY C 55 9.54 7.76 -30.78
N LEU C 56 10.60 7.02 -30.52
CA LEU C 56 11.64 7.47 -29.60
C LEU C 56 12.95 7.56 -30.36
N TRP C 57 13.01 8.52 -31.27
CA TRP C 57 14.20 8.78 -32.05
C TRP C 57 14.60 7.56 -32.87
N SER C 58 13.70 6.62 -33.15
CA SER C 58 14.12 5.26 -33.45
C SER C 58 13.61 4.72 -34.79
N ALA C 59 12.39 5.07 -35.19
CA ALA C 59 11.72 4.45 -36.34
C ALA C 59 12.26 5.00 -37.66
N ALA C 60 13.46 4.56 -38.03
CA ALA C 60 14.18 5.14 -39.16
C ALA C 60 13.37 5.06 -40.45
N LEU C 61 12.80 3.89 -40.71
CA LEU C 61 12.09 3.63 -41.96
C LEU C 61 10.58 3.82 -41.80
N GLY C 62 10.15 4.55 -40.77
CA GLY C 62 8.74 4.82 -40.56
C GLY C 62 8.00 3.59 -40.01
N PHE C 63 6.66 3.67 -39.99
CA PHE C 63 5.86 2.76 -39.21
C PHE C 63 5.12 1.73 -40.06
N SER C 64 5.56 1.49 -41.31
CA SER C 64 4.89 0.49 -42.15
C SER C 64 5.77 0.07 -43.33
N GLU C 65 7.03 -0.26 -43.03
CA GLU C 65 7.98 -0.74 -44.02
C GLU C 65 7.85 -2.25 -44.14
N GLN C 66 7.23 -2.70 -45.23
CA GLN C 66 6.89 -4.11 -45.40
C GLN C 66 8.16 -4.97 -45.53
N ARG C 67 9.27 -4.39 -46.02
CA ARG C 67 10.47 -5.19 -46.23
C ARG C 67 11.02 -5.73 -44.91
N LEU C 68 10.84 -4.97 -43.82
CA LEU C 68 11.27 -5.40 -42.49
C LEU C 68 10.39 -6.55 -42.00
N VAL C 69 9.07 -6.42 -42.21
CA VAL C 69 8.15 -7.47 -41.88
C VAL C 69 8.54 -8.74 -42.64
N ASP C 70 8.88 -8.57 -43.94
CA ASP C 70 9.24 -9.72 -44.78
C ASP C 70 10.48 -10.42 -44.23
N ALA C 71 11.49 -9.65 -43.79
CA ALA C 71 12.73 -10.23 -43.29
C ALA C 71 12.46 -11.02 -42.02
N ALA C 72 11.54 -10.50 -41.19
CA ALA C 72 11.13 -11.13 -39.95
C ALA C 72 10.43 -12.46 -40.26
N VAL C 73 9.48 -12.40 -41.19
CA VAL C 73 8.70 -13.56 -41.58
C VAL C 73 9.63 -14.64 -42.12
N GLU C 74 10.52 -14.26 -43.03
CA GLU C 74 11.46 -15.17 -43.65
C GLU C 74 12.27 -15.89 -42.57
N GLN C 75 12.71 -15.16 -41.53
CA GLN C 75 13.58 -15.75 -40.51
C GLN C 75 12.76 -16.62 -39.56
N PHE C 76 11.53 -16.20 -39.26
CA PHE C 76 10.62 -16.93 -38.40
C PHE C 76 10.42 -18.35 -38.94
N LYS C 77 10.34 -18.48 -40.26
CA LYS C 77 10.02 -19.75 -40.88
C LYS C 77 11.24 -20.65 -40.91
N GLN C 78 12.43 -20.07 -40.92
CA GLN C 78 13.68 -20.84 -40.81
C GLN C 78 13.89 -21.27 -39.35
N LEU C 79 14.06 -20.30 -38.45
CA LEU C 79 14.46 -20.52 -37.08
C LEU C 79 13.97 -19.35 -36.24
N PRO C 80 12.81 -19.47 -35.55
CA PRO C 80 12.23 -18.37 -34.82
C PRO C 80 13.05 -17.91 -33.61
N TYR C 81 13.81 -18.84 -33.01
CA TYR C 81 14.65 -18.50 -31.86
C TYR C 81 15.79 -19.51 -31.70
N TYR C 82 16.99 -19.02 -31.42
CA TYR C 82 18.02 -19.81 -30.78
C TYR C 82 19.02 -18.88 -30.10
N HIS C 83 19.76 -19.44 -29.15
CA HIS C 83 20.68 -18.66 -28.33
C HIS C 83 22.08 -18.72 -28.92
N SER C 84 23.00 -17.93 -28.32
CA SER C 84 24.36 -17.86 -28.80
C SER C 84 25.34 -18.25 -27.69
N PHE C 85 24.86 -19.00 -26.68
CA PHE C 85 25.71 -19.45 -25.59
C PHE C 85 26.44 -20.72 -26.01
N SER C 86 27.57 -21.00 -25.35
CA SER C 86 28.30 -22.24 -25.52
C SER C 86 28.60 -22.52 -26.99
N HIS C 87 28.99 -21.46 -27.72
CA HIS C 87 29.53 -21.56 -29.07
C HIS C 87 28.42 -21.65 -30.12
N LYS C 88 27.15 -21.73 -29.70
CA LYS C 88 26.04 -21.80 -30.64
C LYS C 88 25.96 -20.46 -31.37
N THR C 89 25.59 -20.48 -32.66
CA THR C 89 25.37 -19.25 -33.39
C THR C 89 24.23 -19.43 -34.40
N ASN C 90 23.92 -18.35 -35.11
CA ASN C 90 22.93 -18.36 -36.18
C ASN C 90 23.40 -17.40 -37.27
N ALA C 91 22.82 -17.54 -38.47
CA ALA C 91 23.36 -16.89 -39.66
C ALA C 91 23.19 -15.37 -39.58
N PRO C 92 21.99 -14.85 -39.24
CA PRO C 92 21.77 -13.41 -39.21
C PRO C 92 22.64 -12.68 -38.19
N ALA C 93 22.75 -13.24 -36.98
CA ALA C 93 23.60 -12.65 -35.97
C ALA C 93 25.03 -12.50 -36.50
N ALA C 94 25.55 -13.59 -37.08
CA ALA C 94 26.93 -13.62 -37.53
C ALA C 94 27.12 -12.64 -38.68
N ALA C 95 26.12 -12.56 -39.57
CA ALA C 95 26.19 -11.66 -40.72
C ALA C 95 26.12 -10.22 -40.23
N LEU C 96 25.24 -9.97 -39.24
CA LEU C 96 25.05 -8.62 -38.75
C LEU C 96 26.31 -8.16 -38.03
N ALA C 97 26.94 -9.08 -37.28
CA ALA C 97 28.18 -8.73 -36.61
C ALA C 97 29.20 -8.24 -37.63
N ALA C 98 29.34 -8.97 -38.74
CA ALA C 98 30.36 -8.68 -39.73
C ALA C 98 30.01 -7.38 -40.44
N LYS C 99 28.71 -7.17 -40.70
CA LYS C 99 28.24 -5.96 -41.33
C LYS C 99 28.60 -4.74 -40.46
N LEU C 100 28.29 -4.83 -39.16
CA LEU C 100 28.54 -3.72 -38.26
C LEU C 100 30.04 -3.49 -38.11
N ALA C 101 30.82 -4.58 -38.08
CA ALA C 101 32.27 -4.47 -37.99
C ALA C 101 32.84 -3.69 -39.17
N ALA C 102 32.24 -3.91 -40.35
CA ALA C 102 32.67 -3.28 -41.58
C ALA C 102 32.24 -1.82 -41.61
N LEU C 103 31.03 -1.52 -41.13
CA LEU C 103 30.51 -0.16 -41.19
C LEU C 103 31.21 0.74 -40.18
N ALA C 104 31.61 0.16 -39.04
CA ALA C 104 32.10 0.96 -37.94
C ALA C 104 33.49 1.46 -38.27
N PRO C 105 33.84 2.70 -37.90
CA PRO C 105 35.16 3.25 -38.18
C PRO C 105 36.28 2.56 -37.41
N GLY C 106 37.51 2.71 -37.91
CA GLY C 106 38.71 2.33 -37.18
C GLY C 106 38.80 0.82 -37.04
N ASP C 107 39.32 0.34 -35.92
CA ASP C 107 39.43 -1.09 -35.70
C ASP C 107 38.30 -1.58 -34.76
N LEU C 108 37.12 -0.95 -34.88
CA LEU C 108 35.90 -1.45 -34.26
C LEU C 108 35.38 -2.65 -35.04
N ASN C 109 35.77 -3.85 -34.60
CA ASN C 109 35.60 -5.04 -35.42
C ASN C 109 34.96 -6.21 -34.68
N HIS C 110 34.55 -6.02 -33.42
CA HIS C 110 33.99 -7.11 -32.63
C HIS C 110 32.69 -6.67 -32.01
N VAL C 111 31.66 -7.50 -32.13
CA VAL C 111 30.31 -7.09 -31.77
C VAL C 111 29.72 -8.03 -30.70
N PHE C 112 29.14 -7.42 -29.66
CA PHE C 112 28.33 -8.15 -28.69
C PHE C 112 26.91 -7.59 -28.69
N PHE C 113 25.93 -8.50 -28.79
CA PHE C 113 24.54 -8.10 -28.99
C PHE C 113 23.77 -8.12 -27.67
N THR C 114 22.87 -7.16 -27.52
CA THR C 114 21.90 -7.15 -26.42
C THR C 114 20.54 -6.82 -27.01
N ASN C 115 19.53 -6.67 -26.13
CA ASN C 115 18.20 -6.26 -26.55
C ASN C 115 18.07 -4.72 -26.59
N SER C 116 18.65 -4.03 -25.61
CA SER C 116 18.43 -2.60 -25.42
C SER C 116 19.75 -1.84 -25.35
N GLY C 117 19.66 -0.53 -25.55
CA GLY C 117 20.79 0.37 -25.32
C GLY C 117 21.25 0.35 -23.87
N SER C 118 20.28 0.28 -22.96
CA SER C 118 20.58 0.20 -21.54
C SER C 118 21.46 -1.02 -21.26
N GLU C 119 21.02 -2.20 -21.73
CA GLU C 119 21.81 -3.41 -21.50
C GLU C 119 23.19 -3.24 -22.11
N ALA C 120 23.24 -2.58 -23.29
CA ALA C 120 24.47 -2.42 -24.04
C ALA C 120 25.47 -1.60 -23.22
N ASN C 121 25.02 -0.45 -22.70
CA ASN C 121 25.89 0.42 -21.92
C ASN C 121 26.29 -0.28 -20.62
N ASP C 122 25.36 -1.04 -20.04
CA ASP C 122 25.65 -1.83 -18.84
C ASP C 122 26.75 -2.83 -19.18
N SER C 123 26.67 -3.45 -20.36
CA SER C 123 27.67 -4.41 -20.79
C SER C 123 29.02 -3.71 -20.93
N VAL C 124 29.00 -2.44 -21.37
CA VAL C 124 30.22 -1.69 -21.57
C VAL C 124 30.90 -1.52 -20.23
N VAL C 125 30.16 -1.09 -19.22
CA VAL C 125 30.73 -0.86 -17.90
C VAL C 125 31.39 -2.18 -17.44
N LYS C 126 30.69 -3.30 -17.58
CA LYS C 126 31.23 -4.57 -17.15
C LYS C 126 32.49 -4.92 -17.95
N MET C 127 32.45 -4.72 -19.27
CA MET C 127 33.58 -5.11 -20.10
C MET C 127 34.83 -4.30 -19.71
N VAL C 128 34.65 -3.01 -19.45
CA VAL C 128 35.76 -2.13 -19.14
C VAL C 128 36.37 -2.52 -17.79
N TRP C 129 35.52 -2.81 -16.81
CA TRP C 129 36.01 -3.25 -15.52
C TRP C 129 36.77 -4.56 -15.67
N TYR C 130 36.22 -5.49 -16.47
CA TYR C 130 36.79 -6.80 -16.67
C TYR C 130 38.16 -6.66 -17.31
N VAL C 131 38.22 -5.83 -18.35
CA VAL C 131 39.45 -5.62 -19.08
C VAL C 131 40.52 -5.04 -18.14
N ASN C 132 40.18 -4.01 -17.38
CA ASN C 132 41.14 -3.36 -16.52
C ASN C 132 41.60 -4.31 -15.40
N ASN C 133 40.73 -5.19 -14.91
CA ASN C 133 41.17 -6.18 -13.93
C ASN C 133 42.14 -7.15 -14.60
N ALA C 134 41.85 -7.53 -15.85
CA ALA C 134 42.72 -8.44 -16.60
C ALA C 134 44.10 -7.83 -16.81
N LEU C 135 44.16 -6.51 -17.02
CA LEU C 135 45.42 -5.83 -17.28
C LEU C 135 46.13 -5.47 -15.98
N GLY C 136 45.61 -5.92 -14.83
CA GLY C 136 46.24 -5.62 -13.55
C GLY C 136 46.16 -4.14 -13.20
N ARG C 137 45.04 -3.50 -13.58
CA ARG C 137 44.77 -2.11 -13.24
C ARG C 137 43.46 -2.04 -12.46
N PRO C 138 43.42 -2.57 -11.21
CA PRO C 138 42.17 -2.68 -10.48
C PRO C 138 41.53 -1.34 -10.17
N ALA C 139 42.32 -0.27 -10.11
CA ALA C 139 41.82 1.02 -9.68
C ALA C 139 41.17 1.76 -10.84
N LYS C 140 41.42 1.31 -12.08
CA LYS C 140 41.02 2.04 -13.26
C LYS C 140 39.60 1.64 -13.66
N LYS C 141 38.60 2.27 -13.02
CA LYS C 141 37.23 1.80 -13.13
C LYS C 141 36.20 2.93 -13.28
N LYS C 142 36.59 4.17 -13.00
CA LYS C 142 35.62 5.27 -12.96
C LYS C 142 35.23 5.64 -14.38
N PHE C 143 33.95 5.96 -14.55
CA PHE C 143 33.45 6.47 -15.82
C PHE C 143 33.22 7.96 -15.67
N ILE C 144 33.50 8.69 -16.77
CA ILE C 144 33.18 10.11 -16.86
C ILE C 144 32.06 10.27 -17.87
N SER C 145 31.01 10.95 -17.43
CA SER C 145 29.88 11.25 -18.28
C SER C 145 29.64 12.75 -18.19
N ARG C 146 28.45 13.20 -18.55
CA ARG C 146 28.17 14.61 -18.59
C ARG C 146 26.75 14.84 -18.13
N GLN C 147 26.52 15.98 -17.49
CA GLN C 147 25.17 16.40 -17.18
C GLN C 147 24.34 16.46 -18.44
N GLN C 148 23.11 15.95 -18.31
CA GLN C 148 22.10 15.95 -19.36
C GLN C 148 22.33 14.79 -20.34
N ALA C 149 23.39 14.00 -20.11
CA ALA C 149 23.56 12.80 -20.91
C ALA C 149 22.42 11.82 -20.63
N TYR C 150 22.05 11.03 -21.64
CA TYR C 150 21.18 9.90 -21.41
C TYR C 150 21.84 8.64 -22.00
N HIS C 151 21.97 7.60 -21.18
CA HIS C 151 22.66 6.37 -21.60
C HIS C 151 21.89 5.11 -21.21
N GLY C 152 20.67 5.27 -20.66
CA GLY C 152 19.82 4.14 -20.35
C GLY C 152 19.23 4.19 -18.95
N ALA C 153 18.60 3.07 -18.55
CA ALA C 153 17.69 3.03 -17.42
C ALA C 153 18.01 1.90 -16.43
N THR C 154 18.93 0.99 -16.77
CA THR C 154 19.41 0.06 -15.77
C THR C 154 20.21 0.84 -14.72
N VAL C 155 20.51 0.20 -13.61
CA VAL C 155 21.15 0.86 -12.50
C VAL C 155 22.47 1.46 -12.95
N ALA C 156 23.29 0.65 -13.63
CA ALA C 156 24.57 1.12 -14.14
C ALA C 156 24.39 2.20 -15.22
N ALA C 157 23.56 1.91 -16.22
CA ALA C 157 23.43 2.83 -17.35
C ALA C 157 22.83 4.15 -16.89
N ALA C 158 21.86 4.08 -15.97
CA ALA C 158 21.20 5.28 -15.48
C ALA C 158 22.15 6.08 -14.60
N SER C 159 23.15 5.41 -14.06
CA SER C 159 24.21 6.08 -13.31
C SER C 159 25.05 6.94 -14.27
N LEU C 160 25.29 6.41 -15.48
CA LEU C 160 26.00 7.15 -16.51
C LEU C 160 25.12 8.30 -17.01
N THR C 161 23.82 8.03 -17.15
CA THR C 161 22.86 9.07 -17.43
C THR C 161 23.10 10.23 -16.46
N GLY C 162 22.88 11.46 -16.94
CA GLY C 162 23.21 12.66 -16.17
C GLY C 162 22.04 13.65 -16.10
N ILE C 163 20.83 13.18 -16.40
CA ILE C 163 19.63 13.99 -16.25
C ILE C 163 19.11 13.83 -14.83
N PRO C 164 19.12 14.90 -13.99
CA PRO C 164 18.86 14.77 -12.56
C PRO C 164 17.58 14.01 -12.22
N SER C 165 16.52 14.18 -13.01
CA SER C 165 15.25 13.57 -12.71
C SER C 165 15.29 12.05 -12.85
N MET C 166 16.26 11.52 -13.60
CA MET C 166 16.41 10.08 -13.78
C MET C 166 17.11 9.44 -12.58
N HIS C 167 17.66 10.27 -11.69
CA HIS C 167 18.39 9.82 -10.50
C HIS C 167 17.52 9.94 -9.25
N ARG C 168 16.54 10.85 -9.26
CA ARG C 168 15.82 11.23 -8.07
C ARG C 168 15.13 10.00 -7.46
N ASP C 169 15.57 9.66 -6.24
CA ASP C 169 14.98 8.63 -5.40
C ASP C 169 15.29 7.24 -5.93
N PHE C 170 16.26 7.13 -6.85
CA PHE C 170 16.74 5.84 -7.30
C PHE C 170 18.15 5.55 -6.78
N ASP C 171 18.66 6.38 -5.87
CA ASP C 171 19.97 6.16 -5.28
C ASP C 171 21.05 6.10 -6.37
N LEU C 172 20.97 6.98 -7.34
CA LEU C 172 21.92 6.98 -8.45
C LEU C 172 22.73 8.25 -8.42
N PRO C 173 23.99 8.26 -8.88
CA PRO C 173 24.66 7.07 -9.38
C PRO C 173 24.93 6.03 -8.31
N ALA C 174 25.03 4.76 -8.72
CA ALA C 174 25.30 3.65 -7.81
C ALA C 174 26.61 2.95 -8.19
N ILE C 175 27.36 3.55 -9.12
CA ILE C 175 28.66 3.09 -9.53
C ILE C 175 29.54 4.32 -9.66
N PRO C 176 30.88 4.19 -9.67
CA PRO C 176 31.76 5.34 -9.82
C PRO C 176 31.57 6.07 -11.15
N VAL C 177 31.07 7.29 -11.08
CA VAL C 177 30.79 8.11 -12.25
C VAL C 177 30.96 9.56 -11.87
N HIS C 178 31.55 10.36 -12.78
CA HIS C 178 31.58 11.80 -12.59
C HIS C 178 30.93 12.47 -13.79
N HIS C 179 30.10 13.48 -13.54
CA HIS C 179 29.38 14.16 -14.62
C HIS C 179 29.99 15.55 -14.86
N LEU C 180 30.58 15.74 -16.05
CA LEU C 180 31.10 17.05 -16.44
C LEU C 180 29.92 17.98 -16.70
N THR C 181 30.17 19.28 -16.84
CA THR C 181 29.09 20.20 -17.15
C THR C 181 28.64 19.92 -18.57
N CYS C 182 27.36 20.22 -18.80
CA CYS C 182 26.71 19.95 -20.06
C CYS C 182 27.34 20.84 -21.13
N PRO C 183 27.85 20.27 -22.25
CA PRO C 183 28.39 21.08 -23.34
C PRO C 183 27.30 21.79 -24.13
N ASN C 184 26.75 22.83 -23.51
CA ASN C 184 25.62 23.59 -24.04
C ASN C 184 25.99 25.07 -24.07
N PHE C 185 26.50 25.53 -25.21
CA PHE C 185 27.00 26.90 -25.36
C PHE C 185 25.90 27.91 -25.06
N TYR C 186 24.68 27.70 -25.58
CA TYR C 186 23.58 28.61 -25.35
C TYR C 186 23.36 28.80 -23.84
N ARG C 187 23.46 27.73 -23.06
CA ARG C 187 23.09 27.79 -21.64
C ARG C 187 24.27 28.24 -20.78
N PHE C 188 25.51 27.80 -21.05
CA PHE C 188 26.58 27.95 -20.08
C PHE C 188 27.72 28.86 -20.55
N ALA C 189 27.62 29.44 -21.75
CA ALA C 189 28.69 30.31 -22.24
C ALA C 189 28.72 31.60 -21.44
N ARG C 190 29.93 32.13 -21.21
CA ARG C 190 30.05 33.42 -20.55
C ARG C 190 29.81 34.55 -21.56
N PRO C 191 29.42 35.75 -21.10
CA PRO C 191 29.24 36.88 -22.00
C PRO C 191 30.42 37.09 -22.94
N GLY C 192 30.13 37.10 -24.24
CA GLY C 192 31.11 37.40 -25.28
C GLY C 192 32.08 36.24 -25.52
N GLU C 193 31.85 35.09 -24.87
CA GLU C 193 32.75 33.95 -25.00
C GLU C 193 32.46 33.23 -26.32
N SER C 194 33.53 32.87 -27.04
CA SER C 194 33.38 32.11 -28.27
C SER C 194 33.15 30.64 -27.93
N GLN C 195 32.62 29.89 -28.90
CA GLN C 195 32.49 28.45 -28.76
C GLN C 195 33.84 27.78 -28.60
N GLU C 196 34.87 28.30 -29.28
CA GLU C 196 36.18 27.67 -29.23
C GLU C 196 36.75 27.78 -27.81
N ALA C 197 36.48 28.92 -27.16
CA ALA C 197 36.91 29.17 -25.78
C ALA C 197 36.11 28.32 -24.78
N PHE C 198 34.79 28.20 -24.99
CA PHE C 198 33.95 27.32 -24.19
C PHE C 198 34.48 25.89 -24.23
N THR C 199 34.77 25.40 -25.43
CA THR C 199 35.34 24.07 -25.59
C THR C 199 36.60 23.97 -24.74
N VAL C 200 37.43 25.02 -24.78
CA VAL C 200 38.70 24.97 -24.07
C VAL C 200 38.46 24.84 -22.57
N ARG C 201 37.44 25.52 -22.03
CA ARG C 201 37.13 25.41 -20.61
C ARG C 201 36.61 24.01 -20.29
N LEU C 202 35.76 23.48 -21.18
CA LEU C 202 35.22 22.14 -20.99
C LEU C 202 36.34 21.11 -20.96
N ALA C 203 37.35 21.27 -21.83
CA ALA C 203 38.45 20.33 -21.88
C ALA C 203 39.32 20.47 -20.64
N ASN C 204 39.46 21.70 -20.17
CA ASN C 204 40.25 21.95 -18.97
C ASN C 204 39.52 21.36 -17.77
N GLU C 205 38.19 21.48 -17.74
CA GLU C 205 37.39 20.90 -16.66
C GLU C 205 37.67 19.41 -16.55
N LEU C 206 37.68 18.73 -17.70
CA LEU C 206 37.87 17.29 -17.74
C LEU C 206 39.27 16.96 -17.24
N GLU C 207 40.26 17.70 -17.71
CA GLU C 207 41.65 17.36 -17.42
C GLU C 207 41.91 17.58 -15.93
N ARG C 208 41.36 18.66 -15.36
CA ARG C 208 41.61 18.99 -13.97
C ARG C 208 40.98 17.93 -13.07
N TYR C 209 39.81 17.42 -13.49
CA TYR C 209 39.17 16.34 -12.77
C TYR C 209 40.04 15.07 -12.81
N ILE C 210 40.56 14.74 -13.98
CA ILE C 210 41.39 13.55 -14.15
C ILE C 210 42.58 13.62 -13.21
N LEU C 211 43.23 14.79 -13.16
CA LEU C 211 44.46 14.97 -12.41
C LEU C 211 44.16 14.95 -10.92
N ALA C 212 43.02 15.51 -10.53
CA ALA C 212 42.61 15.54 -9.14
C ALA C 212 42.31 14.13 -8.63
N GLU C 213 41.60 13.33 -9.43
CA GLU C 213 41.21 12.00 -9.03
C GLU C 213 42.39 11.05 -9.15
N GLY C 214 43.27 11.32 -10.10
CA GLY C 214 44.27 10.35 -10.51
C GLY C 214 43.85 9.66 -11.81
N PRO C 215 44.66 9.82 -12.88
CA PRO C 215 44.33 9.20 -14.16
C PRO C 215 44.21 7.68 -14.08
N GLU C 216 44.96 7.08 -13.15
CA GLU C 216 45.02 5.64 -13.03
C GLU C 216 43.71 5.09 -12.46
N THR C 217 42.80 5.98 -12.04
CA THR C 217 41.51 5.60 -11.50
C THR C 217 40.39 5.78 -12.52
N ILE C 218 40.69 6.37 -13.67
CA ILE C 218 39.66 6.72 -14.63
C ILE C 218 39.74 5.79 -15.84
N ALA C 219 38.65 5.06 -16.09
CA ALA C 219 38.69 4.00 -17.09
C ALA C 219 38.22 4.53 -18.44
N ALA C 220 37.22 5.41 -18.44
CA ALA C 220 36.47 5.68 -19.66
C ALA C 220 35.72 6.99 -19.58
N PHE C 221 35.58 7.60 -20.77
CA PHE C 221 34.61 8.64 -21.02
C PHE C 221 33.52 8.08 -21.92
N ILE C 222 32.27 8.42 -21.61
CA ILE C 222 31.15 8.03 -22.45
C ILE C 222 30.36 9.29 -22.80
N GLY C 223 29.93 9.37 -24.07
CA GLY C 223 29.08 10.48 -24.48
C GLY C 223 28.38 10.19 -25.81
N GLU C 224 27.17 10.73 -25.95
CA GLU C 224 26.49 10.88 -27.22
C GLU C 224 27.18 11.97 -28.05
N PRO C 225 27.36 11.79 -29.37
CA PRO C 225 27.90 12.88 -30.20
C PRO C 225 27.11 14.16 -30.03
N VAL C 226 25.78 14.02 -30.11
CA VAL C 226 24.83 15.06 -29.80
C VAL C 226 23.97 14.58 -28.64
N ILE C 227 23.81 15.42 -27.61
CA ILE C 227 22.96 15.10 -26.48
C ILE C 227 21.50 15.24 -26.91
N ALA C 228 20.78 14.11 -26.92
CA ALA C 228 19.44 14.07 -27.49
C ALA C 228 18.40 14.29 -26.40
N ALA C 229 18.21 13.29 -25.53
CA ALA C 229 17.11 13.29 -24.58
C ALA C 229 17.29 14.41 -23.56
N GLY C 230 18.52 14.88 -23.40
CA GLY C 230 18.83 15.96 -22.48
C GLY C 230 18.57 17.35 -23.07
N GLY C 231 18.16 17.46 -24.33
CA GLY C 231 17.63 18.71 -24.88
C GLY C 231 18.19 19.08 -26.25
N VAL C 232 18.52 18.06 -27.08
CA VAL C 232 19.02 18.27 -28.43
C VAL C 232 20.10 19.33 -28.41
N ILE C 233 21.26 18.97 -27.89
CA ILE C 233 22.34 19.90 -27.67
C ILE C 233 23.56 19.41 -28.46
N PRO C 234 23.78 19.99 -29.66
CA PRO C 234 24.99 19.68 -30.42
C PRO C 234 26.22 20.19 -29.68
N PRO C 235 27.39 19.59 -29.92
CA PRO C 235 28.59 19.99 -29.22
C PRO C 235 29.06 21.35 -29.69
N PRO C 236 29.72 22.14 -28.83
CA PRO C 236 30.37 23.35 -29.29
C PRO C 236 31.55 23.07 -30.20
N THR C 237 31.90 24.08 -31.02
CA THR C 237 33.01 24.01 -31.95
C THR C 237 34.25 23.46 -31.24
N GLY C 238 34.88 22.45 -31.83
CA GLY C 238 36.18 21.99 -31.37
C GLY C 238 36.06 20.88 -30.34
N TYR C 239 34.83 20.68 -29.82
CA TYR C 239 34.62 19.93 -28.58
C TYR C 239 35.27 18.55 -28.68
N TRP C 240 34.88 17.79 -29.72
CA TRP C 240 35.26 16.39 -29.78
C TRP C 240 36.76 16.19 -29.98
N ALA C 241 37.43 17.11 -30.69
CA ALA C 241 38.87 17.02 -30.85
C ALA C 241 39.58 17.25 -29.51
N ALA C 242 39.08 18.20 -28.74
CA ALA C 242 39.67 18.53 -27.44
C ALA C 242 39.47 17.37 -26.48
N ILE C 243 38.27 16.78 -26.44
CA ILE C 243 37.95 15.76 -25.47
C ILE C 243 38.80 14.53 -25.76
N GLN C 244 38.88 14.16 -27.04
CA GLN C 244 39.70 13.01 -27.43
C GLN C 244 41.16 13.21 -27.05
N ALA C 245 41.68 14.42 -27.24
CA ALA C 245 43.09 14.70 -26.97
C ALA C 245 43.38 14.46 -25.49
N VAL C 246 42.49 14.93 -24.62
CA VAL C 246 42.62 14.74 -23.20
C VAL C 246 42.54 13.25 -22.84
N CYS C 247 41.53 12.57 -23.37
CA CYS C 247 41.37 11.15 -23.10
C CYS C 247 42.61 10.37 -23.52
N LYS C 248 43.13 10.68 -24.71
CA LYS C 248 44.29 9.97 -25.25
C LYS C 248 45.49 10.17 -24.33
N ARG C 249 45.62 11.39 -23.78
CA ARG C 249 46.77 11.74 -22.98
C ARG C 249 46.81 10.86 -21.73
N TYR C 250 45.65 10.47 -21.18
CA TYR C 250 45.60 9.77 -19.92
C TYR C 250 45.10 8.33 -20.08
N ASP C 251 45.15 7.81 -21.31
CA ASP C 251 44.81 6.42 -21.59
C ASP C 251 43.40 6.11 -21.06
N ILE C 252 42.47 7.00 -21.40
CA ILE C 252 41.08 6.85 -21.05
C ILE C 252 40.31 6.44 -22.30
N LEU C 253 39.59 5.30 -22.20
CA LEU C 253 38.80 4.79 -23.31
C LEU C 253 37.75 5.83 -23.69
N VAL C 254 37.49 5.94 -25.00
CA VAL C 254 36.42 6.78 -25.48
C VAL C 254 35.25 5.90 -25.91
N VAL C 255 34.14 6.01 -25.18
CA VAL C 255 32.95 5.26 -25.51
C VAL C 255 31.91 6.22 -26.11
N ILE C 256 31.50 5.95 -27.35
CA ILE C 256 30.57 6.83 -28.01
C ILE C 256 29.22 6.11 -28.12
N ASP C 257 28.20 6.78 -27.58
CA ASP C 257 26.85 6.26 -27.55
C ASP C 257 26.12 6.80 -28.77
N GLU C 258 25.96 5.93 -29.78
CA GLU C 258 25.26 6.30 -31.01
C GLU C 258 23.89 5.63 -31.06
N ILE C 259 23.29 5.40 -29.89
CA ILE C 259 21.99 4.77 -29.80
C ILE C 259 20.99 5.59 -30.61
N ILE C 260 21.16 6.93 -30.63
CA ILE C 260 20.26 7.81 -31.35
C ILE C 260 20.87 8.31 -32.66
N THR C 261 22.15 8.72 -32.63
CA THR C 261 22.80 9.35 -33.77
C THR C 261 23.13 8.31 -34.84
N GLY C 262 23.14 7.03 -34.49
CA GLY C 262 23.57 6.00 -35.42
C GLY C 262 22.60 5.82 -36.59
N PHE C 263 23.16 5.49 -37.76
CA PHE C 263 22.43 5.11 -38.96
C PHE C 263 21.75 6.32 -39.59
N GLY C 264 22.49 7.42 -39.74
CA GLY C 264 22.14 8.43 -40.73
C GLY C 264 21.49 9.67 -40.11
N ARG C 265 21.25 9.64 -38.79
CA ARG C 265 20.46 10.68 -38.15
C ARG C 265 21.09 12.05 -38.39
N LEU C 266 22.43 12.13 -38.39
CA LEU C 266 23.12 13.42 -38.47
C LEU C 266 23.64 13.71 -39.89
N GLY C 267 23.34 12.82 -40.84
CA GLY C 267 23.75 13.06 -42.21
C GLY C 267 25.00 12.29 -42.56
N THR C 268 25.49 11.50 -41.60
CA THR C 268 26.49 10.48 -41.87
C THR C 268 26.02 9.19 -41.22
N MET C 269 26.58 8.07 -41.68
CA MET C 269 26.14 6.77 -41.19
C MET C 269 26.23 6.76 -39.67
N PHE C 270 27.37 7.18 -39.12
CA PHE C 270 27.54 7.37 -37.69
C PHE C 270 27.96 8.80 -37.42
N GLY C 271 27.41 9.37 -36.33
CA GLY C 271 27.74 10.73 -35.94
C GLY C 271 29.23 10.90 -35.69
N SER C 272 29.91 9.80 -35.31
CA SER C 272 31.33 9.82 -35.05
C SER C 272 32.07 10.35 -36.27
N GLN C 273 31.56 10.07 -37.46
CA GLN C 273 32.20 10.51 -38.71
C GLN C 273 32.04 12.03 -38.85
N LEU C 274 30.84 12.53 -38.55
CA LEU C 274 30.61 13.95 -38.67
C LEU C 274 31.55 14.75 -37.79
N TYR C 275 31.83 14.27 -36.56
CA TYR C 275 32.57 15.05 -35.58
C TYR C 275 34.02 14.59 -35.47
N GLY C 276 34.42 13.66 -36.33
CA GLY C 276 35.80 13.19 -36.33
C GLY C 276 36.16 12.45 -35.04
N ILE C 277 35.23 11.66 -34.51
CA ILE C 277 35.46 10.88 -33.31
C ILE C 277 35.96 9.50 -33.70
N GLN C 278 37.04 9.04 -33.09
CA GLN C 278 37.44 7.65 -33.23
C GLN C 278 37.19 6.91 -31.92
N PRO C 279 36.04 6.25 -31.72
CA PRO C 279 35.76 5.57 -30.47
C PRO C 279 36.62 4.31 -30.29
N ASP C 280 36.91 3.98 -29.03
CA ASP C 280 37.38 2.65 -28.67
C ASP C 280 36.21 1.66 -28.63
N ILE C 281 35.03 2.20 -28.27
CA ILE C 281 33.81 1.41 -28.15
C ILE C 281 32.67 2.25 -28.71
N MET C 282 31.81 1.62 -29.52
CA MET C 282 30.63 2.28 -30.06
C MET C 282 29.41 1.44 -29.72
N VAL C 283 28.32 2.12 -29.32
CA VAL C 283 27.09 1.48 -28.92
C VAL C 283 25.96 1.92 -29.87
N LEU C 284 25.20 0.92 -30.35
CA LEU C 284 24.18 1.11 -31.38
C LEU C 284 22.86 0.48 -30.93
N SER C 285 21.76 1.08 -31.39
CA SER C 285 20.43 0.54 -31.19
C SER C 285 19.43 1.36 -32.01
N LYS C 286 18.15 1.25 -31.67
CA LYS C 286 17.08 2.10 -32.20
C LYS C 286 17.03 1.97 -33.73
N GLN C 287 17.64 2.95 -34.43
CA GLN C 287 17.53 3.00 -35.88
C GLN C 287 18.21 1.78 -36.49
N LEU C 288 18.93 1.00 -35.67
CA LEU C 288 19.49 -0.26 -36.10
C LEU C 288 18.41 -1.20 -36.64
N THR C 289 17.18 -1.15 -36.06
CA THR C 289 16.08 -2.01 -36.50
C THR C 289 14.83 -1.18 -36.72
N SER C 290 14.95 0.15 -36.70
CA SER C 290 13.79 1.02 -36.67
C SER C 290 12.88 0.65 -35.51
N SER C 291 13.44 -0.04 -34.49
CA SER C 291 12.70 -0.50 -33.33
C SER C 291 11.62 -1.52 -33.69
N TYR C 292 11.71 -2.16 -34.86
CA TYR C 292 10.74 -3.17 -35.24
C TYR C 292 11.00 -4.44 -34.44
N GLN C 293 12.23 -4.57 -33.98
CA GLN C 293 12.63 -5.62 -33.06
C GLN C 293 13.59 -5.04 -32.04
N PRO C 294 13.55 -5.48 -30.76
CA PRO C 294 14.52 -5.06 -29.77
C PRO C 294 15.92 -5.57 -30.07
N LEU C 295 16.83 -4.63 -30.35
CA LEU C 295 18.22 -4.98 -30.57
C LEU C 295 19.14 -3.81 -30.25
N ALA C 296 20.33 -4.16 -29.75
CA ALA C 296 21.43 -3.21 -29.63
C ALA C 296 22.74 -3.96 -29.80
N ALA C 297 23.80 -3.20 -30.04
CA ALA C 297 25.10 -3.78 -30.29
C ALA C 297 26.18 -2.96 -29.61
N VAL C 298 27.14 -3.65 -28.99
CA VAL C 298 28.36 -3.03 -28.53
C VAL C 298 29.46 -3.43 -29.50
N VAL C 299 30.10 -2.44 -30.12
CA VAL C 299 31.21 -2.71 -31.03
C VAL C 299 32.52 -2.23 -30.40
N VAL C 300 33.52 -3.10 -30.35
CA VAL C 300 34.72 -2.81 -29.58
C VAL C 300 35.96 -2.99 -30.48
N SER C 301 37.05 -2.33 -30.08
CA SER C 301 38.33 -2.43 -30.78
C SER C 301 38.90 -3.85 -30.73
N ASP C 302 39.90 -4.10 -31.58
CA ASP C 302 40.63 -5.36 -31.54
C ASP C 302 41.38 -5.50 -30.21
N ALA C 303 41.84 -4.38 -29.65
CA ALA C 303 42.59 -4.39 -28.41
C ALA C 303 41.69 -4.88 -27.28
N MET C 304 40.50 -4.29 -27.19
CA MET C 304 39.50 -4.68 -26.20
C MET C 304 39.26 -6.18 -26.32
N ASN C 305 39.01 -6.62 -27.56
CA ASN C 305 38.60 -7.98 -27.80
C ASN C 305 39.70 -8.94 -27.38
N ASP C 306 40.96 -8.55 -27.64
CA ASP C 306 42.10 -9.38 -27.29
C ASP C 306 42.12 -9.66 -25.79
N VAL C 307 41.77 -8.65 -24.99
CA VAL C 307 41.79 -8.79 -23.56
C VAL C 307 40.64 -9.68 -23.13
N LEU C 308 39.47 -9.51 -23.77
CA LEU C 308 38.32 -10.37 -23.46
C LEU C 308 38.71 -11.83 -23.68
N VAL C 309 39.43 -12.08 -24.79
CA VAL C 309 39.82 -13.43 -25.16
C VAL C 309 40.85 -13.98 -24.15
N SER C 310 41.78 -13.12 -23.73
CA SER C 310 42.83 -13.56 -22.82
C SER C 310 42.23 -13.91 -21.47
N GLN C 311 41.12 -13.25 -21.12
CA GLN C 311 40.42 -13.56 -19.89
C GLN C 311 39.79 -14.95 -19.93
N SER C 312 39.25 -15.35 -21.11
CA SER C 312 38.63 -16.67 -21.24
C SER C 312 39.68 -17.76 -21.03
N GLN C 313 40.94 -17.46 -21.39
CA GLN C 313 42.06 -18.38 -21.18
C GLN C 313 42.17 -18.77 -19.70
N ARG C 314 41.96 -17.83 -18.78
CA ARG C 314 42.19 -18.12 -17.37
C ARG C 314 40.88 -18.22 -16.57
N LEU C 315 39.75 -17.71 -17.09
CA LEU C 315 38.51 -17.71 -16.33
C LEU C 315 37.53 -18.75 -16.87
N GLY C 316 37.72 -19.22 -18.10
CA GLY C 316 36.98 -20.38 -18.58
C GLY C 316 35.80 -20.01 -19.47
N ALA C 317 35.35 -18.76 -19.40
CA ALA C 317 34.19 -18.31 -20.16
C ALA C 317 34.02 -16.82 -19.94
N PHE C 318 33.48 -16.13 -20.94
CA PHE C 318 33.04 -14.76 -20.77
C PHE C 318 31.66 -14.81 -20.12
N ALA C 319 31.62 -14.62 -18.79
CA ALA C 319 30.42 -14.91 -18.01
C ALA C 319 29.45 -13.72 -18.03
N HIS C 320 28.90 -13.50 -19.22
CA HIS C 320 28.02 -12.38 -19.49
C HIS C 320 27.18 -12.75 -20.71
N GLY C 321 25.86 -12.55 -20.61
CA GLY C 321 24.97 -12.84 -21.73
C GLY C 321 23.50 -12.59 -21.40
N PHE C 322 22.68 -12.39 -22.44
CA PHE C 322 21.24 -12.34 -22.30
C PHE C 322 20.62 -13.46 -23.14
N THR C 323 19.48 -13.99 -22.67
CA THR C 323 18.78 -15.06 -23.35
C THR C 323 18.67 -14.75 -24.85
N CYS C 324 18.24 -13.51 -25.17
CA CYS C 324 17.95 -13.15 -26.55
C CYS C 324 19.12 -12.42 -27.23
N THR C 325 20.31 -12.49 -26.63
CA THR C 325 21.53 -12.01 -27.29
C THR C 325 21.62 -12.70 -28.66
N GLY C 326 21.67 -11.88 -29.72
CA GLY C 326 21.90 -12.36 -31.06
C GLY C 326 20.65 -12.99 -31.68
N HIS C 327 19.48 -12.58 -31.21
CA HIS C 327 18.24 -13.22 -31.64
C HIS C 327 18.17 -13.22 -33.16
N PRO C 328 17.93 -14.39 -33.77
CA PRO C 328 17.98 -14.51 -35.22
C PRO C 328 16.96 -13.62 -35.92
N VAL C 329 15.79 -13.41 -35.31
CA VAL C 329 14.77 -12.58 -35.94
C VAL C 329 15.14 -11.10 -35.82
N ALA C 330 15.55 -10.69 -34.62
CA ALA C 330 15.91 -9.31 -34.42
C ALA C 330 17.08 -8.92 -35.32
N THR C 331 18.09 -9.80 -35.39
CA THR C 331 19.27 -9.49 -36.19
C THR C 331 18.93 -9.54 -37.68
N ALA C 332 18.08 -10.49 -38.09
CA ALA C 332 17.63 -10.55 -39.48
C ALA C 332 17.01 -9.22 -39.88
N VAL C 333 16.18 -8.66 -38.99
CA VAL C 333 15.49 -7.41 -39.28
C VAL C 333 16.49 -6.27 -39.35
N ALA C 334 17.53 -6.31 -38.51
CA ALA C 334 18.53 -5.25 -38.52
C ALA C 334 19.26 -5.26 -39.85
N LEU C 335 19.57 -6.45 -40.35
CA LEU C 335 20.29 -6.61 -41.60
C LEU C 335 19.48 -5.97 -42.72
N GLU C 336 18.17 -6.30 -42.79
CA GLU C 336 17.32 -5.76 -43.83
C GLU C 336 17.21 -4.24 -43.68
N ASN C 337 17.08 -3.78 -42.44
CA ASN C 337 16.97 -2.36 -42.15
C ASN C 337 18.18 -1.63 -42.72
N ILE C 338 19.38 -2.20 -42.54
CA ILE C 338 20.60 -1.56 -42.98
C ILE C 338 20.71 -1.65 -44.51
N ARG C 339 20.39 -2.82 -45.07
CA ARG C 339 20.32 -2.99 -46.52
C ARG C 339 19.46 -1.88 -47.13
N ILE C 340 18.32 -1.57 -46.50
CA ILE C 340 17.39 -0.60 -47.04
C ILE C 340 18.01 0.79 -47.00
N ILE C 341 18.69 1.11 -45.88
CA ILE C 341 19.26 2.43 -45.72
C ILE C 341 20.33 2.65 -46.79
N GLU C 342 21.13 1.61 -47.05
CA GLU C 342 22.21 1.73 -48.00
C GLU C 342 21.66 1.79 -49.42
N GLU C 343 20.77 0.85 -49.77
CA GLU C 343 20.33 0.66 -51.14
C GLU C 343 19.58 1.90 -51.61
N ARG C 344 18.76 2.50 -50.75
CA ARG C 344 18.02 3.70 -51.12
C ARG C 344 18.81 4.97 -50.82
N ASP C 345 20.07 4.81 -50.40
CA ASP C 345 20.94 5.92 -50.05
C ASP C 345 20.22 6.91 -49.13
N LEU C 346 19.74 6.46 -47.97
CA LEU C 346 18.95 7.31 -47.09
C LEU C 346 19.86 8.27 -46.33
N VAL C 347 21.15 7.93 -46.22
CA VAL C 347 22.12 8.87 -45.70
C VAL C 347 22.23 10.06 -46.66
N GLY C 348 22.35 9.77 -47.96
CA GLY C 348 22.28 10.79 -49.00
C GLY C 348 21.01 11.64 -48.89
N HIS C 349 19.86 10.98 -48.69
CA HIS C 349 18.60 11.67 -48.56
C HIS C 349 18.64 12.66 -47.40
N VAL C 350 19.25 12.26 -46.28
CA VAL C 350 19.32 13.12 -45.11
C VAL C 350 20.17 14.36 -45.43
N GLN C 351 21.29 14.15 -46.16
CA GLN C 351 22.17 15.26 -46.52
C GLN C 351 21.43 16.31 -47.35
N HIS C 352 20.56 15.86 -48.26
CA HIS C 352 19.79 16.76 -49.11
C HIS C 352 18.63 17.39 -48.33
N LEU C 353 18.07 16.67 -47.34
CA LEU C 353 16.89 17.16 -46.64
C LEU C 353 17.27 18.02 -45.43
N ALA C 354 18.48 17.79 -44.89
CA ALA C 354 18.86 18.42 -43.63
C ALA C 354 18.75 19.95 -43.71
N PRO C 355 19.29 20.60 -44.78
CA PRO C 355 19.24 22.06 -44.87
C PRO C 355 17.81 22.61 -44.85
N VAL C 356 16.85 21.88 -45.44
CA VAL C 356 15.48 22.35 -45.51
C VAL C 356 14.83 22.14 -44.15
N PHE C 357 15.11 21.00 -43.52
CA PHE C 357 14.67 20.76 -42.15
C PHE C 357 15.17 21.85 -41.21
N GLN C 358 16.48 22.13 -41.29
CA GLN C 358 17.10 23.11 -40.40
C GLN C 358 16.52 24.51 -40.66
N ARG C 359 16.24 24.83 -41.93
CA ARG C 359 15.74 26.13 -42.31
C ARG C 359 14.36 26.33 -41.69
N HIS C 360 13.52 25.29 -41.72
CA HIS C 360 12.21 25.33 -41.11
C HIS C 360 12.31 25.55 -39.60
N LEU C 361 13.33 24.94 -38.97
CA LEU C 361 13.54 25.11 -37.54
C LEU C 361 13.92 26.54 -37.25
N ARG C 362 14.92 27.04 -38.00
CA ARG C 362 15.52 28.35 -37.78
C ARG C 362 14.47 29.45 -37.94
N ALA C 363 13.45 29.18 -38.78
CA ALA C 363 12.39 30.14 -39.03
C ALA C 363 11.77 30.62 -37.73
N PHE C 364 11.89 29.84 -36.64
CA PHE C 364 11.22 30.18 -35.39
C PHE C 364 12.12 31.01 -34.47
N GLU C 365 13.34 31.36 -34.94
CA GLU C 365 14.30 32.09 -34.12
C GLU C 365 13.71 33.39 -33.58
N ASP C 366 12.93 34.09 -34.42
CA ASP C 366 12.49 35.44 -34.09
C ASP C 366 11.10 35.41 -33.43
N HIS C 367 10.60 34.21 -33.08
CA HIS C 367 9.32 34.08 -32.39
C HIS C 367 9.48 34.57 -30.95
N PRO C 368 8.44 35.20 -30.35
CA PRO C 368 8.57 35.80 -29.01
C PRO C 368 8.93 34.80 -27.91
N LEU C 369 8.49 33.54 -28.07
CA LEU C 369 8.62 32.50 -27.05
C LEU C 369 9.96 31.75 -27.20
N VAL C 370 10.63 31.87 -28.34
CA VAL C 370 11.79 31.06 -28.67
C VAL C 370 13.09 31.77 -28.27
N GLY C 371 13.90 31.09 -27.46
CA GLY C 371 15.18 31.64 -27.00
C GLY C 371 16.35 31.13 -27.82
N ASN C 372 16.23 29.92 -28.36
CA ASN C 372 17.34 29.25 -29.03
C ASN C 372 16.79 28.19 -29.97
N VAL C 373 17.43 28.04 -31.12
CA VAL C 373 17.16 26.94 -32.03
C VAL C 373 18.48 26.25 -32.34
N ARG C 374 18.49 24.92 -32.32
CA ARG C 374 19.70 24.17 -32.54
C ARG C 374 19.36 22.84 -33.18
N GLY C 375 20.30 22.31 -33.96
CA GLY C 375 20.01 21.11 -34.73
C GLY C 375 21.19 20.70 -35.60
N VAL C 376 21.20 19.43 -35.98
CA VAL C 376 22.16 18.89 -36.91
C VAL C 376 21.41 17.84 -37.70
N GLY C 377 21.69 17.76 -39.00
CA GLY C 377 21.12 16.69 -39.81
C GLY C 377 19.60 16.71 -39.65
N LEU C 378 19.03 15.56 -39.27
CA LEU C 378 17.58 15.45 -39.16
C LEU C 378 17.17 15.39 -37.69
N MET C 379 17.87 16.15 -36.85
CA MET C 379 17.53 16.30 -35.45
C MET C 379 17.53 17.79 -35.12
N GLY C 380 16.53 18.25 -34.38
CA GLY C 380 16.49 19.66 -34.02
C GLY C 380 15.73 19.92 -32.74
N GLY C 381 15.96 21.12 -32.18
CA GLY C 381 15.33 21.52 -30.94
C GLY C 381 15.03 23.01 -30.91
N ILE C 382 13.86 23.35 -30.37
CA ILE C 382 13.43 24.74 -30.26
C ILE C 382 13.14 25.02 -28.80
N GLU C 383 14.00 25.82 -28.16
CA GLU C 383 13.87 26.03 -26.73
C GLU C 383 13.03 27.27 -26.48
N LEU C 384 11.93 27.09 -25.74
CA LEU C 384 11.07 28.20 -25.34
C LEU C 384 11.57 28.77 -24.01
N VAL C 385 11.51 30.10 -23.88
CA VAL C 385 11.99 30.81 -22.69
C VAL C 385 10.99 31.91 -22.32
N ALA C 386 11.12 32.42 -21.09
CA ALA C 386 10.23 33.44 -20.54
C ALA C 386 10.68 34.84 -20.97
N ASP C 387 12.01 35.01 -21.07
CA ASP C 387 12.60 36.27 -21.49
C ASP C 387 13.76 35.97 -22.43
N LYS C 388 13.70 36.49 -23.66
CA LYS C 388 14.72 36.25 -24.67
C LYS C 388 16.02 36.98 -24.33
N ALA C 389 15.90 38.15 -23.67
CA ALA C 389 17.06 38.95 -23.29
C ALA C 389 17.97 38.18 -22.32
N THR C 390 17.38 37.66 -21.24
CA THR C 390 18.15 37.06 -20.14
C THR C 390 18.22 35.54 -20.31
N ARG C 391 17.72 35.01 -21.45
CA ARG C 391 17.72 33.59 -21.78
C ARG C 391 17.20 32.75 -20.63
N GLN C 392 16.27 33.30 -19.84
CA GLN C 392 15.91 32.73 -18.55
C GLN C 392 14.67 31.83 -18.71
N PRO C 393 14.66 30.63 -18.08
CA PRO C 393 13.50 29.74 -18.12
C PRO C 393 12.30 30.24 -17.32
N PHE C 394 11.24 29.41 -17.30
CA PHE C 394 9.95 29.76 -16.72
C PHE C 394 9.94 29.42 -15.23
N ALA C 395 8.84 29.80 -14.55
CA ALA C 395 8.68 29.60 -13.13
C ALA C 395 8.87 28.12 -12.78
N GLN C 396 8.01 27.26 -13.34
CA GLN C 396 8.18 25.83 -13.22
C GLN C 396 8.54 25.28 -14.60
N PRO C 397 9.83 25.01 -14.89
CA PRO C 397 10.21 24.53 -16.22
C PRO C 397 9.39 23.31 -16.63
N GLY C 398 8.98 23.26 -17.89
CA GLY C 398 8.25 22.12 -18.43
C GLY C 398 6.75 22.39 -18.54
N THR C 399 6.28 23.49 -17.96
CA THR C 399 4.86 23.82 -17.97
C THR C 399 4.44 24.09 -19.41
N LEU C 400 5.18 24.99 -20.08
CA LEU C 400 4.86 25.38 -21.43
C LEU C 400 5.13 24.22 -22.41
N GLY C 401 6.26 23.56 -22.24
CA GLY C 401 6.59 22.41 -23.06
C GLY C 401 5.55 21.31 -22.95
N GLY C 402 5.08 21.07 -21.72
CA GLY C 402 4.06 20.08 -21.45
C GLY C 402 2.79 20.40 -22.23
N TYR C 403 2.45 21.70 -22.32
CA TYR C 403 1.26 22.16 -23.03
C TYR C 403 1.45 21.96 -24.53
N VAL C 404 2.63 22.33 -25.04
CA VAL C 404 2.92 22.15 -26.46
C VAL C 404 2.79 20.68 -26.84
N PHE C 405 3.24 19.79 -25.97
CA PHE C 405 3.18 18.36 -26.25
C PHE C 405 1.73 17.90 -26.42
N LYS C 406 0.86 18.33 -25.48
CA LYS C 406 -0.55 17.97 -25.51
C LYS C 406 -1.22 18.61 -26.72
N GLN C 407 -0.97 19.92 -26.89
CA GLN C 407 -1.68 20.72 -27.88
C GLN C 407 -1.33 20.31 -29.30
N ALA C 408 -0.07 19.90 -29.51
CA ALA C 408 0.37 19.50 -30.85
C ALA C 408 -0.48 18.34 -31.37
N HIS C 409 -1.01 17.50 -30.45
CA HIS C 409 -1.83 16.36 -30.83
C HIS C 409 -3.11 16.82 -31.53
N LYS C 410 -3.65 17.96 -31.09
CA LYS C 410 -4.89 18.48 -31.64
C LYS C 410 -4.66 18.96 -33.07
N HIS C 411 -3.39 19.16 -33.46
CA HIS C 411 -3.07 19.57 -34.82
C HIS C 411 -2.37 18.44 -35.59
N GLY C 412 -2.56 17.19 -35.13
CA GLY C 412 -2.07 16.03 -35.87
C GLY C 412 -0.54 15.87 -35.82
N LEU C 413 0.09 16.37 -34.75
CA LEU C 413 1.55 16.34 -34.62
C LEU C 413 1.98 15.73 -33.29
N ILE C 414 2.87 14.73 -33.36
CA ILE C 414 3.54 14.20 -32.19
C ILE C 414 4.99 14.68 -32.16
N ILE C 415 5.33 15.46 -31.14
CA ILE C 415 6.71 15.85 -30.86
C ILE C 415 7.06 15.41 -29.43
N ARG C 416 8.22 15.83 -28.94
CA ARG C 416 8.64 15.53 -27.58
C ARG C 416 9.06 16.82 -26.88
N ALA C 417 8.53 17.03 -25.67
CA ALA C 417 8.93 18.16 -24.86
C ALA C 417 9.98 17.69 -23.87
N ILE C 418 11.18 18.30 -23.95
CA ILE C 418 12.22 18.12 -22.97
C ILE C 418 12.26 19.38 -22.11
N TYR C 419 11.54 19.35 -21.00
CA TYR C 419 11.20 20.56 -20.26
C TYR C 419 10.54 21.52 -21.25
N ASP C 420 11.20 22.64 -21.56
CA ASP C 420 10.59 23.65 -22.40
C ASP C 420 11.29 23.71 -23.76
N THR C 421 11.98 22.62 -24.11
CA THR C 421 12.59 22.51 -25.43
C THR C 421 11.76 21.52 -26.25
N ILE C 422 11.38 21.91 -27.47
CA ILE C 422 10.60 21.02 -28.31
C ILE C 422 11.53 20.29 -29.27
N ALA C 423 11.46 18.96 -29.27
CA ALA C 423 12.41 18.16 -30.01
C ALA C 423 11.78 17.63 -31.28
N PHE C 424 12.59 17.54 -32.32
CA PHE C 424 12.18 17.03 -33.62
C PHE C 424 13.22 16.02 -34.11
N CYS C 425 12.76 14.84 -34.50
CA CYS C 425 13.62 13.76 -34.94
C CYS C 425 12.82 12.84 -35.86
N PRO C 426 12.39 13.36 -37.03
CA PRO C 426 11.47 12.63 -37.90
C PRO C 426 12.14 11.48 -38.63
N PRO C 427 11.38 10.52 -39.19
CA PRO C 427 11.97 9.36 -39.85
C PRO C 427 12.91 9.72 -40.98
N LEU C 428 13.78 8.79 -41.36
CA LEU C 428 14.74 9.02 -42.43
C LEU C 428 14.01 9.17 -43.75
N ILE C 429 12.79 8.59 -43.84
CA ILE C 429 12.03 8.57 -45.06
C ILE C 429 11.15 9.82 -45.17
N THR C 430 11.28 10.76 -44.21
CA THR C 430 10.61 12.03 -44.28
C THR C 430 10.89 12.69 -45.64
N THR C 431 9.84 13.32 -46.21
CA THR C 431 9.95 14.09 -47.44
C THR C 431 9.89 15.57 -47.11
N GLN C 432 10.25 16.40 -48.10
CA GLN C 432 10.06 17.83 -48.03
C GLN C 432 8.62 18.20 -47.67
N ASP C 433 7.64 17.47 -48.24
CA ASP C 433 6.24 17.73 -47.96
C ASP C 433 5.91 17.44 -46.50
N ASP C 434 6.43 16.32 -45.98
CA ASP C 434 6.27 15.95 -44.58
C ASP C 434 6.80 17.08 -43.70
N ILE C 435 7.94 17.67 -44.09
CA ILE C 435 8.54 18.72 -43.27
C ILE C 435 7.63 19.93 -43.21
N GLU C 436 7.03 20.28 -44.35
CA GLU C 436 6.14 21.44 -44.41
C GLU C 436 4.90 21.19 -43.54
N ALA C 437 4.42 19.95 -43.54
CA ALA C 437 3.25 19.56 -42.76
C ALA C 437 3.58 19.61 -41.26
N ILE C 438 4.80 19.17 -40.92
CA ILE C 438 5.22 19.16 -39.53
C ILE C 438 5.21 20.59 -38.99
N PHE C 439 5.86 21.50 -39.71
CA PHE C 439 6.14 22.83 -39.14
C PHE C 439 4.91 23.71 -39.24
N SER C 440 4.09 23.47 -40.28
CA SER C 440 2.76 24.06 -40.33
C SER C 440 2.00 23.73 -39.06
N ALA C 441 1.90 22.41 -38.72
CA ALA C 441 1.19 21.98 -37.53
C ALA C 441 1.83 22.55 -36.26
N PHE C 442 3.16 22.66 -36.27
CA PHE C 442 3.85 23.16 -35.10
C PHE C 442 3.56 24.66 -34.95
N GLU C 443 3.43 25.37 -36.07
CA GLU C 443 3.22 26.80 -36.02
C GLU C 443 1.87 27.11 -35.37
N ARG C 444 0.84 26.35 -35.74
CA ARG C 444 -0.47 26.44 -35.10
C ARG C 444 -0.35 26.13 -33.60
N THR C 445 0.42 25.09 -33.26
CA THR C 445 0.54 24.68 -31.87
C THR C 445 1.15 25.83 -31.07
N LEU C 446 2.17 26.47 -31.68
CA LEU C 446 2.92 27.49 -30.99
C LEU C 446 2.06 28.76 -30.84
N ALA C 447 1.14 28.97 -31.79
CA ALA C 447 0.21 30.08 -31.71
C ALA C 447 -0.76 29.86 -30.52
N ASP C 448 -1.33 28.66 -30.43
CA ASP C 448 -2.14 28.29 -29.28
C ASP C 448 -1.35 28.49 -27.98
N ALA C 449 -0.06 28.13 -28.01
CA ALA C 449 0.78 28.20 -26.83
C ALA C 449 1.00 29.64 -26.42
N THR C 450 1.12 30.53 -27.40
CA THR C 450 1.34 31.94 -27.13
C THR C 450 0.12 32.52 -26.41
N ASP C 451 -1.08 32.13 -26.86
CA ASP C 451 -2.33 32.54 -26.21
C ASP C 451 -2.37 31.98 -24.78
N TRP C 452 -2.13 30.67 -24.66
CA TRP C 452 -2.27 29.96 -23.40
C TRP C 452 -1.32 30.54 -22.35
N ALA C 453 -0.13 30.96 -22.79
CA ALA C 453 0.91 31.48 -21.91
C ALA C 453 0.52 32.85 -21.34
N ARG C 454 -0.23 33.65 -22.11
CA ARG C 454 -0.69 34.94 -21.65
C ARG C 454 -1.73 34.74 -20.55
N SER C 455 -2.73 33.88 -20.80
CA SER C 455 -3.81 33.66 -19.86
C SER C 455 -3.32 32.97 -18.58
N GLN C 456 -2.12 32.38 -18.59
CA GLN C 456 -1.55 31.74 -17.42
C GLN C 456 -0.55 32.66 -16.71
N HIS C 457 -0.41 33.89 -17.23
CA HIS C 457 0.51 34.91 -16.72
C HIS C 457 1.90 34.31 -16.49
N LEU C 458 2.54 33.79 -17.55
CA LEU C 458 3.80 33.07 -17.41
C LEU C 458 4.99 33.93 -17.85
N LEU C 459 4.78 34.89 -18.75
CA LEU C 459 5.85 35.80 -19.18
C LEU C 459 5.91 37.04 -18.26
N SER D 6 29.93 -19.33 -44.84
CA SER D 6 29.97 -17.84 -44.71
C SER D 6 29.62 -17.42 -43.27
N THR D 7 28.69 -18.15 -42.66
CA THR D 7 28.26 -17.94 -41.29
C THR D 7 29.44 -18.11 -40.31
N VAL D 8 30.23 -19.19 -40.51
CA VAL D 8 31.32 -19.51 -39.62
C VAL D 8 32.41 -18.43 -39.73
N GLN D 9 32.68 -17.97 -40.95
CA GLN D 9 33.77 -17.02 -41.19
C GLN D 9 33.38 -15.69 -40.55
N ASN D 10 32.10 -15.33 -40.72
CA ASN D 10 31.53 -14.11 -40.19
C ASN D 10 31.57 -14.12 -38.68
N ASP D 11 31.10 -15.24 -38.11
CA ASP D 11 31.07 -15.44 -36.67
C ASP D 11 32.48 -15.26 -36.10
N LEU D 12 33.46 -15.98 -36.68
CA LEU D 12 34.82 -16.01 -36.18
C LEU D 12 35.46 -14.63 -36.28
N ALA D 13 35.03 -13.80 -37.24
CA ALA D 13 35.69 -12.53 -37.48
C ALA D 13 35.20 -11.47 -36.48
N ALA D 14 33.91 -11.51 -36.12
CA ALA D 14 33.25 -10.29 -35.64
C ALA D 14 32.40 -10.51 -34.39
N LEU D 15 32.07 -11.76 -34.05
CA LEU D 15 31.03 -11.98 -33.05
C LEU D 15 31.66 -12.36 -31.71
N ILE D 16 31.39 -11.53 -30.68
CA ILE D 16 31.70 -11.84 -29.29
C ILE D 16 30.52 -12.62 -28.69
N HIS D 17 30.78 -13.86 -28.31
CA HIS D 17 29.73 -14.76 -27.85
C HIS D 17 29.49 -14.60 -26.35
N PRO D 18 28.20 -14.61 -25.95
CA PRO D 18 27.87 -14.68 -24.53
C PRO D 18 28.21 -16.05 -23.94
N ASN D 19 28.56 -16.06 -22.66
CA ASN D 19 28.68 -17.30 -21.89
C ASN D 19 29.40 -18.33 -22.76
N THR D 20 30.56 -17.94 -23.28
CA THR D 20 31.36 -18.78 -24.14
C THR D 20 32.82 -18.56 -23.75
N ASN D 21 33.61 -19.63 -23.79
CA ASN D 21 35.06 -19.48 -23.76
C ASN D 21 35.52 -18.86 -25.07
N LEU D 22 35.85 -17.56 -25.03
CA LEU D 22 36.12 -16.78 -26.23
C LEU D 22 37.42 -17.20 -26.88
N ALA D 23 38.36 -17.74 -26.09
CA ALA D 23 39.66 -18.19 -26.57
C ALA D 23 39.54 -19.54 -27.27
N GLN D 24 38.84 -20.48 -26.64
CA GLN D 24 38.48 -21.76 -27.25
C GLN D 24 37.69 -21.54 -28.54
N HIS D 25 36.83 -20.51 -28.55
CA HIS D 25 35.96 -20.28 -29.69
C HIS D 25 36.78 -19.96 -30.95
N ARG D 26 37.91 -19.29 -30.79
CA ARG D 26 38.78 -18.97 -31.91
C ARG D 26 39.32 -20.25 -32.56
N GLU D 27 39.44 -21.35 -31.79
CA GLU D 27 40.01 -22.60 -32.29
C GLU D 27 38.93 -23.48 -32.91
N VAL D 28 37.85 -23.75 -32.16
CA VAL D 28 36.87 -24.74 -32.58
C VAL D 28 35.82 -24.07 -33.45
N GLY D 29 35.58 -22.77 -33.24
CA GLY D 29 34.57 -22.07 -33.99
C GLY D 29 33.15 -22.41 -33.53
N PRO D 30 32.12 -21.78 -34.13
CA PRO D 30 30.75 -21.94 -33.69
C PRO D 30 30.10 -23.22 -34.19
N LEU D 31 29.00 -23.61 -33.52
CA LEU D 31 28.03 -24.55 -34.09
C LEU D 31 26.81 -23.76 -34.57
N VAL D 32 26.61 -23.78 -35.89
CA VAL D 32 25.56 -22.99 -36.50
C VAL D 32 24.26 -23.76 -36.41
N ILE D 33 23.26 -23.17 -35.74
CA ILE D 33 21.93 -23.72 -35.73
C ILE D 33 21.11 -22.99 -36.78
N ALA D 34 20.43 -23.75 -37.62
CA ALA D 34 19.88 -23.23 -38.87
C ALA D 34 18.35 -23.30 -38.89
N ARG D 35 17.77 -24.37 -38.32
CA ARG D 35 16.36 -24.64 -38.51
C ARG D 35 15.78 -25.27 -37.24
N GLY D 36 14.47 -25.12 -37.06
CA GLY D 36 13.77 -25.69 -35.92
C GLY D 36 12.56 -26.51 -36.36
N ASP D 37 12.25 -27.53 -35.54
CA ASP D 37 11.08 -28.37 -35.78
C ASP D 37 10.66 -29.03 -34.47
N GLY D 38 9.55 -28.53 -33.89
CA GLY D 38 9.07 -29.02 -32.60
C GLY D 38 10.16 -28.97 -31.51
N VAL D 39 10.51 -30.14 -30.99
CA VAL D 39 11.44 -30.21 -29.87
C VAL D 39 12.86 -30.38 -30.41
N ARG D 40 13.02 -30.21 -31.73
CA ARG D 40 14.31 -30.44 -32.39
C ARG D 40 14.84 -29.15 -33.02
N VAL D 41 16.17 -29.05 -33.08
CA VAL D 41 16.81 -28.06 -33.94
C VAL D 41 17.83 -28.76 -34.80
N PHE D 42 18.17 -28.12 -35.92
CA PHE D 42 19.09 -28.68 -36.89
C PHE D 42 20.21 -27.70 -37.12
N ASP D 43 21.42 -28.22 -37.26
CA ASP D 43 22.59 -27.40 -37.58
C ASP D 43 22.64 -27.20 -39.10
N GLU D 44 23.65 -26.43 -39.54
CA GLU D 44 23.77 -26.04 -40.93
C GLU D 44 24.03 -27.27 -41.80
N GLN D 45 24.68 -28.30 -41.21
CA GLN D 45 25.01 -29.53 -41.93
C GLN D 45 23.79 -30.45 -41.97
N GLY D 46 22.72 -30.12 -41.24
CA GLY D 46 21.49 -30.88 -41.31
C GLY D 46 21.37 -31.96 -40.23
N ASN D 47 22.33 -32.06 -39.31
CA ASN D 47 22.18 -32.94 -38.15
C ASN D 47 21.05 -32.47 -37.24
N ALA D 48 20.32 -33.43 -36.67
CA ALA D 48 19.21 -33.16 -35.77
C ALA D 48 19.65 -33.28 -34.31
N TYR D 49 19.07 -32.43 -33.46
CA TYR D 49 19.30 -32.49 -32.04
C TYR D 49 17.96 -32.29 -31.33
N ILE D 50 17.67 -33.17 -30.36
CA ILE D 50 16.58 -32.94 -29.43
C ILE D 50 17.04 -31.88 -28.44
N GLU D 51 16.25 -30.81 -28.35
CA GLU D 51 16.61 -29.68 -27.53
C GLU D 51 16.01 -29.89 -26.15
N ALA D 52 16.73 -30.64 -25.31
CA ALA D 52 16.19 -31.05 -24.03
C ALA D 52 16.26 -29.92 -23.00
N MET D 53 16.72 -28.74 -23.40
CA MET D 53 16.77 -27.57 -22.53
C MET D 53 15.86 -26.45 -23.03
N SER D 54 15.08 -26.72 -24.08
CA SER D 54 14.23 -25.70 -24.68
C SER D 54 15.04 -24.43 -25.00
N GLY D 55 16.27 -24.63 -25.44
CA GLY D 55 17.17 -23.51 -25.67
C GLY D 55 17.81 -23.08 -24.36
N LEU D 56 17.30 -21.99 -23.78
CA LEU D 56 17.73 -21.57 -22.45
C LEU D 56 16.51 -21.59 -21.53
N TRP D 57 16.01 -22.80 -21.28
CA TRP D 57 14.87 -23.01 -20.40
C TRP D 57 13.64 -22.25 -20.89
N SER D 58 13.57 -21.93 -22.19
CA SER D 58 12.72 -20.84 -22.63
C SER D 58 11.68 -21.24 -23.68
N ALA D 59 12.03 -22.11 -24.62
CA ALA D 59 11.22 -22.37 -25.82
C ALA D 59 10.05 -23.30 -25.49
N ALA D 60 9.04 -22.75 -24.80
CA ALA D 60 7.95 -23.54 -24.27
C ALA D 60 7.24 -24.33 -25.38
N LEU D 61 6.95 -23.69 -26.52
CA LEU D 61 6.15 -24.30 -27.56
C LEU D 61 7.03 -24.90 -28.66
N GLY D 62 8.32 -25.10 -28.36
CA GLY D 62 9.24 -25.65 -29.34
C GLY D 62 9.63 -24.64 -30.42
N PHE D 63 10.34 -25.11 -31.45
CA PHE D 63 11.09 -24.23 -32.34
C PHE D 63 10.45 -24.08 -33.72
N SER D 64 9.13 -24.34 -33.85
CA SER D 64 8.46 -24.14 -35.13
C SER D 64 6.96 -24.03 -34.97
N GLU D 65 6.50 -23.25 -33.98
CA GLU D 65 5.09 -23.02 -33.73
C GLU D 65 4.60 -21.85 -34.59
N GLN D 66 3.85 -22.19 -35.63
CA GLN D 66 3.47 -21.23 -36.64
C GLN D 66 2.51 -20.19 -36.06
N ARG D 67 1.74 -20.55 -35.02
CA ARG D 67 0.75 -19.62 -34.50
C ARG D 67 1.42 -18.37 -33.93
N LEU D 68 2.64 -18.52 -33.39
CA LEU D 68 3.40 -17.40 -32.85
C LEU D 68 3.88 -16.49 -33.98
N VAL D 69 4.37 -17.12 -35.05
CA VAL D 69 4.75 -16.38 -36.25
C VAL D 69 3.54 -15.60 -36.76
N ASP D 70 2.36 -16.24 -36.77
CA ASP D 70 1.15 -15.62 -37.29
C ASP D 70 0.77 -14.40 -36.45
N ALA D 71 0.90 -14.50 -35.12
CA ALA D 71 0.54 -13.40 -34.25
C ALA D 71 1.47 -12.22 -34.49
N ALA D 72 2.74 -12.52 -34.72
CA ALA D 72 3.77 -11.54 -35.02
C ALA D 72 3.46 -10.83 -36.32
N VAL D 73 3.19 -11.63 -37.36
CA VAL D 73 2.89 -11.12 -38.69
C VAL D 73 1.66 -10.22 -38.64
N GLU D 74 0.60 -10.69 -37.99
CA GLU D 74 -0.63 -9.94 -37.85
C GLU D 74 -0.34 -8.56 -37.24
N GLN D 75 0.50 -8.52 -36.20
CA GLN D 75 0.75 -7.28 -35.48
C GLN D 75 1.67 -6.37 -36.28
N PHE D 76 2.65 -6.97 -36.98
CA PHE D 76 3.57 -6.24 -37.81
C PHE D 76 2.84 -5.40 -38.85
N LYS D 77 1.74 -5.96 -39.38
CA LYS D 77 1.04 -5.31 -40.48
C LYS D 77 0.14 -4.20 -39.94
N GLN D 78 -0.28 -4.29 -38.68
CA GLN D 78 -1.00 -3.19 -38.05
C GLN D 78 -0.02 -2.07 -37.65
N LEU D 79 0.86 -2.40 -36.71
CA LEU D 79 1.72 -1.44 -36.06
C LEU D 79 3.00 -2.13 -35.62
N PRO D 80 4.09 -2.07 -36.44
CA PRO D 80 5.31 -2.82 -36.15
C PRO D 80 6.04 -2.33 -34.91
N TYR D 81 5.85 -1.04 -34.56
CA TYR D 81 6.50 -0.48 -33.39
C TYR D 81 5.76 0.73 -32.89
N TYR D 82 5.58 0.81 -31.56
CA TYR D 82 5.34 2.09 -30.90
C TYR D 82 5.75 1.98 -29.43
N HIS D 83 5.96 3.14 -28.81
CA HIS D 83 6.46 3.20 -27.44
C HIS D 83 5.30 3.36 -26.48
N SER D 84 5.60 3.32 -25.16
CA SER D 84 4.58 3.48 -24.15
C SER D 84 4.90 4.66 -23.23
N PHE D 85 5.72 5.60 -23.71
CA PHE D 85 6.08 6.79 -22.94
C PHE D 85 4.99 7.85 -23.06
N SER D 86 4.93 8.75 -22.07
CA SER D 86 4.05 9.91 -22.12
C SER D 86 2.62 9.51 -22.42
N HIS D 87 2.16 8.42 -21.80
CA HIS D 87 0.76 7.99 -21.77
C HIS D 87 0.38 7.22 -23.02
N LYS D 88 1.31 7.06 -23.99
CA LYS D 88 1.02 6.30 -25.19
C LYS D 88 0.86 4.83 -24.81
N THR D 89 -0.03 4.09 -25.49
CA THR D 89 -0.11 2.65 -25.30
C THR D 89 -0.46 1.96 -26.61
N ASN D 90 -0.57 0.63 -26.56
CA ASN D 90 -1.03 -0.17 -27.70
C ASN D 90 -1.86 -1.34 -27.18
N ALA D 91 -2.63 -1.98 -28.06
CA ALA D 91 -3.66 -2.91 -27.61
C ALA D 91 -3.05 -4.19 -27.04
N PRO D 92 -2.06 -4.82 -27.71
CA PRO D 92 -1.44 -6.03 -27.19
C PRO D 92 -0.79 -5.87 -25.81
N ALA D 93 -0.02 -4.78 -25.66
CA ALA D 93 0.62 -4.52 -24.37
C ALA D 93 -0.44 -4.45 -23.28
N ALA D 94 -1.50 -3.68 -23.53
CA ALA D 94 -2.55 -3.44 -22.54
C ALA D 94 -3.27 -4.74 -22.22
N ALA D 95 -3.49 -5.56 -23.24
CA ALA D 95 -4.19 -6.82 -23.06
C ALA D 95 -3.30 -7.78 -22.29
N LEU D 96 -2.00 -7.79 -22.61
CA LEU D 96 -1.08 -8.69 -21.95
C LEU D 96 -0.92 -8.29 -20.49
N ALA D 97 -0.88 -6.99 -20.22
CA ALA D 97 -0.82 -6.53 -18.84
C ALA D 97 -1.98 -7.10 -18.05
N ALA D 98 -3.19 -7.00 -18.62
CA ALA D 98 -4.39 -7.41 -17.91
C ALA D 98 -4.41 -8.92 -17.75
N LYS D 99 -3.92 -9.63 -18.78
CA LYS D 99 -3.87 -11.08 -18.73
C LYS D 99 -2.96 -11.53 -17.60
N LEU D 100 -1.76 -10.93 -17.52
CA LEU D 100 -0.79 -11.32 -16.52
C LEU D 100 -1.29 -10.94 -15.13
N ALA D 101 -1.99 -9.80 -15.02
CA ALA D 101 -2.55 -9.35 -13.76
C ALA D 101 -3.56 -10.37 -13.24
N ALA D 102 -4.34 -10.95 -14.16
CA ALA D 102 -5.35 -11.94 -13.80
C ALA D 102 -4.71 -13.27 -13.44
N LEU D 103 -3.66 -13.68 -14.15
CA LEU D 103 -3.04 -14.98 -13.92
C LEU D 103 -2.24 -14.97 -12.62
N ALA D 104 -1.67 -13.82 -12.27
CA ALA D 104 -0.73 -13.75 -11.17
C ALA D 104 -1.50 -13.87 -9.85
N PRO D 105 -0.96 -14.57 -8.84
CA PRO D 105 -1.65 -14.74 -7.57
C PRO D 105 -1.78 -13.44 -6.79
N GLY D 106 -2.75 -13.41 -5.87
CA GLY D 106 -2.86 -12.36 -4.87
C GLY D 106 -3.24 -11.05 -5.54
N ASP D 107 -2.72 -9.93 -5.01
CA ASP D 107 -3.01 -8.64 -5.61
C ASP D 107 -1.85 -8.18 -6.48
N LEU D 108 -1.18 -9.12 -7.16
CA LEU D 108 -0.23 -8.80 -8.23
C LEU D 108 -1.00 -8.41 -9.48
N ASN D 109 -1.19 -7.10 -9.67
CA ASN D 109 -2.13 -6.60 -10.64
C ASN D 109 -1.57 -5.52 -11.56
N HIS D 110 -0.29 -5.17 -11.44
CA HIS D 110 0.25 -4.04 -12.19
C HIS D 110 1.55 -4.44 -12.85
N VAL D 111 1.68 -4.15 -14.15
CA VAL D 111 2.71 -4.79 -14.96
C VAL D 111 3.58 -3.72 -15.64
N PHE D 112 4.89 -3.91 -15.52
CA PHE D 112 5.86 -3.09 -16.22
C PHE D 112 6.71 -3.99 -17.11
N PHE D 113 6.84 -3.61 -18.39
CA PHE D 113 7.42 -4.50 -19.39
C PHE D 113 8.84 -4.08 -19.70
N THR D 114 9.70 -5.09 -19.91
CA THR D 114 11.05 -4.87 -20.37
C THR D 114 11.33 -5.87 -21.47
N ASN D 115 12.58 -5.91 -21.95
CA ASN D 115 12.99 -6.86 -22.98
C ASN D 115 13.48 -8.16 -22.35
N SER D 116 14.24 -8.04 -21.25
CA SER D 116 14.93 -9.18 -20.66
C SER D 116 14.58 -9.34 -19.18
N GLY D 117 14.85 -10.54 -18.65
CA GLY D 117 14.77 -10.79 -17.21
C GLY D 117 15.78 -9.93 -16.45
N SER D 118 16.97 -9.72 -17.04
CA SER D 118 17.97 -8.88 -16.44
C SER D 118 17.42 -7.48 -16.22
N GLU D 119 16.86 -6.89 -17.29
CA GLU D 119 16.31 -5.55 -17.17
C GLU D 119 15.20 -5.53 -16.13
N ALA D 120 14.43 -6.61 -16.10
CA ALA D 120 13.28 -6.71 -15.21
C ALA D 120 13.75 -6.68 -13.75
N ASN D 121 14.74 -7.51 -13.42
CA ASN D 121 15.25 -7.55 -12.05
C ASN D 121 15.93 -6.24 -11.69
N ASP D 122 16.60 -5.63 -12.67
CA ASP D 122 17.22 -4.32 -12.50
C ASP D 122 16.13 -3.31 -12.15
N SER D 123 14.99 -3.41 -12.85
CA SER D 123 13.87 -2.52 -12.59
C SER D 123 13.37 -2.72 -11.16
N VAL D 124 13.40 -3.97 -10.69
CA VAL D 124 12.89 -4.29 -9.37
C VAL D 124 13.77 -3.60 -8.34
N VAL D 125 15.10 -3.71 -8.49
CA VAL D 125 16.01 -3.05 -7.56
C VAL D 125 15.66 -1.57 -7.48
N LYS D 126 15.50 -0.93 -8.65
CA LYS D 126 15.21 0.49 -8.68
C LYS D 126 13.85 0.76 -8.03
N MET D 127 12.84 -0.06 -8.32
CA MET D 127 11.51 0.17 -7.78
C MET D 127 11.52 0.14 -6.26
N VAL D 128 12.23 -0.85 -5.71
CA VAL D 128 12.25 -1.06 -4.27
C VAL D 128 12.97 0.12 -3.60
N TRP D 129 14.09 0.56 -4.19
CA TRP D 129 14.80 1.70 -3.67
C TRP D 129 13.91 2.94 -3.71
N TYR D 130 13.20 3.12 -4.83
CA TYR D 130 12.35 4.27 -5.08
C TYR D 130 11.28 4.31 -4.02
N VAL D 131 10.64 3.16 -3.82
CA VAL D 131 9.51 3.08 -2.89
C VAL D 131 10.00 3.40 -1.48
N ASN D 132 11.12 2.81 -1.06
CA ASN D 132 11.62 3.03 0.29
C ASN D 132 12.04 4.48 0.49
N ASN D 133 12.57 5.14 -0.54
CA ASN D 133 12.88 6.56 -0.44
C ASN D 133 11.58 7.35 -0.26
N ALA D 134 10.56 6.98 -1.02
CA ALA D 134 9.25 7.65 -0.96
C ALA D 134 8.67 7.54 0.44
N LEU D 135 8.86 6.38 1.08
CA LEU D 135 8.26 6.12 2.38
C LEU D 135 9.17 6.58 3.50
N GLY D 136 10.20 7.36 3.18
CA GLY D 136 11.06 7.94 4.22
C GLY D 136 11.89 6.89 4.95
N ARG D 137 12.32 5.84 4.24
CA ARG D 137 13.21 4.84 4.76
C ARG D 137 14.45 4.73 3.89
N PRO D 138 15.33 5.75 3.93
CA PRO D 138 16.49 5.78 3.03
C PRO D 138 17.48 4.66 3.25
N ALA D 139 17.48 4.04 4.44
CA ALA D 139 18.50 3.04 4.74
C ALA D 139 18.05 1.65 4.28
N LYS D 140 16.75 1.53 3.96
CA LYS D 140 16.17 0.21 3.71
C LYS D 140 16.32 -0.14 2.23
N LYS D 141 17.47 -0.69 1.86
CA LYS D 141 17.82 -0.82 0.45
C LYS D 141 18.52 -2.14 0.11
N LYS D 142 18.95 -2.90 1.11
CA LYS D 142 19.71 -4.10 0.85
C LYS D 142 18.80 -5.19 0.32
N PHE D 143 19.32 -5.96 -0.61
CA PHE D 143 18.66 -7.15 -1.12
C PHE D 143 19.31 -8.36 -0.47
N ILE D 144 18.47 -9.38 -0.21
CA ILE D 144 18.93 -10.68 0.21
C ILE D 144 18.69 -11.66 -0.93
N SER D 145 19.75 -12.34 -1.33
CA SER D 145 19.69 -13.34 -2.38
C SER D 145 20.29 -14.61 -1.81
N ARG D 146 20.73 -15.52 -2.69
CA ARG D 146 21.23 -16.79 -2.22
C ARG D 146 22.38 -17.21 -3.11
N GLN D 147 23.34 -17.93 -2.54
CA GLN D 147 24.38 -18.57 -3.35
C GLN D 147 23.75 -19.48 -4.39
N GLN D 148 24.28 -19.40 -5.61
CA GLN D 148 23.85 -20.24 -6.72
C GLN D 148 22.58 -19.68 -7.38
N ALA D 149 22.07 -18.57 -6.84
CA ALA D 149 20.95 -17.90 -7.50
C ALA D 149 21.41 -17.36 -8.84
N TYR D 150 20.50 -17.32 -9.83
CA TYR D 150 20.75 -16.56 -11.04
C TYR D 150 19.59 -15.60 -11.28
N HIS D 151 19.92 -14.30 -11.45
CA HIS D 151 18.89 -13.28 -11.62
C HIS D 151 19.20 -12.33 -12.77
N GLY D 152 20.27 -12.58 -13.54
CA GLY D 152 20.55 -11.79 -14.73
C GLY D 152 22.01 -11.35 -14.79
N ALA D 153 22.28 -10.47 -15.79
CA ALA D 153 23.64 -10.19 -16.24
C ALA D 153 23.96 -8.69 -16.28
N THR D 154 23.00 -7.80 -16.07
CA THR D 154 23.32 -6.42 -15.82
C THR D 154 24.09 -6.30 -14.51
N VAL D 155 24.67 -5.14 -14.27
CA VAL D 155 25.49 -4.90 -13.11
C VAL D 155 24.68 -5.21 -11.84
N ALA D 156 23.48 -4.65 -11.75
CA ALA D 156 22.67 -4.82 -10.56
C ALA D 156 22.18 -6.26 -10.48
N ALA D 157 21.63 -6.80 -11.58
CA ALA D 157 21.03 -8.12 -11.55
C ALA D 157 22.09 -9.16 -11.27
N ALA D 158 23.28 -8.99 -11.85
CA ALA D 158 24.36 -9.94 -11.67
C ALA D 158 24.91 -9.86 -10.25
N SER D 159 24.72 -8.70 -9.62
CA SER D 159 25.03 -8.53 -8.22
C SER D 159 24.11 -9.41 -7.35
N LEU D 160 22.84 -9.50 -7.75
CA LEU D 160 21.87 -10.36 -7.09
C LEU D 160 22.20 -11.82 -7.36
N THR D 161 22.63 -12.09 -8.59
CA THR D 161 23.12 -13.41 -8.95
C THR D 161 24.15 -13.83 -7.91
N GLY D 162 24.18 -15.14 -7.62
CA GLY D 162 25.03 -15.67 -6.56
C GLY D 162 25.93 -16.82 -7.02
N ILE D 163 26.08 -16.95 -8.34
CA ILE D 163 26.97 -17.92 -8.95
C ILE D 163 28.35 -17.26 -9.09
N PRO D 164 29.38 -17.77 -8.36
CA PRO D 164 30.61 -17.00 -8.18
C PRO D 164 31.30 -16.64 -9.49
N SER D 165 31.18 -17.48 -10.53
CA SER D 165 31.86 -17.24 -11.79
C SER D 165 31.28 -16.02 -12.52
N MET D 166 30.05 -15.63 -12.19
CA MET D 166 29.40 -14.49 -12.81
C MET D 166 29.89 -13.19 -12.19
N HIS D 167 30.65 -13.28 -11.09
CA HIS D 167 31.18 -12.13 -10.40
C HIS D 167 32.65 -11.92 -10.71
N ARG D 168 33.35 -13.01 -11.06
CA ARG D 168 34.80 -13.03 -11.19
C ARG D 168 35.23 -11.97 -12.21
N ASP D 169 35.97 -10.99 -11.70
CA ASP D 169 36.64 -9.96 -12.49
C ASP D 169 35.65 -8.92 -12.99
N PHE D 170 34.40 -8.93 -12.49
CA PHE D 170 33.45 -7.89 -12.85
C PHE D 170 33.18 -6.90 -11.71
N ASP D 171 33.94 -6.98 -10.62
CA ASP D 171 33.75 -6.08 -9.48
C ASP D 171 32.32 -6.18 -8.93
N LEU D 172 31.79 -7.40 -8.87
CA LEU D 172 30.43 -7.63 -8.38
C LEU D 172 30.51 -8.41 -7.08
N PRO D 173 29.57 -8.22 -6.14
CA PRO D 173 28.45 -7.32 -6.31
C PRO D 173 28.88 -5.86 -6.29
N ALA D 174 28.08 -4.98 -6.92
CA ALA D 174 28.33 -3.55 -6.94
C ALA D 174 27.22 -2.79 -6.22
N ILE D 175 26.29 -3.52 -5.58
CA ILE D 175 25.20 -2.92 -4.83
C ILE D 175 25.05 -3.73 -3.55
N PRO D 176 24.37 -3.19 -2.52
CA PRO D 176 24.14 -3.93 -1.28
C PRO D 176 23.30 -5.19 -1.48
N VAL D 177 23.96 -6.33 -1.22
CA VAL D 177 23.34 -7.64 -1.33
C VAL D 177 24.00 -8.57 -0.29
N HIS D 178 23.22 -9.48 0.27
CA HIS D 178 23.76 -10.59 1.06
C HIS D 178 23.24 -11.88 0.45
N HIS D 179 24.12 -12.87 0.32
CA HIS D 179 23.77 -14.16 -0.27
C HIS D 179 23.69 -15.21 0.84
N LEU D 180 22.48 -15.74 1.09
CA LEU D 180 22.29 -16.80 2.04
C LEU D 180 22.91 -18.08 1.47
N THR D 181 23.03 -19.11 2.31
CA THR D 181 23.53 -20.38 1.83
C THR D 181 22.52 -20.95 0.84
N CYS D 182 23.00 -21.76 -0.09
CA CYS D 182 22.18 -22.32 -1.13
C CYS D 182 21.27 -23.36 -0.48
N PRO D 183 19.92 -23.28 -0.64
CA PRO D 183 19.03 -24.27 -0.06
C PRO D 183 19.06 -25.59 -0.85
N ASN D 184 20.16 -26.32 -0.64
CA ASN D 184 20.46 -27.54 -1.36
C ASN D 184 20.66 -28.69 -0.36
N PHE D 185 19.59 -29.45 -0.09
CA PHE D 185 19.60 -30.46 0.95
C PHE D 185 20.70 -31.50 0.70
N TYR D 186 20.83 -31.98 -0.54
CA TYR D 186 21.86 -32.95 -0.87
C TYR D 186 23.25 -32.45 -0.46
N ARG D 187 23.52 -31.16 -0.70
CA ARG D 187 24.87 -30.64 -0.57
C ARG D 187 25.14 -30.17 0.86
N PHE D 188 24.18 -29.52 1.52
CA PHE D 188 24.50 -28.77 2.74
C PHE D 188 23.77 -29.30 3.97
N ALA D 189 22.92 -30.33 3.84
CA ALA D 189 22.32 -30.95 5.01
C ALA D 189 23.40 -31.63 5.85
N ARG D 190 23.25 -31.60 7.16
CA ARG D 190 24.16 -32.31 8.05
C ARG D 190 23.83 -33.80 8.08
N PRO D 191 24.77 -34.70 8.42
CA PRO D 191 24.48 -36.13 8.45
C PRO D 191 23.21 -36.47 9.25
N GLY D 192 22.27 -37.14 8.56
CA GLY D 192 21.05 -37.62 9.16
C GLY D 192 20.07 -36.50 9.50
N GLU D 193 20.34 -35.28 9.01
CA GLU D 193 19.43 -34.15 9.21
C GLU D 193 18.27 -34.27 8.22
N SER D 194 17.05 -34.05 8.73
CA SER D 194 15.86 -34.04 7.90
C SER D 194 15.76 -32.73 7.12
N GLN D 195 14.95 -32.75 6.06
CA GLN D 195 14.65 -31.54 5.31
C GLN D 195 13.99 -30.50 6.21
N GLU D 196 13.12 -30.93 7.11
CA GLU D 196 12.35 -30.02 7.95
C GLU D 196 13.30 -29.24 8.85
N ALA D 197 14.35 -29.93 9.32
CA ALA D 197 15.37 -29.35 10.20
C ALA D 197 16.30 -28.42 9.43
N PHE D 198 16.68 -28.82 8.22
CA PHE D 198 17.46 -27.98 7.31
C PHE D 198 16.73 -26.66 7.06
N THR D 199 15.45 -26.74 6.72
CA THR D 199 14.64 -25.56 6.51
C THR D 199 14.72 -24.67 7.73
N VAL D 200 14.63 -25.28 8.92
CA VAL D 200 14.59 -24.50 10.15
C VAL D 200 15.89 -23.71 10.29
N ARG D 201 17.04 -24.34 9.96
CA ARG D 201 18.32 -23.65 10.09
C ARG D 201 18.43 -22.55 9.04
N LEU D 202 17.96 -22.83 7.82
CA LEU D 202 17.97 -21.85 6.74
C LEU D 202 17.15 -20.62 7.12
N ALA D 203 16.00 -20.82 7.76
CA ALA D 203 15.16 -19.70 8.14
C ALA D 203 15.80 -18.91 9.29
N ASN D 204 16.47 -19.65 10.18
CA ASN D 204 17.14 -19.00 11.29
C ASN D 204 18.33 -18.21 10.77
N GLU D 205 19.05 -18.76 9.77
CA GLU D 205 20.17 -18.07 9.14
C GLU D 205 19.71 -16.70 8.66
N LEU D 206 18.57 -16.68 7.96
CA LEU D 206 18.07 -15.43 7.39
C LEU D 206 17.73 -14.45 8.52
N GLU D 207 17.04 -14.94 9.55
CA GLU D 207 16.55 -14.05 10.60
C GLU D 207 17.73 -13.44 11.36
N ARG D 208 18.75 -14.27 11.63
CA ARG D 208 19.85 -13.82 12.46
C ARG D 208 20.69 -12.83 11.67
N TYR D 209 20.78 -13.01 10.34
CA TYR D 209 21.44 -12.04 9.48
C TYR D 209 20.70 -10.71 9.53
N ILE D 210 19.36 -10.73 9.42
CA ILE D 210 18.57 -9.52 9.42
C ILE D 210 18.83 -8.77 10.71
N LEU D 211 18.85 -9.49 11.84
CA LEU D 211 18.97 -8.85 13.14
C LEU D 211 20.38 -8.31 13.35
N ALA D 212 21.38 -9.02 12.82
CA ALA D 212 22.77 -8.59 12.89
C ALA D 212 22.99 -7.30 12.09
N GLU D 213 22.43 -7.24 10.87
CA GLU D 213 22.62 -6.11 9.98
C GLU D 213 21.74 -4.95 10.40
N GLY D 214 20.59 -5.27 11.01
CA GLY D 214 19.54 -4.29 11.24
C GLY D 214 18.43 -4.43 10.19
N PRO D 215 17.19 -4.76 10.62
CA PRO D 215 16.10 -4.92 9.69
C PRO D 215 15.80 -3.67 8.88
N GLU D 216 16.11 -2.50 9.45
CA GLU D 216 15.79 -1.23 8.83
C GLU D 216 16.71 -0.99 7.62
N THR D 217 17.69 -1.87 7.40
CA THR D 217 18.60 -1.76 6.26
C THR D 217 18.22 -2.75 5.18
N ILE D 218 17.26 -3.67 5.43
CA ILE D 218 17.00 -4.73 4.46
C ILE D 218 15.66 -4.50 3.76
N ALA D 219 15.68 -4.38 2.43
CA ALA D 219 14.51 -3.97 1.70
C ALA D 219 13.73 -5.16 1.15
N ALA D 220 14.45 -6.20 0.69
CA ALA D 220 13.84 -7.21 -0.15
C ALA D 220 14.61 -8.52 -0.15
N PHE D 221 13.87 -9.61 -0.32
CA PHE D 221 14.41 -10.92 -0.61
C PHE D 221 14.02 -11.26 -2.04
N ILE D 222 14.98 -11.81 -2.80
CA ILE D 222 14.68 -12.28 -4.15
C ILE D 222 15.15 -13.72 -4.27
N GLY D 223 14.34 -14.54 -4.95
CA GLY D 223 14.71 -15.93 -5.18
C GLY D 223 13.83 -16.57 -6.25
N GLU D 224 14.43 -17.48 -7.00
CA GLU D 224 13.72 -18.42 -7.83
C GLU D 224 13.01 -19.46 -6.95
N PRO D 225 11.77 -19.88 -7.25
CA PRO D 225 11.14 -20.97 -6.50
C PRO D 225 12.03 -22.22 -6.46
N VAL D 226 12.55 -22.59 -7.64
CA VAL D 226 13.55 -23.60 -7.80
C VAL D 226 14.76 -22.94 -8.45
N ILE D 227 15.94 -23.18 -7.87
CA ILE D 227 17.19 -22.66 -8.42
C ILE D 227 17.53 -23.45 -9.68
N ALA D 228 17.50 -22.78 -10.83
CA ALA D 228 17.62 -23.48 -12.11
C ALA D 228 19.08 -23.45 -12.58
N ALA D 229 19.56 -22.27 -12.98
CA ALA D 229 20.88 -22.15 -13.61
C ALA D 229 21.98 -22.52 -12.63
N GLY D 230 21.68 -22.44 -11.34
CA GLY D 230 22.66 -22.78 -10.31
C GLY D 230 22.70 -24.27 -9.98
N GLY D 231 21.86 -25.10 -10.62
CA GLY D 231 22.04 -26.54 -10.57
C GLY D 231 20.76 -27.33 -10.30
N VAL D 232 19.63 -26.80 -10.76
CA VAL D 232 18.34 -27.46 -10.64
C VAL D 232 18.17 -27.96 -9.20
N ILE D 233 17.96 -27.02 -8.29
CA ILE D 233 17.92 -27.31 -6.88
C ILE D 233 16.57 -26.92 -6.31
N PRO D 234 15.65 -27.89 -6.16
CA PRO D 234 14.37 -27.61 -5.52
C PRO D 234 14.56 -27.25 -4.05
N PRO D 235 13.63 -26.47 -3.47
CA PRO D 235 13.75 -26.10 -2.07
C PRO D 235 13.51 -27.30 -1.16
N PRO D 236 14.09 -27.33 0.04
CA PRO D 236 13.68 -28.31 1.03
C PRO D 236 12.27 -28.07 1.57
N THR D 237 11.66 -29.15 2.08
CA THR D 237 10.31 -29.13 2.62
C THR D 237 10.16 -27.95 3.58
N GLY D 238 9.10 -27.17 3.38
CA GLY D 238 8.70 -26.13 4.34
C GLY D 238 9.43 -24.81 4.08
N TYR D 239 10.44 -24.82 3.19
CA TYR D 239 11.36 -23.72 3.00
C TYR D 239 10.58 -22.41 2.77
N TRP D 240 9.67 -22.41 1.78
CA TRP D 240 9.08 -21.15 1.35
C TRP D 240 8.15 -20.56 2.42
N ALA D 241 7.47 -21.40 3.20
CA ALA D 241 6.63 -20.90 4.28
C ALA D 241 7.49 -20.24 5.36
N ALA D 242 8.64 -20.85 5.67
CA ALA D 242 9.53 -20.34 6.69
C ALA D 242 10.13 -19.00 6.26
N ILE D 243 10.58 -18.92 4.98
CA ILE D 243 11.25 -17.75 4.47
C ILE D 243 10.29 -16.57 4.47
N GLN D 244 9.06 -16.83 4.00
CA GLN D 244 8.04 -15.80 3.95
C GLN D 244 7.73 -15.27 5.35
N ALA D 245 7.64 -16.17 6.33
CA ALA D 245 7.28 -15.75 7.66
C ALA D 245 8.31 -14.77 8.22
N VAL D 246 9.59 -15.05 7.98
CA VAL D 246 10.68 -14.19 8.40
C VAL D 246 10.59 -12.86 7.67
N CYS D 247 10.43 -12.90 6.34
CA CYS D 247 10.37 -11.67 5.57
C CYS D 247 9.20 -10.79 6.05
N LYS D 248 8.04 -11.40 6.31
CA LYS D 248 6.86 -10.67 6.74
C LYS D 248 7.15 -10.01 8.09
N ARG D 249 7.88 -10.70 8.96
CA ARG D 249 8.14 -10.21 10.30
C ARG D 249 8.92 -8.90 10.25
N TYR D 250 9.80 -8.73 9.26
CA TYR D 250 10.69 -7.58 9.22
C TYR D 250 10.35 -6.67 8.04
N ASP D 251 9.16 -6.80 7.46
CA ASP D 251 8.68 -5.91 6.41
C ASP D 251 9.67 -5.92 5.25
N ILE D 252 10.07 -7.12 4.87
CA ILE D 252 10.96 -7.34 3.74
C ILE D 252 10.13 -7.85 2.58
N LEU D 253 10.20 -7.13 1.44
CA LEU D 253 9.46 -7.48 0.24
C LEU D 253 9.91 -8.86 -0.23
N VAL D 254 8.96 -9.65 -0.73
CA VAL D 254 9.29 -10.94 -1.30
C VAL D 254 9.22 -10.84 -2.82
N VAL D 255 10.38 -10.97 -3.47
CA VAL D 255 10.47 -10.90 -4.91
C VAL D 255 10.73 -12.30 -5.44
N ILE D 256 9.81 -12.80 -6.25
CA ILE D 256 9.94 -14.15 -6.77
C ILE D 256 10.27 -14.09 -8.25
N ASP D 257 11.42 -14.68 -8.59
CA ASP D 257 11.92 -14.70 -9.95
C ASP D 257 11.41 -15.96 -10.63
N GLU D 258 10.40 -15.81 -11.48
CA GLU D 258 9.83 -16.92 -12.23
C GLU D 258 10.23 -16.84 -13.71
N ILE D 259 11.43 -16.31 -13.95
CA ILE D 259 11.89 -16.16 -15.31
C ILE D 259 11.93 -17.54 -16.00
N ILE D 260 12.24 -18.57 -15.23
CA ILE D 260 12.30 -19.93 -15.75
C ILE D 260 11.09 -20.76 -15.32
N THR D 261 10.66 -20.65 -14.05
CA THR D 261 9.60 -21.49 -13.53
C THR D 261 8.23 -21.07 -14.04
N GLY D 262 8.13 -19.87 -14.61
CA GLY D 262 6.85 -19.35 -15.05
C GLY D 262 6.26 -20.12 -16.24
N PHE D 263 4.92 -20.22 -16.27
CA PHE D 263 4.14 -20.75 -17.38
C PHE D 263 4.31 -22.27 -17.49
N GLY D 264 4.18 -22.98 -16.36
CA GLY D 264 3.82 -24.39 -16.41
C GLY D 264 5.02 -25.30 -16.16
N ARG D 265 6.20 -24.70 -16.01
CA ARG D 265 7.42 -25.49 -15.94
C ARG D 265 7.37 -26.50 -14.80
N LEU D 266 6.77 -26.13 -13.67
CA LEU D 266 6.80 -26.97 -12.47
C LEU D 266 5.49 -27.74 -12.28
N GLY D 267 4.56 -27.62 -13.23
CA GLY D 267 3.30 -28.34 -13.13
C GLY D 267 2.19 -27.45 -12.60
N THR D 268 2.53 -26.19 -12.31
CA THR D 268 1.54 -25.15 -12.10
C THR D 268 1.90 -23.95 -12.96
N MET D 269 0.91 -23.08 -13.19
CA MET D 269 1.10 -21.95 -14.08
C MET D 269 2.32 -21.17 -13.59
N PHE D 270 2.36 -20.88 -12.29
CA PHE D 270 3.53 -20.29 -11.66
C PHE D 270 4.01 -21.17 -10.51
N GLY D 271 5.32 -21.28 -10.37
CA GLY D 271 5.91 -22.05 -9.28
C GLY D 271 5.42 -21.57 -7.93
N SER D 272 5.11 -20.27 -7.84
CA SER D 272 4.64 -19.68 -6.60
C SER D 272 3.44 -20.45 -6.06
N GLN D 273 2.61 -20.98 -6.97
CA GLN D 273 1.41 -21.69 -6.57
C GLN D 273 1.80 -23.03 -5.95
N LEU D 274 2.75 -23.72 -6.59
CA LEU D 274 3.17 -25.02 -6.10
C LEU D 274 3.70 -24.91 -4.68
N TYR D 275 4.47 -23.86 -4.37
CA TYR D 275 5.16 -23.77 -3.08
C TYR D 275 4.45 -22.82 -2.11
N GLY D 276 3.27 -22.35 -2.49
CA GLY D 276 2.50 -21.50 -1.60
C GLY D 276 3.18 -20.16 -1.33
N ILE D 277 3.81 -19.59 -2.36
CA ILE D 277 4.49 -18.30 -2.22
C ILE D 277 3.52 -17.20 -2.62
N GLN D 278 3.42 -16.16 -1.78
CA GLN D 278 2.68 -14.98 -2.15
C GLN D 278 3.67 -13.83 -2.36
N PRO D 279 4.15 -13.59 -3.60
CA PRO D 279 5.10 -12.54 -3.85
C PRO D 279 4.50 -11.16 -3.70
N ASP D 280 5.32 -10.20 -3.29
CA ASP D 280 5.01 -8.79 -3.49
C ASP D 280 5.29 -8.39 -4.93
N ILE D 281 6.30 -9.04 -5.52
CA ILE D 281 6.74 -8.76 -6.89
C ILE D 281 7.06 -10.09 -7.56
N MET D 282 6.56 -10.28 -8.77
CA MET D 282 6.86 -11.47 -9.54
C MET D 282 7.43 -11.04 -10.89
N VAL D 283 8.47 -11.75 -11.33
CA VAL D 283 9.20 -11.42 -12.53
C VAL D 283 9.13 -12.58 -13.53
N LEU D 284 8.81 -12.27 -14.79
CA LEU D 284 8.53 -13.26 -15.81
C LEU D 284 9.32 -12.94 -17.07
N SER D 285 9.63 -13.99 -17.84
CA SER D 285 10.23 -13.87 -19.15
C SER D 285 10.25 -15.26 -19.81
N LYS D 286 11.10 -15.43 -20.82
CA LYS D 286 11.41 -16.72 -21.40
C LYS D 286 10.15 -17.41 -21.94
N GLN D 287 9.57 -18.33 -21.15
CA GLN D 287 8.42 -19.10 -21.61
C GLN D 287 7.23 -18.17 -21.87
N LEU D 288 7.34 -16.91 -21.42
CA LEU D 288 6.34 -15.89 -21.71
C LEU D 288 6.12 -15.74 -23.21
N THR D 289 7.19 -15.91 -24.02
CA THR D 289 7.09 -15.78 -25.46
C THR D 289 7.75 -16.97 -26.15
N SER D 290 8.11 -18.00 -25.39
CA SER D 290 8.95 -19.08 -25.91
C SER D 290 10.22 -18.50 -26.51
N SER D 291 10.58 -17.28 -26.13
CA SER D 291 11.76 -16.57 -26.63
C SER D 291 11.65 -16.26 -28.11
N TYR D 292 10.43 -16.26 -28.68
CA TYR D 292 10.25 -15.94 -30.08
C TYR D 292 10.37 -14.44 -30.27
N GLN D 293 10.19 -13.70 -29.18
CA GLN D 293 10.42 -12.27 -29.11
C GLN D 293 11.03 -11.96 -27.76
N PRO D 294 11.95 -10.96 -27.68
CA PRO D 294 12.43 -10.49 -26.38
C PRO D 294 11.35 -9.82 -25.55
N LEU D 295 10.99 -10.43 -24.42
CA LEU D 295 10.04 -9.82 -23.53
C LEU D 295 10.22 -10.33 -22.10
N ALA D 296 9.97 -9.42 -21.14
CA ALA D 296 9.85 -9.77 -19.75
C ALA D 296 8.85 -8.85 -19.08
N ALA D 297 8.38 -9.25 -17.90
CA ALA D 297 7.39 -8.47 -17.18
C ALA D 297 7.72 -8.46 -15.69
N VAL D 298 7.58 -7.28 -15.09
CA VAL D 298 7.56 -7.16 -13.64
C VAL D 298 6.13 -6.95 -13.21
N VAL D 299 5.60 -7.84 -12.37
CA VAL D 299 4.26 -7.69 -11.83
C VAL D 299 4.34 -7.33 -10.36
N VAL D 300 3.64 -6.26 -9.95
CA VAL D 300 3.78 -5.74 -8.60
C VAL D 300 2.40 -5.66 -7.95
N SER D 301 2.41 -5.69 -6.61
CA SER D 301 1.20 -5.60 -5.79
C SER D 301 0.52 -4.25 -5.98
N ASP D 302 -0.73 -4.14 -5.52
CA ASP D 302 -1.44 -2.87 -5.54
C ASP D 302 -0.74 -1.88 -4.62
N ALA D 303 -0.16 -2.37 -3.53
CA ALA D 303 0.48 -1.50 -2.56
C ALA D 303 1.71 -0.85 -3.20
N MET D 304 2.55 -1.68 -3.83
CA MET D 304 3.72 -1.20 -4.54
C MET D 304 3.29 -0.13 -5.54
N ASN D 305 2.26 -0.45 -6.32
CA ASN D 305 1.86 0.40 -7.42
C ASN D 305 1.38 1.74 -6.87
N ASP D 306 0.65 1.70 -5.74
CA ASP D 306 0.12 2.91 -5.14
C ASP D 306 1.28 3.86 -4.80
N VAL D 307 2.40 3.32 -4.33
CA VAL D 307 3.55 4.14 -3.97
C VAL D 307 4.18 4.70 -5.25
N LEU D 308 4.26 3.88 -6.31
CA LEU D 308 4.78 4.35 -7.58
C LEU D 308 3.96 5.55 -8.07
N VAL D 309 2.64 5.43 -7.92
CA VAL D 309 1.72 6.47 -8.36
C VAL D 309 1.89 7.72 -7.49
N SER D 310 2.07 7.55 -6.19
CA SER D 310 2.18 8.65 -5.26
C SER D 310 3.47 9.41 -5.54
N GLN D 311 4.49 8.70 -6.02
CA GLN D 311 5.74 9.35 -6.37
C GLN D 311 5.56 10.24 -7.61
N SER D 312 4.74 9.81 -8.58
CA SER D 312 4.51 10.60 -9.78
C SER D 312 3.81 11.90 -9.42
N GLN D 313 2.99 11.87 -8.37
CA GLN D 313 2.30 13.05 -7.88
C GLN D 313 3.31 14.15 -7.52
N ARG D 314 4.47 13.81 -6.93
CA ARG D 314 5.41 14.83 -6.48
C ARG D 314 6.63 14.93 -7.37
N LEU D 315 6.95 13.91 -8.19
CA LEU D 315 8.16 13.94 -8.99
C LEU D 315 7.84 14.22 -10.45
N GLY D 316 6.59 14.01 -10.88
CA GLY D 316 6.18 14.43 -12.20
C GLY D 316 6.19 13.28 -13.22
N ALA D 317 6.90 12.20 -12.93
CA ALA D 317 6.96 11.07 -13.84
C ALA D 317 7.72 9.93 -13.17
N PHE D 318 7.37 8.71 -13.54
CA PHE D 318 8.16 7.54 -13.21
C PHE D 318 9.30 7.47 -14.20
N ALA D 319 10.48 7.96 -13.76
CA ALA D 319 11.58 8.25 -14.67
C ALA D 319 12.39 6.98 -14.93
N HIS D 320 11.74 6.02 -15.60
CA HIS D 320 12.31 4.71 -15.89
C HIS D 320 11.58 4.13 -17.08
N GLY D 321 12.33 3.59 -18.04
CA GLY D 321 11.73 2.96 -19.21
C GLY D 321 12.78 2.51 -20.23
N PHE D 322 12.36 1.59 -21.11
CA PHE D 322 13.17 1.15 -22.23
C PHE D 322 12.41 1.47 -23.52
N THR D 323 13.17 1.65 -24.61
CA THR D 323 12.60 2.04 -25.89
C THR D 323 11.47 1.08 -26.25
N CYS D 324 11.73 -0.22 -26.11
CA CYS D 324 10.83 -1.27 -26.54
C CYS D 324 10.01 -1.83 -25.39
N THR D 325 9.91 -1.07 -24.29
CA THR D 325 8.95 -1.40 -23.24
C THR D 325 7.58 -1.48 -23.90
N GLY D 326 6.92 -2.63 -23.75
CA GLY D 326 5.55 -2.81 -24.20
C GLY D 326 5.45 -3.02 -25.71
N HIS D 327 6.54 -3.50 -26.33
CA HIS D 327 6.59 -3.58 -27.78
C HIS D 327 5.37 -4.34 -28.28
N PRO D 328 4.63 -3.77 -29.25
CA PRO D 328 3.37 -4.35 -29.70
C PRO D 328 3.54 -5.74 -30.29
N VAL D 329 4.67 -5.98 -30.98
CA VAL D 329 4.88 -7.28 -31.59
C VAL D 329 5.24 -8.31 -30.53
N ALA D 330 6.17 -7.96 -29.64
CA ALA D 330 6.58 -8.88 -28.62
C ALA D 330 5.41 -9.24 -27.71
N THR D 331 4.59 -8.24 -27.34
CA THR D 331 3.47 -8.50 -26.45
C THR D 331 2.39 -9.31 -27.18
N ALA D 332 2.17 -9.00 -28.46
CA ALA D 332 1.21 -9.77 -29.25
C ALA D 332 1.61 -11.25 -29.23
N VAL D 333 2.91 -11.51 -29.37
CA VAL D 333 3.40 -12.89 -29.41
C VAL D 333 3.22 -13.55 -28.04
N ALA D 334 3.39 -12.78 -26.98
CA ALA D 334 3.24 -13.32 -25.63
C ALA D 334 1.79 -13.75 -25.43
N LEU D 335 0.87 -12.93 -25.90
CA LEU D 335 -0.55 -13.19 -25.78
C LEU D 335 -0.88 -14.53 -26.44
N GLU D 336 -0.42 -14.70 -27.69
CA GLU D 336 -0.70 -15.92 -28.44
C GLU D 336 -0.07 -17.12 -27.74
N ASN D 337 1.17 -16.93 -27.27
CA ASN D 337 1.89 -17.98 -26.59
C ASN D 337 1.08 -18.48 -25.40
N ILE D 338 0.49 -17.53 -24.64
CA ILE D 338 -0.23 -17.89 -23.44
C ILE D 338 -1.58 -18.52 -23.81
N ARG D 339 -2.26 -17.93 -24.81
CA ARG D 339 -3.47 -18.53 -25.36
C ARG D 339 -3.25 -20.01 -25.67
N ILE D 340 -2.11 -20.32 -26.30
CA ILE D 340 -1.81 -21.68 -26.71
C ILE D 340 -1.62 -22.58 -25.48
N ILE D 341 -0.93 -22.08 -24.47
CA ILE D 341 -0.67 -22.86 -23.28
C ILE D 341 -1.98 -23.21 -22.59
N GLU D 342 -2.91 -22.24 -22.54
CA GLU D 342 -4.18 -22.44 -21.87
C GLU D 342 -5.08 -23.37 -22.69
N GLU D 343 -5.21 -23.08 -23.97
CA GLU D 343 -6.15 -23.78 -24.84
C GLU D 343 -5.80 -25.27 -24.91
N ARG D 344 -4.50 -25.60 -25.00
CA ARG D 344 -4.08 -26.98 -25.09
C ARG D 344 -3.85 -27.58 -23.70
N ASP D 345 -4.15 -26.80 -22.64
CA ASP D 345 -3.92 -27.21 -21.25
C ASP D 345 -2.53 -27.80 -21.10
N LEU D 346 -1.47 -27.04 -21.42
CA LEU D 346 -0.12 -27.55 -21.37
C LEU D 346 0.36 -27.65 -19.91
N VAL D 347 -0.27 -26.89 -19.01
CA VAL D 347 -0.01 -27.07 -17.59
C VAL D 347 -0.47 -28.47 -17.16
N GLY D 348 -1.70 -28.83 -17.57
CA GLY D 348 -2.20 -30.17 -17.36
C GLY D 348 -1.30 -31.24 -17.98
N HIS D 349 -0.80 -30.99 -19.20
CA HIS D 349 0.09 -31.91 -19.87
C HIS D 349 1.32 -32.16 -19.00
N VAL D 350 1.85 -31.10 -18.39
CA VAL D 350 3.06 -31.24 -17.60
C VAL D 350 2.75 -32.11 -16.38
N GLN D 351 1.59 -31.90 -15.75
CA GLN D 351 1.19 -32.68 -14.59
C GLN D 351 1.13 -34.18 -14.92
N HIS D 352 0.65 -34.53 -16.11
CA HIS D 352 0.54 -35.93 -16.53
C HIS D 352 1.90 -36.47 -16.95
N LEU D 353 2.77 -35.62 -17.51
CA LEU D 353 4.03 -36.10 -18.04
C LEU D 353 5.13 -36.08 -16.96
N ALA D 354 4.97 -35.24 -15.94
CA ALA D 354 6.02 -34.99 -14.97
C ALA D 354 6.45 -36.29 -14.30
N PRO D 355 5.51 -37.14 -13.81
CA PRO D 355 5.91 -38.37 -13.12
C PRO D 355 6.73 -39.32 -14.00
N VAL D 356 6.44 -39.33 -15.32
CA VAL D 356 7.19 -40.16 -16.28
C VAL D 356 8.59 -39.59 -16.45
N PHE D 357 8.64 -38.25 -16.63
CA PHE D 357 9.89 -37.54 -16.76
C PHE D 357 10.77 -37.78 -15.54
N GLN D 358 10.18 -37.62 -14.34
CA GLN D 358 10.94 -37.75 -13.11
C GLN D 358 11.43 -39.20 -12.91
N ARG D 359 10.60 -40.16 -13.33
CA ARG D 359 10.96 -41.57 -13.15
C ARG D 359 12.15 -41.89 -14.05
N HIS D 360 12.15 -41.36 -15.28
CA HIS D 360 13.28 -41.55 -16.19
C HIS D 360 14.57 -40.94 -15.59
N LEU D 361 14.44 -39.80 -14.90
CA LEU D 361 15.58 -39.18 -14.25
C LEU D 361 16.10 -40.07 -13.15
N ARG D 362 15.18 -40.52 -12.29
CA ARG D 362 15.49 -41.30 -11.10
C ARG D 362 16.17 -42.62 -11.49
N ALA D 363 15.86 -43.13 -12.68
CA ALA D 363 16.44 -44.38 -13.15
C ALA D 363 17.96 -44.34 -13.07
N PHE D 364 18.56 -43.15 -13.05
CA PHE D 364 20.02 -43.03 -13.09
C PHE D 364 20.59 -42.96 -11.67
N GLU D 365 19.74 -43.07 -10.64
CA GLU D 365 20.19 -42.95 -9.25
C GLU D 365 21.26 -43.99 -8.93
N ASP D 366 21.13 -45.19 -9.50
CA ASP D 366 21.98 -46.32 -9.15
C ASP D 366 23.25 -46.35 -10.01
N HIS D 367 23.42 -45.37 -10.93
CA HIS D 367 24.56 -45.33 -11.83
C HIS D 367 25.82 -44.97 -11.04
N PRO D 368 27.01 -45.52 -11.40
CA PRO D 368 28.23 -45.29 -10.62
C PRO D 368 28.63 -43.81 -10.51
N LEU D 369 28.34 -43.03 -11.57
CA LEU D 369 28.77 -41.65 -11.69
C LEU D 369 27.81 -40.69 -11.00
N VAL D 370 26.57 -41.13 -10.73
CA VAL D 370 25.50 -40.25 -10.28
C VAL D 370 25.42 -40.24 -8.75
N GLY D 371 25.52 -39.04 -8.16
CA GLY D 371 25.48 -38.87 -6.73
C GLY D 371 24.10 -38.45 -6.23
N ASN D 372 23.34 -37.76 -7.08
CA ASN D 372 22.06 -37.21 -6.70
C ASN D 372 21.22 -36.96 -7.95
N VAL D 373 19.92 -37.19 -7.83
CA VAL D 373 18.97 -36.82 -8.86
C VAL D 373 17.87 -35.98 -8.22
N ARG D 374 17.48 -34.89 -8.89
CA ARG D 374 16.48 -34.01 -8.33
C ARG D 374 15.71 -33.36 -9.47
N GLY D 375 14.49 -32.90 -9.18
CA GLY D 375 13.63 -32.39 -10.22
C GLY D 375 12.23 -32.09 -9.69
N VAL D 376 11.52 -31.23 -10.41
CA VAL D 376 10.12 -30.95 -10.17
C VAL D 376 9.52 -30.67 -11.53
N GLY D 377 8.27 -31.11 -11.71
CA GLY D 377 7.57 -30.92 -12.96
C GLY D 377 8.44 -31.35 -14.14
N LEU D 378 8.69 -30.45 -15.08
CA LEU D 378 9.40 -30.79 -16.30
C LEU D 378 10.79 -30.18 -16.27
N MET D 379 11.38 -30.11 -15.07
CA MET D 379 12.76 -29.69 -14.89
C MET D 379 13.47 -30.72 -14.02
N GLY D 380 14.69 -31.12 -14.43
CA GLY D 380 15.41 -32.11 -13.66
C GLY D 380 16.91 -31.95 -13.78
N GLY D 381 17.62 -32.57 -12.82
CA GLY D 381 19.07 -32.50 -12.79
C GLY D 381 19.67 -33.83 -12.30
N ILE D 382 20.78 -34.22 -12.93
CA ILE D 382 21.52 -35.40 -12.56
C ILE D 382 22.95 -34.98 -12.21
N GLU D 383 23.30 -35.05 -10.93
CA GLU D 383 24.59 -34.56 -10.51
C GLU D 383 25.58 -35.72 -10.50
N LEU D 384 26.65 -35.58 -11.29
CA LEU D 384 27.72 -36.55 -11.33
C LEU D 384 28.76 -36.20 -10.26
N VAL D 385 29.30 -37.23 -9.60
CA VAL D 385 30.26 -37.07 -8.52
C VAL D 385 31.38 -38.11 -8.67
N ALA D 386 32.47 -37.88 -7.95
CA ALA D 386 33.64 -38.75 -8.00
C ALA D 386 33.48 -39.92 -7.02
N ASP D 387 32.81 -39.67 -5.90
CA ASP D 387 32.57 -40.70 -4.89
C ASP D 387 31.14 -40.53 -4.37
N LYS D 388 30.31 -41.57 -4.53
CA LYS D 388 28.92 -41.55 -4.11
C LYS D 388 28.80 -41.55 -2.58
N ALA D 389 29.73 -42.23 -1.90
CA ALA D 389 29.73 -42.33 -0.45
C ALA D 389 29.89 -40.95 0.19
N THR D 390 30.92 -40.21 -0.21
CA THR D 390 31.29 -38.95 0.45
C THR D 390 30.69 -37.75 -0.31
N ARG D 391 29.82 -38.02 -1.30
CA ARG D 391 29.13 -37.01 -2.08
C ARG D 391 30.09 -35.97 -2.64
N GLN D 392 31.34 -36.37 -2.92
CA GLN D 392 32.42 -35.42 -3.14
C GLN D 392 32.58 -35.13 -4.65
N PRO D 393 32.75 -33.85 -5.06
CA PRO D 393 32.96 -33.50 -6.46
C PRO D 393 34.32 -33.94 -7.03
N PHE D 394 34.55 -33.57 -8.30
CA PHE D 394 35.77 -33.93 -9.02
C PHE D 394 36.86 -32.89 -8.77
N ALA D 395 38.07 -33.20 -9.23
CA ALA D 395 39.25 -32.39 -8.97
C ALA D 395 39.00 -30.95 -9.46
N GLN D 396 38.73 -30.80 -10.76
CA GLN D 396 38.29 -29.54 -11.32
C GLN D 396 36.82 -29.67 -11.70
N PRO D 397 35.89 -29.13 -10.89
CA PRO D 397 34.47 -29.28 -11.20
C PRO D 397 34.16 -28.77 -12.60
N GLY D 398 33.31 -29.50 -13.33
CA GLY D 398 32.87 -29.08 -14.66
C GLY D 398 33.59 -29.84 -15.77
N THR D 399 34.63 -30.61 -15.43
CA THR D 399 35.40 -31.33 -16.42
C THR D 399 34.50 -32.40 -17.06
N LEU D 400 33.88 -33.21 -16.20
CA LEU D 400 33.03 -34.30 -16.66
C LEU D 400 31.76 -33.75 -17.31
N GLY D 401 31.15 -32.75 -16.65
CA GLY D 401 29.96 -32.11 -17.20
C GLY D 401 30.24 -31.50 -18.58
N GLY D 402 31.40 -30.85 -18.71
CA GLY D 402 31.81 -30.26 -19.98
C GLY D 402 31.86 -31.31 -21.08
N TYR D 403 32.35 -32.50 -20.74
CA TYR D 403 32.48 -33.61 -21.66
C TYR D 403 31.09 -34.11 -22.07
N VAL D 404 30.21 -34.27 -21.07
CA VAL D 404 28.86 -34.76 -21.33
C VAL D 404 28.16 -33.79 -22.29
N PHE D 405 28.39 -32.49 -22.12
CA PHE D 405 27.72 -31.49 -22.94
C PHE D 405 28.14 -31.66 -24.40
N LYS D 406 29.45 -31.82 -24.63
CA LYS D 406 29.99 -31.96 -25.98
C LYS D 406 29.54 -33.28 -26.57
N GLN D 407 29.69 -34.36 -25.79
CA GLN D 407 29.48 -35.71 -26.26
C GLN D 407 28.02 -35.96 -26.59
N ALA D 408 27.10 -35.37 -25.82
CA ALA D 408 25.68 -35.56 -26.04
C ALA D 408 25.31 -35.13 -27.45
N HIS D 409 26.04 -34.16 -28.03
CA HIS D 409 25.77 -33.67 -29.38
C HIS D 409 25.93 -34.79 -30.41
N LYS D 410 26.91 -35.65 -30.17
CA LYS D 410 27.22 -36.73 -31.10
C LYS D 410 26.12 -37.78 -31.06
N HIS D 411 25.24 -37.74 -30.05
CA HIS D 411 24.08 -38.62 -29.99
C HIS D 411 22.77 -37.86 -30.20
N GLY D 412 22.85 -36.69 -30.83
CA GLY D 412 21.66 -35.93 -31.21
C GLY D 412 20.92 -35.29 -30.02
N LEU D 413 21.65 -34.99 -28.93
CA LEU D 413 21.04 -34.45 -27.72
C LEU D 413 21.74 -33.17 -27.27
N ILE D 414 20.94 -32.11 -27.06
CA ILE D 414 21.44 -30.90 -26.42
C ILE D 414 20.90 -30.80 -25.00
N ILE D 415 21.83 -30.85 -24.03
CA ILE D 415 21.51 -30.59 -22.63
C ILE D 415 22.38 -29.44 -22.14
N ARG D 416 22.37 -29.18 -20.84
CA ARG D 416 23.20 -28.14 -20.25
C ARG D 416 23.96 -28.72 -19.07
N ALA D 417 25.27 -28.44 -19.05
CA ALA D 417 26.10 -28.84 -17.93
C ALA D 417 26.25 -27.63 -17.02
N ILE D 418 25.81 -27.80 -15.77
CA ILE D 418 26.04 -26.83 -14.72
C ILE D 418 27.10 -27.43 -13.82
N TYR D 419 28.36 -27.08 -14.08
CA TYR D 419 29.49 -27.79 -13.50
C TYR D 419 29.29 -29.27 -13.87
N ASP D 420 29.07 -30.13 -12.87
CA ASP D 420 28.98 -31.55 -13.13
C ASP D 420 27.55 -32.05 -12.90
N THR D 421 26.59 -31.13 -12.98
CA THR D 421 25.18 -31.48 -12.94
C THR D 421 24.62 -31.36 -14.35
N ILE D 422 23.92 -32.39 -14.82
CA ILE D 422 23.32 -32.34 -16.13
C ILE D 422 21.87 -31.90 -16.00
N ALA D 423 21.50 -30.84 -16.73
CA ALA D 423 20.20 -30.23 -16.59
C ALA D 423 19.31 -30.64 -17.75
N PHE D 424 18.02 -30.82 -17.42
CA PHE D 424 17.00 -31.16 -18.39
C PHE D 424 15.81 -30.23 -18.16
N CYS D 425 15.35 -29.61 -19.25
CA CYS D 425 14.26 -28.66 -19.20
C CYS D 425 13.59 -28.62 -20.58
N PRO D 426 13.00 -29.75 -21.03
CA PRO D 426 12.50 -29.86 -22.39
C PRO D 426 11.23 -29.05 -22.61
N PRO D 427 10.83 -28.81 -23.88
CA PRO D 427 9.67 -27.98 -24.17
C PRO D 427 8.39 -28.50 -23.53
N LEU D 428 7.38 -27.62 -23.38
CA LEU D 428 6.11 -28.02 -22.79
C LEU D 428 5.40 -29.01 -23.69
N ILE D 429 5.74 -29.00 -24.99
CA ILE D 429 5.08 -29.84 -25.98
C ILE D 429 5.77 -31.20 -26.07
N THR D 430 6.79 -31.43 -25.24
CA THR D 430 7.43 -32.73 -25.15
C THR D 430 6.38 -33.82 -24.98
N THR D 431 6.59 -34.96 -25.68
CA THR D 431 5.76 -36.14 -25.56
C THR D 431 6.50 -37.21 -24.75
N GLN D 432 5.75 -38.24 -24.33
CA GLN D 432 6.36 -39.42 -23.72
C GLN D 432 7.43 -40.02 -24.64
N ASP D 433 7.20 -40.02 -25.96
CA ASP D 433 8.16 -40.58 -26.91
C ASP D 433 9.44 -39.74 -26.93
N ASP D 434 9.29 -38.42 -26.92
CA ASP D 434 10.41 -37.51 -26.82
C ASP D 434 11.23 -37.80 -25.57
N ILE D 435 10.55 -38.10 -24.45
CA ILE D 435 11.25 -38.36 -23.20
C ILE D 435 12.12 -39.61 -23.34
N GLU D 436 11.58 -40.65 -23.99
CA GLU D 436 12.30 -41.91 -24.17
C GLU D 436 13.52 -41.66 -25.06
N ALA D 437 13.35 -40.81 -26.09
CA ALA D 437 14.42 -40.47 -27.01
C ALA D 437 15.52 -39.69 -26.29
N ILE D 438 15.11 -38.80 -25.38
CA ILE D 438 16.05 -37.98 -24.64
C ILE D 438 16.94 -38.88 -23.81
N PHE D 439 16.33 -39.76 -23.01
CA PHE D 439 17.09 -40.48 -21.99
C PHE D 439 17.84 -41.64 -22.61
N SER D 440 17.30 -42.20 -23.70
CA SER D 440 18.04 -43.13 -24.54
C SER D 440 19.36 -42.48 -24.99
N ALA D 441 19.27 -41.28 -25.61
CA ALA D 441 20.46 -40.60 -26.09
C ALA D 441 21.39 -40.23 -24.92
N PHE D 442 20.79 -39.90 -23.77
CA PHE D 442 21.59 -39.53 -22.62
C PHE D 442 22.31 -40.77 -22.07
N GLU D 443 21.67 -41.95 -22.15
CA GLU D 443 22.24 -43.18 -21.63
C GLU D 443 23.52 -43.52 -22.39
N ARG D 444 23.49 -43.39 -23.72
CA ARG D 444 24.67 -43.56 -24.54
C ARG D 444 25.73 -42.53 -24.16
N THR D 445 25.31 -41.27 -23.96
CA THR D 445 26.28 -40.22 -23.64
C THR D 445 26.98 -40.56 -22.32
N LEU D 446 26.19 -41.06 -21.36
CA LEU D 446 26.70 -41.33 -20.03
C LEU D 446 27.61 -42.55 -20.07
N ALA D 447 27.35 -43.47 -20.99
CA ALA D 447 28.22 -44.63 -21.19
C ALA D 447 29.58 -44.17 -21.73
N ASP D 448 29.57 -43.31 -22.76
CA ASP D 448 30.80 -42.71 -23.26
C ASP D 448 31.53 -41.99 -22.13
N ALA D 449 30.77 -41.30 -21.26
CA ALA D 449 31.34 -40.51 -20.19
C ALA D 449 32.01 -41.42 -19.15
N THR D 450 31.40 -42.59 -18.91
CA THR D 450 31.93 -43.54 -17.94
C THR D 450 33.27 -44.06 -18.44
N ASP D 451 33.38 -44.34 -19.75
CA ASP D 451 34.64 -44.76 -20.36
C ASP D 451 35.67 -43.63 -20.25
N TRP D 452 35.27 -42.42 -20.65
CA TRP D 452 36.18 -41.29 -20.74
C TRP D 452 36.75 -40.96 -19.36
N ALA D 453 35.94 -41.16 -18.31
CA ALA D 453 36.31 -40.83 -16.95
C ALA D 453 37.35 -41.83 -16.41
N ARG D 454 37.29 -43.09 -16.86
CA ARG D 454 38.28 -44.08 -16.46
C ARG D 454 39.63 -43.74 -17.09
N SER D 455 39.65 -43.45 -18.40
CA SER D 455 40.89 -43.18 -19.10
C SER D 455 41.53 -41.85 -18.65
N GLN D 456 40.75 -41.00 -17.97
CA GLN D 456 41.25 -39.72 -17.45
C GLN D 456 41.62 -39.84 -15.97
N HIS D 457 41.48 -41.05 -15.40
CA HIS D 457 41.75 -41.36 -14.00
C HIS D 457 41.06 -40.33 -13.08
N LEU D 458 39.72 -40.25 -13.17
CA LEU D 458 38.93 -39.28 -12.43
C LEU D 458 38.11 -40.01 -11.37
N LEU D 459 37.81 -41.30 -11.59
CA LEU D 459 36.79 -42.01 -10.82
C LEU D 459 37.08 -41.96 -9.31
N HIS E 4 -61.02 -21.91 -23.54
CA HIS E 4 -62.41 -21.39 -23.57
C HIS E 4 -62.73 -21.02 -25.03
N SER E 5 -62.65 -19.74 -25.43
CA SER E 5 -62.75 -19.34 -26.84
C SER E 5 -61.39 -19.45 -27.54
N SER E 6 -61.33 -19.12 -28.83
CA SER E 6 -60.09 -19.25 -29.59
C SER E 6 -59.04 -18.27 -29.07
N THR E 7 -59.48 -17.05 -28.75
CA THR E 7 -58.62 -16.00 -28.24
C THR E 7 -58.08 -16.39 -26.85
N VAL E 8 -58.92 -16.97 -26.00
CA VAL E 8 -58.52 -17.38 -24.67
C VAL E 8 -57.49 -18.52 -24.74
N GLN E 9 -57.68 -19.47 -25.66
CA GLN E 9 -56.80 -20.62 -25.77
C GLN E 9 -55.43 -20.16 -26.27
N ASN E 10 -55.48 -19.25 -27.25
CA ASN E 10 -54.29 -18.65 -27.84
C ASN E 10 -53.51 -17.87 -26.77
N ASP E 11 -54.23 -17.02 -26.04
CA ASP E 11 -53.67 -16.19 -24.99
C ASP E 11 -52.98 -17.08 -23.95
N LEU E 12 -53.70 -18.10 -23.45
CA LEU E 12 -53.20 -18.95 -22.39
C LEU E 12 -51.97 -19.73 -22.84
N ALA E 13 -51.85 -20.01 -24.14
CA ALA E 13 -50.78 -20.86 -24.62
C ALA E 13 -49.48 -20.06 -24.77
N ALA E 14 -49.58 -18.79 -25.23
CA ALA E 14 -48.46 -18.15 -25.88
C ALA E 14 -48.19 -16.71 -25.41
N LEU E 15 -49.11 -16.08 -24.65
CA LEU E 15 -49.01 -14.64 -24.42
C LEU E 15 -48.48 -14.37 -23.00
N ILE E 16 -47.32 -13.72 -22.93
CA ILE E 16 -46.83 -13.10 -21.70
C ILE E 16 -47.43 -11.70 -21.57
N HIS E 17 -48.19 -11.49 -20.51
CA HIS E 17 -48.89 -10.23 -20.31
C HIS E 17 -48.00 -9.24 -19.58
N PRO E 18 -48.00 -7.95 -19.99
CA PRO E 18 -47.41 -6.89 -19.19
C PRO E 18 -48.17 -6.63 -17.89
N ASN E 19 -47.43 -6.23 -16.86
CA ASN E 19 -48.00 -5.75 -15.61
C ASN E 19 -49.16 -6.66 -15.22
N THR E 20 -48.89 -7.96 -15.16
CA THR E 20 -49.90 -8.95 -14.83
C THR E 20 -49.25 -9.98 -13.91
N ASN E 21 -50.01 -10.49 -12.95
CA ASN E 21 -49.62 -11.70 -12.23
C ASN E 21 -49.67 -12.90 -13.17
N LEU E 22 -48.49 -13.33 -13.65
CA LEU E 22 -48.39 -14.34 -14.69
C LEU E 22 -48.81 -15.72 -14.16
N ALA E 23 -48.69 -15.94 -12.85
CA ALA E 23 -49.04 -17.20 -12.21
C ALA E 23 -50.56 -17.31 -12.06
N GLN E 24 -51.18 -16.26 -11.52
CA GLN E 24 -52.62 -16.12 -11.45
C GLN E 24 -53.23 -16.22 -12.86
N HIS E 25 -52.54 -15.72 -13.87
CA HIS E 25 -53.09 -15.68 -15.22
C HIS E 25 -53.32 -17.08 -15.75
N ARG E 26 -52.48 -18.04 -15.36
CA ARG E 26 -52.65 -19.43 -15.75
C ARG E 26 -53.95 -20.01 -15.20
N GLU E 27 -54.44 -19.48 -14.06
CA GLU E 27 -55.62 -20.02 -13.39
C GLU E 27 -56.87 -19.33 -13.93
N VAL E 28 -56.91 -17.99 -13.89
CA VAL E 28 -58.14 -17.26 -14.16
C VAL E 28 -58.22 -16.97 -15.67
N GLY E 29 -57.09 -16.88 -16.35
CA GLY E 29 -57.09 -16.58 -17.77
C GLY E 29 -57.45 -15.12 -18.08
N PRO E 30 -57.43 -14.73 -19.36
CA PRO E 30 -57.60 -13.33 -19.74
C PRO E 30 -59.07 -12.91 -19.78
N LEU E 31 -59.29 -11.59 -19.75
CA LEU E 31 -60.55 -10.99 -20.14
C LEU E 31 -60.39 -10.35 -21.52
N VAL E 32 -61.09 -10.89 -22.51
CA VAL E 32 -60.90 -10.46 -23.89
C VAL E 32 -61.73 -9.21 -24.16
N ILE E 33 -61.07 -8.12 -24.57
CA ILE E 33 -61.78 -6.92 -24.99
C ILE E 33 -61.91 -6.91 -26.51
N ALA E 34 -63.13 -6.70 -26.99
CA ALA E 34 -63.47 -6.99 -28.39
C ALA E 34 -63.86 -5.73 -29.16
N ARG E 35 -64.61 -4.82 -28.52
CA ARG E 35 -65.19 -3.70 -29.23
C ARG E 35 -65.15 -2.45 -28.34
N GLY E 36 -65.08 -1.29 -29.01
CA GLY E 36 -65.11 0.00 -28.33
C GLY E 36 -66.26 0.88 -28.79
N ASP E 37 -66.77 1.70 -27.88
CA ASP E 37 -67.80 2.67 -28.20
C ASP E 37 -67.75 3.83 -27.20
N GLY E 38 -67.26 4.99 -27.66
CA GLY E 38 -67.07 6.16 -26.79
C GLY E 38 -66.25 5.84 -25.55
N VAL E 39 -66.88 5.99 -24.37
CA VAL E 39 -66.18 5.80 -23.11
C VAL E 39 -66.35 4.36 -22.64
N ARG E 40 -66.86 3.50 -23.52
CA ARG E 40 -67.20 2.13 -23.16
C ARG E 40 -66.39 1.13 -23.99
N VAL E 41 -66.12 -0.03 -23.40
CA VAL E 41 -65.56 -1.14 -24.14
C VAL E 41 -66.38 -2.37 -23.79
N PHE E 42 -66.37 -3.34 -24.71
CA PHE E 42 -67.15 -4.55 -24.56
C PHE E 42 -66.19 -5.74 -24.63
N ASP E 43 -66.44 -6.74 -23.77
CA ASP E 43 -65.71 -7.99 -23.83
C ASP E 43 -66.31 -8.88 -24.92
N GLU E 44 -65.71 -10.05 -25.09
CA GLU E 44 -66.06 -10.99 -26.15
C GLU E 44 -67.48 -11.50 -25.93
N GLN E 45 -67.92 -11.59 -24.66
CA GLN E 45 -69.26 -12.06 -24.33
C GLN E 45 -70.29 -10.94 -24.48
N GLY E 46 -69.84 -9.70 -24.76
CA GLY E 46 -70.75 -8.61 -25.07
C GLY E 46 -71.11 -7.74 -23.85
N ASN E 47 -70.54 -8.03 -22.67
CA ASN E 47 -70.71 -7.18 -21.50
C ASN E 47 -70.07 -5.81 -21.72
N ALA E 48 -70.74 -4.77 -21.21
CA ALA E 48 -70.27 -3.40 -21.36
C ALA E 48 -69.57 -2.95 -20.08
N TYR E 49 -68.53 -2.13 -20.28
CA TYR E 49 -67.79 -1.53 -19.19
C TYR E 49 -67.53 -0.08 -19.55
N ILE E 50 -67.77 0.81 -18.58
CA ILE E 50 -67.27 2.17 -18.67
C ILE E 50 -65.78 2.14 -18.36
N GLU E 51 -64.99 2.69 -19.27
CA GLU E 51 -63.55 2.69 -19.11
C GLU E 51 -63.15 3.98 -18.41
N ALA E 52 -63.20 3.96 -17.07
CA ALA E 52 -62.97 5.16 -16.27
C ALA E 52 -61.49 5.52 -16.17
N MET E 53 -60.62 4.74 -16.86
CA MET E 53 -59.19 5.01 -16.86
C MET E 53 -58.69 5.36 -18.27
N SER E 54 -59.62 5.48 -19.23
CA SER E 54 -59.22 5.72 -20.61
C SER E 54 -58.16 4.71 -21.07
N GLY E 55 -58.32 3.46 -20.60
CA GLY E 55 -57.33 2.45 -20.89
C GLY E 55 -56.17 2.55 -19.91
N LEU E 56 -55.07 3.14 -20.37
CA LEU E 56 -53.95 3.45 -19.49
C LEU E 56 -53.75 4.96 -19.55
N TRP E 57 -54.71 5.70 -18.99
CA TRP E 57 -54.62 7.14 -18.90
C TRP E 57 -54.47 7.79 -20.28
N SER E 58 -54.92 7.10 -21.35
CA SER E 58 -54.41 7.42 -22.67
C SER E 58 -55.50 7.76 -23.69
N ALA E 59 -56.64 7.07 -23.66
CA ALA E 59 -57.63 7.12 -24.73
C ALA E 59 -58.46 8.40 -24.66
N ALA E 60 -57.86 9.52 -25.07
CA ALA E 60 -58.44 10.84 -24.83
C ALA E 60 -59.82 10.94 -25.48
N LEU E 61 -59.93 10.51 -26.73
CA LEU E 61 -61.15 10.68 -27.51
C LEU E 61 -61.97 9.38 -27.49
N GLY E 62 -61.75 8.52 -26.50
CA GLY E 62 -62.55 7.30 -26.36
C GLY E 62 -62.15 6.23 -27.39
N PHE E 63 -62.95 5.16 -27.43
CA PHE E 63 -62.55 3.93 -28.10
C PHE E 63 -63.28 3.72 -29.43
N SER E 64 -63.83 4.79 -30.05
CA SER E 64 -64.45 4.64 -31.35
C SER E 64 -64.57 5.98 -32.08
N GLU E 65 -63.48 6.76 -32.09
CA GLU E 65 -63.44 8.02 -32.79
C GLU E 65 -63.03 7.80 -34.25
N GLN E 66 -64.00 7.89 -35.15
CA GLN E 66 -63.80 7.54 -36.54
C GLN E 66 -62.82 8.49 -37.22
N ARG E 67 -62.73 9.75 -36.75
CA ARG E 67 -61.89 10.73 -37.43
C ARG E 67 -60.41 10.29 -37.39
N LEU E 68 -60.03 9.59 -36.30
CA LEU E 68 -58.66 9.10 -36.15
C LEU E 68 -58.41 7.95 -37.11
N VAL E 69 -59.38 7.03 -37.20
CA VAL E 69 -59.32 5.96 -38.17
C VAL E 69 -59.18 6.56 -39.57
N ASP E 70 -59.94 7.62 -39.87
CA ASP E 70 -59.93 8.23 -41.19
C ASP E 70 -58.54 8.79 -41.50
N ALA E 71 -57.92 9.45 -40.52
CA ALA E 71 -56.62 10.07 -40.74
C ALA E 71 -55.58 8.99 -41.02
N ALA E 72 -55.72 7.86 -40.31
CA ALA E 72 -54.84 6.71 -40.46
C ALA E 72 -54.97 6.12 -41.86
N VAL E 73 -56.22 5.89 -42.26
CA VAL E 73 -56.53 5.28 -43.54
C VAL E 73 -56.01 6.18 -44.66
N GLU E 74 -56.30 7.48 -44.56
CA GLU E 74 -55.85 8.46 -45.55
C GLU E 74 -54.33 8.36 -45.72
N GLN E 75 -53.59 8.25 -44.62
CA GLN E 75 -52.13 8.27 -44.67
C GLN E 75 -51.60 6.94 -45.18
N PHE E 76 -52.25 5.84 -44.77
CA PHE E 76 -51.88 4.51 -45.22
C PHE E 76 -51.89 4.42 -46.76
N LYS E 77 -52.84 5.10 -47.40
CA LYS E 77 -53.02 4.98 -48.84
C LYS E 77 -51.98 5.85 -49.56
N GLN E 78 -51.50 6.92 -48.91
CA GLN E 78 -50.43 7.74 -49.46
C GLN E 78 -49.09 7.03 -49.28
N LEU E 79 -48.70 6.81 -48.02
CA LEU E 79 -47.37 6.33 -47.67
C LEU E 79 -47.47 5.60 -46.32
N PRO E 80 -47.60 4.26 -46.32
CA PRO E 80 -47.86 3.52 -45.09
C PRO E 80 -46.68 3.49 -44.14
N TYR E 81 -45.46 3.63 -44.67
CA TYR E 81 -44.27 3.71 -43.84
C TYR E 81 -43.13 4.41 -44.58
N TYR E 82 -42.43 5.29 -43.88
CA TYR E 82 -41.07 5.68 -44.24
C TYR E 82 -40.34 6.21 -43.01
N HIS E 83 -39.02 6.21 -43.09
CA HIS E 83 -38.17 6.55 -41.95
C HIS E 83 -37.77 8.01 -42.05
N SER E 84 -37.07 8.48 -41.01
CA SER E 84 -36.61 9.86 -40.94
C SER E 84 -35.10 9.92 -40.78
N PHE E 85 -34.40 8.85 -41.18
CA PHE E 85 -32.95 8.79 -41.09
C PHE E 85 -32.34 9.46 -42.31
N SER E 86 -31.07 9.90 -42.20
CA SER E 86 -30.31 10.41 -43.33
C SER E 86 -31.08 11.53 -44.04
N HIS E 87 -31.74 12.40 -43.26
CA HIS E 87 -32.36 13.63 -43.72
C HIS E 87 -33.74 13.38 -44.34
N LYS E 88 -34.17 12.12 -44.43
CA LYS E 88 -35.48 11.81 -44.98
C LYS E 88 -36.55 12.35 -44.04
N THR E 89 -37.68 12.80 -44.60
CA THR E 89 -38.80 13.20 -43.76
C THR E 89 -40.12 12.85 -44.45
N ASN E 90 -41.23 13.15 -43.77
CA ASN E 90 -42.56 13.00 -44.31
C ASN E 90 -43.43 14.14 -43.78
N ALA E 91 -44.57 14.38 -44.43
CA ALA E 91 -45.34 15.59 -44.22
C ALA E 91 -45.96 15.60 -42.81
N PRO E 92 -46.62 14.51 -42.37
CA PRO E 92 -47.25 14.49 -41.06
C PRO E 92 -46.26 14.67 -39.91
N ALA E 93 -45.12 13.98 -39.96
CA ALA E 93 -44.11 14.12 -38.93
C ALA E 93 -43.71 15.59 -38.82
N ALA E 94 -43.42 16.21 -39.97
CA ALA E 94 -42.92 17.58 -40.01
C ALA E 94 -43.99 18.53 -39.47
N ALA E 95 -45.24 18.27 -39.83
CA ALA E 95 -46.33 19.12 -39.40
C ALA E 95 -46.56 18.94 -37.89
N LEU E 96 -46.47 17.70 -37.42
CA LEU E 96 -46.68 17.43 -36.01
C LEU E 96 -45.58 18.04 -35.18
N ALA E 97 -44.34 17.98 -35.69
CA ALA E 97 -43.23 18.60 -34.98
C ALA E 97 -43.54 20.08 -34.76
N ALA E 98 -43.99 20.75 -35.83
CA ALA E 98 -44.20 22.19 -35.78
C ALA E 98 -45.39 22.51 -34.89
N LYS E 99 -46.40 21.65 -34.94
CA LYS E 99 -47.58 21.82 -34.10
C LYS E 99 -47.18 21.76 -32.62
N LEU E 100 -46.40 20.74 -32.25
CA LEU E 100 -46.01 20.55 -30.86
C LEU E 100 -45.08 21.68 -30.43
N ALA E 101 -44.21 22.14 -31.33
CA ALA E 101 -43.32 23.26 -31.07
C ALA E 101 -44.10 24.52 -30.70
N ALA E 102 -45.22 24.72 -31.41
CA ALA E 102 -46.07 25.88 -31.20
C ALA E 102 -46.88 25.76 -29.91
N LEU E 103 -47.37 24.55 -29.60
CA LEU E 103 -48.20 24.35 -28.42
C LEU E 103 -47.37 24.42 -27.15
N ALA E 104 -46.11 24.00 -27.23
CA ALA E 104 -45.29 23.85 -26.03
C ALA E 104 -44.87 25.22 -25.53
N PRO E 105 -44.83 25.44 -24.20
CA PRO E 105 -44.43 26.73 -23.65
C PRO E 105 -42.96 27.06 -23.91
N GLY E 106 -42.64 28.36 -23.83
CA GLY E 106 -41.27 28.84 -23.81
C GLY E 106 -40.60 28.59 -25.15
N ASP E 107 -39.31 28.29 -25.12
CA ASP E 107 -38.57 28.01 -26.33
C ASP E 107 -38.44 26.51 -26.55
N LEU E 108 -39.43 25.72 -26.13
CA LEU E 108 -39.54 24.32 -26.51
C LEU E 108 -40.00 24.19 -27.96
N ASN E 109 -39.02 24.06 -28.88
CA ASN E 109 -39.30 24.25 -30.29
C ASN E 109 -38.73 23.13 -31.18
N HIS E 110 -38.13 22.10 -30.60
CA HIS E 110 -37.50 21.05 -31.38
C HIS E 110 -37.99 19.69 -30.89
N VAL E 111 -38.37 18.83 -31.83
CA VAL E 111 -39.08 17.61 -31.50
C VAL E 111 -38.34 16.38 -32.03
N PHE E 112 -38.16 15.39 -31.15
CA PHE E 112 -37.68 14.08 -31.55
C PHE E 112 -38.74 13.04 -31.22
N PHE E 113 -39.06 12.19 -32.21
CA PHE E 113 -40.19 11.27 -32.09
C PHE E 113 -39.72 9.86 -31.72
N THR E 114 -40.50 9.20 -30.87
CA THR E 114 -40.29 7.80 -30.57
C THR E 114 -41.66 7.10 -30.63
N ASN E 115 -41.70 5.82 -30.25
CA ASN E 115 -42.94 5.06 -30.19
C ASN E 115 -43.58 5.17 -28.82
N SER E 116 -42.77 5.13 -27.76
CA SER E 116 -43.28 5.02 -26.40
C SER E 116 -42.74 6.15 -25.52
N GLY E 117 -43.41 6.36 -24.38
CA GLY E 117 -42.90 7.24 -23.34
C GLY E 117 -41.58 6.74 -22.78
N SER E 118 -41.48 5.41 -22.61
CA SER E 118 -40.25 4.80 -22.15
C SER E 118 -39.09 5.18 -23.08
N GLU E 119 -39.26 4.96 -24.39
CA GLU E 119 -38.20 5.29 -25.33
C GLU E 119 -37.86 6.78 -25.25
N ALA E 120 -38.91 7.59 -25.05
CA ALA E 120 -38.75 9.03 -25.04
C ALA E 120 -37.87 9.43 -23.86
N ASN E 121 -38.18 8.92 -22.67
CA ASN E 121 -37.42 9.25 -21.48
C ASN E 121 -36.01 8.70 -21.58
N ASP E 122 -35.87 7.52 -22.20
CA ASP E 122 -34.57 6.93 -22.47
C ASP E 122 -33.77 7.88 -23.35
N SER E 123 -34.43 8.45 -24.35
CA SER E 123 -33.79 9.41 -25.25
C SER E 123 -33.33 10.64 -24.47
N VAL E 124 -34.12 11.03 -23.46
CA VAL E 124 -33.81 12.20 -22.68
C VAL E 124 -32.50 11.94 -21.92
N VAL E 125 -32.40 10.79 -21.26
CA VAL E 125 -31.19 10.46 -20.53
C VAL E 125 -29.97 10.55 -21.46
N LYS E 126 -30.09 9.97 -22.67
CA LYS E 126 -29.01 9.99 -23.63
C LYS E 126 -28.70 11.43 -24.03
N MET E 127 -29.74 12.22 -24.32
CA MET E 127 -29.52 13.58 -24.80
C MET E 127 -28.78 14.41 -23.75
N VAL E 128 -29.16 14.24 -22.48
CA VAL E 128 -28.59 15.03 -21.41
C VAL E 128 -27.13 14.66 -21.20
N TRP E 129 -26.83 13.36 -21.25
CA TRP E 129 -25.45 12.91 -21.16
C TRP E 129 -24.64 13.46 -22.32
N TYR E 130 -25.23 13.41 -23.51
CA TYR E 130 -24.56 13.83 -24.74
C TYR E 130 -24.23 15.32 -24.65
N VAL E 131 -25.23 16.09 -24.21
CA VAL E 131 -25.07 17.53 -24.10
C VAL E 131 -23.96 17.87 -23.11
N ASN E 132 -23.98 17.23 -21.94
CA ASN E 132 -22.99 17.53 -20.92
C ASN E 132 -21.59 17.11 -21.36
N ASN E 133 -21.47 16.04 -22.14
CA ASN E 133 -20.17 15.67 -22.68
C ASN E 133 -19.70 16.75 -23.66
N ALA E 134 -20.65 17.24 -24.47
CA ALA E 134 -20.34 18.27 -25.45
C ALA E 134 -19.86 19.55 -24.77
N LEU E 135 -20.43 19.88 -23.61
CA LEU E 135 -20.11 21.11 -22.91
C LEU E 135 -18.89 20.91 -22.02
N GLY E 136 -18.21 19.76 -22.12
CA GLY E 136 -17.00 19.54 -21.35
C GLY E 136 -17.30 19.38 -19.85
N ARG E 137 -18.46 18.80 -19.53
CA ARG E 137 -18.81 18.50 -18.17
C ARG E 137 -19.10 17.01 -18.02
N PRO E 138 -18.06 16.16 -18.10
CA PRO E 138 -18.27 14.72 -18.10
C PRO E 138 -18.90 14.19 -16.82
N ALA E 139 -18.79 14.91 -15.71
CA ALA E 139 -19.24 14.39 -14.42
C ALA E 139 -20.74 14.67 -14.22
N LYS E 140 -21.28 15.57 -15.04
CA LYS E 140 -22.62 16.09 -14.81
C LYS E 140 -23.66 15.22 -15.49
N LYS E 141 -24.08 14.13 -14.84
CA LYS E 141 -24.83 13.07 -15.52
C LYS E 141 -25.96 12.49 -14.66
N LYS E 142 -25.98 12.80 -13.36
CA LYS E 142 -26.95 12.17 -12.47
C LYS E 142 -28.31 12.80 -12.72
N PHE E 143 -29.34 11.95 -12.62
CA PHE E 143 -30.71 12.41 -12.67
C PHE E 143 -31.26 12.43 -11.26
N ILE E 144 -32.13 13.40 -11.00
CA ILE E 144 -32.94 13.43 -9.79
C ILE E 144 -34.38 13.12 -10.16
N SER E 145 -34.94 12.14 -9.49
CA SER E 145 -36.32 11.76 -9.68
C SER E 145 -36.96 11.76 -8.30
N ARG E 146 -38.10 11.07 -8.16
CA ARG E 146 -38.79 11.06 -6.89
C ARG E 146 -39.39 9.69 -6.66
N GLN E 147 -39.50 9.33 -5.39
CA GLN E 147 -40.22 8.12 -5.03
C GLN E 147 -41.66 8.20 -5.55
N GLN E 148 -42.12 7.07 -6.10
CA GLN E 148 -43.48 6.90 -6.61
C GLN E 148 -43.61 7.51 -8.01
N ALA E 149 -42.54 8.12 -8.53
CA ALA E 149 -42.56 8.56 -9.92
C ALA E 149 -42.69 7.36 -10.85
N TYR E 150 -43.34 7.56 -11.99
CA TYR E 150 -43.29 6.57 -13.06
C TYR E 150 -42.85 7.24 -14.36
N HIS E 151 -41.80 6.71 -15.00
CA HIS E 151 -41.24 7.32 -16.20
C HIS E 151 -40.99 6.31 -17.31
N GLY E 152 -41.38 5.04 -17.11
CA GLY E 152 -41.27 4.04 -18.16
C GLY E 152 -40.65 2.72 -17.66
N ALA E 153 -40.37 1.83 -18.62
CA ALA E 153 -40.11 0.42 -18.35
C ALA E 153 -38.82 -0.09 -19.00
N THR E 154 -38.16 0.71 -19.84
CA THR E 154 -36.82 0.38 -20.26
C THR E 154 -35.88 0.46 -19.06
N VAL E 155 -34.68 -0.06 -19.22
CA VAL E 155 -33.72 -0.12 -18.13
C VAL E 155 -33.47 1.29 -17.60
N ALA E 156 -33.18 2.23 -18.49
CA ALA E 156 -32.91 3.60 -18.08
C ALA E 156 -34.17 4.25 -17.49
N ALA E 157 -35.29 4.16 -18.22
CA ALA E 157 -36.49 4.86 -17.80
C ALA E 157 -37.01 4.29 -16.48
N ALA E 158 -36.92 2.97 -16.32
CA ALA E 158 -37.41 2.32 -15.11
C ALA E 158 -36.49 2.65 -13.94
N SER E 159 -35.24 2.99 -14.24
CA SER E 159 -34.31 3.48 -13.22
C SER E 159 -34.79 4.83 -12.69
N LEU E 160 -35.31 5.67 -13.60
CA LEU E 160 -35.87 6.96 -13.21
C LEU E 160 -37.17 6.75 -12.45
N THR E 161 -37.95 5.77 -12.87
CA THR E 161 -39.12 5.34 -12.13
C THR E 161 -38.73 5.12 -10.68
N GLY E 162 -39.65 5.44 -9.75
CA GLY E 162 -39.38 5.40 -8.33
C GLY E 162 -40.39 4.56 -7.55
N ILE E 163 -41.15 3.70 -8.24
CA ILE E 163 -42.07 2.78 -7.59
C ILE E 163 -41.33 1.48 -7.28
N PRO E 164 -41.12 1.13 -6.00
CA PRO E 164 -40.24 0.02 -5.64
C PRO E 164 -40.51 -1.29 -6.35
N SER E 165 -41.78 -1.60 -6.66
CA SER E 165 -42.09 -2.89 -7.28
C SER E 165 -41.55 -2.97 -8.73
N MET E 166 -41.29 -1.82 -9.36
CA MET E 166 -40.75 -1.78 -10.71
C MET E 166 -39.26 -2.09 -10.73
N HIS E 167 -38.63 -2.08 -9.55
CA HIS E 167 -37.20 -2.31 -9.42
C HIS E 167 -36.90 -3.72 -8.91
N ARG E 168 -37.88 -4.33 -8.19
CA ARG E 168 -37.64 -5.55 -7.43
C ARG E 168 -37.16 -6.64 -8.37
N ASP E 169 -35.93 -7.11 -8.17
CA ASP E 169 -35.36 -8.25 -8.87
C ASP E 169 -34.96 -7.90 -10.30
N PHE E 170 -34.96 -6.60 -10.66
CA PHE E 170 -34.53 -6.16 -11.98
C PHE E 170 -33.18 -5.44 -11.95
N ASP E 171 -32.51 -5.45 -10.80
CA ASP E 171 -31.22 -4.77 -10.68
C ASP E 171 -31.35 -3.30 -11.07
N LEU E 172 -32.42 -2.65 -10.63
CA LEU E 172 -32.61 -1.23 -10.94
C LEU E 172 -32.56 -0.44 -9.64
N PRO E 173 -32.12 0.83 -9.65
CA PRO E 173 -31.64 1.49 -10.85
C PRO E 173 -30.34 0.91 -11.39
N ALA E 174 -30.07 1.11 -12.67
CA ALA E 174 -28.84 0.68 -13.31
C ALA E 174 -28.07 1.89 -13.85
N ILE E 175 -28.52 3.11 -13.54
CA ILE E 175 -27.83 4.33 -13.94
C ILE E 175 -27.86 5.28 -12.74
N PRO E 176 -27.00 6.32 -12.71
CA PRO E 176 -27.00 7.31 -11.64
C PRO E 176 -28.32 8.07 -11.53
N VAL E 177 -29.00 7.86 -10.39
CA VAL E 177 -30.26 8.51 -10.07
C VAL E 177 -30.35 8.69 -8.56
N HIS E 178 -31.02 9.74 -8.12
CA HIS E 178 -31.43 9.87 -6.73
C HIS E 178 -32.93 10.15 -6.72
N HIS E 179 -33.64 9.49 -5.80
CA HIS E 179 -35.09 9.65 -5.68
C HIS E 179 -35.40 10.46 -4.43
N LEU E 180 -35.96 11.67 -4.62
CA LEU E 180 -36.39 12.51 -3.51
C LEU E 180 -37.61 11.86 -2.87
N THR E 181 -38.02 12.38 -1.71
CA THR E 181 -39.23 11.88 -1.09
C THR E 181 -40.40 12.30 -1.97
N CYS E 182 -41.44 11.46 -1.92
CA CYS E 182 -42.62 11.65 -2.73
C CYS E 182 -43.34 12.90 -2.22
N PRO E 183 -43.64 13.89 -3.09
CA PRO E 183 -44.39 15.07 -2.66
C PRO E 183 -45.88 14.77 -2.43
N ASN E 184 -46.14 14.09 -1.32
CA ASN E 184 -47.46 13.59 -0.96
C ASN E 184 -47.82 14.11 0.42
N PHE E 185 -48.56 15.23 0.45
CA PHE E 185 -48.87 15.95 1.69
C PHE E 185 -49.60 15.04 2.68
N TYR E 186 -50.61 14.31 2.19
CA TYR E 186 -51.37 13.39 3.03
C TYR E 186 -50.45 12.42 3.75
N ARG E 187 -49.43 11.92 3.06
CA ARG E 187 -48.66 10.80 3.58
C ARG E 187 -47.48 11.29 4.41
N PHE E 188 -46.78 12.36 3.98
CA PHE E 188 -45.46 12.66 4.53
C PHE E 188 -45.40 14.02 5.22
N ALA E 189 -46.49 14.78 5.25
CA ALA E 189 -46.52 16.01 6.02
C ALA E 189 -46.41 15.67 7.51
N ARG E 190 -45.72 16.51 8.28
CA ARG E 190 -45.68 16.34 9.73
C ARG E 190 -46.96 16.85 10.37
N PRO E 191 -47.36 16.36 11.57
CA PRO E 191 -48.54 16.86 12.26
C PRO E 191 -48.61 18.38 12.31
N GLY E 192 -49.72 18.92 11.78
CA GLY E 192 -50.00 20.35 11.82
C GLY E 192 -49.15 21.14 10.83
N GLU E 193 -48.41 20.45 9.95
CA GLU E 193 -47.59 21.12 8.96
C GLU E 193 -48.45 21.59 7.80
N SER E 194 -48.23 22.84 7.37
CA SER E 194 -48.92 23.36 6.20
C SER E 194 -48.28 22.82 4.92
N GLN E 195 -49.02 22.92 3.82
CA GLN E 195 -48.50 22.59 2.51
C GLN E 195 -47.29 23.46 2.18
N GLU E 196 -47.36 24.75 2.54
CA GLU E 196 -46.32 25.69 2.16
C GLU E 196 -45.01 25.31 2.85
N ALA E 197 -45.12 24.81 4.08
CA ALA E 197 -43.97 24.36 4.88
C ALA E 197 -43.41 23.04 4.37
N PHE E 198 -44.30 22.11 4.00
CA PHE E 198 -43.90 20.86 3.34
C PHE E 198 -43.10 21.15 2.08
N THR E 199 -43.62 22.04 1.23
CA THR E 199 -42.92 22.46 0.03
C THR E 199 -41.52 22.94 0.39
N VAL E 200 -41.44 23.75 1.45
CA VAL E 200 -40.17 24.36 1.84
C VAL E 200 -39.16 23.26 2.16
N ARG E 201 -39.61 22.22 2.90
CA ARG E 201 -38.71 21.15 3.28
C ARG E 201 -38.31 20.32 2.06
N LEU E 202 -39.27 20.08 1.15
CA LEU E 202 -39.02 19.32 -0.05
C LEU E 202 -37.96 20.02 -0.90
N ALA E 203 -38.06 21.35 -1.01
CA ALA E 203 -37.10 22.09 -1.82
C ALA E 203 -35.73 22.10 -1.15
N ASN E 204 -35.74 22.17 0.18
CA ASN E 204 -34.49 22.15 0.91
C ASN E 204 -33.86 20.76 0.79
N GLU E 205 -34.67 19.71 0.84
CA GLU E 205 -34.19 18.34 0.65
C GLU E 205 -33.41 18.25 -0.65
N LEU E 206 -33.96 18.80 -1.73
CA LEU E 206 -33.33 18.73 -3.04
C LEU E 206 -32.01 19.48 -3.01
N GLU E 207 -32.02 20.70 -2.42
CA GLU E 207 -30.84 21.53 -2.48
C GLU E 207 -29.71 20.92 -1.66
N ARG E 208 -30.05 20.34 -0.52
CA ARG E 208 -29.04 19.81 0.39
C ARG E 208 -28.41 18.57 -0.25
N TYR E 209 -29.23 17.79 -0.98
CA TYR E 209 -28.72 16.65 -1.72
C TYR E 209 -27.75 17.10 -2.81
N ILE E 210 -28.12 18.15 -3.57
CA ILE E 210 -27.27 18.64 -4.64
C ILE E 210 -25.92 19.06 -4.08
N LEU E 211 -25.92 19.76 -2.94
CA LEU E 211 -24.69 20.31 -2.37
C LEU E 211 -23.84 19.18 -1.79
N ALA E 212 -24.51 18.16 -1.21
CA ALA E 212 -23.80 17.03 -0.64
C ALA E 212 -23.11 16.20 -1.72
N GLU E 213 -23.80 15.98 -2.85
CA GLU E 213 -23.26 15.16 -3.92
C GLU E 213 -22.28 15.95 -4.75
N GLY E 214 -22.48 17.26 -4.80
CA GLY E 214 -21.76 18.10 -5.75
C GLY E 214 -22.66 18.47 -6.93
N PRO E 215 -22.95 19.77 -7.12
CA PRO E 215 -23.77 20.21 -8.24
C PRO E 215 -23.21 19.81 -9.59
N GLU E 216 -21.88 19.70 -9.67
CA GLU E 216 -21.20 19.44 -10.91
C GLU E 216 -21.43 17.98 -11.35
N THR E 217 -22.10 17.17 -10.51
CA THR E 217 -22.41 15.78 -10.82
C THR E 217 -23.88 15.61 -11.19
N ILE E 218 -24.70 16.66 -11.07
CA ILE E 218 -26.15 16.51 -11.23
C ILE E 218 -26.59 17.20 -12.52
N ALA E 219 -27.20 16.42 -13.43
CA ALA E 219 -27.47 16.92 -14.76
C ALA E 219 -28.88 17.45 -14.88
N ALA E 220 -29.84 16.77 -14.24
CA ALA E 220 -31.23 16.95 -14.59
C ALA E 220 -32.16 16.51 -13.45
N PHE E 221 -33.32 17.19 -13.39
CA PHE E 221 -34.46 16.76 -12.59
C PHE E 221 -35.56 16.32 -13.55
N ILE E 222 -36.23 15.20 -13.26
CA ILE E 222 -37.36 14.77 -14.05
C ILE E 222 -38.53 14.53 -13.10
N GLY E 223 -39.73 14.94 -13.53
CA GLY E 223 -40.93 14.67 -12.75
C GLY E 223 -42.20 14.89 -13.58
N GLU E 224 -43.22 14.09 -13.27
CA GLU E 224 -44.59 14.34 -13.68
C GLU E 224 -45.15 15.53 -12.89
N PRO E 225 -45.91 16.45 -13.52
CA PRO E 225 -46.55 17.52 -12.76
C PRO E 225 -47.40 16.98 -11.61
N VAL E 226 -48.20 15.98 -11.93
CA VAL E 226 -48.94 15.18 -10.96
C VAL E 226 -48.47 13.73 -11.12
N ILE E 227 -48.14 13.10 -10.00
CA ILE E 227 -47.71 11.71 -10.00
C ILE E 227 -48.95 10.84 -10.21
N ALA E 228 -48.98 10.12 -11.35
CA ALA E 228 -50.17 9.39 -11.75
C ALA E 228 -50.09 7.93 -11.28
N ALA E 229 -49.23 7.15 -11.93
CA ALA E 229 -49.20 5.71 -11.70
C ALA E 229 -48.75 5.40 -10.27
N GLY E 230 -48.08 6.36 -9.63
CA GLY E 230 -47.64 6.19 -8.25
C GLY E 230 -48.73 6.48 -7.20
N GLY E 231 -49.94 6.88 -7.64
CA GLY E 231 -51.10 6.97 -6.76
C GLY E 231 -51.82 8.33 -6.83
N VAL E 232 -51.82 8.96 -8.00
CA VAL E 232 -52.56 10.18 -8.25
C VAL E 232 -52.29 11.17 -7.12
N ILE E 233 -51.07 11.72 -7.13
CA ILE E 233 -50.60 12.56 -6.06
C ILE E 233 -50.27 13.94 -6.61
N PRO E 234 -51.18 14.92 -6.46
CA PRO E 234 -50.87 16.29 -6.87
C PRO E 234 -49.75 16.88 -6.01
N PRO E 235 -48.98 17.84 -6.53
CA PRO E 235 -47.96 18.49 -5.74
C PRO E 235 -48.54 19.36 -4.62
N PRO E 236 -47.84 19.54 -3.50
CA PRO E 236 -48.22 20.58 -2.55
C PRO E 236 -48.03 21.99 -3.09
N THR E 237 -48.76 22.93 -2.48
CA THR E 237 -48.75 24.33 -2.90
C THR E 237 -47.32 24.82 -3.02
N GLY E 238 -47.00 25.44 -4.16
CA GLY E 238 -45.76 26.17 -4.32
C GLY E 238 -44.60 25.25 -4.76
N TYR E 239 -44.86 23.94 -4.80
CA TYR E 239 -43.83 22.94 -4.99
C TYR E 239 -42.99 23.27 -6.23
N TRP E 240 -43.67 23.45 -7.36
CA TRP E 240 -42.98 23.55 -8.64
C TRP E 240 -42.13 24.82 -8.75
N ALA E 241 -42.58 25.94 -8.14
CA ALA E 241 -41.77 27.16 -8.15
C ALA E 241 -40.49 26.96 -7.34
N ALA E 242 -40.60 26.27 -6.21
CA ALA E 242 -39.47 26.04 -5.34
C ALA E 242 -38.46 25.12 -6.03
N ILE E 243 -38.94 24.04 -6.67
CA ILE E 243 -38.08 23.05 -7.28
C ILE E 243 -37.32 23.69 -8.43
N GLN E 244 -38.04 24.45 -9.25
CA GLN E 244 -37.42 25.12 -10.39
C GLN E 244 -36.33 26.09 -9.95
N ALA E 245 -36.57 26.82 -8.85
CA ALA E 245 -35.62 27.83 -8.42
C ALA E 245 -34.31 27.15 -8.03
N VAL E 246 -34.40 26.01 -7.35
CA VAL E 246 -33.23 25.24 -6.96
C VAL E 246 -32.54 24.73 -8.21
N CYS E 247 -33.28 24.14 -9.15
CA CYS E 247 -32.69 23.62 -10.36
C CYS E 247 -31.96 24.71 -11.13
N LYS E 248 -32.57 25.89 -11.24
CA LYS E 248 -31.97 27.01 -11.97
C LYS E 248 -30.66 27.41 -11.30
N ARG E 249 -30.63 27.37 -9.97
CA ARG E 249 -29.48 27.84 -9.21
C ARG E 249 -28.27 26.98 -9.54
N TYR E 250 -28.46 25.69 -9.82
CA TYR E 250 -27.34 24.77 -9.99
C TYR E 250 -27.26 24.26 -11.43
N ASP E 251 -27.91 24.96 -12.36
CA ASP E 251 -27.81 24.63 -13.78
C ASP E 251 -28.21 23.19 -14.01
N ILE E 252 -29.33 22.81 -13.41
CA ILE E 252 -29.90 21.50 -13.54
C ILE E 252 -31.11 21.60 -14.47
N LEU E 253 -31.09 20.80 -15.55
CA LEU E 253 -32.14 20.77 -16.54
C LEU E 253 -33.43 20.34 -15.85
N VAL E 254 -34.55 20.95 -16.27
CA VAL E 254 -35.84 20.55 -15.75
C VAL E 254 -36.56 19.77 -16.85
N VAL E 255 -36.79 18.48 -16.58
CA VAL E 255 -37.46 17.60 -17.51
C VAL E 255 -38.84 17.30 -16.97
N ILE E 256 -39.88 17.69 -17.72
CA ILE E 256 -41.23 17.48 -17.25
C ILE E 256 -41.87 16.38 -18.09
N ASP E 257 -42.33 15.35 -17.39
CA ASP E 257 -42.93 14.18 -17.99
C ASP E 257 -44.43 14.41 -18.04
N GLU E 258 -44.95 14.74 -19.24
CA GLU E 258 -46.38 14.96 -19.43
C GLU E 258 -46.99 13.81 -20.23
N ILE E 259 -46.44 12.62 -20.06
CA ILE E 259 -46.94 11.46 -20.75
C ILE E 259 -48.41 11.25 -20.45
N ILE E 260 -48.81 11.57 -19.22
CA ILE E 260 -50.18 11.41 -18.77
C ILE E 260 -50.91 12.76 -18.70
N THR E 261 -50.26 13.79 -18.18
CA THR E 261 -50.90 15.07 -17.92
C THR E 261 -51.11 15.86 -19.22
N GLY E 262 -50.39 15.48 -20.28
CA GLY E 262 -50.43 16.25 -21.52
C GLY E 262 -51.80 16.15 -22.22
N PHE E 263 -52.16 17.25 -22.89
CA PHE E 263 -53.33 17.34 -23.76
C PHE E 263 -54.63 17.33 -22.94
N GLY E 264 -54.68 18.15 -21.89
CA GLY E 264 -55.95 18.62 -21.35
C GLY E 264 -56.33 17.89 -20.07
N ARG E 265 -55.53 16.90 -19.67
CA ARG E 265 -55.91 16.04 -18.57
C ARG E 265 -56.15 16.86 -17.31
N LEU E 266 -55.38 17.95 -17.10
CA LEU E 266 -55.44 18.71 -15.85
C LEU E 266 -56.29 19.97 -15.97
N GLY E 267 -56.87 20.20 -17.14
CA GLY E 267 -57.69 21.39 -17.34
C GLY E 267 -56.90 22.50 -18.02
N THR E 268 -55.64 22.19 -18.35
CA THR E 268 -54.87 22.99 -19.26
C THR E 268 -54.25 22.06 -20.30
N MET E 269 -53.83 22.65 -21.43
CA MET E 269 -53.31 21.85 -22.51
C MET E 269 -52.16 20.98 -21.98
N PHE E 270 -51.24 21.61 -21.25
CA PHE E 270 -50.19 20.89 -20.54
C PHE E 270 -50.24 21.26 -19.07
N GLY E 271 -49.97 20.26 -18.20
CA GLY E 271 -49.92 20.49 -16.77
C GLY E 271 -48.89 21.57 -16.40
N SER E 272 -47.84 21.70 -17.23
CA SER E 272 -46.80 22.69 -16.99
C SER E 272 -47.42 24.07 -16.85
N GLN E 273 -48.51 24.34 -17.61
CA GLN E 273 -49.14 25.63 -17.59
C GLN E 273 -49.86 25.82 -16.25
N LEU E 274 -50.55 24.78 -15.79
CA LEU E 274 -51.29 24.86 -14.54
C LEU E 274 -50.35 25.21 -13.40
N TYR E 275 -49.13 24.63 -13.35
CA TYR E 275 -48.26 24.74 -12.19
C TYR E 275 -47.13 25.74 -12.46
N GLY E 276 -47.19 26.44 -13.58
CA GLY E 276 -46.19 27.46 -13.88
C GLY E 276 -44.79 26.88 -14.07
N ILE E 277 -44.70 25.70 -14.69
CA ILE E 277 -43.43 25.05 -14.93
C ILE E 277 -42.91 25.45 -16.30
N GLN E 278 -41.65 25.86 -16.37
CA GLN E 278 -41.02 26.13 -17.66
C GLN E 278 -39.95 25.07 -17.89
N PRO E 279 -40.28 23.95 -18.58
CA PRO E 279 -39.32 22.88 -18.76
C PRO E 279 -38.22 23.26 -19.74
N ASP E 280 -37.04 22.67 -19.56
CA ASP E 280 -36.04 22.62 -20.62
C ASP E 280 -36.42 21.54 -21.62
N ILE E 281 -37.06 20.47 -21.13
CA ILE E 281 -37.45 19.32 -21.93
C ILE E 281 -38.83 18.86 -21.47
N MET E 282 -39.71 18.59 -22.44
CA MET E 282 -41.05 18.10 -22.15
C MET E 282 -41.27 16.83 -22.97
N VAL E 283 -41.88 15.83 -22.33
CA VAL E 283 -42.09 14.52 -22.92
C VAL E 283 -43.60 14.22 -22.99
N LEU E 284 -44.05 13.77 -24.16
CA LEU E 284 -45.46 13.58 -24.46
C LEU E 284 -45.68 12.19 -25.03
N SER E 285 -46.84 11.61 -24.71
CA SER E 285 -47.32 10.41 -25.39
C SER E 285 -48.81 10.23 -25.07
N LYS E 286 -49.29 8.98 -25.15
CA LYS E 286 -50.62 8.58 -24.72
C LYS E 286 -51.71 9.42 -25.41
N GLN E 287 -52.19 10.46 -24.71
CA GLN E 287 -53.29 11.27 -25.20
C GLN E 287 -52.88 11.98 -26.48
N LEU E 288 -51.58 11.94 -26.81
CA LEU E 288 -51.09 12.49 -28.07
C LEU E 288 -51.78 11.82 -29.26
N THR E 289 -52.13 10.54 -29.15
CA THR E 289 -52.80 9.81 -30.22
C THR E 289 -54.01 9.06 -29.68
N SER E 290 -54.39 9.31 -28.44
CA SER E 290 -55.39 8.48 -27.77
C SER E 290 -54.97 7.01 -27.82
N SER E 291 -53.66 6.76 -28.03
CA SER E 291 -53.10 5.42 -28.11
C SER E 291 -53.63 4.65 -29.33
N TYR E 292 -54.16 5.35 -30.34
CA TYR E 292 -54.65 4.69 -31.54
C TYR E 292 -53.46 4.23 -32.39
N GLN E 293 -52.35 4.92 -32.17
CA GLN E 293 -51.07 4.57 -32.76
C GLN E 293 -50.00 4.79 -31.71
N PRO E 294 -48.95 3.93 -31.64
CA PRO E 294 -47.82 4.17 -30.75
C PRO E 294 -47.01 5.38 -31.18
N LEU E 295 -47.01 6.40 -30.32
CA LEU E 295 -46.23 7.60 -30.56
C LEU E 295 -45.91 8.32 -29.26
N ALA E 296 -44.71 8.90 -29.24
CA ALA E 296 -44.29 9.82 -28.19
C ALA E 296 -43.37 10.88 -28.80
N ALA E 297 -43.19 11.97 -28.06
CA ALA E 297 -42.38 13.07 -28.54
C ALA E 297 -41.56 13.65 -27.39
N VAL E 298 -40.29 13.93 -27.68
CA VAL E 298 -39.46 14.71 -26.79
C VAL E 298 -39.35 16.10 -27.39
N VAL E 299 -39.76 17.12 -26.63
CA VAL E 299 -39.64 18.50 -27.07
C VAL E 299 -38.57 19.20 -26.23
N VAL E 300 -37.61 19.85 -26.89
CA VAL E 300 -36.46 20.39 -26.20
C VAL E 300 -36.30 21.87 -26.56
N SER E 301 -35.61 22.59 -25.66
CA SER E 301 -35.34 24.01 -25.81
C SER E 301 -34.44 24.26 -27.01
N ASP E 302 -34.35 25.54 -27.45
CA ASP E 302 -33.44 25.93 -28.50
C ASP E 302 -32.00 25.70 -28.04
N ALA E 303 -31.74 25.89 -26.74
CA ALA E 303 -30.40 25.78 -26.20
C ALA E 303 -29.94 24.31 -26.33
N MET E 304 -30.79 23.39 -25.87
CA MET E 304 -30.54 21.97 -25.99
C MET E 304 -30.22 21.63 -27.45
N ASN E 305 -31.07 22.10 -28.35
CA ASN E 305 -30.97 21.74 -29.73
C ASN E 305 -29.64 22.25 -30.30
N ASP E 306 -29.25 23.47 -29.89
CA ASP E 306 -28.01 24.06 -30.36
C ASP E 306 -26.82 23.16 -30.02
N VAL E 307 -26.86 22.54 -28.85
CA VAL E 307 -25.77 21.67 -28.42
C VAL E 307 -25.80 20.38 -29.24
N LEU E 308 -26.99 19.86 -29.51
CA LEU E 308 -27.15 18.67 -30.35
C LEU E 308 -26.52 18.96 -31.71
N VAL E 309 -26.77 20.16 -32.24
CA VAL E 309 -26.28 20.53 -33.56
C VAL E 309 -24.77 20.69 -33.55
N SER E 310 -24.24 21.29 -32.48
CA SER E 310 -22.81 21.53 -32.38
C SER E 310 -22.06 20.20 -32.28
N GLN E 311 -22.72 19.19 -31.70
CA GLN E 311 -22.15 17.85 -31.63
C GLN E 311 -22.02 17.24 -33.02
N SER E 312 -23.00 17.45 -33.90
CA SER E 312 -22.97 16.88 -35.24
C SER E 312 -21.78 17.45 -36.02
N GLN E 313 -21.38 18.68 -35.70
CA GLN E 313 -20.20 19.30 -36.30
C GLN E 313 -18.96 18.41 -36.12
N ARG E 314 -18.79 17.81 -34.93
CA ARG E 314 -17.56 17.07 -34.64
C ARG E 314 -17.79 15.56 -34.56
N LEU E 315 -19.03 15.09 -34.45
CA LEU E 315 -19.29 13.65 -34.34
C LEU E 315 -19.88 13.08 -35.62
N GLY E 316 -20.41 13.93 -36.50
CA GLY E 316 -20.90 13.47 -37.78
C GLY E 316 -22.42 13.38 -37.81
N ALA E 317 -23.00 12.56 -36.94
CA ALA E 317 -24.44 12.37 -36.92
C ALA E 317 -24.92 12.29 -35.47
N PHE E 318 -26.20 12.57 -35.28
CA PHE E 318 -26.86 12.25 -34.03
C PHE E 318 -27.19 10.75 -34.01
N ALA E 319 -26.33 9.97 -33.36
CA ALA E 319 -26.31 8.52 -33.48
C ALA E 319 -27.34 7.89 -32.55
N HIS E 320 -28.61 8.17 -32.84
CA HIS E 320 -29.74 7.74 -32.04
C HIS E 320 -30.98 7.75 -32.93
N GLY E 321 -31.78 6.70 -32.88
CA GLY E 321 -33.05 6.67 -33.59
C GLY E 321 -33.77 5.33 -33.45
N PHE E 322 -35.07 5.31 -33.75
CA PHE E 322 -35.85 4.08 -33.83
C PHE E 322 -36.39 3.94 -35.25
N THR E 323 -36.64 2.69 -35.67
CA THR E 323 -37.12 2.40 -37.00
C THR E 323 -38.32 3.29 -37.35
N CYS E 324 -39.28 3.34 -36.42
CA CYS E 324 -40.54 4.01 -36.64
C CYS E 324 -40.57 5.42 -36.03
N THR E 325 -39.40 5.97 -35.71
CA THR E 325 -39.31 7.39 -35.39
C THR E 325 -39.96 8.18 -36.52
N GLY E 326 -40.98 8.98 -36.17
CA GLY E 326 -41.62 9.87 -37.13
C GLY E 326 -42.58 9.15 -38.07
N HIS E 327 -43.10 8.00 -37.63
CA HIS E 327 -43.94 7.18 -38.49
C HIS E 327 -45.07 8.03 -39.08
N PRO E 328 -45.23 8.03 -40.42
CA PRO E 328 -46.20 8.90 -41.07
C PRO E 328 -47.63 8.63 -40.60
N VAL E 329 -47.96 7.38 -40.35
CA VAL E 329 -49.31 7.05 -39.92
C VAL E 329 -49.54 7.48 -38.48
N ALA E 330 -48.60 7.15 -37.60
CA ALA E 330 -48.74 7.51 -36.20
C ALA E 330 -48.80 9.03 -36.04
N THR E 331 -47.96 9.76 -36.77
CA THR E 331 -47.93 11.21 -36.65
C THR E 331 -49.18 11.83 -37.27
N ALA E 332 -49.64 11.26 -38.39
CA ALA E 332 -50.89 11.70 -39.02
C ALA E 332 -52.02 11.62 -38.00
N VAL E 333 -52.07 10.51 -37.25
CA VAL E 333 -53.13 10.29 -36.30
C VAL E 333 -53.01 11.31 -35.15
N ALA E 334 -51.78 11.63 -34.76
CA ALA E 334 -51.57 12.56 -33.66
C ALA E 334 -52.09 13.95 -34.08
N LEU E 335 -51.82 14.32 -35.32
CA LEU E 335 -52.26 15.61 -35.84
C LEU E 335 -53.78 15.72 -35.75
N GLU E 336 -54.49 14.69 -36.24
CA GLU E 336 -55.94 14.69 -36.21
C GLU E 336 -56.44 14.70 -34.77
N ASN E 337 -55.81 13.91 -33.92
CA ASN E 337 -56.19 13.83 -32.52
C ASN E 337 -56.12 15.23 -31.89
N ILE E 338 -55.08 16.00 -32.22
CA ILE E 338 -54.89 17.32 -31.65
C ILE E 338 -55.89 18.30 -32.27
N ARG E 339 -56.07 18.22 -33.58
CA ARG E 339 -57.09 19.02 -34.27
C ARG E 339 -58.43 18.85 -33.55
N ILE E 340 -58.77 17.61 -33.20
CA ILE E 340 -60.07 17.33 -32.58
C ILE E 340 -60.14 17.98 -31.20
N ILE E 341 -59.05 17.91 -30.44
CA ILE E 341 -59.06 18.43 -29.09
C ILE E 341 -59.26 19.95 -29.13
N GLU E 342 -58.61 20.61 -30.10
CA GLU E 342 -58.69 22.05 -30.23
C GLU E 342 -60.07 22.46 -30.74
N GLU E 343 -60.52 21.81 -31.82
CA GLU E 343 -61.73 22.24 -32.51
C GLU E 343 -62.95 22.06 -31.62
N ARG E 344 -63.01 21.01 -30.82
CA ARG E 344 -64.13 20.79 -29.92
C ARG E 344 -63.89 21.46 -28.57
N ASP E 345 -62.76 22.18 -28.43
CA ASP E 345 -62.36 22.82 -27.18
C ASP E 345 -62.50 21.84 -26.01
N LEU E 346 -61.79 20.70 -26.08
CA LEU E 346 -61.93 19.67 -25.04
C LEU E 346 -61.18 20.10 -23.77
N VAL E 347 -60.22 21.03 -23.90
CA VAL E 347 -59.61 21.61 -22.74
C VAL E 347 -60.66 22.40 -21.96
N GLY E 348 -61.41 23.25 -22.68
CA GLY E 348 -62.57 23.93 -22.12
C GLY E 348 -63.54 22.97 -21.44
N HIS E 349 -63.86 21.87 -22.12
CA HIS E 349 -64.79 20.88 -21.59
C HIS E 349 -64.29 20.35 -20.24
N VAL E 350 -62.98 20.10 -20.14
CA VAL E 350 -62.43 19.55 -18.91
C VAL E 350 -62.58 20.57 -17.79
N GLN E 351 -62.34 21.86 -18.09
CA GLN E 351 -62.45 22.91 -17.09
C GLN E 351 -63.85 22.97 -16.52
N HIS E 352 -64.88 22.76 -17.37
CA HIS E 352 -66.27 22.80 -16.93
C HIS E 352 -66.65 21.53 -16.20
N LEU E 353 -66.05 20.39 -16.59
CA LEU E 353 -66.44 19.11 -16.04
C LEU E 353 -65.65 18.78 -14.77
N ALA E 354 -64.44 19.36 -14.63
CA ALA E 354 -63.53 18.99 -13.56
C ALA E 354 -64.19 19.17 -12.20
N PRO E 355 -64.87 20.31 -11.92
CA PRO E 355 -65.49 20.53 -10.62
C PRO E 355 -66.53 19.47 -10.26
N VAL E 356 -67.27 18.98 -11.27
CA VAL E 356 -68.30 17.96 -11.05
C VAL E 356 -67.60 16.63 -10.74
N PHE E 357 -66.58 16.33 -11.54
CA PHE E 357 -65.77 15.13 -11.34
C PHE E 357 -65.17 15.12 -9.94
N GLN E 358 -64.54 16.24 -9.54
CA GLN E 358 -63.88 16.33 -8.26
C GLN E 358 -64.89 16.22 -7.11
N ARG E 359 -66.10 16.79 -7.30
CA ARG E 359 -67.10 16.78 -6.26
C ARG E 359 -67.57 15.34 -6.03
N HIS E 360 -67.74 14.60 -7.13
CA HIS E 360 -68.12 13.19 -7.02
C HIS E 360 -67.05 12.39 -6.28
N LEU E 361 -65.78 12.73 -6.50
CA LEU E 361 -64.69 12.06 -5.81
C LEU E 361 -64.78 12.36 -4.32
N ARG E 362 -64.90 13.66 -4.00
CA ARG E 362 -64.86 14.14 -2.63
CA ARG E 362 -64.86 14.14 -2.63
C ARG E 362 -65.99 13.53 -1.81
N ALA E 363 -67.10 13.20 -2.49
CA ALA E 363 -68.26 12.62 -1.82
C ALA E 363 -67.87 11.41 -0.98
N PHE E 364 -66.74 10.76 -1.30
CA PHE E 364 -66.36 9.53 -0.62
C PHE E 364 -65.44 9.80 0.57
N GLU E 365 -65.19 11.08 0.89
CA GLU E 365 -64.28 11.46 1.97
C GLU E 365 -64.74 10.84 3.29
N ASP E 366 -66.05 10.79 3.52
CA ASP E 366 -66.58 10.39 4.81
C ASP E 366 -66.89 8.89 4.85
N HIS E 367 -66.50 8.14 3.81
CA HIS E 367 -66.70 6.69 3.78
C HIS E 367 -65.75 6.03 4.78
N PRO E 368 -66.14 4.92 5.45
CA PRO E 368 -65.31 4.30 6.48
C PRO E 368 -63.93 3.84 5.98
N LEU E 369 -63.88 3.39 4.71
CA LEU E 369 -62.70 2.77 4.14
C LEU E 369 -61.76 3.81 3.53
N VAL E 370 -62.24 5.03 3.27
CA VAL E 370 -61.49 6.04 2.55
C VAL E 370 -60.70 6.95 3.50
N GLY E 371 -59.39 7.01 3.30
CA GLY E 371 -58.50 7.81 4.15
C GLY E 371 -58.17 9.16 3.52
N ASN E 372 -58.18 9.23 2.19
CA ASN E 372 -57.82 10.46 1.49
C ASN E 372 -58.40 10.42 0.09
N VAL E 373 -58.83 11.60 -0.37
CA VAL E 373 -59.27 11.76 -1.74
C VAL E 373 -58.52 12.95 -2.32
N ARG E 374 -58.05 12.81 -3.57
CA ARG E 374 -57.25 13.83 -4.19
C ARG E 374 -57.44 13.76 -5.69
N GLY E 375 -57.15 14.86 -6.37
CA GLY E 375 -57.38 14.93 -7.79
C GLY E 375 -57.12 16.33 -8.34
N VAL E 376 -56.89 16.40 -9.65
CA VAL E 376 -56.80 17.65 -10.37
C VAL E 376 -57.43 17.40 -11.74
N GLY E 377 -58.12 18.40 -12.27
CA GLY E 377 -58.77 18.29 -13.56
C GLY E 377 -59.58 16.99 -13.65
N LEU E 378 -59.26 16.16 -14.64
CA LEU E 378 -60.01 14.95 -14.89
C LEU E 378 -59.21 13.73 -14.46
N MET E 379 -58.44 13.87 -13.39
CA MET E 379 -57.71 12.76 -12.79
C MET E 379 -57.99 12.77 -11.30
N GLY E 380 -58.28 11.60 -10.73
CA GLY E 380 -58.55 11.55 -9.31
C GLY E 380 -58.19 10.22 -8.69
N GLY E 381 -58.08 10.22 -7.35
CA GLY E 381 -57.71 9.03 -6.62
C GLY E 381 -58.40 8.98 -5.27
N ILE E 382 -58.78 7.77 -4.87
CA ILE E 382 -59.47 7.50 -3.62
C ILE E 382 -58.66 6.45 -2.88
N GLU E 383 -58.00 6.84 -1.80
CA GLU E 383 -57.09 5.93 -1.14
C GLU E 383 -57.83 5.26 0.00
N LEU E 384 -57.88 3.92 -0.03
CA LEU E 384 -58.48 3.13 1.02
C LEU E 384 -57.42 2.82 2.07
N VAL E 385 -57.83 2.86 3.36
CA VAL E 385 -56.95 2.63 4.48
C VAL E 385 -57.68 1.77 5.52
N ALA E 386 -56.90 1.20 6.45
CA ALA E 386 -57.41 0.33 7.50
C ALA E 386 -57.91 1.15 8.69
N ASP E 387 -57.26 2.29 8.94
CA ASP E 387 -57.64 3.19 10.02
C ASP E 387 -57.50 4.62 9.52
N LYS E 388 -58.62 5.38 9.54
CA LYS E 388 -58.64 6.76 9.08
C LYS E 388 -57.86 7.68 10.01
N ALA E 389 -57.88 7.37 11.31
CA ALA E 389 -57.21 8.17 12.33
C ALA E 389 -55.70 8.19 12.09
N THR E 390 -55.09 6.99 11.95
CA THR E 390 -53.64 6.86 11.89
C THR E 390 -53.15 6.79 10.44
N ARG E 391 -54.07 7.02 9.48
CA ARG E 391 -53.77 7.06 8.05
C ARG E 391 -53.01 5.80 7.61
N GLN E 392 -53.20 4.67 8.30
CA GLN E 392 -52.32 3.52 8.16
C GLN E 392 -52.89 2.54 7.14
N PRO E 393 -52.08 1.98 6.20
CA PRO E 393 -52.58 0.99 5.24
C PRO E 393 -52.81 -0.41 5.83
N PHE E 394 -53.15 -1.37 4.97
CA PHE E 394 -53.64 -2.68 5.38
C PHE E 394 -52.49 -3.64 5.61
N ALA E 395 -52.83 -4.86 6.07
CA ALA E 395 -51.86 -5.91 6.36
C ALA E 395 -50.99 -6.18 5.14
N GLN E 396 -51.60 -6.62 4.03
CA GLN E 396 -50.87 -6.72 2.77
C GLN E 396 -51.45 -5.68 1.82
N PRO E 397 -50.78 -4.51 1.62
CA PRO E 397 -51.31 -3.49 0.74
C PRO E 397 -51.65 -4.06 -0.64
N GLY E 398 -52.79 -3.62 -1.20
CA GLY E 398 -53.20 -4.01 -2.53
C GLY E 398 -54.27 -5.11 -2.51
N THR E 399 -54.53 -5.71 -1.33
CA THR E 399 -55.50 -6.79 -1.23
C THR E 399 -56.88 -6.22 -1.52
N LEU E 400 -57.22 -5.12 -0.83
CA LEU E 400 -58.52 -4.51 -0.97
C LEU E 400 -58.66 -3.85 -2.35
N GLY E 401 -57.63 -3.14 -2.78
CA GLY E 401 -57.63 -2.52 -4.10
C GLY E 401 -57.78 -3.56 -5.20
N GLY E 402 -57.10 -4.69 -5.04
CA GLY E 402 -57.19 -5.79 -5.98
C GLY E 402 -58.64 -6.28 -6.11
N TYR E 403 -59.34 -6.34 -4.98
CA TYR E 403 -60.72 -6.77 -4.93
C TYR E 403 -61.62 -5.75 -5.62
N VAL E 404 -61.40 -4.47 -5.32
CA VAL E 404 -62.18 -3.40 -5.92
C VAL E 404 -62.03 -3.45 -7.44
N PHE E 405 -60.82 -3.74 -7.93
CA PHE E 405 -60.55 -3.78 -9.35
C PHE E 405 -61.40 -4.87 -10.02
N LYS E 406 -61.41 -6.06 -9.40
CA LYS E 406 -62.11 -7.22 -9.94
C LYS E 406 -63.61 -6.96 -9.83
N GLN E 407 -64.06 -6.50 -8.64
CA GLN E 407 -65.48 -6.38 -8.33
C GLN E 407 -66.14 -5.29 -9.17
N ALA E 408 -65.40 -4.22 -9.46
CA ALA E 408 -65.95 -3.12 -10.25
C ALA E 408 -66.43 -3.62 -11.61
N HIS E 409 -65.79 -4.70 -12.12
CA HIS E 409 -66.15 -5.26 -13.42
C HIS E 409 -67.59 -5.78 -13.39
N LYS E 410 -68.00 -6.35 -12.26
CA LYS E 410 -69.32 -6.92 -12.12
C LYS E 410 -70.38 -5.83 -12.14
N HIS E 411 -69.97 -4.56 -11.95
CA HIS E 411 -70.88 -3.42 -12.01
C HIS E 411 -70.62 -2.57 -13.25
N GLY E 412 -69.97 -3.14 -14.27
CA GLY E 412 -69.80 -2.46 -15.55
C GLY E 412 -68.78 -1.32 -15.50
N LEU E 413 -67.80 -1.40 -14.56
CA LEU E 413 -66.82 -0.34 -14.39
C LEU E 413 -65.38 -0.88 -14.42
N ILE E 414 -64.54 -0.26 -15.25
CA ILE E 414 -63.11 -0.51 -15.21
C ILE E 414 -62.39 0.69 -14.58
N ILE E 415 -61.74 0.43 -13.44
CA ILE E 415 -60.83 1.39 -12.82
C ILE E 415 -59.43 0.77 -12.71
N ARG E 416 -58.52 1.46 -12.02
CA ARG E 416 -57.18 0.94 -11.76
C ARG E 416 -56.89 1.03 -10.27
N ALA E 417 -56.42 -0.08 -9.71
CA ALA E 417 -55.97 -0.13 -8.33
C ALA E 417 -54.46 0.08 -8.33
N ILE E 418 -54.01 1.13 -7.65
CA ILE E 418 -52.61 1.34 -7.35
C ILE E 418 -52.41 1.01 -5.87
N TYR E 419 -52.06 -0.25 -5.61
CA TYR E 419 -52.19 -0.83 -4.29
C TYR E 419 -53.62 -0.60 -3.81
N ASP E 420 -53.80 0.24 -2.79
CA ASP E 420 -55.13 0.43 -2.23
C ASP E 420 -55.64 1.82 -2.54
N THR E 421 -55.10 2.45 -3.59
CA THR E 421 -55.64 3.70 -4.09
C THR E 421 -56.39 3.41 -5.39
N ILE E 422 -57.64 3.88 -5.50
CA ILE E 422 -58.43 3.64 -6.70
C ILE E 422 -58.31 4.86 -7.60
N ALA E 423 -57.91 4.62 -8.86
CA ALA E 423 -57.58 5.71 -9.75
C ALA E 423 -58.69 5.91 -10.76
N PHE E 424 -58.92 7.18 -11.12
CA PHE E 424 -59.92 7.55 -12.10
C PHE E 424 -59.27 8.53 -13.07
N CYS E 425 -59.42 8.25 -14.37
CA CYS E 425 -58.82 9.04 -15.41
C CYS E 425 -59.64 8.85 -16.68
N PRO E 426 -60.93 9.26 -16.68
CA PRO E 426 -61.84 8.97 -17.78
C PRO E 426 -61.53 9.80 -19.02
N PRO E 427 -62.06 9.41 -20.20
CA PRO E 427 -61.74 10.11 -21.45
C PRO E 427 -62.09 11.58 -21.40
N LEU E 428 -61.51 12.37 -22.31
CA LEU E 428 -61.79 13.79 -22.37
C LEU E 428 -63.24 14.02 -22.81
N ILE E 429 -63.82 13.03 -23.51
CA ILE E 429 -65.16 13.14 -24.07
C ILE E 429 -66.19 12.65 -23.06
N THR E 430 -65.75 12.31 -21.84
CA THR E 430 -66.67 12.01 -20.75
C THR E 430 -67.71 13.13 -20.62
N THR E 431 -68.96 12.72 -20.37
CA THR E 431 -70.05 13.65 -20.11
C THR E 431 -70.40 13.60 -18.62
N GLN E 432 -71.18 14.61 -18.20
CA GLN E 432 -71.80 14.66 -16.89
CA GLN E 432 -71.74 14.63 -16.86
C GLN E 432 -72.48 13.32 -16.55
N ASP E 433 -73.21 12.77 -17.54
CA ASP E 433 -73.98 11.55 -17.34
C ASP E 433 -73.04 10.36 -17.11
N ASP E 434 -71.95 10.31 -17.91
CA ASP E 434 -70.93 9.29 -17.74
C ASP E 434 -70.38 9.34 -16.31
N ILE E 435 -70.16 10.56 -15.78
CA ILE E 435 -69.58 10.71 -14.46
C ILE E 435 -70.51 10.10 -13.41
N GLU E 436 -71.81 10.35 -13.56
CA GLU E 436 -72.80 9.87 -12.60
C GLU E 436 -72.84 8.34 -12.65
N ALA E 437 -72.71 7.78 -13.87
CA ALA E 437 -72.72 6.35 -14.08
C ALA E 437 -71.48 5.72 -13.44
N ILE E 438 -70.34 6.40 -13.57
CA ILE E 438 -69.08 5.88 -13.06
C ILE E 438 -69.21 5.74 -11.55
N PHE E 439 -69.64 6.81 -10.87
CA PHE E 439 -69.53 6.86 -9.42
C PHE E 439 -70.66 6.08 -8.78
N SER E 440 -71.81 6.03 -9.46
CA SER E 440 -72.87 5.10 -9.10
C SER E 440 -72.32 3.67 -9.06
N ALA E 441 -71.69 3.23 -10.15
CA ALA E 441 -71.11 1.90 -10.24
C ALA E 441 -70.01 1.71 -9.19
N PHE E 442 -69.24 2.76 -8.93
CA PHE E 442 -68.17 2.67 -7.96
C PHE E 442 -68.75 2.55 -6.55
N GLU E 443 -69.88 3.22 -6.30
CA GLU E 443 -70.49 3.22 -4.98
C GLU E 443 -70.94 1.79 -4.63
N ARG E 444 -71.57 1.11 -5.60
CA ARG E 444 -71.94 -0.30 -5.45
C ARG E 444 -70.69 -1.15 -5.20
N THR E 445 -69.62 -0.89 -5.96
CA THR E 445 -68.40 -1.68 -5.82
C THR E 445 -67.85 -1.51 -4.41
N LEU E 446 -67.89 -0.27 -3.91
CA LEU E 446 -67.29 0.05 -2.62
C LEU E 446 -68.13 -0.55 -1.49
N ALA E 447 -69.45 -0.67 -1.74
CA ALA E 447 -70.34 -1.32 -0.79
C ALA E 447 -70.00 -2.81 -0.70
N ASP E 448 -69.86 -3.48 -1.85
CA ASP E 448 -69.40 -4.86 -1.89
C ASP E 448 -68.07 -5.00 -1.15
N ALA E 449 -67.18 -4.01 -1.34
CA ALA E 449 -65.85 -4.06 -0.77
C ALA E 449 -65.92 -3.96 0.76
N THR E 450 -66.86 -3.14 1.25
CA THR E 450 -67.05 -2.95 2.68
C THR E 450 -67.50 -4.28 3.31
N ASP E 451 -68.42 -4.99 2.64
CA ASP E 451 -68.86 -6.31 3.08
C ASP E 451 -67.70 -7.29 3.07
N TRP E 452 -66.97 -7.34 1.95
CA TRP E 452 -65.90 -8.31 1.75
C TRP E 452 -64.81 -8.13 2.79
N ALA E 453 -64.56 -6.88 3.18
CA ALA E 453 -63.49 -6.54 4.12
C ALA E 453 -63.85 -6.99 5.54
N ARG E 454 -65.15 -6.98 5.89
CA ARG E 454 -65.59 -7.45 7.19
C ARG E 454 -65.42 -8.97 7.27
N SER E 455 -65.87 -9.69 6.24
CA SER E 455 -65.82 -11.15 6.26
C SER E 455 -64.38 -11.66 6.20
N GLN E 456 -63.43 -10.80 5.81
CA GLN E 456 -62.02 -11.16 5.76
C GLN E 456 -61.30 -10.74 7.04
N HIS E 457 -62.02 -10.10 7.97
CA HIS E 457 -61.47 -9.51 9.19
C HIS E 457 -60.18 -8.74 8.90
N LEU E 458 -60.24 -7.70 8.06
CA LEU E 458 -59.10 -6.82 7.83
C LEU E 458 -59.21 -5.56 8.73
N SER F 5 -41.15 24.12 -49.44
CA SER F 5 -42.58 23.77 -49.26
C SER F 5 -42.97 23.84 -47.77
N SER F 6 -44.23 23.56 -47.47
CA SER F 6 -44.72 23.65 -46.10
C SER F 6 -44.04 22.58 -45.23
N THR F 7 -43.86 21.38 -45.78
CA THR F 7 -43.23 20.28 -45.07
C THR F 7 -41.76 20.60 -44.81
N VAL F 8 -41.07 21.18 -45.79
CA VAL F 8 -39.66 21.54 -45.64
C VAL F 8 -39.49 22.62 -44.56
N GLN F 9 -40.39 23.61 -44.52
CA GLN F 9 -40.26 24.71 -43.58
C GLN F 9 -40.51 24.18 -42.17
N ASN F 10 -41.53 23.31 -42.06
CA ASN F 10 -41.91 22.66 -40.82
C ASN F 10 -40.75 21.82 -40.28
N ASP F 11 -40.19 20.98 -41.16
CA ASP F 11 -39.09 20.11 -40.84
C ASP F 11 -37.91 20.93 -40.31
N LEU F 12 -37.52 21.95 -41.08
CA LEU F 12 -36.34 22.75 -40.78
C LEU F 12 -36.52 23.51 -39.47
N ALA F 13 -37.76 23.81 -39.09
CA ALA F 13 -38.01 24.63 -37.91
C ALA F 13 -37.91 23.79 -36.63
N ALA F 14 -38.42 22.56 -36.68
CA ALA F 14 -38.94 21.92 -35.48
C ALA F 14 -38.53 20.45 -35.34
N LEU F 15 -38.01 19.81 -36.40
CA LEU F 15 -37.86 18.36 -36.37
C LEU F 15 -36.40 17.96 -36.12
N ILE F 16 -36.17 17.25 -35.00
CA ILE F 16 -34.89 16.63 -34.70
C ILE F 16 -34.84 15.25 -35.36
N HIS F 17 -33.90 15.08 -36.31
CA HIS F 17 -33.86 13.88 -37.12
C HIS F 17 -33.02 12.81 -36.46
N PRO F 18 -33.48 11.55 -36.47
CA PRO F 18 -32.64 10.42 -36.09
C PRO F 18 -31.51 10.17 -37.09
N ASN F 19 -30.37 9.71 -36.57
CA ASN F 19 -29.26 9.23 -37.38
C ASN F 19 -29.07 10.16 -38.56
N THR F 20 -28.94 11.45 -38.23
CA THR F 20 -28.74 12.49 -39.23
C THR F 20 -27.72 13.45 -38.67
N ASN F 21 -26.86 13.96 -39.55
CA ASN F 21 -26.03 15.11 -39.24
C ASN F 21 -26.92 16.35 -39.09
N LEU F 22 -27.17 16.74 -37.83
CA LEU F 22 -28.13 17.79 -37.51
C LEU F 22 -27.63 19.16 -37.99
N ALA F 23 -26.31 19.34 -38.09
CA ALA F 23 -25.71 20.59 -38.53
C ALA F 23 -25.83 20.73 -40.05
N GLN F 24 -25.43 19.68 -40.77
CA GLN F 24 -25.63 19.56 -42.20
C GLN F 24 -27.10 19.74 -42.56
N HIS F 25 -28.01 19.24 -41.71
CA HIS F 25 -29.44 19.26 -42.03
C HIS F 25 -29.95 20.69 -42.16
N ARG F 26 -29.40 21.61 -41.37
CA ARG F 26 -29.79 23.02 -41.45
C ARG F 26 -29.43 23.61 -42.81
N GLU F 27 -28.40 23.07 -43.49
CA GLU F 27 -27.92 23.59 -44.75
C GLU F 27 -28.68 22.97 -45.92
N VAL F 28 -28.69 21.63 -45.99
CA VAL F 28 -29.20 20.93 -47.16
C VAL F 28 -30.70 20.69 -47.01
N GLY F 29 -31.19 20.62 -45.77
CA GLY F 29 -32.61 20.39 -45.56
C GLY F 29 -33.02 18.96 -45.83
N PRO F 30 -34.30 18.62 -45.60
CA PRO F 30 -34.77 17.25 -45.77
C PRO F 30 -35.05 16.90 -47.22
N LEU F 31 -35.11 15.60 -47.51
CA LEU F 31 -35.80 15.07 -48.67
C LEU F 31 -37.15 14.51 -48.25
N VAL F 32 -38.22 15.12 -48.74
CA VAL F 32 -39.56 14.73 -48.33
C VAL F 32 -40.01 13.51 -49.14
N ILE F 33 -40.33 12.41 -48.45
CA ILE F 33 -40.93 11.27 -49.11
C ILE F 33 -42.44 11.34 -48.95
N ALA F 34 -43.17 11.19 -50.06
CA ALA F 34 -44.57 11.55 -50.10
C ALA F 34 -45.46 10.33 -50.36
N ARG F 35 -45.01 9.44 -51.25
CA ARG F 35 -45.88 8.37 -51.74
C ARG F 35 -45.07 7.09 -51.94
N GLY F 36 -45.77 5.94 -51.78
CA GLY F 36 -45.14 4.64 -51.97
C GLY F 36 -45.84 3.81 -53.04
N ASP F 37 -45.06 3.01 -53.77
CA ASP F 37 -45.60 2.12 -54.79
C ASP F 37 -44.66 0.93 -54.98
N GLY F 38 -45.06 -0.25 -54.47
CA GLY F 38 -44.24 -1.45 -54.51
C GLY F 38 -42.83 -1.22 -53.94
N VAL F 39 -41.82 -1.39 -54.79
CA VAL F 39 -40.44 -1.29 -54.35
C VAL F 39 -39.94 0.13 -54.53
N ARG F 40 -40.87 1.07 -54.81
CA ARG F 40 -40.51 2.45 -55.12
CA ARG F 40 -40.52 2.45 -55.12
C ARG F 40 -41.13 3.40 -54.09
N VAL F 41 -40.45 4.52 -53.85
CA VAL F 41 -41.05 5.66 -53.17
C VAL F 41 -40.82 6.90 -54.02
N PHE F 42 -41.68 7.88 -53.81
CA PHE F 42 -41.61 9.13 -54.55
C PHE F 42 -41.46 10.28 -53.56
N ASP F 43 -40.63 11.25 -53.93
CA ASP F 43 -40.50 12.48 -53.16
C ASP F 43 -41.64 13.44 -53.51
N GLU F 44 -41.65 14.58 -52.83
CA GLU F 44 -42.71 15.57 -52.93
C GLU F 44 -42.74 16.13 -54.35
N GLN F 45 -41.59 16.18 -55.03
CA GLN F 45 -41.50 16.70 -56.40
C GLN F 45 -41.91 15.62 -57.41
N GLY F 46 -42.12 14.39 -56.96
CA GLY F 46 -42.61 13.33 -57.81
C GLY F 46 -41.50 12.48 -58.44
N ASN F 47 -40.24 12.71 -58.09
CA ASN F 47 -39.16 11.82 -58.52
C ASN F 47 -39.31 10.44 -57.89
N ALA F 48 -38.98 9.41 -58.67
CA ALA F 48 -39.08 8.03 -58.22
C ALA F 48 -37.72 7.52 -57.77
N TYR F 49 -37.76 6.68 -56.73
CA TYR F 49 -36.56 6.00 -56.25
C TYR F 49 -36.92 4.55 -55.98
N ILE F 50 -36.06 3.65 -56.46
CA ILE F 50 -36.15 2.26 -56.04
C ILE F 50 -35.55 2.17 -54.63
N GLU F 51 -36.34 1.64 -53.70
CA GLU F 51 -35.93 1.58 -52.32
C GLU F 51 -35.26 0.24 -52.10
N ALA F 52 -33.96 0.18 -52.41
CA ALA F 52 -33.21 -1.06 -52.41
C ALA F 52 -32.83 -1.49 -50.98
N MET F 53 -33.28 -0.72 -49.97
CA MET F 53 -33.03 -1.07 -48.57
C MET F 53 -34.33 -1.36 -47.82
N SER F 54 -35.45 -1.38 -48.53
CA SER F 54 -36.74 -1.60 -47.91
C SER F 54 -36.95 -0.63 -46.75
N GLY F 55 -36.46 0.61 -46.93
CA GLY F 55 -36.52 1.58 -45.86
C GLY F 55 -35.35 1.38 -44.90
N LEU F 56 -35.64 0.77 -43.77
CA LEU F 56 -34.59 0.35 -42.84
C LEU F 56 -34.65 -1.16 -42.69
N TRP F 57 -34.32 -1.86 -43.78
CA TRP F 57 -34.29 -3.32 -43.80
C TRP F 57 -35.64 -3.91 -43.42
N SER F 58 -36.74 -3.17 -43.63
CA SER F 58 -37.95 -3.47 -42.87
C SER F 58 -39.18 -3.73 -43.76
N ALA F 59 -39.33 -2.98 -44.88
CA ALA F 59 -40.57 -2.97 -45.65
C ALA F 59 -40.68 -4.21 -46.55
N ALA F 60 -41.02 -5.34 -45.93
CA ALA F 60 -40.93 -6.63 -46.59
C ALA F 60 -41.81 -6.65 -47.85
N LEU F 61 -43.05 -6.17 -47.70
CA LEU F 61 -44.05 -6.26 -48.75
C LEU F 61 -44.10 -4.97 -49.57
N GLY F 62 -43.06 -4.14 -49.49
CA GLY F 62 -43.01 -2.89 -50.24
C GLY F 62 -43.88 -1.81 -49.60
N PHE F 63 -44.05 -0.70 -50.33
CA PHE F 63 -44.59 0.51 -49.74
C PHE F 63 -46.03 0.81 -50.14
N SER F 64 -46.79 -0.21 -50.61
CA SER F 64 -48.17 0.02 -51.00
C SER F 64 -48.97 -1.27 -51.08
N GLU F 65 -48.82 -2.14 -50.08
CA GLU F 65 -49.55 -3.40 -49.99
C GLU F 65 -50.90 -3.18 -49.33
N GLN F 66 -51.96 -3.19 -50.15
CA GLN F 66 -53.29 -2.82 -49.70
C GLN F 66 -53.82 -3.82 -48.66
N ARG F 67 -53.36 -5.08 -48.69
CA ARG F 67 -53.91 -6.09 -47.78
C ARG F 67 -53.61 -5.71 -46.33
N LEU F 68 -52.47 -5.07 -46.10
CA LEU F 68 -52.07 -4.63 -44.76
C LEU F 68 -52.94 -3.46 -44.32
N VAL F 69 -53.18 -2.52 -45.22
CA VAL F 69 -54.10 -1.44 -44.94
C VAL F 69 -55.47 -2.01 -44.59
N ASP F 70 -55.92 -3.03 -45.32
CA ASP F 70 -57.24 -3.62 -45.10
C ASP F 70 -57.32 -4.25 -43.71
N ALA F 71 -56.24 -4.94 -43.29
CA ALA F 71 -56.24 -5.62 -41.99
C ALA F 71 -56.31 -4.57 -40.88
N ALA F 72 -55.63 -3.43 -41.11
CA ALA F 72 -55.62 -2.31 -40.18
C ALA F 72 -57.01 -1.72 -40.06
N VAL F 73 -57.62 -1.43 -41.22
CA VAL F 73 -58.94 -0.85 -41.30
C VAL F 73 -59.96 -1.75 -40.58
N GLU F 74 -59.92 -3.05 -40.90
CA GLU F 74 -60.83 -4.02 -40.32
C GLU F 74 -60.72 -3.97 -38.79
N GLN F 75 -59.49 -3.89 -38.27
CA GLN F 75 -59.28 -3.94 -36.82
C GLN F 75 -59.65 -2.61 -36.17
N PHE F 76 -59.38 -1.51 -36.86
CA PHE F 76 -59.74 -0.18 -36.38
C PHE F 76 -61.23 -0.09 -36.09
N LYS F 77 -62.04 -0.74 -36.92
CA LYS F 77 -63.50 -0.61 -36.83
C LYS F 77 -64.01 -1.49 -35.69
N GLN F 78 -63.30 -2.57 -35.36
CA GLN F 78 -63.64 -3.41 -34.22
C GLN F 78 -63.19 -2.75 -32.91
N LEU F 79 -61.88 -2.54 -32.78
CA LEU F 79 -61.26 -2.07 -31.54
C LEU F 79 -59.96 -1.36 -31.88
N PRO F 80 -59.96 -0.01 -31.99
CA PRO F 80 -58.77 0.72 -32.42
C PRO F 80 -57.62 0.69 -31.41
N TYR F 81 -57.93 0.51 -30.12
CA TYR F 81 -56.92 0.41 -29.10
C TYR F 81 -57.45 -0.28 -27.84
N TYR F 82 -56.65 -1.20 -27.28
CA TYR F 82 -56.79 -1.58 -25.88
C TYR F 82 -55.46 -2.17 -25.40
N HIS F 83 -55.29 -2.19 -24.07
CA HIS F 83 -54.03 -2.56 -23.45
C HIS F 83 -54.09 -4.04 -23.06
N SER F 84 -52.96 -4.56 -22.56
CA SER F 84 -52.88 -5.95 -22.17
C SER F 84 -52.48 -6.08 -20.71
N PHE F 85 -52.68 -5.01 -19.91
CA PHE F 85 -52.32 -5.01 -18.50
C PHE F 85 -53.44 -5.67 -17.71
N SER F 86 -53.10 -6.18 -16.52
CA SER F 86 -54.07 -6.71 -15.57
C SER F 86 -54.98 -7.75 -16.24
N HIS F 87 -54.40 -8.60 -17.08
CA HIS F 87 -55.05 -9.79 -17.65
C HIS F 87 -55.91 -9.44 -18.85
N LYS F 88 -55.99 -8.16 -19.22
CA LYS F 88 -56.74 -7.77 -20.40
C LYS F 88 -56.04 -8.30 -21.63
N THR F 89 -56.77 -8.69 -22.68
CA THR F 89 -56.15 -9.10 -23.94
C THR F 89 -57.06 -8.72 -25.11
N ASN F 90 -56.58 -9.01 -26.32
CA ASN F 90 -57.36 -8.83 -27.53
C ASN F 90 -57.04 -9.96 -28.50
N ALA F 91 -57.91 -10.15 -29.50
CA ALA F 91 -57.87 -11.37 -30.32
C ALA F 91 -56.62 -11.39 -31.20
N PRO F 92 -56.28 -10.29 -31.91
CA PRO F 92 -55.09 -10.27 -32.77
C PRO F 92 -53.78 -10.53 -32.03
N ALA F 93 -53.61 -9.87 -30.88
CA ALA F 93 -52.43 -10.09 -30.07
C ALA F 93 -52.30 -11.58 -29.75
N ALA F 94 -53.38 -12.19 -29.28
CA ALA F 94 -53.37 -13.57 -28.82
C ALA F 94 -53.11 -14.50 -30.01
N ALA F 95 -53.67 -14.17 -31.17
CA ALA F 95 -53.50 -14.98 -32.36
C ALA F 95 -52.04 -14.85 -32.83
N LEU F 96 -51.52 -13.63 -32.80
CA LEU F 96 -50.15 -13.41 -33.26
C LEU F 96 -49.17 -14.09 -32.31
N ALA F 97 -49.44 -14.05 -31.01
CA ALA F 97 -48.59 -14.75 -30.07
C ALA F 97 -48.50 -16.23 -30.44
N ALA F 98 -49.64 -16.85 -30.74
CA ALA F 98 -49.70 -18.28 -31.01
C ALA F 98 -49.02 -18.58 -32.34
N LYS F 99 -49.21 -17.68 -33.31
CA LYS F 99 -48.60 -17.82 -34.62
C LYS F 99 -47.08 -17.81 -34.48
N LEU F 100 -46.55 -16.83 -33.73
CA LEU F 100 -45.12 -16.69 -33.57
C LEU F 100 -44.57 -17.88 -32.78
N ALA F 101 -45.32 -18.35 -31.77
CA ALA F 101 -44.92 -19.50 -30.99
C ALA F 101 -44.76 -20.74 -31.88
N ALA F 102 -45.65 -20.88 -32.86
CA ALA F 102 -45.64 -21.99 -33.80
C ALA F 102 -44.49 -21.86 -34.81
N LEU F 103 -44.24 -20.64 -35.30
CA LEU F 103 -43.22 -20.44 -36.33
C LEU F 103 -41.82 -20.58 -35.74
N ALA F 104 -41.66 -20.19 -34.47
CA ALA F 104 -40.34 -20.11 -33.88
C ALA F 104 -39.83 -21.52 -33.60
N PRO F 105 -38.53 -21.80 -33.82
CA PRO F 105 -38.00 -23.14 -33.59
C PRO F 105 -37.97 -23.51 -32.11
N GLY F 106 -37.88 -24.83 -31.84
CA GLY F 106 -37.61 -25.35 -30.51
C GLY F 106 -38.81 -25.10 -29.61
N ASP F 107 -38.54 -24.84 -28.32
CA ASP F 107 -39.60 -24.59 -27.37
C ASP F 107 -39.75 -23.08 -27.13
N LEU F 108 -39.47 -22.26 -28.16
CA LEU F 108 -39.80 -20.85 -28.15
C LEU F 108 -41.32 -20.67 -28.34
N ASN F 109 -42.03 -20.54 -27.21
CA ASN F 109 -43.47 -20.68 -27.21
C ASN F 109 -44.21 -19.57 -26.46
N HIS F 110 -43.49 -18.58 -25.93
CA HIS F 110 -44.12 -17.53 -25.16
C HIS F 110 -43.66 -16.17 -25.68
N VAL F 111 -44.62 -15.26 -25.84
CA VAL F 111 -44.38 -14.01 -26.53
C VAL F 111 -44.72 -12.82 -25.64
N PHE F 112 -43.79 -11.84 -25.60
CA PHE F 112 -44.04 -10.55 -25.03
C PHE F 112 -43.87 -9.48 -26.10
N PHE F 113 -44.85 -8.57 -26.20
CA PHE F 113 -44.90 -7.62 -27.30
C PHE F 113 -44.39 -6.25 -26.84
N THR F 114 -43.67 -5.58 -27.74
CA THR F 114 -43.27 -4.20 -27.55
C THR F 114 -43.55 -3.45 -28.85
N ASN F 115 -43.12 -2.18 -28.93
CA ASN F 115 -43.26 -1.37 -30.13
C ASN F 115 -42.03 -1.52 -31.02
N SER F 116 -40.84 -1.56 -30.41
CA SER F 116 -39.59 -1.47 -31.15
C SER F 116 -38.67 -2.63 -30.80
N GLY F 117 -37.68 -2.85 -31.69
CA GLY F 117 -36.60 -3.79 -31.41
C GLY F 117 -35.79 -3.36 -30.19
N SER F 118 -35.56 -2.04 -30.07
CA SER F 118 -34.85 -1.50 -28.93
C SER F 118 -35.56 -1.89 -27.63
N GLU F 119 -36.87 -1.64 -27.55
CA GLU F 119 -37.61 -1.97 -26.35
C GLU F 119 -37.53 -3.48 -26.10
N ALA F 120 -37.56 -4.25 -27.19
CA ALA F 120 -37.58 -5.70 -27.11
C ALA F 120 -36.28 -6.19 -26.47
N ASN F 121 -35.13 -5.70 -26.99
CA ASN F 121 -33.85 -6.11 -26.46
C ASN F 121 -33.69 -5.62 -25.02
N ASP F 122 -34.21 -4.43 -24.72
CA ASP F 122 -34.21 -3.89 -23.37
C ASP F 122 -34.99 -4.84 -22.46
N SER F 123 -36.12 -5.34 -22.96
CA SER F 123 -36.94 -6.28 -22.21
C SER F 123 -36.16 -7.57 -21.94
N VAL F 124 -35.31 -7.94 -22.90
CA VAL F 124 -34.54 -9.16 -22.79
C VAL F 124 -33.56 -9.01 -21.63
N VAL F 125 -32.85 -7.87 -21.59
CA VAL F 125 -31.91 -7.60 -20.52
C VAL F 125 -32.61 -7.75 -19.17
N LYS F 126 -33.79 -7.12 -19.06
CA LYS F 126 -34.53 -7.15 -17.81
C LYS F 126 -34.94 -8.57 -17.48
N MET F 127 -35.44 -9.31 -18.48
CA MET F 127 -35.92 -10.65 -18.23
C MET F 127 -34.80 -11.55 -17.70
N VAL F 128 -33.63 -11.42 -18.30
CA VAL F 128 -32.50 -12.28 -17.96
C VAL F 128 -32.01 -11.96 -16.55
N TRP F 129 -31.95 -10.67 -16.21
CA TRP F 129 -31.57 -10.30 -14.87
C TRP F 129 -32.58 -10.84 -13.86
N TYR F 130 -33.86 -10.70 -14.21
CA TYR F 130 -34.97 -11.10 -13.34
C TYR F 130 -34.90 -12.61 -13.10
N VAL F 131 -34.68 -13.36 -14.19
CA VAL F 131 -34.64 -14.80 -14.13
C VAL F 131 -33.48 -15.25 -13.24
N ASN F 132 -32.30 -14.67 -13.45
CA ASN F 132 -31.12 -15.07 -12.70
C ASN F 132 -31.26 -14.72 -11.23
N ASN F 133 -31.94 -13.60 -10.91
CA ASN F 133 -32.19 -13.27 -9.53
C ASN F 133 -33.13 -14.32 -8.93
N ALA F 134 -34.16 -14.71 -9.70
CA ALA F 134 -35.13 -15.68 -9.24
C ALA F 134 -34.45 -17.03 -8.94
N LEU F 135 -33.45 -17.41 -9.74
CA LEU F 135 -32.77 -18.68 -9.58
C LEU F 135 -31.65 -18.60 -8.54
N GLY F 136 -31.53 -17.46 -7.82
CA GLY F 136 -30.51 -17.32 -6.79
C GLY F 136 -29.11 -17.27 -7.40
N ARG F 137 -28.98 -16.63 -8.57
CA ARG F 137 -27.69 -16.41 -9.20
C ARG F 137 -27.51 -14.91 -9.44
N PRO F 138 -27.34 -14.11 -8.37
CA PRO F 138 -27.31 -12.66 -8.51
C PRO F 138 -26.15 -12.15 -9.34
N ALA F 139 -25.06 -12.92 -9.44
CA ALA F 139 -23.87 -12.45 -10.13
C ALA F 139 -23.97 -12.65 -11.64
N LYS F 140 -24.94 -13.47 -12.07
CA LYS F 140 -24.99 -13.93 -13.44
C LYS F 140 -25.80 -12.94 -14.28
N LYS F 141 -25.15 -11.86 -14.75
CA LYS F 141 -25.88 -10.73 -15.31
C LYS F 141 -25.22 -10.14 -16.56
N LYS F 142 -23.95 -10.48 -16.82
CA LYS F 142 -23.22 -9.85 -17.92
C LYS F 142 -23.76 -10.37 -19.25
N PHE F 143 -23.86 -9.46 -20.21
CA PHE F 143 -24.18 -9.82 -21.58
C PHE F 143 -22.90 -9.80 -22.39
N ILE F 144 -22.81 -10.74 -23.33
CA ILE F 144 -21.73 -10.77 -24.31
C ILE F 144 -22.33 -10.42 -25.65
N SER F 145 -21.75 -9.41 -26.29
CA SER F 145 -22.16 -8.98 -27.60
C SER F 145 -20.92 -8.95 -28.46
N ARG F 146 -20.96 -8.22 -29.58
CA ARG F 146 -19.85 -8.25 -30.51
C ARG F 146 -19.69 -6.87 -31.11
N GLN F 147 -18.45 -6.53 -31.44
CA GLN F 147 -18.18 -5.31 -32.16
C GLN F 147 -18.93 -5.33 -33.49
N GLN F 148 -19.53 -4.19 -33.82
CA GLN F 148 -20.26 -3.97 -35.06
C GLN F 148 -21.68 -4.53 -34.97
N ALA F 149 -22.03 -5.13 -33.83
CA ALA F 149 -23.42 -5.54 -33.60
C ALA F 149 -24.30 -4.30 -33.56
N TYR F 150 -25.55 -4.44 -34.01
CA TYR F 150 -26.56 -3.42 -33.74
C TYR F 150 -27.77 -4.09 -33.08
N HIS F 151 -28.19 -3.56 -31.92
CA HIS F 151 -29.28 -4.15 -31.16
C HIS F 151 -30.30 -3.12 -30.67
N GLY F 152 -30.13 -1.85 -31.05
CA GLY F 152 -31.09 -0.82 -30.69
C GLY F 152 -30.45 0.45 -30.13
N ALA F 153 -31.31 1.37 -29.64
CA ALA F 153 -30.92 2.75 -29.38
C ALA F 153 -31.30 3.23 -27.97
N THR F 154 -32.03 2.43 -27.19
CA THR F 154 -32.20 2.73 -25.79
C THR F 154 -30.85 2.57 -25.09
N VAL F 155 -30.77 3.05 -23.85
CA VAL F 155 -29.52 3.02 -23.13
C VAL F 155 -28.99 1.59 -23.05
N ALA F 156 -29.85 0.66 -22.63
CA ALA F 156 -29.45 -0.74 -22.50
C ALA F 156 -29.15 -1.35 -23.86
N ALA F 157 -30.06 -1.18 -24.82
CA ALA F 157 -29.91 -1.84 -26.10
C ALA F 157 -28.69 -1.29 -26.83
N ALA F 158 -28.46 0.02 -26.72
CA ALA F 158 -27.34 0.64 -27.40
C ALA F 158 -26.03 0.23 -26.74
N SER F 159 -26.12 -0.17 -25.47
CA SER F 159 -24.98 -0.74 -24.76
C SER F 159 -24.60 -2.09 -25.38
N LEU F 160 -25.62 -2.87 -25.77
CA LEU F 160 -25.40 -4.14 -26.44
C LEU F 160 -24.86 -3.89 -27.84
N THR F 161 -25.41 -2.85 -28.51
CA THR F 161 -24.88 -2.40 -29.78
C THR F 161 -23.37 -2.24 -29.64
N GLY F 162 -22.63 -2.53 -30.72
CA GLY F 162 -21.19 -2.56 -30.69
C GLY F 162 -20.55 -1.72 -31.80
N ILE F 163 -21.33 -0.83 -32.41
CA ILE F 163 -20.81 0.13 -33.39
C ILE F 163 -20.32 1.37 -32.65
N PRO F 164 -19.00 1.67 -32.67
CA PRO F 164 -18.41 2.68 -31.79
C PRO F 164 -19.11 4.04 -31.84
N SER F 165 -19.60 4.45 -33.01
CA SER F 165 -20.20 5.77 -33.15
C SER F 165 -21.52 5.89 -32.37
N MET F 166 -22.17 4.76 -32.08
CA MET F 166 -23.42 4.75 -31.33
C MET F 166 -23.16 4.96 -29.83
N HIS F 167 -21.90 4.87 -29.41
CA HIS F 167 -21.53 4.99 -28.01
C HIS F 167 -20.90 6.36 -27.72
N ARG F 168 -20.33 7.00 -28.75
CA ARG F 168 -19.51 8.19 -28.56
C ARG F 168 -20.37 9.28 -27.90
N ASP F 169 -19.97 9.68 -26.70
CA ASP F 169 -20.53 10.81 -25.99
C ASP F 169 -21.87 10.46 -25.36
N PHE F 170 -22.27 9.18 -25.40
CA PHE F 170 -23.49 8.73 -24.76
C PHE F 170 -23.18 7.92 -23.50
N ASP F 171 -21.91 7.83 -23.09
CA ASP F 171 -21.54 7.13 -21.87
C ASP F 171 -22.01 5.69 -21.94
N LEU F 172 -21.81 5.05 -23.09
CA LEU F 172 -22.21 3.66 -23.28
C LEU F 172 -20.96 2.83 -23.51
N PRO F 173 -20.96 1.53 -23.14
CA PRO F 173 -22.06 0.90 -22.43
C PRO F 173 -22.32 1.45 -21.04
N ALA F 174 -23.55 1.31 -20.57
CA ALA F 174 -23.95 1.75 -19.24
C ALA F 174 -24.49 0.59 -18.43
N ILE F 175 -24.30 -0.63 -18.93
CA ILE F 175 -24.66 -1.87 -18.23
C ILE F 175 -23.53 -2.84 -18.50
N PRO F 176 -23.40 -3.95 -17.73
CA PRO F 176 -22.37 -4.93 -17.98
C PRO F 176 -22.51 -5.62 -19.34
N VAL F 177 -21.54 -5.35 -20.22
CA VAL F 177 -21.50 -5.89 -21.55
C VAL F 177 -20.04 -6.05 -21.95
N HIS F 178 -19.72 -7.16 -22.65
CA HIS F 178 -18.41 -7.29 -23.27
C HIS F 178 -18.62 -7.55 -24.76
N HIS F 179 -17.80 -6.89 -25.58
CA HIS F 179 -17.93 -7.02 -27.03
C HIS F 179 -16.80 -7.86 -27.60
N LEU F 180 -17.14 -9.03 -28.16
CA LEU F 180 -16.16 -9.86 -28.84
C LEU F 180 -15.76 -9.21 -30.16
N THR F 181 -14.71 -9.72 -30.81
CA THR F 181 -14.34 -9.19 -32.11
C THR F 181 -15.44 -9.53 -33.11
N CYS F 182 -15.55 -8.67 -34.12
CA CYS F 182 -16.51 -8.82 -35.19
C CYS F 182 -16.17 -10.06 -36.01
N PRO F 183 -17.11 -11.01 -36.18
CA PRO F 183 -16.85 -12.21 -36.96
C PRO F 183 -16.84 -11.96 -38.46
N ASN F 184 -15.72 -11.38 -38.92
CA ASN F 184 -15.60 -10.85 -40.26
C ASN F 184 -14.35 -11.43 -40.92
N PHE F 185 -14.53 -12.53 -41.65
CA PHE F 185 -13.43 -13.28 -42.24
C PHE F 185 -12.61 -12.41 -43.18
N TYR F 186 -13.26 -11.62 -44.05
CA TYR F 186 -12.57 -10.73 -44.97
C TYR F 186 -11.61 -9.83 -44.20
N ARG F 187 -12.03 -9.30 -43.05
CA ARG F 187 -11.30 -8.22 -42.39
C ARG F 187 -10.25 -8.81 -41.45
N PHE F 188 -10.55 -9.89 -40.71
CA PHE F 188 -9.69 -10.26 -39.59
C PHE F 188 -9.01 -11.61 -39.78
N ALA F 189 -9.30 -12.34 -40.86
CA ALA F 189 -8.66 -13.63 -41.08
C ALA F 189 -7.18 -13.43 -41.37
N ARG F 190 -6.34 -14.35 -40.91
CA ARG F 190 -4.91 -14.29 -41.19
C ARG F 190 -4.64 -14.85 -42.58
N PRO F 191 -3.53 -14.45 -43.25
CA PRO F 191 -3.26 -14.93 -44.60
C PRO F 191 -3.30 -16.46 -44.71
N GLY F 192 -4.15 -16.97 -45.60
CA GLY F 192 -4.27 -18.40 -45.85
C GLY F 192 -4.99 -19.14 -44.73
N GLU F 193 -5.60 -18.41 -43.80
CA GLU F 193 -6.40 -19.02 -42.75
C GLU F 193 -7.77 -19.41 -43.31
N SER F 194 -8.21 -20.63 -42.99
CA SER F 194 -9.54 -21.07 -43.40
C SER F 194 -10.61 -20.45 -42.51
N GLN F 195 -11.85 -20.46 -43.02
CA GLN F 195 -12.97 -20.01 -42.23
C GLN F 195 -13.14 -20.87 -40.98
N GLU F 196 -12.90 -22.17 -41.12
CA GLU F 196 -13.12 -23.09 -39.99
C GLU F 196 -12.15 -22.75 -38.85
N ALA F 197 -10.93 -22.34 -39.21
CA ALA F 197 -9.89 -21.98 -38.25
C ALA F 197 -10.19 -20.62 -37.61
N PHE F 198 -10.65 -19.66 -38.41
CA PHE F 198 -11.10 -18.38 -37.91
C PHE F 198 -12.18 -18.56 -36.84
N THR F 199 -13.19 -19.35 -37.18
CA THR F 199 -14.25 -19.70 -36.25
C THR F 199 -13.64 -20.22 -34.95
N VAL F 200 -12.64 -21.08 -35.05
CA VAL F 200 -12.07 -21.70 -33.87
C VAL F 200 -11.42 -20.62 -33.00
N ARG F 201 -10.75 -19.62 -33.59
CA ARG F 201 -10.14 -18.54 -32.83
C ARG F 201 -11.23 -17.70 -32.14
N LEU F 202 -12.29 -17.41 -32.89
CA LEU F 202 -13.40 -16.61 -32.37
C LEU F 202 -14.06 -17.34 -31.20
N ALA F 203 -14.21 -18.66 -31.29
CA ALA F 203 -14.81 -19.43 -30.21
C ALA F 203 -13.88 -19.46 -29.01
N ASN F 204 -12.58 -19.51 -29.26
CA ASN F 204 -11.60 -19.49 -28.19
C ASN F 204 -11.63 -18.14 -27.49
N GLU F 205 -11.76 -17.06 -28.27
CA GLU F 205 -11.85 -15.73 -27.69
C GLU F 205 -13.00 -15.68 -26.68
N LEU F 206 -14.16 -16.21 -27.09
CA LEU F 206 -15.33 -16.19 -26.22
C LEU F 206 -15.07 -17.01 -24.96
N GLU F 207 -14.50 -18.21 -25.12
CA GLU F 207 -14.36 -19.12 -24.00
C GLU F 207 -13.37 -18.53 -23.00
N ARG F 208 -12.29 -17.92 -23.50
CA ARG F 208 -11.25 -17.43 -22.61
C ARG F 208 -11.78 -16.22 -21.85
N TYR F 209 -12.65 -15.42 -22.47
CA TYR F 209 -13.31 -14.33 -21.77
C TYR F 209 -14.22 -14.86 -20.65
N ILE F 210 -15.01 -15.88 -20.95
CA ILE F 210 -15.91 -16.47 -19.97
C ILE F 210 -15.12 -16.96 -18.76
N LEU F 211 -13.98 -17.60 -19.01
CA LEU F 211 -13.21 -18.23 -17.96
C LEU F 211 -12.48 -17.17 -17.14
N ALA F 212 -12.05 -16.10 -17.80
CA ALA F 212 -11.39 -14.99 -17.14
C ALA F 212 -12.35 -14.26 -16.21
N GLU F 213 -13.58 -14.02 -16.66
CA GLU F 213 -14.56 -13.29 -15.88
C GLU F 213 -15.16 -14.19 -14.81
N GLY F 214 -15.25 -15.48 -15.12
CA GLY F 214 -16.06 -16.39 -14.32
C GLY F 214 -17.39 -16.66 -15.00
N PRO F 215 -17.68 -17.93 -15.36
CA PRO F 215 -18.92 -18.25 -16.03
C PRO F 215 -20.16 -17.87 -15.23
N GLU F 216 -20.02 -17.88 -13.89
CA GLU F 216 -21.14 -17.62 -13.00
C GLU F 216 -21.54 -16.13 -13.05
N THR F 217 -20.76 -15.31 -13.77
CA THR F 217 -21.05 -13.89 -13.93
C THR F 217 -21.62 -13.58 -15.30
N ILE F 218 -21.70 -14.57 -16.19
CA ILE F 218 -22.11 -14.31 -17.57
C ILE F 218 -23.50 -14.90 -17.81
N ALA F 219 -24.45 -14.02 -18.18
CA ALA F 219 -25.84 -14.44 -18.23
C ALA F 219 -26.23 -14.88 -19.64
N ALA F 220 -25.72 -14.18 -20.65
CA ALA F 220 -26.26 -14.28 -21.98
C ALA F 220 -25.26 -13.86 -23.04
N PHE F 221 -25.40 -14.49 -24.21
CA PHE F 221 -24.83 -14.03 -25.45
C PHE F 221 -25.95 -13.53 -26.35
N ILE F 222 -25.74 -12.38 -27.00
CA ILE F 222 -26.70 -11.87 -27.96
C ILE F 222 -26.00 -11.59 -29.28
N GLY F 223 -26.66 -11.95 -30.39
CA GLY F 223 -26.13 -11.67 -31.70
C GLY F 223 -27.18 -11.79 -32.81
N GLU F 224 -27.01 -10.97 -33.84
CA GLU F 224 -27.67 -11.15 -35.13
C GLU F 224 -27.07 -12.35 -35.86
N PRO F 225 -27.86 -13.21 -36.51
CA PRO F 225 -27.29 -14.29 -37.31
C PRO F 225 -26.28 -13.77 -38.35
N VAL F 226 -26.69 -12.72 -39.06
CA VAL F 226 -25.82 -11.95 -39.93
C VAL F 226 -25.83 -10.51 -39.42
N ILE F 227 -24.62 -9.94 -39.31
CA ILE F 227 -24.47 -8.57 -38.84
C ILE F 227 -24.88 -7.65 -39.99
N ALA F 228 -25.97 -6.90 -39.79
CA ALA F 228 -26.56 -6.10 -40.86
C ALA F 228 -26.03 -4.67 -40.81
N ALA F 229 -26.48 -3.90 -39.82
CA ALA F 229 -26.19 -2.47 -39.78
C ALA F 229 -24.69 -2.23 -39.62
N GLY F 230 -23.98 -3.24 -39.09
CA GLY F 230 -22.55 -3.13 -38.90
C GLY F 230 -21.72 -3.44 -40.16
N GLY F 231 -22.39 -3.77 -41.29
CA GLY F 231 -21.69 -3.86 -42.57
C GLY F 231 -21.99 -5.14 -43.38
N VAL F 232 -23.20 -5.72 -43.19
CA VAL F 232 -23.62 -6.90 -43.92
C VAL F 232 -22.50 -7.94 -43.90
N ILE F 233 -22.30 -8.54 -42.72
CA ILE F 233 -21.20 -9.44 -42.49
C ILE F 233 -21.75 -10.81 -42.11
N PRO F 234 -21.83 -11.75 -43.07
CA PRO F 234 -22.20 -13.11 -42.74
C PRO F 234 -21.16 -13.78 -41.84
N PRO F 235 -21.57 -14.73 -40.98
CA PRO F 235 -20.65 -15.38 -40.08
C PRO F 235 -19.71 -16.30 -40.85
N PRO F 236 -18.49 -16.55 -40.34
CA PRO F 236 -17.66 -17.59 -40.91
C PRO F 236 -18.23 -18.99 -40.68
N THR F 237 -17.81 -19.92 -41.54
CA THR F 237 -18.31 -21.28 -41.51
C THR F 237 -18.13 -21.84 -40.12
N GLY F 238 -19.21 -22.44 -39.58
CA GLY F 238 -19.14 -23.19 -38.34
C GLY F 238 -19.32 -22.30 -37.12
N TYR F 239 -19.39 -20.98 -37.33
CA TYR F 239 -19.36 -20.00 -36.26
C TYR F 239 -20.40 -20.32 -35.21
N TRP F 240 -21.65 -20.45 -35.65
CA TRP F 240 -22.76 -20.51 -34.73
C TRP F 240 -22.75 -21.81 -33.93
N ALA F 241 -22.29 -22.93 -34.53
CA ALA F 241 -22.19 -24.18 -33.81
C ALA F 241 -21.13 -24.06 -32.69
N ALA F 242 -20.01 -23.41 -32.99
CA ALA F 242 -18.93 -23.26 -32.04
C ALA F 242 -19.37 -22.37 -30.88
N ILE F 243 -20.05 -21.26 -31.19
CA ILE F 243 -20.44 -20.29 -30.18
C ILE F 243 -21.45 -20.94 -29.24
N GLN F 244 -22.42 -21.64 -29.81
CA GLN F 244 -23.44 -22.31 -29.03
C GLN F 244 -22.82 -23.37 -28.12
N ALA F 245 -21.81 -24.10 -28.61
CA ALA F 245 -21.20 -25.16 -27.82
C ALA F 245 -20.59 -24.57 -26.56
N VAL F 246 -19.89 -23.44 -26.72
CA VAL F 246 -19.30 -22.72 -25.60
C VAL F 246 -20.39 -22.23 -24.66
N CYS F 247 -21.44 -21.58 -25.20
CA CYS F 247 -22.52 -21.06 -24.37
C CYS F 247 -23.16 -22.19 -23.57
N LYS F 248 -23.43 -23.33 -24.22
CA LYS F 248 -24.08 -24.45 -23.56
C LYS F 248 -23.19 -24.95 -22.42
N ARG F 249 -21.88 -24.96 -22.63
CA ARG F 249 -20.94 -25.50 -21.65
C ARG F 249 -21.03 -24.70 -20.36
N TYR F 250 -21.31 -23.40 -20.43
CA TYR F 250 -21.26 -22.53 -19.26
C TYR F 250 -22.65 -22.02 -18.90
N ASP F 251 -23.70 -22.66 -19.42
CA ASP F 251 -25.07 -22.33 -19.08
C ASP F 251 -25.34 -20.86 -19.35
N ILE F 252 -24.94 -20.41 -20.53
CA ILE F 252 -25.14 -19.04 -20.98
C ILE F 252 -26.28 -19.04 -22.01
N LEU F 253 -27.29 -18.19 -21.74
CA LEU F 253 -28.44 -18.04 -22.62
C LEU F 253 -27.98 -17.57 -23.99
N VAL F 254 -28.60 -18.11 -25.04
CA VAL F 254 -28.34 -17.64 -26.37
C VAL F 254 -29.52 -16.79 -26.85
N VAL F 255 -29.24 -15.51 -27.07
CA VAL F 255 -30.27 -14.58 -27.50
C VAL F 255 -30.00 -14.20 -28.96
N ILE F 256 -30.96 -14.51 -29.84
CA ILE F 256 -30.75 -14.24 -31.24
C ILE F 256 -31.65 -13.08 -31.67
N ASP F 257 -31.00 -12.06 -32.21
CA ASP F 257 -31.68 -10.85 -32.66
C ASP F 257 -31.98 -11.04 -34.14
N GLU F 258 -33.26 -11.29 -34.45
CA GLU F 258 -33.72 -11.44 -35.82
C GLU F 258 -34.56 -10.24 -36.24
N ILE F 259 -34.24 -9.09 -35.69
CA ILE F 259 -34.97 -7.87 -36.00
C ILE F 259 -34.89 -7.62 -37.51
N ILE F 260 -33.77 -7.97 -38.14
CA ILE F 260 -33.61 -7.75 -39.57
C ILE F 260 -33.72 -9.07 -40.34
N THR F 261 -33.11 -10.15 -39.83
CA THR F 261 -33.01 -11.40 -40.57
C THR F 261 -34.35 -12.13 -40.56
N GLY F 262 -35.25 -11.76 -39.65
CA GLY F 262 -36.51 -12.50 -39.50
C GLY F 262 -37.42 -12.33 -40.73
N PHE F 263 -38.17 -13.41 -41.01
CA PHE F 263 -39.23 -13.42 -42.03
C PHE F 263 -38.62 -13.36 -43.44
N GLY F 264 -37.63 -14.21 -43.71
CA GLY F 264 -37.33 -14.62 -45.07
C GLY F 264 -36.13 -13.90 -45.66
N ARG F 265 -35.56 -12.96 -44.92
CA ARG F 265 -34.52 -12.10 -45.46
C ARG F 265 -33.36 -12.91 -46.02
N LEU F 266 -33.01 -14.01 -45.35
CA LEU F 266 -31.82 -14.78 -45.70
C LEU F 266 -32.17 -16.03 -46.51
N GLY F 267 -33.46 -16.23 -46.84
CA GLY F 267 -33.86 -17.37 -47.63
C GLY F 267 -34.39 -18.50 -46.73
N THR F 268 -34.45 -18.24 -45.43
CA THR F 268 -35.25 -19.06 -44.53
C THR F 268 -36.16 -18.16 -43.71
N MET F 269 -37.20 -18.72 -43.11
CA MET F 269 -38.14 -17.94 -42.34
C MET F 269 -37.39 -17.13 -41.29
N PHE F 270 -36.55 -17.83 -40.53
CA PHE F 270 -35.65 -17.20 -39.58
C PHE F 270 -34.21 -17.56 -39.92
N GLY F 271 -33.30 -16.58 -39.74
CA GLY F 271 -31.88 -16.84 -39.95
C GLY F 271 -31.38 -17.97 -39.07
N SER F 272 -31.99 -18.12 -37.90
CA SER F 272 -31.62 -19.16 -36.95
C SER F 272 -31.66 -20.52 -37.62
N GLN F 273 -32.61 -20.72 -38.56
CA GLN F 273 -32.76 -22.01 -39.22
C GLN F 273 -31.60 -22.24 -40.17
N LEU F 274 -31.25 -21.19 -40.92
CA LEU F 274 -30.16 -21.33 -41.87
C LEU F 274 -28.85 -21.73 -41.16
N TYR F 275 -28.58 -21.15 -39.99
CA TYR F 275 -27.29 -21.31 -39.32
C TYR F 275 -27.37 -22.32 -38.16
N GLY F 276 -28.51 -23.00 -38.04
CA GLY F 276 -28.64 -24.06 -37.05
C GLY F 276 -28.55 -23.52 -35.61
N ILE F 277 -29.13 -22.34 -35.38
CA ILE F 277 -29.11 -21.72 -34.07
C ILE F 277 -30.37 -22.11 -33.33
N GLN F 278 -30.21 -22.59 -32.08
CA GLN F 278 -31.37 -22.86 -31.25
C GLN F 278 -31.39 -21.83 -30.12
N PRO F 279 -32.09 -20.69 -30.28
CA PRO F 279 -32.06 -19.67 -29.27
C PRO F 279 -32.85 -20.07 -28.04
N ASP F 280 -32.43 -19.52 -26.89
CA ASP F 280 -33.28 -19.47 -25.71
C ASP F 280 -34.30 -18.36 -25.85
N ILE F 281 -33.89 -17.28 -26.55
CA ILE F 281 -34.72 -16.10 -26.75
C ILE F 281 -34.52 -15.61 -28.18
N MET F 282 -35.62 -15.30 -28.87
CA MET F 282 -35.57 -14.75 -30.21
C MET F 282 -36.34 -13.43 -30.23
N VAL F 283 -35.79 -12.44 -30.95
CA VAL F 283 -36.32 -11.10 -30.99
C VAL F 283 -36.67 -10.72 -32.42
N LEU F 284 -37.89 -10.20 -32.61
CA LEU F 284 -38.45 -9.95 -33.94
C LEU F 284 -38.99 -8.53 -34.01
N SER F 285 -38.92 -7.94 -35.21
CA SER F 285 -39.56 -6.67 -35.51
C SER F 285 -39.48 -6.44 -37.02
N LYS F 286 -39.61 -5.17 -37.45
CA LYS F 286 -39.38 -4.74 -38.81
C LYS F 286 -40.25 -5.53 -39.79
N GLN F 287 -39.66 -6.56 -40.44
CA GLN F 287 -40.38 -7.30 -41.47
C GLN F 287 -41.59 -8.00 -40.87
N LEU F 288 -41.69 -8.04 -39.54
CA LEU F 288 -42.86 -8.56 -38.85
C LEU F 288 -44.12 -7.82 -39.27
N THR F 289 -44.02 -6.51 -39.59
CA THR F 289 -45.18 -5.73 -40.02
C THR F 289 -44.85 -4.93 -41.27
N SER F 290 -43.69 -5.20 -41.87
CA SER F 290 -43.19 -4.36 -42.95
C SER F 290 -43.10 -2.91 -42.48
N SER F 291 -43.06 -2.71 -41.15
CA SER F 291 -42.99 -1.40 -40.52
C SER F 291 -44.24 -0.57 -40.81
N TYR F 292 -45.35 -1.21 -41.18
CA TYR F 292 -46.60 -0.48 -41.44
C TYR F 292 -47.21 -0.08 -40.10
N GLN F 293 -46.81 -0.80 -39.06
CA GLN F 293 -47.14 -0.46 -37.70
C GLN F 293 -45.91 -0.75 -36.84
N PRO F 294 -45.62 0.07 -35.81
CA PRO F 294 -44.59 -0.26 -34.83
C PRO F 294 -44.96 -1.48 -34.01
N LEU F 295 -44.17 -2.55 -34.18
CA LEU F 295 -44.33 -3.75 -33.39
C LEU F 295 -43.00 -4.52 -33.33
N ALA F 296 -42.80 -5.18 -32.18
CA ALA F 296 -41.73 -6.14 -32.00
C ALA F 296 -42.19 -7.20 -31.02
N ALA F 297 -41.47 -8.32 -31.01
CA ALA F 297 -41.83 -9.44 -30.15
C ALA F 297 -40.57 -10.05 -29.56
N VAL F 298 -40.65 -10.37 -28.26
CA VAL F 298 -39.67 -11.22 -27.63
C VAL F 298 -40.31 -12.60 -27.48
N VAL F 299 -39.67 -13.63 -28.08
CA VAL F 299 -40.13 -14.99 -27.90
C VAL F 299 -39.16 -15.75 -27.00
N VAL F 300 -39.67 -16.40 -25.96
CA VAL F 300 -38.80 -17.03 -24.97
C VAL F 300 -39.18 -18.51 -24.83
N SER F 301 -38.21 -19.30 -24.35
CA SER F 301 -38.39 -20.72 -24.11
C SER F 301 -39.44 -20.97 -23.02
N ASP F 302 -39.92 -22.22 -22.91
CA ASP F 302 -40.82 -22.61 -21.84
C ASP F 302 -40.12 -22.45 -20.49
N ALA F 303 -38.80 -22.71 -20.46
CA ALA F 303 -38.03 -22.66 -19.23
C ALA F 303 -38.01 -21.23 -18.71
N MET F 304 -37.69 -20.29 -19.60
CA MET F 304 -37.68 -18.87 -19.28
C MET F 304 -39.03 -18.49 -18.71
N ASN F 305 -40.08 -18.87 -19.42
CA ASN F 305 -41.42 -18.44 -19.06
C ASN F 305 -41.78 -18.99 -17.69
N ASP F 306 -41.38 -20.23 -17.42
CA ASP F 306 -41.68 -20.87 -16.14
C ASP F 306 -41.10 -20.03 -14.99
N VAL F 307 -39.90 -19.48 -15.19
CA VAL F 307 -39.25 -18.70 -14.16
C VAL F 307 -39.98 -17.36 -14.01
N LEU F 308 -40.40 -16.76 -15.13
CA LEU F 308 -41.16 -15.53 -15.07
C LEU F 308 -42.43 -15.75 -14.24
N VAL F 309 -43.07 -16.90 -14.46
CA VAL F 309 -44.31 -17.23 -13.78
C VAL F 309 -44.05 -17.47 -12.29
N SER F 310 -42.95 -18.13 -11.97
CA SER F 310 -42.64 -18.45 -10.58
C SER F 310 -42.35 -17.16 -9.82
N GLN F 311 -41.81 -16.14 -10.53
CA GLN F 311 -41.57 -14.85 -9.94
C GLN F 311 -42.89 -14.15 -9.58
N SER F 312 -43.93 -14.29 -10.42
CA SER F 312 -45.22 -13.67 -10.15
C SER F 312 -45.84 -14.26 -8.88
N GLN F 313 -45.55 -15.54 -8.61
CA GLN F 313 -46.02 -16.20 -7.41
C GLN F 313 -45.54 -15.45 -6.16
N ARG F 314 -44.32 -14.94 -6.14
CA ARG F 314 -43.77 -14.32 -4.93
C ARG F 314 -43.65 -12.80 -5.03
N LEU F 315 -43.75 -12.22 -6.23
CA LEU F 315 -43.63 -10.78 -6.38
C LEU F 315 -44.98 -10.13 -6.64
N GLY F 316 -45.95 -10.90 -7.14
CA GLY F 316 -47.29 -10.37 -7.32
C GLY F 316 -47.58 -9.95 -8.76
N ALA F 317 -46.57 -9.65 -9.56
CA ALA F 317 -46.82 -9.18 -10.92
C ALA F 317 -45.51 -9.12 -11.68
N PHE F 318 -45.59 -9.31 -12.99
CA PHE F 318 -44.47 -9.02 -13.86
C PHE F 318 -44.45 -7.53 -14.15
N ALA F 319 -43.61 -6.81 -13.39
CA ALA F 319 -43.63 -5.36 -13.35
C ALA F 319 -42.84 -4.78 -14.53
N HIS F 320 -43.39 -4.99 -15.72
CA HIS F 320 -42.81 -4.53 -16.97
C HIS F 320 -43.92 -4.46 -18.02
N GLY F 321 -43.97 -3.36 -18.77
CA GLY F 321 -44.93 -3.23 -19.85
C GLY F 321 -44.85 -1.87 -20.54
N PHE F 322 -45.38 -1.81 -21.77
CA PHE F 322 -45.56 -0.55 -22.48
C PHE F 322 -47.05 -0.34 -22.78
N THR F 323 -47.46 0.93 -22.89
CA THR F 323 -48.86 1.26 -23.10
C THR F 323 -49.43 0.45 -24.26
N CYS F 324 -48.69 0.42 -25.37
CA CYS F 324 -49.15 -0.18 -26.61
C CYS F 324 -48.61 -1.61 -26.80
N THR F 325 -48.11 -2.24 -25.72
CA THR F 325 -47.85 -3.66 -25.73
C THR F 325 -49.11 -4.38 -26.22
N GLY F 326 -48.97 -5.14 -27.31
CA GLY F 326 -50.04 -5.98 -27.82
C GLY F 326 -51.10 -5.19 -28.58
N HIS F 327 -50.72 -4.03 -29.13
CA HIS F 327 -51.68 -3.16 -29.79
C HIS F 327 -52.48 -3.97 -30.81
N PRO F 328 -53.83 -3.92 -30.75
CA PRO F 328 -54.66 -4.75 -31.61
C PRO F 328 -54.47 -4.46 -33.08
N VAL F 329 -54.22 -3.20 -33.43
CA VAL F 329 -54.05 -2.84 -34.83
C VAL F 329 -52.68 -3.30 -35.32
N ALA F 330 -51.64 -3.03 -34.54
CA ALA F 330 -50.30 -3.42 -34.94
C ALA F 330 -50.21 -4.94 -35.07
N THR F 331 -50.80 -5.68 -34.13
CA THR F 331 -50.73 -7.13 -34.15
C THR F 331 -51.57 -7.69 -35.30
N ALA F 332 -52.74 -7.07 -35.55
CA ALA F 332 -53.57 -7.47 -36.67
C ALA F 332 -52.76 -7.35 -37.97
N VAL F 333 -52.00 -6.27 -38.10
CA VAL F 333 -51.24 -6.01 -39.31
C VAL F 333 -50.13 -7.05 -39.44
N ALA F 334 -49.53 -7.45 -38.29
CA ALA F 334 -48.45 -8.42 -38.31
C ALA F 334 -49.01 -9.75 -38.81
N LEU F 335 -50.19 -10.11 -38.34
CA LEU F 335 -50.82 -11.36 -38.74
C LEU F 335 -50.99 -11.42 -40.26
N GLU F 336 -51.55 -10.34 -40.84
CA GLU F 336 -51.81 -10.30 -42.26
C GLU F 336 -50.47 -10.33 -43.01
N ASN F 337 -49.50 -9.57 -42.50
CA ASN F 337 -48.18 -9.52 -43.11
C ASN F 337 -47.59 -10.93 -43.21
N ILE F 338 -47.75 -11.73 -42.14
CA ILE F 338 -47.20 -13.07 -42.10
C ILE F 338 -47.99 -13.99 -43.02
N ARG F 339 -49.32 -13.89 -42.97
CA ARG F 339 -50.20 -14.61 -43.88
C ARG F 339 -49.69 -14.43 -45.32
N ILE F 340 -49.36 -13.18 -45.68
CA ILE F 340 -48.99 -12.88 -47.05
C ILE F 340 -47.65 -13.52 -47.38
N ILE F 341 -46.71 -13.50 -46.44
CA ILE F 341 -45.39 -14.03 -46.71
C ILE F 341 -45.48 -15.54 -46.94
N GLU F 342 -46.33 -16.21 -46.14
CA GLU F 342 -46.48 -17.64 -46.27
C GLU F 342 -47.25 -18.00 -47.54
N GLU F 343 -48.39 -17.31 -47.77
CA GLU F 343 -49.29 -17.67 -48.84
C GLU F 343 -48.63 -17.48 -50.19
N ARG F 344 -47.82 -16.43 -50.35
CA ARG F 344 -47.11 -16.20 -51.61
C ARG F 344 -45.74 -16.89 -51.60
N ASP F 345 -45.44 -17.66 -50.54
CA ASP F 345 -44.17 -18.34 -50.37
C ASP F 345 -43.00 -17.40 -50.69
N LEU F 346 -42.88 -16.31 -49.92
CA LEU F 346 -41.86 -15.30 -50.24
C LEU F 346 -40.47 -15.77 -49.80
N VAL F 347 -40.42 -16.72 -48.86
CA VAL F 347 -39.18 -17.38 -48.51
C VAL F 347 -38.65 -18.14 -49.73
N GLY F 348 -39.57 -18.92 -50.35
CA GLY F 348 -39.28 -19.59 -51.61
C GLY F 348 -38.78 -18.62 -52.68
N HIS F 349 -39.48 -17.47 -52.80
CA HIS F 349 -39.12 -16.47 -53.78
C HIS F 349 -37.69 -16.00 -53.57
N VAL F 350 -37.29 -15.83 -52.30
CA VAL F 350 -35.94 -15.35 -52.02
C VAL F 350 -34.92 -16.38 -52.48
N GLN F 351 -35.21 -17.68 -52.24
CA GLN F 351 -34.31 -18.75 -52.63
C GLN F 351 -34.09 -18.77 -54.14
N HIS F 352 -35.14 -18.47 -54.91
CA HIS F 352 -35.09 -18.47 -56.37
C HIS F 352 -34.42 -17.18 -56.86
N LEU F 353 -34.58 -16.07 -56.13
CA LEU F 353 -34.05 -14.79 -56.58
C LEU F 353 -32.62 -14.59 -56.11
N ALA F 354 -32.21 -15.28 -55.03
CA ALA F 354 -30.92 -15.04 -54.42
C ALA F 354 -29.79 -15.23 -55.42
N PRO F 355 -29.77 -16.29 -56.26
CA PRO F 355 -28.69 -16.48 -57.23
C PRO F 355 -28.50 -15.30 -58.18
N VAL F 356 -29.62 -14.68 -58.61
CA VAL F 356 -29.54 -13.56 -59.55
C VAL F 356 -29.07 -12.31 -58.80
N PHE F 357 -29.61 -12.11 -57.58
CA PHE F 357 -29.18 -11.04 -56.71
C PHE F 357 -27.68 -11.12 -56.45
N GLN F 358 -27.21 -12.31 -56.06
CA GLN F 358 -25.82 -12.49 -55.68
C GLN F 358 -24.92 -12.32 -56.91
N ARG F 359 -25.38 -12.77 -58.08
CA ARG F 359 -24.57 -12.69 -59.29
C ARG F 359 -24.36 -11.22 -59.67
N HIS F 360 -25.44 -10.42 -59.54
CA HIS F 360 -25.32 -8.99 -59.78
C HIS F 360 -24.34 -8.32 -58.83
N LEU F 361 -24.34 -8.75 -57.57
CA LEU F 361 -23.44 -8.21 -56.58
C LEU F 361 -22.00 -8.56 -56.97
N ARG F 362 -21.78 -9.84 -57.26
CA ARG F 362 -20.45 -10.39 -57.50
C ARG F 362 -19.84 -9.76 -58.74
N ALA F 363 -20.68 -9.29 -59.66
CA ALA F 363 -20.20 -8.65 -60.88
C ALA F 363 -19.24 -7.51 -60.57
N PHE F 364 -19.32 -6.94 -59.36
CA PHE F 364 -18.51 -5.78 -59.01
C PHE F 364 -17.20 -6.18 -58.34
N GLU F 365 -16.94 -7.49 -58.21
CA GLU F 365 -15.77 -7.98 -57.48
C GLU F 365 -14.48 -7.44 -58.09
N ASP F 366 -14.43 -7.34 -59.42
CA ASP F 366 -13.18 -7.00 -60.11
C ASP F 366 -13.09 -5.49 -60.37
N HIS F 367 -14.00 -4.70 -59.80
CA HIS F 367 -13.97 -3.25 -59.93
C HIS F 367 -12.80 -2.69 -59.13
N PRO F 368 -12.15 -1.59 -59.58
CA PRO F 368 -10.96 -1.07 -58.90
C PRO F 368 -11.19 -0.64 -57.45
N LEU F 369 -12.42 -0.16 -57.16
CA LEU F 369 -12.77 0.41 -55.86
C LEU F 369 -13.24 -0.66 -54.87
N VAL F 370 -13.62 -1.85 -55.37
CA VAL F 370 -14.31 -2.85 -54.57
C VAL F 370 -13.31 -3.85 -54.00
N GLY F 371 -13.31 -3.99 -52.67
CA GLY F 371 -12.38 -4.87 -51.97
C GLY F 371 -13.04 -6.22 -51.65
N ASN F 372 -14.35 -6.21 -51.41
CA ASN F 372 -15.04 -7.40 -50.96
C ASN F 372 -16.52 -7.30 -51.30
N VAL F 373 -17.11 -8.44 -51.70
CA VAL F 373 -18.54 -8.54 -51.90
C VAL F 373 -19.06 -9.70 -51.07
N ARG F 374 -20.19 -9.49 -50.40
CA ARG F 374 -20.73 -10.51 -49.51
C ARG F 374 -22.23 -10.38 -49.46
N GLY F 375 -22.91 -11.51 -49.27
CA GLY F 375 -24.36 -11.53 -49.28
C GLY F 375 -24.91 -12.90 -48.89
N VAL F 376 -26.13 -12.88 -48.35
CA VAL F 376 -26.89 -14.07 -48.04
C VAL F 376 -28.33 -13.73 -48.36
N GLY F 377 -29.03 -14.70 -48.95
CA GLY F 377 -30.37 -14.48 -49.45
C GLY F 377 -30.52 -13.13 -50.14
N LEU F 378 -31.40 -12.26 -49.63
CA LEU F 378 -31.68 -11.00 -50.29
C LEU F 378 -31.06 -9.84 -49.51
N MET F 379 -29.89 -10.08 -48.92
CA MET F 379 -29.13 -9.04 -48.25
C MET F 379 -27.70 -9.10 -48.77
N GLY F 380 -27.14 -7.94 -49.16
CA GLY F 380 -25.82 -7.94 -49.78
C GLY F 380 -25.06 -6.66 -49.43
N GLY F 381 -23.74 -6.74 -49.61
CA GLY F 381 -22.87 -5.61 -49.35
C GLY F 381 -21.70 -5.58 -50.32
N ILE F 382 -21.33 -4.36 -50.72
CA ILE F 382 -20.18 -4.12 -51.56
C ILE F 382 -19.26 -3.16 -50.82
N GLU F 383 -18.10 -3.65 -50.38
CA GLU F 383 -17.22 -2.81 -49.58
C GLU F 383 -16.20 -2.14 -50.50
N LEU F 384 -16.19 -0.80 -50.49
CA LEU F 384 -15.16 -0.04 -51.19
C LEU F 384 -13.93 0.13 -50.30
N VAL F 385 -12.74 0.05 -50.93
CA VAL F 385 -11.47 0.20 -50.24
C VAL F 385 -10.54 1.07 -51.09
N ALA F 386 -9.46 1.56 -50.45
CA ALA F 386 -8.49 2.42 -51.10
C ALA F 386 -7.44 1.60 -51.85
N ASP F 387 -7.11 0.41 -51.31
CA ASP F 387 -6.14 -0.48 -51.90
C ASP F 387 -6.67 -1.91 -51.78
N LYS F 388 -6.85 -2.58 -52.93
CA LYS F 388 -7.38 -3.94 -52.97
C LYS F 388 -6.35 -4.95 -52.43
N ALA F 389 -5.06 -4.67 -52.64
CA ALA F 389 -3.99 -5.55 -52.20
C ALA F 389 -4.00 -5.68 -50.67
N THR F 390 -3.99 -4.55 -49.96
CA THR F 390 -3.83 -4.53 -48.51
C THR F 390 -5.19 -4.45 -47.81
N ARG F 391 -6.28 -4.55 -48.57
CA ARG F 391 -7.65 -4.48 -48.08
C ARG F 391 -7.87 -3.31 -47.13
N GLN F 392 -7.14 -2.21 -47.35
CA GLN F 392 -7.06 -1.13 -46.37
C GLN F 392 -8.09 -0.05 -46.69
N PRO F 393 -8.80 0.49 -45.68
CA PRO F 393 -9.77 1.57 -45.88
C PRO F 393 -9.16 2.93 -46.22
N PHE F 394 -10.03 3.95 -46.38
CA PHE F 394 -9.64 5.25 -46.91
C PHE F 394 -9.11 6.16 -45.81
N ALA F 395 -8.62 7.33 -46.22
CA ALA F 395 -8.15 8.37 -45.32
C ALA F 395 -9.20 8.68 -44.25
N GLN F 396 -10.37 9.17 -44.69
CA GLN F 396 -11.49 9.36 -43.78
C GLN F 396 -12.58 8.39 -44.15
N PRO F 397 -12.72 7.24 -43.46
CA PRO F 397 -13.74 6.27 -43.81
C PRO F 397 -15.14 6.92 -43.85
N GLY F 398 -15.94 6.53 -44.86
CA GLY F 398 -17.33 6.98 -44.96
C GLY F 398 -17.50 8.13 -45.95
N THR F 399 -16.39 8.72 -46.41
CA THR F 399 -16.45 9.84 -47.32
C THR F 399 -16.98 9.34 -48.65
N LEU F 400 -16.40 8.26 -49.17
CA LEU F 400 -16.81 7.71 -50.46
C LEU F 400 -18.21 7.11 -50.37
N GLY F 401 -18.47 6.35 -49.30
CA GLY F 401 -19.79 5.78 -49.09
C GLY F 401 -20.86 6.86 -48.99
N GLY F 402 -20.54 7.93 -48.26
CA GLY F 402 -21.43 9.08 -48.11
C GLY F 402 -21.80 9.66 -49.48
N TYR F 403 -20.83 9.70 -50.39
CA TYR F 403 -21.02 10.23 -51.73
C TYR F 403 -21.92 9.30 -52.53
N VAL F 404 -21.65 7.99 -52.44
CA VAL F 404 -22.44 7.00 -53.15
C VAL F 404 -23.90 7.11 -52.71
N PHE F 405 -24.12 7.34 -51.41
CA PHE F 405 -25.48 7.42 -50.89
C PHE F 405 -26.22 8.58 -51.54
N LYS F 406 -25.55 9.77 -51.58
CA LYS F 406 -26.15 10.98 -52.14
C LYS F 406 -26.35 10.81 -53.63
N GLN F 407 -25.29 10.34 -54.30
CA GLN F 407 -25.24 10.30 -55.75
C GLN F 407 -26.23 9.29 -56.32
N ALA F 408 -26.45 8.18 -55.60
CA ALA F 408 -27.37 7.15 -56.06
C ALA F 408 -28.77 7.73 -56.23
N HIS F 409 -29.10 8.78 -55.47
CA HIS F 409 -30.41 9.42 -55.55
C HIS F 409 -30.63 10.03 -56.93
N LYS F 410 -29.55 10.57 -57.52
CA LYS F 410 -29.63 11.22 -58.82
C LYS F 410 -29.90 10.18 -59.90
N HIS F 411 -29.69 8.88 -59.59
CA HIS F 411 -29.97 7.81 -60.53
C HIS F 411 -31.18 6.99 -60.08
N GLY F 412 -32.04 7.57 -59.22
CA GLY F 412 -33.31 6.94 -58.85
C GLY F 412 -33.14 5.75 -57.91
N LEU F 413 -32.05 5.73 -57.12
CA LEU F 413 -31.74 4.60 -56.26
C LEU F 413 -31.47 5.04 -54.82
N ILE F 414 -32.17 4.41 -53.87
CA ILE F 414 -31.87 4.57 -52.46
C ILE F 414 -31.18 3.30 -51.94
N ILE F 415 -29.93 3.46 -51.50
CA ILE F 415 -29.20 2.41 -50.79
C ILE F 415 -28.79 2.94 -49.40
N ARG F 416 -27.96 2.18 -48.69
CA ARG F 416 -27.44 2.63 -47.39
C ARG F 416 -25.93 2.46 -47.40
N ALA F 417 -25.24 3.53 -46.99
CA ALA F 417 -23.80 3.49 -46.83
C ALA F 417 -23.50 3.22 -45.36
N ILE F 418 -22.79 2.11 -45.11
CA ILE F 418 -22.26 1.82 -43.80
C ILE F 418 -20.76 2.07 -43.88
N TYR F 419 -20.37 3.30 -43.52
CA TYR F 419 -19.04 3.81 -43.84
C TYR F 419 -18.85 3.65 -45.34
N ASP F 420 -17.95 2.77 -45.78
CA ASP F 420 -17.65 2.66 -47.20
C ASP F 420 -18.14 1.31 -47.73
N THR F 421 -19.11 0.71 -47.04
CA THR F 421 -19.74 -0.50 -47.53
C THR F 421 -21.15 -0.13 -47.99
N ILE F 422 -21.52 -0.55 -49.21
CA ILE F 422 -22.83 -0.21 -49.73
C ILE F 422 -23.76 -1.40 -49.51
N ALA F 423 -24.88 -1.14 -48.85
CA ALA F 423 -25.77 -2.19 -48.42
C ALA F 423 -26.98 -2.26 -49.35
N PHE F 424 -27.44 -3.48 -49.57
CA PHE F 424 -28.61 -3.77 -50.37
C PHE F 424 -29.49 -4.73 -49.58
N CYS F 425 -30.77 -4.38 -49.44
CA CYS F 425 -31.72 -5.17 -48.70
C CYS F 425 -33.11 -4.88 -49.26
N PRO F 426 -33.36 -5.23 -50.54
CA PRO F 426 -34.59 -4.84 -51.22
C PRO F 426 -35.78 -5.63 -50.72
N PRO F 427 -37.03 -5.16 -50.98
CA PRO F 427 -38.21 -5.83 -50.47
C PRO F 427 -38.31 -7.29 -50.93
N LEU F 428 -39.10 -8.10 -50.19
CA LEU F 428 -39.24 -9.51 -50.51
C LEU F 428 -39.97 -9.66 -51.84
N ILE F 429 -40.71 -8.62 -52.26
CA ILE F 429 -41.50 -8.67 -53.48
C ILE F 429 -40.68 -8.24 -54.69
N THR F 430 -39.39 -7.92 -54.48
CA THR F 430 -38.50 -7.58 -55.57
C THR F 430 -38.57 -8.67 -56.65
N THR F 431 -38.55 -8.23 -57.92
CA THR F 431 -38.51 -9.11 -59.09
C THR F 431 -37.12 -9.07 -59.70
N GLN F 432 -36.85 -10.03 -60.61
CA GLN F 432 -35.64 -10.01 -61.42
C GLN F 432 -35.47 -8.66 -62.14
N ASP F 433 -36.58 -8.07 -62.63
CA ASP F 433 -36.50 -6.79 -63.34
C ASP F 433 -36.05 -5.68 -62.38
N ASP F 434 -36.64 -5.68 -61.18
CA ASP F 434 -36.26 -4.74 -60.13
C ASP F 434 -34.76 -4.84 -59.84
N ILE F 435 -34.24 -6.08 -59.81
CA ILE F 435 -32.83 -6.30 -59.51
C ILE F 435 -31.97 -5.62 -60.57
N GLU F 436 -32.35 -5.78 -61.85
CA GLU F 436 -31.59 -5.24 -62.97
C GLU F 436 -31.62 -3.71 -62.91
N ALA F 437 -32.76 -3.15 -62.51
CA ALA F 437 -32.92 -1.71 -62.39
C ALA F 437 -32.01 -1.16 -61.28
N ILE F 438 -31.94 -1.93 -60.19
CA ILE F 438 -31.17 -1.51 -59.03
C ILE F 438 -29.70 -1.42 -59.45
N PHE F 439 -29.18 -2.50 -60.06
CA PHE F 439 -27.74 -2.62 -60.24
C PHE F 439 -27.28 -1.79 -61.44
N SER F 440 -28.18 -1.63 -62.41
CA SER F 440 -27.99 -0.66 -63.48
C SER F 440 -27.75 0.73 -62.87
N ALA F 441 -28.67 1.17 -62.00
CA ALA F 441 -28.55 2.47 -61.36
C ALA F 441 -27.30 2.53 -60.48
N PHE F 442 -26.95 1.41 -59.86
CA PHE F 442 -25.80 1.40 -58.99
C PHE F 442 -24.52 1.50 -59.83
N GLU F 443 -24.54 0.89 -61.02
CA GLU F 443 -23.36 0.88 -61.89
C GLU F 443 -23.00 2.31 -62.30
N ARG F 444 -24.04 3.10 -62.68
CA ARG F 444 -23.86 4.50 -62.99
C ARG F 444 -23.34 5.25 -61.75
N THR F 445 -23.90 4.95 -60.57
CA THR F 445 -23.50 5.65 -59.36
C THR F 445 -22.01 5.40 -59.11
N LEU F 446 -21.59 4.15 -59.32
CA LEU F 446 -20.24 3.74 -58.98
C LEU F 446 -19.27 4.35 -59.99
N ALA F 447 -19.75 4.56 -61.23
CA ALA F 447 -18.94 5.21 -62.25
C ALA F 447 -18.69 6.68 -61.86
N ASP F 448 -19.78 7.39 -61.47
CA ASP F 448 -19.65 8.73 -60.94
C ASP F 448 -18.69 8.76 -59.75
N ALA F 449 -18.76 7.73 -58.89
CA ALA F 449 -17.95 7.67 -57.69
C ALA F 449 -16.48 7.50 -58.04
N THR F 450 -16.20 6.73 -59.10
CA THR F 450 -14.83 6.51 -59.54
C THR F 450 -14.22 7.83 -60.02
N ASP F 451 -15.01 8.64 -60.76
CA ASP F 451 -14.59 9.96 -61.17
C ASP F 451 -14.36 10.85 -59.95
N TRP F 452 -15.34 10.89 -59.05
CA TRP F 452 -15.33 11.79 -57.91
C TRP F 452 -14.12 11.51 -57.02
N ALA F 453 -13.75 10.23 -56.91
CA ALA F 453 -12.64 9.80 -56.08
C ALA F 453 -11.29 10.24 -56.65
N ARG F 454 -11.17 10.33 -57.99
CA ARG F 454 -9.96 10.82 -58.63
C ARG F 454 -9.80 12.31 -58.35
N SER F 455 -10.88 13.09 -58.55
CA SER F 455 -10.81 14.54 -58.44
C SER F 455 -10.61 14.98 -56.98
N GLN F 456 -10.72 14.05 -56.02
CA GLN F 456 -10.25 14.32 -54.67
C GLN F 456 -8.73 13.98 -54.59
N HIS G 4 41.46 -43.46 37.06
CA HIS G 4 40.70 -42.24 37.45
C HIS G 4 41.24 -41.74 38.81
N SER G 5 42.11 -40.71 38.77
CA SER G 5 42.61 -40.00 39.95
C SER G 5 41.57 -39.00 40.48
N SER G 6 41.92 -38.22 41.51
CA SER G 6 40.99 -37.29 42.11
C SER G 6 40.62 -36.18 41.12
N THR G 7 41.64 -35.69 40.38
CA THR G 7 41.46 -34.64 39.41
C THR G 7 40.60 -35.15 38.25
N VAL G 8 40.83 -36.39 37.81
CA VAL G 8 40.09 -36.95 36.69
C VAL G 8 38.61 -37.12 37.08
N GLN G 9 38.35 -37.57 38.31
CA GLN G 9 36.97 -37.83 38.74
C GLN G 9 36.23 -36.50 38.84
N ASN G 10 36.93 -35.51 39.41
CA ASN G 10 36.43 -34.15 39.56
C ASN G 10 36.11 -33.54 38.20
N ASP G 11 37.07 -33.64 37.28
CA ASP G 11 36.95 -33.13 35.93
C ASP G 11 35.73 -33.73 35.26
N LEU G 12 35.64 -35.08 35.28
CA LEU G 12 34.58 -35.79 34.56
C LEU G 12 33.20 -35.44 35.15
N ALA G 13 33.16 -35.08 36.43
CA ALA G 13 31.87 -34.87 37.10
C ALA G 13 31.33 -33.47 36.80
N ALA G 14 32.21 -32.47 36.72
CA ALA G 14 31.79 -31.09 36.96
C ALA G 14 32.33 -30.09 35.92
N LEU G 15 33.35 -30.45 35.12
CA LEU G 15 34.06 -29.45 34.32
C LEU G 15 33.60 -29.47 32.86
N ILE G 16 33.04 -28.34 32.41
CA ILE G 16 32.82 -28.08 30.98
C ILE G 16 34.09 -27.48 30.37
N HIS G 17 34.65 -28.23 29.41
CA HIS G 17 35.90 -27.87 28.77
C HIS G 17 35.66 -26.93 27.59
N PRO G 18 36.50 -25.89 27.44
CA PRO G 18 36.51 -25.10 26.22
C PRO G 18 37.02 -25.87 25.01
N ASN G 19 36.47 -25.55 23.83
CA ASN G 19 36.99 -26.02 22.57
C ASN G 19 37.36 -27.49 22.70
N THR G 20 36.41 -28.28 23.17
CA THR G 20 36.61 -29.70 23.37
C THR G 20 35.36 -30.41 22.90
N ASN G 21 35.53 -31.59 22.29
CA ASN G 21 34.41 -32.49 22.08
C ASN G 21 33.91 -33.02 23.42
N LEU G 22 32.79 -32.47 23.91
CA LEU G 22 32.29 -32.72 25.25
C LEU G 22 31.76 -34.14 25.38
N ALA G 23 31.33 -34.73 24.26
CA ALA G 23 30.80 -36.10 24.23
C ALA G 23 31.93 -37.11 24.29
N GLN G 24 32.95 -36.92 23.44
CA GLN G 24 34.19 -37.67 23.48
C GLN G 24 34.82 -37.58 24.87
N HIS G 25 34.73 -36.43 25.51
CA HIS G 25 35.41 -36.20 26.77
C HIS G 25 34.90 -37.15 27.85
N ARG G 26 33.60 -37.47 27.81
CA ARG G 26 33.01 -38.39 28.77
C ARG G 26 33.64 -39.78 28.64
N GLU G 27 34.13 -40.13 27.44
CA GLU G 27 34.66 -41.47 27.17
C GLU G 27 36.16 -41.52 27.49
N VAL G 28 36.94 -40.60 26.92
CA VAL G 28 38.39 -40.68 27.00
C VAL G 28 38.88 -39.96 28.26
N GLY G 29 38.11 -39.00 28.75
CA GLY G 29 38.50 -38.27 29.94
C GLY G 29 39.62 -37.27 29.66
N PRO G 30 40.02 -36.47 30.68
CA PRO G 30 41.02 -35.44 30.51
C PRO G 30 42.45 -35.99 30.54
N LEU G 31 43.40 -35.20 30.02
CA LEU G 31 44.81 -35.42 30.29
C LEU G 31 45.27 -34.34 31.28
N VAL G 32 45.66 -34.75 32.48
CA VAL G 32 45.93 -33.80 33.54
C VAL G 32 47.36 -33.28 33.39
N ILE G 33 47.52 -31.97 33.25
CA ILE G 33 48.84 -31.38 33.27
C ILE G 33 49.12 -30.84 34.66
N ALA G 34 50.30 -31.20 35.18
CA ALA G 34 50.58 -31.07 36.61
C ALA G 34 51.74 -30.10 36.85
N ARG G 35 52.76 -30.14 35.98
CA ARG G 35 53.99 -29.43 36.27
C ARG G 35 54.57 -28.86 34.97
N GLY G 36 55.32 -27.76 35.11
CA GLY G 36 55.96 -27.11 33.98
C GLY G 36 57.47 -26.98 34.19
N ASP G 37 58.23 -27.05 33.08
CA ASP G 37 59.67 -26.87 33.12
C ASP G 37 60.17 -26.40 31.75
N GLY G 38 60.54 -25.11 31.66
CA GLY G 38 60.90 -24.47 30.40
C GLY G 38 59.89 -24.74 29.27
N VAL G 39 60.32 -25.43 28.22
CA VAL G 39 59.49 -25.66 27.06
C VAL G 39 58.73 -26.98 27.20
N ARG G 40 58.75 -27.54 28.43
CA ARG G 40 58.14 -28.83 28.67
C ARG G 40 57.02 -28.71 29.71
N VAL G 41 56.03 -29.59 29.59
CA VAL G 41 55.06 -29.79 30.65
C VAL G 41 54.97 -31.29 30.93
N PHE G 42 54.52 -31.61 32.14
CA PHE G 42 54.42 -32.99 32.59
C PHE G 42 52.98 -33.24 33.02
N ASP G 43 52.49 -34.45 32.68
CA ASP G 43 51.18 -34.89 33.13
C ASP G 43 51.30 -35.44 34.56
N GLU G 44 50.14 -35.86 35.09
CA GLU G 44 50.02 -36.31 36.47
C GLU G 44 50.86 -37.57 36.67
N GLN G 45 51.00 -38.39 35.61
CA GLN G 45 51.77 -39.63 35.68
C GLN G 45 53.26 -39.35 35.52
N GLY G 46 53.64 -38.10 35.22
CA GLY G 46 55.03 -37.70 35.16
C GLY G 46 55.65 -37.76 33.76
N ASN G 47 54.88 -38.17 32.72
CA ASN G 47 55.35 -38.13 31.35
C ASN G 47 55.62 -36.70 30.89
N ALA G 48 56.69 -36.55 30.10
CA ALA G 48 57.14 -35.24 29.64
C ALA G 48 56.65 -35.00 28.21
N TYR G 49 56.31 -33.75 27.93
CA TYR G 49 55.90 -33.33 26.61
C TYR G 49 56.57 -31.99 26.30
N ILE G 50 57.15 -31.90 25.10
CA ILE G 50 57.60 -30.62 24.57
C ILE G 50 56.36 -29.87 24.10
N GLU G 51 56.18 -28.66 24.63
CA GLU G 51 54.99 -27.87 24.33
C GLU G 51 55.31 -26.99 23.13
N ALA G 52 55.13 -27.55 21.93
CA ALA G 52 55.52 -26.88 20.70
C ALA G 52 54.52 -25.79 20.30
N MET G 53 53.48 -25.57 21.12
CA MET G 53 52.50 -24.54 20.86
C MET G 53 52.51 -23.46 21.95
N SER G 54 53.45 -23.54 22.89
CA SER G 54 53.49 -22.62 24.00
C SER G 54 52.12 -22.55 24.69
N GLY G 55 51.45 -23.70 24.78
CA GLY G 55 50.11 -23.75 25.33
C GLY G 55 49.11 -23.36 24.26
N LEU G 56 48.63 -22.11 24.34
CA LEU G 56 47.78 -21.57 23.29
C LEU G 56 48.48 -20.35 22.70
N TRP G 57 49.59 -20.61 22.01
CA TRP G 57 50.34 -19.56 21.34
C TRP G 57 50.83 -18.51 22.33
N SER G 58 50.95 -18.84 23.62
CA SER G 58 50.92 -17.80 24.64
C SER G 58 52.13 -17.78 25.56
N ALA G 59 52.66 -18.96 25.94
CA ALA G 59 53.65 -19.08 27.00
C ALA G 59 55.04 -18.69 26.52
N ALA G 60 55.28 -17.38 26.35
CA ALA G 60 56.47 -16.89 25.69
C ALA G 60 57.72 -17.37 26.40
N LEU G 61 57.74 -17.25 27.74
CA LEU G 61 58.91 -17.52 28.53
C LEU G 61 58.85 -18.93 29.12
N GLY G 62 58.04 -19.81 28.52
CA GLY G 62 57.96 -21.20 28.98
C GLY G 62 57.15 -21.34 30.26
N PHE G 63 57.17 -22.54 30.84
CA PHE G 63 56.23 -22.91 31.88
C PHE G 63 56.88 -22.97 33.26
N SER G 64 58.03 -22.30 33.47
CA SER G 64 58.63 -22.27 34.81
C SER G 64 59.63 -21.13 34.93
N GLU G 65 59.25 -19.93 34.49
CA GLU G 65 60.06 -18.73 34.62
C GLU G 65 59.80 -18.09 35.99
N GLN G 66 60.75 -18.26 36.89
CA GLN G 66 60.60 -17.84 38.27
C GLN G 66 60.47 -16.31 38.38
N ARG G 67 61.05 -15.56 37.45
CA ARG G 67 61.06 -14.10 37.57
C ARG G 67 59.62 -13.57 37.52
N LEU G 68 58.74 -14.25 36.77
CA LEU G 68 57.34 -13.84 36.66
C LEU G 68 56.61 -14.14 37.97
N VAL G 69 56.88 -15.32 38.53
CA VAL G 69 56.35 -15.66 39.84
C VAL G 69 56.80 -14.61 40.86
N ASP G 70 58.07 -14.19 40.79
CA ASP G 70 58.61 -13.22 41.74
C ASP G 70 57.88 -11.88 41.62
N ALA G 71 57.60 -11.44 40.39
CA ALA G 71 56.94 -10.16 40.19
C ALA G 71 55.52 -10.21 40.75
N ALA G 72 54.87 -11.38 40.59
CA ALA G 72 53.54 -11.63 41.10
C ALA G 72 53.53 -11.56 42.63
N VAL G 73 54.47 -12.30 43.22
CA VAL G 73 54.60 -12.39 44.67
C VAL G 73 54.86 -11.00 45.25
N GLU G 74 55.81 -10.27 44.65
CA GLU G 74 56.16 -8.93 45.08
C GLU G 74 54.91 -8.06 45.12
N GLN G 75 54.07 -8.15 44.08
CA GLN G 75 52.93 -7.26 43.96
C GLN G 75 51.81 -7.70 44.91
N PHE G 76 51.66 -9.01 45.08
CA PHE G 76 50.65 -9.56 45.99
C PHE G 76 50.83 -9.01 47.40
N LYS G 77 52.10 -8.83 47.81
CA LYS G 77 52.40 -8.45 49.18
C LYS G 77 52.22 -6.95 49.35
N GLN G 78 52.33 -6.17 48.27
CA GLN G 78 52.02 -4.74 48.32
C GLN G 78 50.50 -4.55 48.30
N LEU G 79 49.85 -4.96 47.21
CA LEU G 79 48.45 -4.66 46.93
C LEU G 79 47.91 -5.75 46.01
N PRO G 80 47.23 -6.79 46.57
CA PRO G 80 46.82 -7.94 45.78
C PRO G 80 45.71 -7.62 44.76
N TYR G 81 44.92 -6.59 45.05
CA TYR G 81 43.88 -6.15 44.14
C TYR G 81 43.49 -4.69 44.40
N TYR G 82 43.33 -3.93 43.32
CA TYR G 82 42.50 -2.73 43.36
C TYR G 82 42.03 -2.42 41.94
N HIS G 83 40.95 -1.61 41.88
CA HIS G 83 40.28 -1.32 40.62
C HIS G 83 40.81 -0.01 40.07
N SER G 84 40.36 0.32 38.85
CA SER G 84 40.79 1.53 38.16
C SER G 84 39.59 2.42 37.83
N PHE G 85 38.48 2.24 38.55
CA PHE G 85 37.26 3.00 38.32
C PHE G 85 37.36 4.33 39.08
N SER G 86 36.60 5.34 38.63
CA SER G 86 36.46 6.60 39.34
C SER G 86 37.83 7.21 39.67
N HIS G 87 38.77 7.13 38.72
CA HIS G 87 40.05 7.81 38.75
C HIS G 87 41.09 7.06 39.58
N LYS G 88 40.70 5.93 40.18
CA LYS G 88 41.65 5.13 40.95
C LYS G 88 42.67 4.54 39.98
N THR G 89 43.92 4.37 40.43
CA THR G 89 44.93 3.69 39.63
C THR G 89 45.87 2.93 40.54
N ASN G 90 46.84 2.24 39.93
CA ASN G 90 47.89 1.55 40.65
C ASN G 90 49.18 1.64 39.83
N ALA G 91 50.34 1.39 40.48
CA ALA G 91 51.62 1.72 39.88
C ALA G 91 51.92 0.82 38.67
N PRO G 92 51.74 -0.53 38.79
CA PRO G 92 52.03 -1.42 37.68
C PRO G 92 51.19 -1.17 36.43
N ALA G 93 49.88 -0.97 36.63
CA ALA G 93 49.01 -0.67 35.50
C ALA G 93 49.51 0.56 34.77
N ALA G 94 49.81 1.63 35.53
CA ALA G 94 50.19 2.90 34.94
C ALA G 94 51.54 2.76 34.22
N ALA G 95 52.45 1.98 34.81
CA ALA G 95 53.76 1.78 34.23
C ALA G 95 53.63 0.94 32.95
N LEU G 96 52.76 -0.08 33.00
CA LEU G 96 52.60 -0.95 31.86
C LEU G 96 51.93 -0.18 30.72
N ALA G 97 50.98 0.68 31.04
CA ALA G 97 50.35 1.50 30.02
C ALA G 97 51.41 2.30 29.29
N ALA G 98 52.32 2.95 30.03
CA ALA G 98 53.31 3.84 29.45
C ALA G 98 54.32 3.01 28.65
N LYS G 99 54.64 1.82 29.15
CA LYS G 99 55.58 0.95 28.45
C LYS G 99 54.99 0.54 27.10
N LEU G 100 53.72 0.11 27.10
CA LEU G 100 53.08 -0.34 25.87
C LEU G 100 52.92 0.84 24.91
N ALA G 101 52.62 2.04 25.44
CA ALA G 101 52.48 3.24 24.63
C ALA G 101 53.78 3.55 23.90
N ALA G 102 54.91 3.31 24.57
CA ALA G 102 56.22 3.58 24.01
C ALA G 102 56.59 2.52 22.97
N LEU G 103 56.26 1.26 23.24
CA LEU G 103 56.64 0.17 22.35
C LEU G 103 55.81 0.21 21.07
N ALA G 104 54.56 0.65 21.17
CA ALA G 104 53.62 0.55 20.06
C ALA G 104 53.99 1.59 19.01
N PRO G 105 53.89 1.26 17.71
CA PRO G 105 54.25 2.19 16.65
C PRO G 105 53.32 3.38 16.55
N GLY G 106 53.81 4.46 15.91
CA GLY G 106 52.98 5.59 15.52
C GLY G 106 52.54 6.35 16.77
N ASP G 107 51.33 6.89 16.73
CA ASP G 107 50.79 7.58 17.88
C ASP G 107 49.82 6.68 18.67
N LEU G 108 50.11 5.38 18.71
CA LEU G 108 49.42 4.46 19.62
C LEU G 108 49.92 4.66 21.05
N ASN G 109 49.21 5.50 21.82
CA ASN G 109 49.75 6.03 23.05
C ASN G 109 48.78 5.92 24.23
N HIS G 110 47.60 5.31 24.04
CA HIS G 110 46.62 5.23 25.11
C HIS G 110 46.15 3.78 25.24
N VAL G 111 46.12 3.30 26.48
CA VAL G 111 45.91 1.88 26.75
C VAL G 111 44.70 1.68 27.65
N PHE G 112 43.84 0.75 27.25
CA PHE G 112 42.76 0.27 28.09
C PHE G 112 42.93 -1.23 28.30
N PHE G 113 42.85 -1.66 29.56
CA PHE G 113 43.19 -3.03 29.92
C PHE G 113 41.92 -3.87 30.10
N THR G 114 42.02 -5.14 29.69
CA THR G 114 40.99 -6.12 29.95
C THR G 114 41.68 -7.40 30.44
N ASN G 115 40.90 -8.47 30.61
CA ASN G 115 41.44 -9.75 31.02
C ASN G 115 41.83 -10.59 29.81
N SER G 116 41.00 -10.56 28.77
CA SER G 116 41.14 -11.48 27.64
C SER G 116 41.22 -10.69 26.33
N GLY G 117 41.71 -11.38 25.29
CA GLY G 117 41.66 -10.86 23.93
C GLY G 117 40.21 -10.66 23.47
N SER G 118 39.33 -11.59 23.86
CA SER G 118 37.92 -11.49 23.51
C SER G 118 37.36 -10.19 24.05
N GLU G 119 37.57 -9.93 25.33
CA GLU G 119 37.06 -8.70 25.93
C GLU G 119 37.66 -7.48 25.23
N ALA G 120 38.94 -7.61 24.86
CA ALA G 120 39.67 -6.52 24.24
C ALA G 120 39.03 -6.16 22.89
N ASN G 121 38.80 -7.18 22.06
CA ASN G 121 38.20 -6.95 20.75
C ASN G 121 36.76 -6.45 20.90
N ASP G 122 36.05 -6.97 21.90
CA ASP G 122 34.71 -6.51 22.22
C ASP G 122 34.76 -5.02 22.57
N SER G 123 35.77 -4.63 23.33
CA SER G 123 35.95 -3.23 23.70
C SER G 123 36.18 -2.37 22.45
N VAL G 124 36.89 -2.95 21.47
CA VAL G 124 37.20 -2.22 20.26
C VAL G 124 35.90 -1.94 19.52
N VAL G 125 35.04 -2.96 19.37
CA VAL G 125 33.76 -2.78 18.69
C VAL G 125 33.00 -1.64 19.35
N LYS G 126 32.92 -1.65 20.68
CA LYS G 126 32.21 -0.62 21.41
C LYS G 126 32.86 0.73 21.19
N MET G 127 34.19 0.79 21.26
CA MET G 127 34.89 2.07 21.13
C MET G 127 34.62 2.69 19.76
N VAL G 128 34.64 1.87 18.72
CA VAL G 128 34.48 2.35 17.36
C VAL G 128 33.05 2.85 17.15
N TRP G 129 32.07 2.12 17.68
CA TRP G 129 30.69 2.58 17.60
C TRP G 129 30.53 3.90 18.35
N TYR G 130 31.14 3.98 19.52
CA TYR G 130 31.06 5.15 20.39
C TYR G 130 31.65 6.36 19.69
N VAL G 131 32.82 6.15 19.09
CA VAL G 131 33.53 7.21 18.42
C VAL G 131 32.71 7.72 17.23
N ASN G 132 32.18 6.81 16.43
CA ASN G 132 31.41 7.21 15.26
C ASN G 132 30.12 7.91 15.65
N ASN G 133 29.51 7.52 16.78
CA ASN G 133 28.33 8.23 17.27
C ASN G 133 28.74 9.65 17.65
N ALA G 134 29.88 9.77 18.32
CA ALA G 134 30.39 11.05 18.77
C ALA G 134 30.66 11.97 17.60
N LEU G 135 31.14 11.42 16.48
CA LEU G 135 31.48 12.22 15.32
C LEU G 135 30.27 12.46 14.42
N GLY G 136 29.07 12.09 14.89
CA GLY G 136 27.85 12.32 14.11
C GLY G 136 27.78 11.44 12.87
N ARG G 137 28.31 10.21 12.96
CA ARG G 137 28.28 9.27 11.85
C ARG G 137 27.57 7.98 12.29
N PRO G 138 26.26 8.03 12.54
CA PRO G 138 25.57 6.90 13.16
C PRO G 138 25.57 5.64 12.30
N ALA G 139 25.71 5.78 10.98
CA ALA G 139 25.58 4.63 10.10
C ALA G 139 26.91 3.91 9.94
N LYS G 140 27.99 4.56 10.40
CA LYS G 140 29.33 4.04 10.15
C LYS G 140 29.72 3.09 11.27
N LYS G 141 29.33 1.81 11.14
CA LYS G 141 29.42 0.88 12.27
C LYS G 141 29.91 -0.51 11.86
N LYS G 142 29.90 -0.81 10.56
CA LYS G 142 30.21 -2.16 10.13
C LYS G 142 31.70 -2.43 10.29
N PHE G 143 32.02 -3.67 10.65
CA PHE G 143 33.38 -4.15 10.69
C PHE G 143 33.63 -5.01 9.46
N ILE G 144 34.86 -4.94 8.95
CA ILE G 144 35.33 -5.84 7.92
C ILE G 144 36.36 -6.77 8.56
N SER G 145 36.15 -8.06 8.38
CA SER G 145 37.06 -9.07 8.88
C SER G 145 37.37 -9.99 7.72
N ARG G 146 37.84 -11.21 8.01
CA ARG G 146 38.24 -12.11 6.95
C ARG G 146 37.88 -13.53 7.35
N GLN G 147 37.55 -14.35 6.36
CA GLN G 147 37.38 -15.77 6.61
C GLN G 147 38.65 -16.35 7.24
N GLN G 148 38.44 -17.21 8.24
CA GLN G 148 39.51 -17.93 8.94
C GLN G 148 40.17 -17.03 9.97
N ALA G 149 39.75 -15.77 10.08
CA ALA G 149 40.22 -14.92 11.16
C ALA G 149 39.75 -15.50 12.48
N TYR G 150 40.54 -15.31 13.54
CA TYR G 150 40.07 -15.56 14.89
C TYR G 150 40.32 -14.31 15.74
N HIS G 151 39.25 -13.81 16.40
CA HIS G 151 39.34 -12.60 17.18
C HIS G 151 38.71 -12.74 18.57
N GLY G 152 38.26 -13.94 18.94
CA GLY G 152 37.71 -14.16 20.26
C GLY G 152 36.39 -14.92 20.25
N ALA G 153 35.77 -15.01 21.45
CA ALA G 153 34.70 -15.97 21.71
C ALA G 153 33.46 -15.32 22.33
N THR G 154 33.52 -14.05 22.74
CA THR G 154 32.31 -13.33 23.06
C THR G 154 31.47 -13.17 21.79
N VAL G 155 30.20 -12.79 22.00
CA VAL G 155 29.27 -12.70 20.89
C VAL G 155 29.82 -11.75 19.82
N ALA G 156 30.28 -10.56 20.24
CA ALA G 156 30.79 -9.58 19.29
C ALA G 156 32.10 -10.08 18.66
N ALA G 157 33.05 -10.50 19.50
CA ALA G 157 34.37 -10.88 19.01
C ALA G 157 34.26 -12.11 18.09
N ALA G 158 33.39 -13.06 18.46
CA ALA G 158 33.23 -14.28 17.68
C ALA G 158 32.52 -13.97 16.38
N SER G 159 31.78 -12.87 16.35
CA SER G 159 31.16 -12.40 15.12
C SER G 159 32.26 -11.93 14.14
N LEU G 160 33.29 -11.28 14.68
CA LEU G 160 34.44 -10.85 13.90
C LEU G 160 35.23 -12.07 13.46
N THR G 161 35.35 -13.05 14.35
CA THR G 161 35.93 -14.33 14.00
C THR G 161 35.27 -14.81 12.72
N GLY G 162 36.05 -15.51 11.88
CA GLY G 162 35.59 -15.92 10.56
C GLY G 162 35.80 -17.40 10.30
N ILE G 163 36.00 -18.18 11.36
CA ILE G 163 36.10 -19.63 11.26
C ILE G 163 34.71 -20.23 11.38
N PRO G 164 34.16 -20.86 10.32
CA PRO G 164 32.76 -21.28 10.31
C PRO G 164 32.31 -22.08 11.53
N SER G 165 33.18 -22.94 12.07
CA SER G 165 32.79 -23.79 13.18
C SER G 165 32.50 -23.01 14.47
N MET G 166 33.07 -21.79 14.57
CA MET G 166 32.89 -20.96 15.74
C MET G 166 31.53 -20.25 15.70
N HIS G 167 30.85 -20.33 14.54
CA HIS G 167 29.56 -19.68 14.35
C HIS G 167 28.41 -20.69 14.44
N ARG G 168 28.71 -21.96 14.12
CA ARG G 168 27.69 -22.97 13.92
CA ARG G 168 27.72 -23.00 13.94
C ARG G 168 26.84 -23.10 15.19
N ASP G 169 25.55 -22.77 15.03
CA ASP G 169 24.52 -22.96 16.04
C ASP G 169 24.63 -21.92 17.16
N PHE G 170 25.44 -20.88 16.97
CA PHE G 170 25.54 -19.79 17.92
C PHE G 170 24.87 -18.51 17.43
N ASP G 171 24.17 -18.57 16.29
CA ASP G 171 23.52 -17.38 15.75
C ASP G 171 24.52 -16.25 15.51
N LEU G 172 25.68 -16.61 14.97
CA LEU G 172 26.71 -15.62 14.70
C LEU G 172 26.93 -15.57 13.19
N PRO G 173 27.35 -14.43 12.62
CA PRO G 173 27.53 -13.18 13.36
C PRO G 173 26.22 -12.60 13.89
N ALA G 174 26.31 -11.80 14.95
CA ALA G 174 25.16 -11.15 15.55
C ALA G 174 25.32 -9.62 15.50
N ILE G 175 26.35 -9.14 14.80
CA ILE G 175 26.59 -7.72 14.61
C ILE G 175 26.99 -7.53 13.17
N PRO G 176 26.92 -6.29 12.63
CA PRO G 176 27.34 -6.03 11.26
C PRO G 176 28.83 -6.29 11.06
N VAL G 177 29.10 -7.27 10.21
CA VAL G 177 30.43 -7.68 9.82
C VAL G 177 30.38 -8.23 8.39
N HIS G 178 31.45 -8.01 7.62
CA HIS G 178 31.65 -8.70 6.35
C HIS G 178 33.00 -9.39 6.42
N HIS G 179 33.05 -10.63 5.94
CA HIS G 179 34.28 -11.40 5.95
C HIS G 179 34.84 -11.49 4.52
N LEU G 180 36.01 -10.89 4.28
CA LEU G 180 36.68 -10.99 2.99
C LEU G 180 37.19 -12.42 2.82
N THR G 181 37.60 -12.76 1.59
CA THR G 181 38.18 -14.07 1.37
C THR G 181 39.50 -14.17 2.15
N CYS G 182 39.82 -15.39 2.55
CA CYS G 182 40.99 -15.64 3.37
C CYS G 182 42.23 -15.38 2.52
N PRO G 183 43.18 -14.52 2.95
CA PRO G 183 44.39 -14.27 2.18
C PRO G 183 45.38 -15.43 2.29
N ASN G 184 45.06 -16.50 1.57
CA ASN G 184 45.77 -17.76 1.59
C ASN G 184 46.17 -18.14 0.16
N PHE G 185 47.41 -17.79 -0.20
CA PHE G 185 47.90 -17.97 -1.56
C PHE G 185 47.83 -19.44 -2.00
N TYR G 186 48.26 -20.35 -1.13
CA TYR G 186 48.22 -21.77 -1.44
C TYR G 186 46.81 -22.20 -1.86
N ARG G 187 45.79 -21.69 -1.16
CA ARG G 187 44.45 -22.21 -1.32
C ARG G 187 43.70 -21.48 -2.44
N PHE G 188 43.84 -20.16 -2.56
CA PHE G 188 42.89 -19.39 -3.35
C PHE G 188 43.55 -18.67 -4.53
N ALA G 189 44.88 -18.79 -4.69
CA ALA G 189 45.53 -18.22 -5.85
C ALA G 189 45.05 -18.96 -7.09
N ARG G 190 44.95 -18.24 -8.21
CA ARG G 190 44.63 -18.87 -9.48
C ARG G 190 45.87 -19.53 -10.07
N PRO G 191 45.74 -20.56 -10.93
CA PRO G 191 46.90 -21.17 -11.57
C PRO G 191 47.86 -20.15 -12.18
N GLY G 192 49.12 -20.21 -11.73
CA GLY G 192 50.18 -19.40 -12.28
C GLY G 192 50.10 -17.94 -11.83
N GLU G 193 49.21 -17.65 -10.89
CA GLU G 193 49.07 -16.30 -10.36
C GLU G 193 50.19 -16.06 -9.34
N SER G 194 50.83 -14.89 -9.45
CA SER G 194 51.81 -14.47 -8.48
C SER G 194 51.12 -13.98 -7.20
N GLN G 195 51.90 -13.94 -6.12
CA GLN G 195 51.45 -13.36 -4.87
C GLN G 195 51.07 -11.89 -5.07
N GLU G 196 51.83 -11.16 -5.90
CA GLU G 196 51.62 -9.73 -6.06
C GLU G 196 50.26 -9.48 -6.69
N ALA G 197 49.87 -10.39 -7.61
CA ALA G 197 48.59 -10.30 -8.32
C ALA G 197 47.44 -10.71 -7.42
N PHE G 198 47.64 -11.75 -6.60
CA PHE G 198 46.67 -12.17 -5.59
C PHE G 198 46.37 -11.01 -4.65
N THR G 199 47.42 -10.35 -4.14
CA THR G 199 47.26 -9.18 -3.30
C THR G 199 46.38 -8.16 -4.00
N VAL G 200 46.66 -7.94 -5.31
CA VAL G 200 45.95 -6.90 -6.05
C VAL G 200 44.45 -7.21 -6.07
N ARG G 201 44.10 -8.49 -6.27
CA ARG G 201 42.70 -8.88 -6.32
C ARG G 201 42.06 -8.75 -4.93
N LEU G 202 42.80 -9.16 -3.89
CA LEU G 202 42.30 -9.08 -2.54
C LEU G 202 42.00 -7.64 -2.17
N ALA G 203 42.87 -6.70 -2.58
CA ALA G 203 42.65 -5.30 -2.24
C ALA G 203 41.47 -4.74 -3.04
N ASN G 204 41.33 -5.21 -4.28
CA ASN G 204 40.22 -4.79 -5.10
C ASN G 204 38.91 -5.34 -4.50
N GLU G 205 38.93 -6.60 -4.02
CA GLU G 205 37.76 -7.20 -3.38
C GLU G 205 37.29 -6.29 -2.25
N LEU G 206 38.21 -5.82 -1.42
CA LEU G 206 37.86 -4.97 -0.29
C LEU G 206 37.25 -3.66 -0.77
N GLU G 207 37.88 -3.02 -1.76
CA GLU G 207 37.44 -1.72 -2.21
C GLU G 207 36.05 -1.80 -2.82
N ARG G 208 35.83 -2.87 -3.61
CA ARG G 208 34.58 -2.97 -4.34
C ARG G 208 33.46 -3.30 -3.36
N TYR G 209 33.75 -4.04 -2.29
CA TYR G 209 32.77 -4.29 -1.24
C TYR G 209 32.41 -2.97 -0.56
N ILE G 210 33.41 -2.15 -0.22
CA ILE G 210 33.17 -0.88 0.44
C ILE G 210 32.24 -0.02 -0.40
N LEU G 211 32.49 0.04 -1.71
CA LEU G 211 31.75 0.91 -2.60
C LEU G 211 30.33 0.38 -2.81
N ALA G 212 30.19 -0.95 -2.85
CA ALA G 212 28.89 -1.59 -3.02
C ALA G 212 28.00 -1.34 -1.79
N GLU G 213 28.57 -1.46 -0.59
CA GLU G 213 27.80 -1.30 0.63
C GLU G 213 27.61 0.18 0.95
N GLY G 214 28.55 1.01 0.51
CA GLY G 214 28.61 2.39 0.96
C GLY G 214 29.70 2.58 2.02
N PRO G 215 30.72 3.41 1.73
CA PRO G 215 31.79 3.66 2.68
C PRO G 215 31.29 4.25 3.99
N GLU G 216 30.19 4.98 3.92
CA GLU G 216 29.66 5.69 5.08
C GLU G 216 29.05 4.71 6.09
N THR G 217 28.96 3.42 5.71
CA THR G 217 28.44 2.38 6.59
C THR G 217 29.59 1.56 7.19
N ILE G 218 30.84 1.76 6.76
CA ILE G 218 31.93 0.88 7.16
C ILE G 218 32.87 1.59 8.13
N ALA G 219 33.03 1.05 9.34
CA ALA G 219 33.72 1.79 10.40
C ALA G 219 35.18 1.37 10.49
N ALA G 220 35.46 0.07 10.32
CA ALA G 220 36.73 -0.49 10.73
C ALA G 220 37.06 -1.79 10.01
N PHE G 221 38.35 -2.02 9.78
CA PHE G 221 38.90 -3.29 9.36
C PHE G 221 39.69 -3.88 10.52
N ILE G 222 39.53 -5.20 10.77
CA ILE G 222 40.30 -5.86 11.79
C ILE G 222 40.96 -7.08 11.18
N GLY G 223 42.22 -7.32 11.56
CA GLY G 223 42.92 -8.50 11.09
C GLY G 223 44.17 -8.80 11.91
N GLU G 224 44.46 -10.10 12.07
CA GLU G 224 45.76 -10.58 12.53
C GLU G 224 46.80 -10.38 11.42
N PRO G 225 48.04 -9.95 11.73
CA PRO G 225 49.08 -9.86 10.71
C PRO G 225 49.27 -11.17 9.96
N VAL G 226 49.36 -12.24 10.74
CA VAL G 226 49.34 -13.61 10.25
C VAL G 226 48.15 -14.31 10.91
N ILE G 227 47.34 -14.99 10.09
CA ILE G 227 46.19 -15.72 10.58
C ILE G 227 46.68 -16.99 11.29
N ALA G 228 46.45 -17.06 12.60
CA ALA G 228 47.03 -18.12 13.41
C ALA G 228 46.06 -19.28 13.55
N ALA G 229 45.00 -19.10 14.34
CA ALA G 229 44.10 -20.18 14.69
C ALA G 229 43.36 -20.71 13.46
N GLY G 230 43.30 -19.89 12.40
CA GLY G 230 42.66 -20.27 11.15
C GLY G 230 43.53 -21.10 10.24
N GLY G 231 44.80 -21.35 10.63
CA GLY G 231 45.65 -22.33 9.94
C GLY G 231 47.03 -21.78 9.57
N VAL G 232 47.58 -20.88 10.39
CA VAL G 232 48.92 -20.34 10.20
C VAL G 232 49.09 -19.91 8.74
N ILE G 233 48.45 -18.81 8.40
CA ILE G 233 48.40 -18.35 7.03
C ILE G 233 49.03 -16.97 6.95
N PRO G 234 50.31 -16.86 6.55
CA PRO G 234 50.93 -15.57 6.36
C PRO G 234 50.29 -14.84 5.18
N PRO G 235 50.31 -13.49 5.19
CA PRO G 235 49.74 -12.72 4.10
C PRO G 235 50.56 -12.89 2.83
N PRO G 236 49.96 -12.75 1.64
CA PRO G 236 50.74 -12.61 0.42
C PRO G 236 51.51 -11.30 0.35
N THR G 237 52.58 -11.30 -0.45
CA THR G 237 53.44 -10.15 -0.62
C THR G 237 52.60 -8.91 -0.92
N GLY G 238 52.86 -7.85 -0.16
CA GLY G 238 52.30 -6.53 -0.44
C GLY G 238 50.91 -6.33 0.16
N TYR G 239 50.36 -7.41 0.74
CA TYR G 239 48.97 -7.44 1.20
C TYR G 239 48.67 -6.23 2.09
N TRP G 240 49.48 -6.05 3.13
CA TRP G 240 49.16 -5.09 4.16
C TRP G 240 49.24 -3.66 3.67
N ALA G 241 50.17 -3.36 2.76
CA ALA G 241 50.27 -2.02 2.19
C ALA G 241 49.01 -1.70 1.36
N ALA G 242 48.54 -2.71 0.61
CA ALA G 242 47.38 -2.53 -0.25
C ALA G 242 46.12 -2.31 0.61
N ILE G 243 45.97 -3.12 1.67
CA ILE G 243 44.76 -3.09 2.49
C ILE G 243 44.69 -1.74 3.21
N GLN G 244 45.82 -1.29 3.74
CA GLN G 244 45.88 -0.02 4.44
C GLN G 244 45.52 1.13 3.50
N ALA G 245 46.00 1.06 2.26
CA ALA G 245 45.78 2.16 1.32
C ALA G 245 44.27 2.33 1.09
N VAL G 246 43.58 1.19 0.92
CA VAL G 246 42.15 1.20 0.71
C VAL G 246 41.45 1.73 1.97
N CYS G 247 41.83 1.24 3.15
CA CYS G 247 41.18 1.68 4.37
C CYS G 247 41.36 3.19 4.55
N LYS G 248 42.57 3.69 4.29
CA LYS G 248 42.85 5.12 4.45
C LYS G 248 41.95 5.92 3.51
N ARG G 249 41.74 5.42 2.29
CA ARG G 249 40.98 6.13 1.29
C ARG G 249 39.55 6.37 1.75
N TYR G 250 38.97 5.46 2.54
CA TYR G 250 37.57 5.52 2.91
C TYR G 250 37.40 5.76 4.41
N ASP G 251 38.46 6.23 5.07
CA ASP G 251 38.38 6.63 6.47
C ASP G 251 37.88 5.45 7.31
N ILE G 252 38.46 4.29 7.06
CA ILE G 252 38.16 3.07 7.78
C ILE G 252 39.31 2.78 8.72
N LEU G 253 39.00 2.68 10.04
CA LEU G 253 39.98 2.41 11.08
C LEU G 253 40.66 1.08 10.79
N VAL G 254 41.97 1.02 11.03
CA VAL G 254 42.71 -0.22 10.88
C VAL G 254 43.00 -0.78 12.26
N VAL G 255 42.41 -1.94 12.56
CA VAL G 255 42.56 -2.56 13.86
C VAL G 255 43.41 -3.81 13.66
N ILE G 256 44.57 -3.85 14.32
CA ILE G 256 45.45 -4.99 14.14
C ILE G 256 45.44 -5.82 15.41
N ASP G 257 45.08 -7.10 15.24
CA ASP G 257 44.96 -8.04 16.34
C ASP G 257 46.31 -8.75 16.45
N GLU G 258 47.11 -8.35 17.45
CA GLU G 258 48.40 -8.97 17.71
C GLU G 258 48.33 -9.82 18.97
N ILE G 259 47.16 -10.39 19.25
CA ILE G 259 46.98 -11.25 20.40
C ILE G 259 48.00 -12.38 20.33
N ILE G 260 48.29 -12.87 19.12
CA ILE G 260 49.24 -13.97 18.95
C ILE G 260 50.61 -13.47 18.44
N THR G 261 50.60 -12.55 17.48
CA THR G 261 51.84 -12.12 16.82
C THR G 261 52.65 -11.18 17.72
N GLY G 262 52.03 -10.62 18.75
CA GLY G 262 52.69 -9.62 19.58
C GLY G 262 53.81 -10.22 20.43
N PHE G 263 54.85 -9.40 20.64
CA PHE G 263 55.97 -9.70 21.53
C PHE G 263 56.86 -10.79 20.94
N GLY G 264 57.23 -10.65 19.67
CA GLY G 264 58.42 -11.29 19.15
C GLY G 264 58.13 -12.53 18.32
N ARG G 265 56.85 -12.92 18.25
CA ARG G 265 56.50 -14.18 17.61
C ARG G 265 57.00 -14.24 16.17
N LEU G 266 56.99 -13.09 15.45
CA LEU G 266 57.33 -13.08 14.04
C LEU G 266 58.75 -12.59 13.79
N GLY G 267 59.49 -12.32 14.84
CA GLY G 267 60.87 -11.89 14.70
C GLY G 267 60.99 -10.37 14.80
N THR G 268 59.86 -9.72 15.06
CA THR G 268 59.85 -8.34 15.48
C THR G 268 58.96 -8.22 16.72
N MET G 269 59.14 -7.14 17.47
CA MET G 269 58.39 -6.98 18.70
C MET G 269 56.90 -7.09 18.38
N PHE G 270 56.44 -6.36 17.36
CA PHE G 270 55.08 -6.53 16.86
C PHE G 270 55.11 -6.90 15.38
N GLY G 271 54.20 -7.78 14.96
CA GLY G 271 54.08 -8.14 13.55
C GLY G 271 53.83 -6.91 12.67
N SER G 272 53.21 -5.88 13.24
CA SER G 272 52.94 -4.65 12.52
C SER G 272 54.23 -4.08 11.94
N GLN G 273 55.34 -4.24 12.65
CA GLN G 273 56.61 -3.72 12.21
C GLN G 273 57.11 -4.52 11.00
N LEU G 274 56.97 -5.84 11.07
CA LEU G 274 57.44 -6.69 9.99
C LEU G 274 56.73 -6.34 8.69
N TYR G 275 55.41 -6.07 8.73
CA TYR G 275 54.61 -5.94 7.53
C TYR G 275 54.30 -4.46 7.25
N GLY G 276 54.92 -3.55 8.01
CA GLY G 276 54.79 -2.13 7.74
C GLY G 276 53.35 -1.65 7.96
N ILE G 277 52.67 -2.19 8.98
CA ILE G 277 51.31 -1.83 9.29
C ILE G 277 51.33 -0.68 10.31
N GLN G 278 50.56 0.37 10.03
CA GLN G 278 50.35 1.42 11.00
C GLN G 278 48.92 1.35 11.51
N PRO G 279 48.64 0.62 12.62
CA PRO G 279 47.29 0.51 13.11
C PRO G 279 46.77 1.82 13.72
N ASP G 280 45.46 2.03 13.65
CA ASP G 280 44.80 3.00 14.49
C ASP G 280 44.59 2.41 15.88
N ILE G 281 44.40 1.08 15.94
CA ILE G 281 44.17 0.36 17.18
C ILE G 281 44.95 -0.95 17.13
N MET G 282 45.64 -1.28 18.22
CA MET G 282 46.37 -2.54 18.33
C MET G 282 45.90 -3.25 19.59
N VAL G 283 45.72 -4.57 19.47
CA VAL G 283 45.23 -5.41 20.54
C VAL G 283 46.28 -6.46 20.89
N LEU G 284 46.54 -6.59 22.21
CA LEU G 284 47.61 -7.44 22.73
C LEU G 284 47.06 -8.33 23.83
N SER G 285 47.65 -9.52 23.95
CA SER G 285 47.38 -10.44 25.04
C SER G 285 48.41 -11.57 25.00
N LYS G 286 48.09 -12.69 25.65
CA LYS G 286 48.87 -13.93 25.57
C LYS G 286 50.32 -13.70 26.00
N GLN G 287 51.22 -13.54 25.00
CA GLN G 287 52.64 -13.41 25.25
C GLN G 287 52.91 -12.16 26.07
N LEU G 288 51.91 -11.29 26.22
CA LEU G 288 52.00 -10.13 27.10
C LEU G 288 52.37 -10.55 28.53
N THR G 289 51.87 -11.71 28.99
CA THR G 289 52.16 -12.20 30.33
C THR G 289 52.60 -13.65 30.30
N SER G 290 52.88 -14.17 29.10
CA SER G 290 53.09 -15.60 28.95
C SER G 290 51.93 -16.38 29.51
N SER G 291 50.77 -15.73 29.66
CA SER G 291 49.55 -16.33 30.20
C SER G 291 49.71 -16.73 31.67
N TYR G 292 50.69 -16.13 32.38
CA TYR G 292 50.87 -16.43 33.79
C TYR G 292 49.78 -15.72 34.59
N GLN G 293 49.23 -14.68 33.97
CA GLN G 293 48.08 -13.95 34.48
C GLN G 293 47.19 -13.59 33.30
N PRO G 294 45.84 -13.61 33.46
CA PRO G 294 44.94 -13.10 32.43
C PRO G 294 45.08 -11.59 32.25
N LEU G 295 45.54 -11.19 31.06
CA LEU G 295 45.64 -9.78 30.73
C LEU G 295 45.59 -9.59 29.22
N ALA G 296 44.98 -8.47 28.82
CA ALA G 296 45.01 -7.99 27.45
C ALA G 296 44.97 -6.47 27.46
N ALA G 297 45.33 -5.87 26.33
CA ALA G 297 45.43 -4.43 26.24
C ALA G 297 44.92 -3.97 24.88
N VAL G 298 44.13 -2.90 24.90
CA VAL G 298 43.77 -2.19 23.68
C VAL G 298 44.58 -0.92 23.66
N VAL G 299 45.39 -0.73 22.61
CA VAL G 299 46.17 0.49 22.46
C VAL G 299 45.61 1.30 21.29
N VAL G 300 45.32 2.57 21.52
CA VAL G 300 44.59 3.37 20.54
C VAL G 300 45.38 4.65 20.26
N SER G 301 45.12 5.22 19.08
CA SER G 301 45.76 6.44 18.61
C SER G 301 45.37 7.62 19.49
N ASP G 302 46.09 8.74 19.35
CA ASP G 302 45.74 9.96 20.06
C ASP G 302 44.39 10.46 19.56
N ALA G 303 44.10 10.25 18.26
CA ALA G 303 42.86 10.72 17.67
C ALA G 303 41.67 10.00 18.32
N MET G 304 41.77 8.67 18.40
CA MET G 304 40.77 7.86 19.07
C MET G 304 40.56 8.38 20.48
N ASN G 305 41.66 8.57 21.20
CA ASN G 305 41.59 8.92 22.60
C ASN G 305 40.89 10.27 22.76
N ASP G 306 41.22 11.20 21.86
CA ASP G 306 40.64 12.54 21.91
C ASP G 306 39.12 12.46 21.82
N VAL G 307 38.60 11.54 21.00
CA VAL G 307 37.16 11.40 20.83
C VAL G 307 36.57 10.79 22.09
N LEU G 308 37.27 9.81 22.69
CA LEU G 308 36.83 9.22 23.95
C LEU G 308 36.67 10.32 24.99
N VAL G 309 37.65 11.22 25.03
CA VAL G 309 37.68 12.29 26.01
C VAL G 309 36.56 13.29 25.75
N SER G 310 36.33 13.61 24.48
CA SER G 310 35.30 14.59 24.13
C SER G 310 33.92 14.05 24.46
N GLN G 311 33.77 12.71 24.42
CA GLN G 311 32.52 12.08 24.81
C GLN G 311 32.26 12.23 26.30
N SER G 312 33.31 12.13 27.13
CA SER G 312 33.16 12.25 28.57
C SER G 312 32.67 13.66 28.92
N GLN G 313 33.04 14.65 28.10
CA GLN G 313 32.58 16.01 28.27
C GLN G 313 31.05 16.08 28.29
N ARG G 314 30.37 15.32 27.44
CA ARG G 314 28.91 15.43 27.32
C ARG G 314 28.19 14.22 27.91
N LEU G 315 28.87 13.09 28.15
CA LEU G 315 28.20 11.89 28.65
C LEU G 315 28.52 11.64 30.13
N GLY G 316 29.58 12.24 30.64
CA GLY G 316 29.89 12.13 32.06
C GLY G 316 31.03 11.14 32.29
N ALA G 317 30.83 9.89 31.91
CA ALA G 317 31.82 8.86 32.15
C ALA G 317 31.96 7.96 30.92
N PHE G 318 33.13 7.35 30.77
CA PHE G 318 33.30 6.29 29.80
C PHE G 318 32.73 5.01 30.43
N ALA G 319 31.49 4.68 30.04
CA ALA G 319 30.68 3.69 30.72
C ALA G 319 31.02 2.29 30.23
N HIS G 320 32.27 1.88 30.53
CA HIS G 320 32.80 0.61 30.10
C HIS G 320 33.95 0.24 31.04
N GLY G 321 33.95 -1.00 31.54
CA GLY G 321 35.02 -1.46 32.40
C GLY G 321 34.79 -2.89 32.88
N PHE G 322 35.87 -3.57 33.30
CA PHE G 322 35.79 -4.87 33.94
C PHE G 322 36.38 -4.74 35.35
N THR G 323 35.91 -5.60 36.27
CA THR G 323 36.33 -5.57 37.66
C THR G 323 37.85 -5.49 37.75
N CYS G 324 38.52 -6.37 36.99
CA CYS G 324 39.95 -6.60 37.08
C CYS G 324 40.69 -5.85 35.96
N THR G 325 40.03 -4.87 35.33
CA THR G 325 40.73 -3.98 34.42
C THR G 325 41.90 -3.37 35.19
N GLY G 326 43.12 -3.56 34.66
CA GLY G 326 44.30 -2.94 35.22
C GLY G 326 44.80 -3.64 36.49
N HIS G 327 44.47 -4.92 36.63
CA HIS G 327 44.79 -5.65 37.84
C HIS G 327 46.27 -5.48 38.17
N PRO G 328 46.60 -5.06 39.40
CA PRO G 328 47.98 -4.76 39.77
C PRO G 328 48.90 -5.97 39.62
N VAL G 329 48.40 -7.17 39.92
CA VAL G 329 49.22 -8.36 39.84
C VAL G 329 49.45 -8.75 38.39
N ALA G 330 48.36 -8.77 37.61
CA ALA G 330 48.47 -9.15 36.21
C ALA G 330 49.37 -8.17 35.47
N THR G 331 49.23 -6.87 35.75
CA THR G 331 50.03 -5.87 35.04
C THR G 331 51.48 -5.93 35.51
N ALA G 332 51.70 -6.17 36.81
CA ALA G 332 53.05 -6.33 37.32
C ALA G 332 53.75 -7.46 36.58
N VAL G 333 53.03 -8.57 36.36
CA VAL G 333 53.60 -9.72 35.68
C VAL G 333 53.94 -9.39 34.24
N ALA G 334 53.09 -8.57 33.61
CA ALA G 334 53.30 -8.20 32.21
C ALA G 334 54.57 -7.38 32.10
N LEU G 335 54.76 -6.47 33.07
CA LEU G 335 55.93 -5.59 33.06
C LEU G 335 57.21 -6.44 33.11
N GLU G 336 57.24 -7.40 34.04
CA GLU G 336 58.42 -8.24 34.20
C GLU G 336 58.61 -9.08 32.94
N ASN G 337 57.52 -9.61 32.41
CA ASN G 337 57.57 -10.43 31.20
C ASN G 337 58.23 -9.64 30.07
N ILE G 338 57.88 -8.35 29.93
CA ILE G 338 58.41 -7.52 28.87
C ILE G 338 59.87 -7.17 29.15
N ARG G 339 60.17 -6.81 30.41
CA ARG G 339 61.55 -6.57 30.83
C ARG G 339 62.42 -7.74 30.39
N ILE G 340 61.93 -8.97 30.61
CA ILE G 340 62.72 -10.16 30.33
C ILE G 340 62.95 -10.29 28.83
N ILE G 341 61.92 -10.01 28.03
CA ILE G 341 62.03 -10.18 26.60
C ILE G 341 63.08 -9.21 26.05
N GLU G 342 63.07 -7.98 26.58
CA GLU G 342 63.98 -6.96 26.09
C GLU G 342 65.40 -7.26 26.56
N GLU G 343 65.56 -7.53 27.86
CA GLU G 343 66.87 -7.65 28.46
C GLU G 343 67.62 -8.83 27.87
N ARG G 344 66.94 -9.95 27.60
CA ARG G 344 67.59 -11.11 27.00
C ARG G 344 67.57 -11.05 25.48
N ASP G 345 67.07 -9.94 24.92
CA ASP G 345 66.91 -9.75 23.48
C ASP G 345 66.30 -10.99 22.84
N LEU G 346 65.07 -11.35 23.27
CA LEU G 346 64.45 -12.57 22.76
C LEU G 346 63.88 -12.33 21.36
N VAL G 347 63.66 -11.05 20.99
CA VAL G 347 63.34 -10.71 19.61
C VAL G 347 64.52 -11.10 18.71
N GLY G 348 65.73 -10.68 19.12
CA GLY G 348 66.95 -11.07 18.45
C GLY G 348 67.09 -12.59 18.36
N HIS G 349 66.80 -13.29 19.46
CA HIS G 349 66.88 -14.73 19.49
C HIS G 349 65.99 -15.33 18.42
N VAL G 350 64.78 -14.77 18.25
CA VAL G 350 63.84 -15.33 17.30
C VAL G 350 64.39 -15.12 15.89
N GLN G 351 64.99 -13.97 15.62
CA GLN G 351 65.57 -13.68 14.31
C GLN G 351 66.64 -14.71 13.95
N HIS G 352 67.46 -15.12 14.93
CA HIS G 352 68.52 -16.09 14.68
C HIS G 352 67.95 -17.51 14.61
N LEU G 353 66.85 -17.79 15.34
CA LEU G 353 66.31 -19.13 15.39
C LEU G 353 65.32 -19.39 14.26
N ALA G 354 64.69 -18.32 13.75
CA ALA G 354 63.61 -18.46 12.79
C ALA G 354 64.05 -19.27 11.57
N PRO G 355 65.23 -18.96 10.96
CA PRO G 355 65.64 -19.66 9.75
C PRO G 355 65.81 -21.16 9.96
N VAL G 356 66.26 -21.56 11.17
CA VAL G 356 66.48 -22.96 11.46
C VAL G 356 65.13 -23.63 11.68
N PHE G 357 64.24 -22.94 12.41
CA PHE G 357 62.87 -23.40 12.61
C PHE G 357 62.18 -23.61 11.26
N GLN G 358 62.26 -22.61 10.38
CA GLN G 358 61.59 -22.66 9.09
C GLN G 358 62.18 -23.77 8.21
N ARG G 359 63.50 -23.98 8.31
CA ARG G 359 64.15 -25.00 7.49
C ARG G 359 63.67 -26.39 7.91
N HIS G 360 63.54 -26.58 9.23
CA HIS G 360 63.00 -27.84 9.74
C HIS G 360 61.57 -28.08 9.26
N LEU G 361 60.77 -27.00 9.18
CA LEU G 361 59.41 -27.09 8.69
C LEU G 361 59.42 -27.51 7.22
N ARG G 362 60.23 -26.79 6.43
CA ARG G 362 60.28 -26.96 4.98
C ARG G 362 60.67 -28.39 4.63
N ALA G 363 61.48 -29.02 5.51
CA ALA G 363 61.97 -30.35 5.27
C ALA G 363 60.82 -31.31 4.94
N PHE G 364 59.59 -30.97 5.37
CA PHE G 364 58.47 -31.90 5.21
C PHE G 364 57.72 -31.67 3.89
N GLU G 365 58.20 -30.74 3.05
CA GLU G 365 57.51 -30.38 1.82
C GLU G 365 57.32 -31.60 0.92
N ASP G 366 58.30 -32.50 0.88
CA ASP G 366 58.27 -33.60 -0.09
C ASP G 366 57.68 -34.86 0.55
N HIS G 367 57.10 -34.74 1.74
CA HIS G 367 56.43 -35.87 2.40
C HIS G 367 55.13 -36.20 1.65
N PRO G 368 54.71 -37.48 1.57
CA PRO G 368 53.54 -37.86 0.79
C PRO G 368 52.23 -37.20 1.22
N LEU G 369 52.11 -36.93 2.53
CA LEU G 369 50.88 -36.43 3.15
C LEU G 369 50.83 -34.89 3.10
N VAL G 370 51.96 -34.22 2.87
CA VAL G 370 52.06 -32.77 3.02
C VAL G 370 51.80 -32.06 1.68
N GLY G 371 50.82 -31.13 1.70
CA GLY G 371 50.48 -30.34 0.53
C GLY G 371 51.15 -28.98 0.53
N ASN G 372 51.37 -28.42 1.73
CA ASN G 372 51.89 -27.06 1.85
C ASN G 372 52.56 -26.87 3.21
N VAL G 373 53.65 -26.11 3.22
CA VAL G 373 54.29 -25.68 4.44
C VAL G 373 54.43 -24.17 4.40
N ARG G 374 54.14 -23.52 5.52
CA ARG G 374 54.18 -22.07 5.58
C ARG G 374 54.52 -21.64 7.00
N GLY G 375 55.07 -20.43 7.11
CA GLY G 375 55.51 -19.97 8.41
C GLY G 375 56.23 -18.62 8.31
N VAL G 376 56.29 -17.94 9.45
CA VAL G 376 57.06 -16.72 9.62
C VAL G 376 57.59 -16.75 11.04
N GLY G 377 58.82 -16.25 11.22
CA GLY G 377 59.43 -16.20 12.53
C GLY G 377 59.33 -17.58 13.22
N LEU G 378 58.72 -17.60 14.40
CA LEU G 378 58.65 -18.81 15.19
C LEU G 378 57.22 -19.36 15.19
N MET G 379 56.54 -19.20 14.04
CA MET G 379 55.23 -19.77 13.85
C MET G 379 55.22 -20.51 12.52
N GLY G 380 54.70 -21.74 12.50
CA GLY G 380 54.68 -22.49 11.27
C GLY G 380 53.52 -23.47 11.21
N GLY G 381 53.22 -23.90 9.98
CA GLY G 381 52.11 -24.81 9.74
C GLY G 381 52.46 -25.79 8.62
N ILE G 382 52.03 -27.05 8.83
CA ILE G 382 52.25 -28.10 7.86
C ILE G 382 50.88 -28.69 7.52
N GLU G 383 50.41 -28.44 6.31
CA GLU G 383 49.06 -28.84 5.95
C GLU G 383 49.13 -30.19 5.26
N LEU G 384 48.40 -31.17 5.82
CA LEU G 384 48.24 -32.47 5.20
C LEU G 384 47.05 -32.45 4.25
N VAL G 385 47.19 -33.16 3.12
CA VAL G 385 46.16 -33.24 2.09
C VAL G 385 46.07 -34.69 1.60
N ALA G 386 44.98 -35.00 0.88
CA ALA G 386 44.75 -36.34 0.35
C ALA G 386 45.46 -36.51 -1.00
N ASP G 387 45.57 -35.42 -1.76
CA ASP G 387 46.19 -35.44 -3.08
C ASP G 387 47.01 -34.17 -3.28
N LYS G 388 48.32 -34.34 -3.49
CA LYS G 388 49.26 -33.25 -3.57
C LYS G 388 49.09 -32.46 -4.87
N ALA G 389 48.71 -33.16 -5.95
CA ALA G 389 48.55 -32.54 -7.26
C ALA G 389 47.40 -31.55 -7.24
N THR G 390 46.23 -31.97 -6.73
CA THR G 390 45.01 -31.16 -6.80
C THR G 390 44.80 -30.36 -5.50
N ARG G 391 45.79 -30.41 -4.60
CA ARG G 391 45.77 -29.66 -3.35
C ARG G 391 44.47 -29.92 -2.58
N GLN G 392 43.86 -31.10 -2.75
CA GLN G 392 42.49 -31.33 -2.31
C GLN G 392 42.48 -31.98 -0.92
N PRO G 393 41.62 -31.50 0.02
CA PRO G 393 41.56 -32.07 1.37
C PRO G 393 40.91 -33.46 1.43
N PHE G 394 40.77 -33.98 2.66
CA PHE G 394 40.29 -35.34 2.89
C PHE G 394 38.76 -35.37 2.95
N ALA G 395 38.22 -36.59 3.02
CA ALA G 395 36.78 -36.82 3.05
C ALA G 395 36.14 -36.02 4.17
N GLN G 396 36.53 -36.29 5.43
CA GLN G 396 36.08 -35.49 6.55
C GLN G 396 37.27 -34.72 7.10
N PRO G 397 37.45 -33.43 6.76
CA PRO G 397 38.63 -32.70 7.22
C PRO G 397 38.78 -32.78 8.73
N GLY G 398 40.02 -32.96 9.20
CA GLY G 398 40.32 -32.98 10.62
C GLY G 398 40.50 -34.39 11.17
N THR G 399 40.19 -35.41 10.36
CA THR G 399 40.34 -36.80 10.78
C THR G 399 41.81 -37.09 11.02
N LEU G 400 42.64 -36.78 10.02
CA LEU G 400 44.07 -37.06 10.08
C LEU G 400 44.74 -36.16 11.10
N GLY G 401 44.40 -34.86 11.08
CA GLY G 401 44.95 -33.91 12.04
C GLY G 401 44.61 -34.31 13.47
N GLY G 402 43.37 -34.79 13.67
CA GLY G 402 42.92 -35.26 14.98
C GLY G 402 43.82 -36.39 15.49
N TYR G 403 44.19 -37.29 14.56
CA TYR G 403 45.03 -38.44 14.88
C TYR G 403 46.44 -37.96 15.22
N VAL G 404 46.97 -37.04 14.42
CA VAL G 404 48.31 -36.51 14.64
C VAL G 404 48.38 -35.87 16.02
N PHE G 405 47.32 -35.17 16.42
CA PHE G 405 47.31 -34.48 17.70
C PHE G 405 47.44 -35.49 18.84
N LYS G 406 46.65 -36.59 18.76
CA LYS G 406 46.65 -37.62 19.79
C LYS G 406 48.00 -38.35 19.77
N GLN G 407 48.43 -38.74 18.56
CA GLN G 407 49.58 -39.61 18.38
C GLN G 407 50.88 -38.90 18.78
N ALA G 408 50.96 -37.60 18.54
CA ALA G 408 52.16 -36.83 18.87
C ALA G 408 52.47 -36.95 20.36
N HIS G 409 51.43 -37.13 21.18
CA HIS G 409 51.59 -37.26 22.63
C HIS G 409 52.42 -38.50 22.97
N LYS G 410 52.24 -39.57 22.21
CA LYS G 410 52.92 -40.83 22.43
C LYS G 410 54.41 -40.67 22.16
N HIS G 411 54.80 -39.59 21.44
CA HIS G 411 56.20 -39.31 21.16
C HIS G 411 56.66 -38.05 21.92
N GLY G 412 55.98 -37.69 23.01
CA GLY G 412 56.42 -36.62 23.89
C GLY G 412 56.25 -35.22 23.29
N LEU G 413 55.30 -35.06 22.36
CA LEU G 413 55.12 -33.79 21.64
C LEU G 413 53.66 -33.31 21.71
N ILE G 414 53.48 -32.05 22.12
CA ILE G 414 52.17 -31.41 22.03
C ILE G 414 52.20 -30.38 20.91
N ILE G 415 51.36 -30.60 19.89
CA ILE G 415 51.12 -29.62 18.84
C ILE G 415 49.62 -29.29 18.80
N ARG G 416 49.19 -28.54 17.78
CA ARG G 416 47.78 -28.23 17.59
C ARG G 416 47.37 -28.57 16.16
N ALA G 417 46.27 -29.29 16.02
CA ALA G 417 45.68 -29.60 14.74
C ALA G 417 44.58 -28.59 14.45
N ILE G 418 44.74 -27.85 13.36
CA ILE G 418 43.71 -26.97 12.83
C ILE G 418 43.16 -27.66 11.58
N TYR G 419 42.09 -28.44 11.78
CA TYR G 419 41.66 -29.42 10.82
C TYR G 419 42.86 -30.30 10.48
N ASP G 420 43.37 -30.23 9.26
CA ASP G 420 44.44 -31.12 8.84
C ASP G 420 45.74 -30.34 8.66
N THR G 421 45.83 -29.18 9.30
CA THR G 421 47.06 -28.42 9.32
C THR G 421 47.66 -28.54 10.71
N ILE G 422 48.96 -28.88 10.79
CA ILE G 422 49.62 -29.02 12.09
C ILE G 422 50.35 -27.73 12.39
N ALA G 423 50.05 -27.15 13.55
CA ALA G 423 50.56 -25.84 13.90
C ALA G 423 51.72 -25.99 14.89
N PHE G 424 52.70 -25.10 14.74
CA PHE G 424 53.85 -25.03 15.61
C PHE G 424 54.06 -23.58 16.00
N CYS G 425 54.19 -23.35 17.31
CA CYS G 425 54.33 -22.03 17.88
C CYS G 425 55.06 -22.16 19.22
N PRO G 426 56.34 -22.62 19.20
CA PRO G 426 57.05 -22.93 20.43
C PRO G 426 57.48 -21.69 21.19
N PRO G 427 57.85 -21.82 22.48
CA PRO G 427 58.19 -20.66 23.29
C PRO G 427 59.33 -19.84 22.72
N LEU G 428 59.46 -18.59 23.17
CA LEU G 428 60.51 -17.71 22.69
C LEU G 428 61.87 -18.23 23.17
N ILE G 429 61.87 -19.01 24.25
CA ILE G 429 63.10 -19.50 24.87
C ILE G 429 63.51 -20.83 24.26
N THR G 430 62.78 -21.29 23.24
CA THR G 430 63.16 -22.49 22.50
C THR G 430 64.62 -22.36 22.05
N THR G 431 65.35 -23.50 22.12
CA THR G 431 66.71 -23.60 21.63
C THR G 431 66.74 -24.41 20.33
N GLN G 432 67.88 -24.34 19.65
CA GLN G 432 68.16 -25.19 18.50
C GLN G 432 67.93 -26.66 18.82
N ASP G 433 68.34 -27.10 20.03
CA ASP G 433 68.20 -28.49 20.44
C ASP G 433 66.72 -28.85 20.57
N ASP G 434 65.95 -27.94 21.19
CA ASP G 434 64.51 -28.12 21.33
C ASP G 434 63.88 -28.30 19.94
N ILE G 435 64.34 -27.53 18.95
CA ILE G 435 63.76 -27.59 17.63
C ILE G 435 63.98 -28.97 17.02
N GLU G 436 65.21 -29.51 17.20
CA GLU G 436 65.56 -30.81 16.66
C GLU G 436 64.69 -31.89 17.32
N ALA G 437 64.45 -31.73 18.63
CA ALA G 437 63.65 -32.67 19.40
C ALA G 437 62.19 -32.63 18.92
N ILE G 438 61.71 -31.42 18.63
CA ILE G 438 60.33 -31.24 18.20
C ILE G 438 60.12 -31.99 16.89
N PHE G 439 61.00 -31.76 15.91
CA PHE G 439 60.74 -32.23 14.56
C PHE G 439 61.07 -33.71 14.44
N SER G 440 62.06 -34.15 15.23
CA SER G 440 62.31 -35.57 15.42
C SER G 440 61.03 -36.27 15.85
N ALA G 441 60.41 -35.76 16.94
CA ALA G 441 59.18 -36.34 17.48
C ALA G 441 58.06 -36.26 16.46
N PHE G 442 58.03 -35.16 15.70
CA PHE G 442 56.97 -34.97 14.73
C PHE G 442 57.16 -35.96 13.57
N GLU G 443 58.43 -36.25 13.22
CA GLU G 443 58.72 -37.14 12.11
C GLU G 443 58.18 -38.54 12.40
N ARG G 444 58.41 -39.02 13.64
CA ARG G 444 57.86 -40.29 14.08
C ARG G 444 56.34 -40.25 14.05
N THR G 445 55.74 -39.13 14.52
CA THR G 445 54.29 -39.01 14.56
C THR G 445 53.75 -39.14 13.13
N LEU G 446 54.43 -38.49 12.19
CA LEU G 446 53.95 -38.41 10.84
C LEU G 446 54.10 -39.75 10.13
N ALA G 447 55.11 -40.53 10.56
CA ALA G 447 55.29 -41.88 10.07
C ALA G 447 54.14 -42.77 10.53
N ASP G 448 53.81 -42.69 11.83
CA ASP G 448 52.65 -43.40 12.37
C ASP G 448 51.39 -42.99 11.60
N ALA G 449 51.29 -41.70 11.26
CA ALA G 449 50.11 -41.17 10.60
C ALA G 449 50.01 -41.73 9.18
N THR G 450 51.16 -41.91 8.53
CA THR G 450 51.20 -42.45 7.18
C THR G 450 50.68 -43.89 7.20
N ASP G 451 51.07 -44.68 8.20
CA ASP G 451 50.57 -46.03 8.40
C ASP G 451 49.07 -46.02 8.65
N TRP G 452 48.64 -45.18 9.60
CA TRP G 452 47.26 -45.15 10.06
C TRP G 452 46.33 -44.77 8.92
N ALA G 453 46.82 -43.89 8.03
CA ALA G 453 46.02 -43.39 6.91
C ALA G 453 45.81 -44.47 5.85
N ARG G 454 46.78 -45.39 5.70
CA ARG G 454 46.64 -46.50 4.76
C ARG G 454 45.57 -47.46 5.29
N SER G 455 45.65 -47.83 6.56
CA SER G 455 44.73 -48.80 7.16
C SER G 455 43.30 -48.26 7.20
N GLN G 456 43.14 -46.94 7.08
CA GLN G 456 41.83 -46.30 7.11
C GLN G 456 41.33 -46.03 5.69
N HIS G 457 42.12 -46.42 4.67
CA HIS G 457 41.84 -46.16 3.27
C HIS G 457 41.38 -44.71 3.04
N LEU G 458 42.19 -43.70 3.42
CA LEU G 458 41.83 -42.31 3.18
C LEU G 458 43.03 -41.54 2.60
N HIS H 4 52.86 15.35 41.12
CA HIS H 4 52.92 14.34 40.03
C HIS H 4 54.12 13.42 40.23
N SER H 5 53.88 12.22 40.80
CA SER H 5 54.86 11.13 40.89
C SER H 5 55.00 10.38 39.56
N SER H 6 55.82 9.33 39.54
CA SER H 6 56.06 8.57 38.32
C SER H 6 54.77 7.89 37.85
N THR H 7 54.01 7.35 38.80
CA THR H 7 52.77 6.65 38.51
C THR H 7 51.73 7.63 37.97
N VAL H 8 51.66 8.82 38.56
CA VAL H 8 50.69 9.83 38.14
C VAL H 8 51.03 10.31 36.72
N GLN H 9 52.32 10.49 36.41
CA GLN H 9 52.72 11.01 35.11
C GLN H 9 52.41 9.96 34.04
N ASN H 10 52.71 8.71 34.40
CA ASN H 10 52.47 7.55 33.54
C ASN H 10 50.98 7.41 33.26
N ASP H 11 50.18 7.46 34.34
CA ASP H 11 48.74 7.36 34.27
C ASP H 11 48.18 8.43 33.33
N LEU H 12 48.56 9.69 33.58
CA LEU H 12 48.02 10.83 32.84
C LEU H 12 48.42 10.77 31.37
N ALA H 13 49.54 10.13 31.05
CA ALA H 13 50.03 10.12 29.69
C ALA H 13 49.29 9.06 28.85
N ALA H 14 49.00 7.90 29.45
CA ALA H 14 48.86 6.67 28.68
C ALA H 14 47.67 5.81 29.10
N LEU H 15 47.04 6.08 30.25
CA LEU H 15 46.04 5.16 30.78
C LEU H 15 44.63 5.67 30.52
N ILE H 16 43.85 4.87 29.76
CA ILE H 16 42.40 5.02 29.65
C ILE H 16 41.72 4.28 30.80
N HIS H 17 41.01 5.05 31.62
CA HIS H 17 40.40 4.51 32.83
C HIS H 17 39.02 3.97 32.52
N PRO H 18 38.66 2.81 33.09
CA PRO H 18 37.27 2.34 33.05
C PRO H 18 36.36 3.21 33.90
N ASN H 19 35.08 3.34 33.47
CA ASN H 19 34.04 3.91 34.31
C ASN H 19 34.60 5.15 35.01
N THR H 20 35.18 6.05 34.21
CA THR H 20 35.77 7.28 34.72
C THR H 20 35.43 8.38 33.73
N ASN H 21 35.16 9.58 34.23
CA ASN H 21 35.13 10.77 33.40
C ASN H 21 36.53 11.08 32.88
N LEU H 22 36.78 10.75 31.60
CA LEU H 22 38.10 10.82 31.00
C LEU H 22 38.56 12.27 30.83
N ALA H 23 37.62 13.20 30.72
CA ALA H 23 37.92 14.63 30.56
C ALA H 23 38.31 15.24 31.89
N GLN H 24 37.50 14.99 32.92
CA GLN H 24 37.82 15.36 34.30
C GLN H 24 39.15 14.76 34.72
N HIS H 25 39.47 13.55 34.25
CA HIS H 25 40.67 12.85 34.69
C HIS H 25 41.93 13.62 34.28
N ARG H 26 41.89 14.31 33.13
CA ARG H 26 43.02 15.11 32.69
C ARG H 26 43.30 16.26 33.67
N GLU H 27 42.26 16.74 34.38
CA GLU H 27 42.38 17.89 35.27
C GLU H 27 42.79 17.42 36.67
N VAL H 28 42.03 16.49 37.26
CA VAL H 28 42.19 16.15 38.67
C VAL H 28 43.22 15.02 38.80
N GLY H 29 43.38 14.22 37.75
CA GLY H 29 44.37 13.15 37.77
C GLY H 29 43.94 11.97 38.65
N PRO H 30 44.75 10.90 38.69
CA PRO H 30 44.39 9.70 39.42
C PRO H 30 44.64 9.81 40.92
N LEU H 31 43.99 8.93 41.68
CA LEU H 31 44.36 8.66 43.05
C LEU H 31 45.04 7.30 43.10
N VAL H 32 46.33 7.30 43.45
CA VAL H 32 47.12 6.08 43.37
C VAL H 32 46.92 5.26 44.65
N ILE H 33 46.43 4.03 44.50
CA ILE H 33 46.36 3.13 45.64
C ILE H 33 47.59 2.23 45.62
N ALA H 34 48.28 2.12 46.77
CA ALA H 34 49.62 1.56 46.83
C ALA H 34 49.67 0.30 47.69
N ARG H 35 48.91 0.27 48.79
CA ARG H 35 49.02 -0.82 49.75
C ARG H 35 47.62 -1.19 50.26
N GLY H 36 47.46 -2.47 50.65
CA GLY H 36 46.26 -2.92 51.32
C GLY H 36 46.54 -3.51 52.70
N ASP H 37 45.56 -3.37 53.60
CA ASP H 37 45.64 -3.94 54.94
C ASP H 37 44.24 -4.16 55.50
N GLY H 38 43.79 -5.43 55.54
CA GLY H 38 42.44 -5.78 55.96
C GLY H 38 41.36 -5.02 55.19
N VAL H 39 40.58 -4.20 55.90
CA VAL H 39 39.47 -3.50 55.29
C VAL H 39 39.93 -2.12 54.82
N ARG H 40 41.26 -1.90 54.83
CA ARG H 40 41.81 -0.58 54.54
C ARG H 40 42.74 -0.65 53.32
N VAL H 41 42.82 0.47 52.59
CA VAL H 41 43.82 0.63 51.56
C VAL H 41 44.49 1.97 51.80
N PHE H 42 45.72 2.09 51.29
CA PHE H 42 46.52 3.29 51.47
C PHE H 42 46.91 3.83 50.11
N ASP H 43 46.88 5.15 49.97
CA ASP H 43 47.35 5.80 48.76
C ASP H 43 48.87 5.94 48.81
N GLU H 44 49.44 6.48 47.73
CA GLU H 44 50.87 6.60 47.54
C GLU H 44 51.46 7.50 48.62
N GLN H 45 50.68 8.49 49.09
CA GLN H 45 51.12 9.44 50.09
C GLN H 45 50.98 8.83 51.50
N GLY H 46 50.36 7.65 51.61
CA GLY H 46 50.29 6.92 52.87
C GLY H 46 49.01 7.19 53.67
N ASN H 47 48.07 7.97 53.13
CA ASN H 47 46.77 8.16 53.75
C ASN H 47 45.98 6.85 53.74
N ALA H 48 45.23 6.61 54.82
CA ALA H 48 44.44 5.40 54.98
C ALA H 48 42.99 5.66 54.63
N TYR H 49 42.36 4.65 54.03
CA TYR H 49 40.94 4.68 53.71
C TYR H 49 40.32 3.35 54.08
N ILE H 50 39.18 3.39 54.78
CA ILE H 50 38.35 2.22 54.95
C ILE H 50 37.61 1.99 53.65
N GLU H 51 37.77 0.77 53.11
CA GLU H 51 37.19 0.45 51.82
C GLU H 51 35.82 -0.17 52.07
N ALA H 52 34.81 0.69 52.20
CA ALA H 52 33.48 0.28 52.57
C ALA H 52 32.74 -0.35 51.40
N MET H 53 33.40 -0.48 50.23
CA MET H 53 32.81 -1.10 49.06
C MET H 53 33.56 -2.38 48.66
N SER H 54 34.55 -2.78 49.46
CA SER H 54 35.36 -3.95 49.13
C SER H 54 35.92 -3.82 47.72
N GLY H 55 36.28 -2.60 47.33
CA GLY H 55 36.74 -2.35 45.98
C GLY H 55 35.55 -2.17 45.06
N LEU H 56 35.24 -3.21 44.29
CA LEU H 56 34.03 -3.23 43.50
C LEU H 56 33.18 -4.39 43.97
N TRP H 57 32.67 -4.28 45.19
CA TRP H 57 31.79 -5.28 45.79
C TRP H 57 32.47 -6.64 45.86
N SER H 58 33.81 -6.70 45.87
CA SER H 58 34.47 -7.92 45.43
C SER H 58 35.45 -8.49 46.45
N ALA H 59 36.16 -7.62 47.20
CA ALA H 59 37.28 -8.05 48.04
C ALA H 59 36.78 -8.67 49.34
N ALA H 60 36.28 -9.91 49.27
CA ALA H 60 35.57 -10.54 50.37
C ALA H 60 36.44 -10.61 51.61
N LEU H 61 37.70 -11.05 51.44
CA LEU H 61 38.59 -11.30 52.55
C LEU H 61 39.53 -10.11 52.79
N GLY H 62 39.16 -8.93 52.27
CA GLY H 62 39.96 -7.73 52.48
C GLY H 62 41.19 -7.72 51.58
N PHE H 63 42.06 -6.73 51.83
CA PHE H 63 43.10 -6.40 50.87
C PHE H 63 44.50 -6.86 51.31
N SER H 64 44.59 -7.85 52.21
CA SER H 64 45.90 -8.36 52.61
C SER H 64 45.81 -9.74 53.25
N GLU H 65 45.04 -10.63 52.62
CA GLU H 65 44.90 -12.00 53.08
C GLU H 65 46.02 -12.87 52.54
N GLN H 66 46.98 -13.20 53.43
CA GLN H 66 48.20 -13.87 53.02
C GLN H 66 47.88 -15.29 52.53
N ARG H 67 46.79 -15.91 53.01
CA ARG H 67 46.51 -17.30 52.65
C ARG H 67 46.25 -17.41 51.14
N LEU H 68 45.68 -16.35 50.54
CA LEU H 68 45.40 -16.31 49.11
C LEU H 68 46.70 -16.19 48.33
N VAL H 69 47.58 -15.29 48.80
CA VAL H 69 48.91 -15.17 48.22
C VAL H 69 49.63 -16.52 48.29
N ASP H 70 49.51 -17.23 49.42
CA ASP H 70 50.18 -18.51 49.60
C ASP H 70 49.68 -19.53 48.56
N ALA H 71 48.35 -19.56 48.34
CA ALA H 71 47.77 -20.53 47.43
C ALA H 71 48.27 -20.25 46.01
N ALA H 72 48.39 -18.95 45.69
CA ALA H 72 48.88 -18.49 44.40
C ALA H 72 50.32 -18.93 44.21
N VAL H 73 51.15 -18.63 45.21
CA VAL H 73 52.57 -18.94 45.18
C VAL H 73 52.77 -20.45 45.01
N GLU H 74 52.05 -21.24 45.82
CA GLU H 74 52.14 -22.70 45.77
C GLU H 74 51.86 -23.17 44.34
N GLN H 75 50.84 -22.61 43.69
CA GLN H 75 50.41 -23.10 42.38
C GLN H 75 51.38 -22.62 41.31
N PHE H 76 51.86 -21.38 41.45
CA PHE H 76 52.82 -20.80 40.52
C PHE H 76 54.05 -21.70 40.39
N LYS H 77 54.48 -22.32 41.50
CA LYS H 77 55.73 -23.07 41.52
C LYS H 77 55.51 -24.44 40.92
N GLN H 78 54.28 -24.97 40.97
CA GLN H 78 53.96 -26.21 40.27
C GLN H 78 53.78 -25.96 38.78
N LEU H 79 52.76 -25.15 38.44
CA LEU H 79 52.32 -24.96 37.06
C LEU H 79 51.71 -23.58 36.93
N PRO H 80 52.47 -22.57 36.48
CA PRO H 80 51.99 -21.19 36.45
C PRO H 80 50.89 -20.95 35.43
N TYR H 81 50.84 -21.77 34.37
CA TYR H 81 49.78 -21.66 33.38
C TYR H 81 49.63 -22.97 32.61
N TYR H 82 48.38 -23.38 32.38
CA TYR H 82 48.06 -24.28 31.27
C TYR H 82 46.59 -24.10 30.91
N HIS H 83 46.24 -24.55 29.70
CA HIS H 83 44.91 -24.32 29.16
C HIS H 83 44.05 -25.55 29.42
N SER H 84 42.77 -25.44 29.07
CA SER H 84 41.83 -26.53 29.27
C SER H 84 41.18 -26.93 27.94
N PHE H 85 41.83 -26.62 26.82
CA PHE H 85 41.32 -26.98 25.50
C PHE H 85 41.69 -28.42 25.18
N SER H 86 40.95 -29.05 24.27
CA SER H 86 41.28 -30.36 23.73
C SER H 86 41.51 -31.37 24.85
N HIS H 87 40.65 -31.32 25.89
CA HIS H 87 40.58 -32.31 26.95
C HIS H 87 41.65 -32.11 28.02
N LYS H 88 42.52 -31.10 27.84
CA LYS H 88 43.53 -30.79 28.84
C LYS H 88 42.82 -30.29 30.09
N THR H 89 43.35 -30.58 31.28
CA THR H 89 42.82 -30.00 32.50
C THR H 89 43.97 -29.75 33.48
N ASN H 90 43.63 -29.23 34.67
CA ASN H 90 44.57 -29.07 35.75
C ASN H 90 43.83 -29.31 37.06
N ALA H 91 44.58 -29.54 38.15
CA ALA H 91 43.99 -30.05 39.39
C ALA H 91 43.09 -29.01 40.04
N PRO H 92 43.54 -27.74 40.19
CA PRO H 92 42.73 -26.71 40.82
C PRO H 92 41.41 -26.42 40.10
N ALA H 93 41.49 -26.31 38.78
CA ALA H 93 40.28 -26.08 37.99
C ALA H 93 39.27 -27.19 38.26
N ALA H 94 39.73 -28.45 38.20
CA ALA H 94 38.86 -29.61 38.34
C ALA H 94 38.26 -29.64 39.74
N ALA H 95 39.09 -29.28 40.73
CA ALA H 95 38.66 -29.29 42.12
C ALA H 95 37.64 -28.17 42.34
N LEU H 96 37.90 -27.01 41.74
CA LEU H 96 37.03 -25.86 41.93
C LEU H 96 35.69 -26.13 41.26
N ALA H 97 35.72 -26.77 40.09
CA ALA H 97 34.49 -27.13 39.42
C ALA H 97 33.62 -27.97 40.35
N ALA H 98 34.22 -28.98 40.99
CA ALA H 98 33.49 -29.91 41.82
C ALA H 98 33.00 -29.22 43.09
N LYS H 99 33.82 -28.32 43.62
CA LYS H 99 33.44 -27.58 44.82
C LYS H 99 32.22 -26.69 44.51
N LEU H 100 32.26 -25.98 43.37
CA LEU H 100 31.16 -25.09 43.01
C LEU H 100 29.89 -25.92 42.71
N ALA H 101 30.07 -27.08 42.08
CA ALA H 101 28.96 -27.98 41.78
C ALA H 101 28.25 -28.40 43.08
N ALA H 102 29.05 -28.63 44.12
CA ALA H 102 28.55 -29.06 45.42
C ALA H 102 27.87 -27.91 46.16
N LEU H 103 28.44 -26.70 46.09
CA LEU H 103 27.89 -25.56 46.81
C LEU H 103 26.59 -25.08 46.17
N ALA H 104 26.49 -25.20 44.86
CA ALA H 104 25.37 -24.62 44.14
C ALA H 104 24.12 -25.45 44.39
N PRO H 105 22.94 -24.81 44.57
CA PRO H 105 21.71 -25.54 44.84
C PRO H 105 21.23 -26.34 43.64
N GLY H 106 20.35 -27.30 43.87
CA GLY H 106 19.60 -27.95 42.81
C GLY H 106 20.53 -28.87 42.03
N ASP H 107 20.28 -29.02 40.72
CA ASP H 107 21.15 -29.84 39.90
C ASP H 107 22.10 -28.96 39.08
N LEU H 108 22.53 -27.84 39.68
CA LEU H 108 23.61 -27.02 39.16
C LEU H 108 24.95 -27.70 39.43
N ASN H 109 25.43 -28.46 38.43
CA ASN H 109 26.52 -29.40 38.67
C ASN H 109 27.63 -29.31 37.62
N HIS H 110 27.53 -28.40 36.65
CA HIS H 110 28.52 -28.33 35.58
C HIS H 110 29.01 -26.90 35.43
N VAL H 111 30.33 -26.76 35.34
CA VAL H 111 30.96 -25.46 35.49
C VAL H 111 31.81 -25.14 34.26
N PHE H 112 31.61 -23.93 33.74
CA PHE H 112 32.47 -23.40 32.70
C PHE H 112 33.10 -22.10 33.18
N PHE H 113 34.43 -21.99 33.05
CA PHE H 113 35.18 -20.92 33.68
C PHE H 113 35.52 -19.84 32.65
N THR H 114 35.49 -18.59 33.12
CA THR H 114 35.95 -17.44 32.34
C THR H 114 36.81 -16.58 33.25
N ASN H 115 37.24 -15.41 32.75
CA ASN H 115 38.00 -14.45 33.53
C ASN H 115 37.07 -13.49 34.28
N SER H 116 36.00 -13.03 33.60
CA SER H 116 35.15 -11.96 34.10
C SER H 116 33.69 -12.39 34.17
N GLY H 117 32.90 -11.63 34.94
CA GLY H 117 31.46 -11.78 34.94
C GLY H 117 30.86 -11.45 33.58
N SER H 118 31.42 -10.44 32.93
CA SER H 118 31.02 -10.07 31.58
C SER H 118 31.14 -11.26 30.64
N GLU H 119 32.31 -11.89 30.62
CA GLU H 119 32.53 -13.03 29.74
C GLU H 119 31.55 -14.14 30.10
N ALA H 120 31.30 -14.28 31.41
CA ALA H 120 30.45 -15.35 31.91
C ALA H 120 29.04 -15.18 31.38
N ASN H 121 28.49 -13.96 31.50
CA ASN H 121 27.14 -13.70 31.05
C ASN H 121 27.06 -13.83 29.52
N ASP H 122 28.12 -13.39 28.84
CA ASP H 122 28.23 -13.53 27.40
C ASP H 122 28.15 -15.02 27.06
N SER H 123 28.86 -15.84 27.82
CA SER H 123 28.87 -17.28 27.60
C SER H 123 27.46 -17.85 27.78
N VAL H 124 26.71 -17.28 28.73
CA VAL H 124 25.38 -17.76 29.01
C VAL H 124 24.50 -17.53 27.77
N VAL H 125 24.55 -16.32 27.22
CA VAL H 125 23.78 -16.00 26.03
C VAL H 125 24.09 -17.02 24.93
N LYS H 126 25.38 -17.27 24.71
CA LYS H 126 25.79 -18.19 23.65
C LYS H 126 25.26 -19.59 23.96
N MET H 127 25.41 -20.03 25.21
CA MET H 127 25.04 -21.39 25.55
C MET H 127 23.54 -21.60 25.33
N VAL H 128 22.73 -20.61 25.72
CA VAL H 128 21.29 -20.71 25.62
C VAL H 128 20.87 -20.74 24.16
N TRP H 129 21.47 -19.90 23.34
CA TRP H 129 21.17 -19.91 21.92
C TRP H 129 21.53 -21.27 21.32
N TYR H 130 22.70 -21.79 21.70
CA TYR H 130 23.23 -23.04 21.19
C TYR H 130 22.27 -24.17 21.55
N VAL H 131 21.86 -24.19 22.82
CA VAL H 131 20.99 -25.23 23.32
C VAL H 131 19.65 -25.18 22.58
N ASN H 132 19.07 -24.00 22.43
CA ASN H 132 17.77 -23.89 21.77
C ASN H 132 17.86 -24.27 20.30
N ASN H 133 18.99 -23.98 19.63
CA ASN H 133 19.17 -24.46 18.25
C ASN H 133 19.21 -25.98 18.24
N ALA H 134 19.93 -26.57 19.23
CA ALA H 134 20.07 -28.01 19.34
C ALA H 134 18.72 -28.68 19.54
N LEU H 135 17.81 -28.03 20.29
CA LEU H 135 16.51 -28.61 20.58
C LEU H 135 15.50 -28.28 19.48
N GLY H 136 15.94 -27.70 18.36
CA GLY H 136 15.02 -27.38 17.27
C GLY H 136 14.02 -26.27 17.65
N ARG H 137 14.49 -25.30 18.45
CA ARG H 137 13.69 -24.14 18.82
C ARG H 137 14.42 -22.86 18.40
N PRO H 138 14.57 -22.62 17.08
CA PRO H 138 15.41 -21.52 16.61
C PRO H 138 14.91 -20.14 17.04
N ALA H 139 13.61 -20.03 17.34
CA ALA H 139 13.01 -18.75 17.65
C ALA H 139 13.24 -18.38 19.11
N LYS H 140 13.63 -19.35 19.94
CA LYS H 140 13.63 -19.16 21.38
C LYS H 140 14.98 -18.60 21.82
N LYS H 141 15.14 -17.28 21.73
CA LYS H 141 16.46 -16.67 21.84
C LYS H 141 16.45 -15.36 22.63
N LYS H 142 15.28 -14.76 22.87
CA LYS H 142 15.25 -13.46 23.50
C LYS H 142 15.57 -13.61 24.99
N PHE H 143 16.30 -12.64 25.53
CA PHE H 143 16.54 -12.54 26.95
C PHE H 143 15.65 -11.44 27.52
N ILE H 144 15.17 -11.65 28.75
CA ILE H 144 14.48 -10.64 29.53
C ILE H 144 15.38 -10.22 30.67
N SER H 145 15.59 -8.92 30.79
CA SER H 145 16.36 -8.35 31.87
C SER H 145 15.49 -7.28 32.54
N ARG H 146 16.13 -6.35 33.25
CA ARG H 146 15.39 -5.35 33.98
C ARG H 146 16.15 -4.04 33.92
N GLN H 147 15.41 -2.93 33.92
CA GLN H 147 16.00 -1.62 34.07
C GLN H 147 16.80 -1.58 35.36
N GLN H 148 17.99 -0.98 35.28
CA GLN H 148 18.89 -0.77 36.39
C GLN H 148 19.69 -2.05 36.71
N ALA H 149 19.45 -3.14 35.97
CA ALA H 149 20.28 -4.32 36.09
C ALA H 149 21.70 -3.98 35.65
N TYR H 150 22.70 -4.64 36.24
CA TYR H 150 24.04 -4.64 35.68
C TYR H 150 24.52 -6.09 35.52
N HIS H 151 24.97 -6.43 34.31
CA HIS H 151 25.38 -7.80 34.00
C HIS H 151 26.71 -7.86 33.25
N GLY H 152 27.38 -6.71 33.06
CA GLY H 152 28.68 -6.70 32.43
C GLY H 152 28.83 -5.66 31.32
N ALA H 153 29.97 -5.72 30.61
CA ALA H 153 30.43 -4.63 29.75
C ALA H 153 30.79 -5.09 28.33
N THR H 154 30.81 -6.39 28.05
CA THR H 154 30.87 -6.83 26.66
C THR H 154 29.59 -6.42 25.94
N VAL H 155 29.60 -6.52 24.62
CA VAL H 155 28.48 -6.07 23.82
C VAL H 155 27.22 -6.80 24.27
N ALA H 156 27.29 -8.14 24.35
CA ALA H 156 26.14 -8.93 24.76
C ALA H 156 25.76 -8.65 26.22
N ALA H 157 26.74 -8.69 27.13
CA ALA H 157 26.43 -8.55 28.53
C ALA H 157 25.89 -7.16 28.84
N ALA H 158 26.45 -6.14 28.18
CA ALA H 158 26.04 -4.78 28.42
C ALA H 158 24.65 -4.54 27.82
N SER H 159 24.28 -5.37 26.84
CA SER H 159 22.94 -5.36 26.28
C SER H 159 21.95 -5.83 27.35
N LEU H 160 22.36 -6.85 28.13
CA LEU H 160 21.53 -7.36 29.21
C LEU H 160 21.48 -6.31 30.32
N THR H 161 22.61 -5.66 30.58
CA THR H 161 22.65 -4.53 31.49
C THR H 161 21.51 -3.59 31.13
N GLY H 162 20.94 -2.92 32.14
CA GLY H 162 19.77 -2.08 31.94
C GLY H 162 19.91 -0.68 32.52
N ILE H 163 21.14 -0.27 32.81
CA ILE H 163 21.44 1.08 33.27
C ILE H 163 21.65 1.96 32.05
N PRO H 164 20.77 2.96 31.80
CA PRO H 164 20.75 3.67 30.53
C PRO H 164 22.10 4.23 30.09
N SER H 165 22.92 4.69 31.04
CA SER H 165 24.19 5.33 30.70
C SER H 165 25.20 4.32 30.13
N MET H 166 25.00 3.02 30.39
CA MET H 166 25.88 1.98 29.87
C MET H 166 25.53 1.66 28.41
N HIS H 167 24.40 2.17 27.92
CA HIS H 167 23.96 1.97 26.55
C HIS H 167 24.25 3.17 25.67
N ARG H 168 24.30 4.36 26.28
CA ARG H 168 24.35 5.62 25.56
C ARG H 168 25.58 5.63 24.65
N ASP H 169 25.30 5.66 23.33
CA ASP H 169 26.31 5.84 22.29
C ASP H 169 27.13 4.58 22.10
N PHE H 170 26.68 3.45 22.66
CA PHE H 170 27.28 2.15 22.38
C PHE H 170 26.38 1.29 21.49
N ASP H 171 25.27 1.84 20.99
CA ASP H 171 24.37 1.10 20.10
C ASP H 171 23.86 -0.17 20.79
N LEU H 172 23.52 -0.05 22.07
CA LEU H 172 23.04 -1.19 22.82
C LEU H 172 21.58 -0.96 23.21
N PRO H 173 20.76 -2.02 23.36
CA PRO H 173 21.20 -3.39 23.15
C PRO H 173 21.52 -3.72 21.71
N ALA H 174 22.39 -4.71 21.49
CA ALA H 174 22.75 -5.17 20.16
C ALA H 174 22.38 -6.62 19.95
N ILE H 175 21.62 -7.19 20.89
CA ILE H 175 21.07 -8.54 20.79
C ILE H 175 19.65 -8.46 21.31
N PRO H 176 18.78 -9.44 21.03
CA PRO H 176 17.40 -9.41 21.53
C PRO H 176 17.32 -9.45 23.04
N VAL H 177 16.83 -8.35 23.62
CA VAL H 177 16.71 -8.19 25.06
C VAL H 177 15.56 -7.23 25.35
N HIS H 178 14.76 -7.53 26.38
CA HIS H 178 13.75 -6.60 26.85
C HIS H 178 13.97 -6.32 28.32
N HIS H 179 13.82 -5.05 28.72
CA HIS H 179 14.07 -4.65 30.09
C HIS H 179 12.76 -4.36 30.82
N LEU H 180 12.41 -5.18 31.82
CA LEU H 180 11.24 -4.92 32.65
C LEU H 180 11.51 -3.70 33.54
N THR H 181 10.49 -3.16 34.20
CA THR H 181 10.71 -2.06 35.11
C THR H 181 11.52 -2.55 36.30
N CYS H 182 12.27 -1.62 36.88
CA CYS H 182 13.11 -1.91 38.04
C CYS H 182 12.21 -2.24 39.23
N PRO H 183 12.39 -3.39 39.89
CA PRO H 183 11.60 -3.72 41.08
C PRO H 183 12.01 -2.93 42.31
N ASN H 184 11.59 -1.66 42.32
CA ASN H 184 12.01 -0.69 43.33
C ASN H 184 10.77 -0.08 44.00
N PHE H 185 10.37 -0.67 45.13
CA PHE H 185 9.12 -0.32 45.80
C PHE H 185 9.12 1.15 46.20
N TYR H 186 10.22 1.65 46.76
CA TYR H 186 10.33 3.05 47.14
C TYR H 186 9.97 3.96 45.96
N ARG H 187 10.45 3.63 44.76
CA ARG H 187 10.39 4.54 43.63
C ARG H 187 9.07 4.37 42.88
N PHE H 188 8.58 3.14 42.70
CA PHE H 188 7.54 2.92 41.70
C PHE H 188 6.22 2.41 42.32
N ALA H 189 6.17 2.18 43.63
CA ALA H 189 4.93 1.75 44.24
C ALA H 189 3.91 2.89 44.17
N ARG H 190 2.63 2.53 44.00
CA ARG H 190 1.58 3.53 44.01
C ARG H 190 1.23 3.87 45.46
N PRO H 191 0.67 5.07 45.75
CA PRO H 191 0.39 5.45 47.13
C PRO H 191 -0.42 4.39 47.87
N GLY H 192 0.11 3.92 49.00
CA GLY H 192 -0.57 2.97 49.87
C GLY H 192 -0.63 1.55 49.28
N GLU H 193 0.14 1.31 48.20
CA GLU H 193 0.21 0.00 47.59
C GLU H 193 1.17 -0.86 48.44
N SER H 194 0.75 -2.10 48.71
CA SER H 194 1.60 -3.04 49.42
C SER H 194 2.69 -3.59 48.50
N GLN H 195 3.76 -4.11 49.11
CA GLN H 195 4.80 -4.79 48.37
C GLN H 195 4.21 -6.01 47.64
N GLU H 196 3.28 -6.72 48.26
CA GLU H 196 2.76 -7.95 47.67
C GLU H 196 2.00 -7.61 46.37
N ALA H 197 1.30 -6.46 46.38
CA ALA H 197 0.55 -5.96 45.23
C ALA H 197 1.49 -5.46 44.11
N PHE H 198 2.54 -4.73 44.51
CA PHE H 198 3.59 -4.29 43.58
C PHE H 198 4.18 -5.50 42.86
N THR H 199 4.56 -6.52 43.62
CA THR H 199 5.07 -7.76 43.06
C THR H 199 4.08 -8.29 42.03
N VAL H 200 2.80 -8.26 42.33
CA VAL H 200 1.80 -8.82 41.45
C VAL H 200 1.78 -8.04 40.13
N ARG H 201 1.93 -6.71 40.18
CA ARG H 201 1.97 -5.89 38.96
C ARG H 201 3.25 -6.20 38.16
N LEU H 202 4.37 -6.35 38.87
CA LEU H 202 5.65 -6.65 38.25
C LEU H 202 5.58 -8.00 37.53
N ALA H 203 4.91 -8.97 38.16
CA ALA H 203 4.79 -10.30 37.55
C ALA H 203 3.84 -10.23 36.36
N ASN H 204 2.82 -9.39 36.45
CA ASN H 204 1.89 -9.23 35.35
C ASN H 204 2.61 -8.56 34.17
N GLU H 205 3.46 -7.57 34.47
CA GLU H 205 4.26 -6.93 33.44
C GLU H 205 5.03 -7.97 32.63
N LEU H 206 5.68 -8.89 33.35
CA LEU H 206 6.49 -9.92 32.73
C LEU H 206 5.61 -10.82 31.86
N GLU H 207 4.48 -11.24 32.40
CA GLU H 207 3.65 -12.24 31.74
C GLU H 207 3.08 -11.63 30.47
N ARG H 208 2.67 -10.36 30.53
CA ARG H 208 2.01 -9.74 29.40
C ARG H 208 3.02 -9.53 28.28
N TYR H 209 4.27 -9.24 28.64
CA TYR H 209 5.33 -9.15 27.66
C TYR H 209 5.58 -10.51 26.99
N ILE H 210 5.66 -11.58 27.77
CA ILE H 210 5.89 -12.91 27.24
C ILE H 210 4.79 -13.26 26.22
N LEU H 211 3.54 -12.94 26.55
CA LEU H 211 2.41 -13.33 25.73
C LEU H 211 2.36 -12.46 24.47
N ALA H 212 2.76 -11.19 24.59
CA ALA H 212 2.80 -10.27 23.47
C ALA H 212 3.87 -10.69 22.46
N GLU H 213 5.05 -11.11 22.96
CA GLU H 213 6.13 -11.50 22.08
C GLU H 213 5.90 -12.91 21.55
N GLY H 214 5.23 -13.75 22.34
CA GLY H 214 5.20 -15.19 22.11
C GLY H 214 6.20 -15.91 23.02
N PRO H 215 5.75 -16.79 23.92
CA PRO H 215 6.65 -17.52 24.80
C PRO H 215 7.72 -18.34 24.06
N GLU H 216 7.39 -18.80 22.85
CA GLU H 216 8.28 -19.65 22.08
C GLU H 216 9.50 -18.86 21.56
N THR H 217 9.47 -17.54 21.75
CA THR H 217 10.55 -16.65 21.32
C THR H 217 11.41 -16.22 22.50
N ILE H 218 11.04 -16.59 23.73
CA ILE H 218 11.72 -16.08 24.91
C ILE H 218 12.53 -17.20 25.55
N ALA H 219 13.85 -17.00 25.64
CA ALA H 219 14.74 -18.08 26.04
C ALA H 219 14.99 -18.06 27.55
N ALA H 220 15.13 -16.85 28.12
CA ALA H 220 15.66 -16.73 29.46
C ALA H 220 15.28 -15.40 30.10
N PHE H 221 15.15 -15.45 31.43
CA PHE H 221 15.19 -14.28 32.30
C PHE H 221 16.53 -14.26 33.04
N ILE H 222 17.13 -13.08 33.16
CA ILE H 222 18.36 -12.92 33.92
C ILE H 222 18.16 -11.79 34.92
N GLY H 223 18.67 -11.99 36.14
CA GLY H 223 18.58 -10.96 37.17
C GLY H 223 19.52 -11.26 38.34
N GLU H 224 20.05 -10.19 38.93
CA GLU H 224 20.67 -10.21 40.24
C GLU H 224 19.58 -10.39 41.30
N PRO H 225 19.79 -11.20 42.36
CA PRO H 225 18.84 -11.28 43.45
C PRO H 225 18.52 -9.92 44.04
N VAL H 226 19.58 -9.14 44.29
CA VAL H 226 19.47 -7.74 44.66
C VAL H 226 20.20 -6.94 43.59
N ILE H 227 19.55 -5.88 43.10
CA ILE H 227 20.16 -5.00 42.11
C ILE H 227 21.19 -4.14 42.84
N ALA H 228 22.47 -4.33 42.47
CA ALA H 228 23.56 -3.71 43.21
C ALA H 228 23.95 -2.39 42.55
N ALA H 229 24.60 -2.47 41.38
CA ALA H 229 25.21 -1.32 40.75
C ALA H 229 24.14 -0.32 40.32
N GLY H 230 22.90 -0.80 40.17
CA GLY H 230 21.79 0.05 39.77
C GLY H 230 21.14 0.79 40.95
N GLY H 231 21.63 0.58 42.19
CA GLY H 231 21.24 1.42 43.31
C GLY H 231 20.85 0.66 44.58
N VAL H 232 21.44 -0.53 44.78
CA VAL H 232 21.20 -1.35 45.97
C VAL H 232 19.70 -1.42 46.22
N ILE H 233 19.03 -2.19 45.36
CA ILE H 233 17.58 -2.27 45.37
C ILE H 233 17.17 -3.70 45.62
N PRO H 234 16.82 -4.04 46.88
CA PRO H 234 16.30 -5.35 47.19
C PRO H 234 14.93 -5.55 46.54
N PRO H 235 14.57 -6.82 46.25
CA PRO H 235 13.28 -7.10 45.67
C PRO H 235 12.14 -6.85 46.65
N PRO H 236 10.93 -6.48 46.18
CA PRO H 236 9.75 -6.49 47.02
C PRO H 236 9.32 -7.90 47.42
N THR H 237 8.56 -7.97 48.51
CA THR H 237 8.06 -9.22 49.06
C THR H 237 7.45 -10.06 47.96
N GLY H 238 7.90 -11.33 47.90
CA GLY H 238 7.27 -12.34 47.07
C GLY H 238 7.73 -12.26 45.62
N TYR H 239 8.58 -11.28 45.30
CA TYR H 239 9.00 -11.00 43.94
C TYR H 239 9.51 -12.27 43.27
N TRP H 240 10.50 -12.91 43.90
CA TRP H 240 11.22 -13.99 43.23
C TRP H 240 10.34 -15.23 43.06
N ALA H 241 9.40 -15.48 43.97
CA ALA H 241 8.47 -16.60 43.83
C ALA H 241 7.57 -16.35 42.61
N ALA H 242 7.11 -15.10 42.46
CA ALA H 242 6.21 -14.74 41.38
C ALA H 242 6.93 -14.84 40.04
N ILE H 243 8.19 -14.34 39.97
CA ILE H 243 8.92 -14.28 38.72
C ILE H 243 9.20 -15.69 38.26
N GLN H 244 9.64 -16.55 39.19
CA GLN H 244 9.92 -17.94 38.87
C GLN H 244 8.67 -18.65 38.37
N ALA H 245 7.53 -18.38 38.98
CA ALA H 245 6.29 -19.08 38.64
C ALA H 245 5.92 -18.75 37.20
N VAL H 246 6.07 -17.47 36.82
CA VAL H 246 5.79 -17.05 35.46
C VAL H 246 6.77 -17.72 34.50
N CYS H 247 8.06 -17.68 34.82
CA CYS H 247 9.07 -18.28 33.95
C CYS H 247 8.80 -19.76 33.77
N LYS H 248 8.47 -20.47 34.85
CA LYS H 248 8.23 -21.91 34.80
C LYS H 248 7.04 -22.18 33.88
N ARG H 249 6.02 -21.32 33.97
CA ARG H 249 4.78 -21.53 33.22
C ARG H 249 5.06 -21.50 31.73
N TYR H 250 6.05 -20.72 31.28
CA TYR H 250 6.29 -20.54 29.86
C TYR H 250 7.65 -21.08 29.43
N ASP H 251 8.22 -22.00 30.24
CA ASP H 251 9.43 -22.70 29.85
C ASP H 251 10.56 -21.70 29.57
N ILE H 252 10.71 -20.72 30.44
CA ILE H 252 11.76 -19.72 30.32
C ILE H 252 12.82 -19.99 31.37
N LEU H 253 14.09 -20.13 30.95
CA LEU H 253 15.20 -20.38 31.87
C LEU H 253 15.32 -19.22 32.85
N VAL H 254 15.67 -19.56 34.10
CA VAL H 254 15.97 -18.54 35.08
C VAL H 254 17.49 -18.49 35.30
N VAL H 255 18.07 -17.34 34.92
CA VAL H 255 19.50 -17.14 35.05
C VAL H 255 19.73 -16.14 36.18
N ILE H 256 20.46 -16.59 37.21
CA ILE H 256 20.68 -15.72 38.34
C ILE H 256 22.13 -15.27 38.35
N ASP H 257 22.30 -13.95 38.35
CA ASP H 257 23.61 -13.33 38.38
C ASP H 257 23.98 -13.08 39.84
N GLU H 258 24.89 -13.91 40.36
CA GLU H 258 25.38 -13.75 41.71
C GLU H 258 26.81 -13.24 41.72
N ILE H 259 27.15 -12.44 40.72
CA ILE H 259 28.49 -11.90 40.61
C ILE H 259 28.80 -11.08 41.87
N ILE H 260 27.78 -10.42 42.43
CA ILE H 260 27.99 -9.62 43.64
C ILE H 260 27.43 -10.32 44.89
N THR H 261 26.24 -10.92 44.80
CA THR H 261 25.58 -11.49 45.97
C THR H 261 26.24 -12.80 46.39
N GLY H 262 27.03 -13.42 45.50
CA GLY H 262 27.59 -14.74 45.78
C GLY H 262 28.63 -14.72 46.91
N PHE H 263 28.67 -15.80 47.68
CA PHE H 263 29.67 -16.07 48.71
C PHE H 263 29.48 -15.15 49.92
N GLY H 264 28.24 -15.06 50.41
CA GLY H 264 28.00 -14.66 51.78
C GLY H 264 27.51 -13.23 51.90
N ARG H 265 27.45 -12.50 50.78
CA ARG H 265 27.17 -11.08 50.83
C ARG H 265 25.84 -10.79 51.56
N LEU H 266 24.84 -11.65 51.35
CA LEU H 266 23.50 -11.40 51.86
C LEU H 266 23.20 -12.16 53.17
N GLY H 267 24.18 -12.91 53.66
CA GLY H 267 24.00 -13.66 54.89
C GLY H 267 23.70 -15.12 54.59
N THR H 268 23.71 -15.46 53.30
CA THR H 268 23.69 -16.84 52.86
C THR H 268 24.80 -17.00 51.83
N MET H 269 25.20 -18.26 51.61
CA MET H 269 26.30 -18.54 50.69
C MET H 269 25.97 -17.91 49.34
N PHE H 270 24.76 -18.14 48.84
CA PHE H 270 24.26 -17.48 47.64
C PHE H 270 22.96 -16.73 47.95
N GLY H 271 22.77 -15.57 47.33
CA GLY H 271 21.54 -14.81 47.49
C GLY H 271 20.30 -15.61 47.09
N SER H 272 20.49 -16.56 46.16
CA SER H 272 19.42 -17.41 45.70
C SER H 272 18.78 -18.12 46.89
N GLN H 273 19.58 -18.46 47.90
CA GLN H 273 19.08 -19.19 49.05
C GLN H 273 18.20 -18.28 49.90
N LEU H 274 18.64 -17.05 50.08
CA LEU H 274 17.87 -16.11 50.87
C LEU H 274 16.48 -15.89 50.27
N TYR H 275 16.36 -15.80 48.93
CA TYR H 275 15.11 -15.43 48.28
C TYR H 275 14.39 -16.64 47.68
N GLY H 276 14.90 -17.84 47.97
CA GLY H 276 14.24 -19.06 47.52
C GLY H 276 14.22 -19.17 46.00
N ILE H 277 15.33 -18.79 45.37
CA ILE H 277 15.46 -18.87 43.92
C ILE H 277 16.12 -20.20 43.57
N GLN H 278 15.54 -20.94 42.63
CA GLN H 278 16.20 -22.13 42.10
CA GLN H 278 16.15 -22.13 42.09
C GLN H 278 16.62 -21.85 40.65
N PRO H 279 17.85 -21.36 40.41
CA PRO H 279 18.27 -21.04 39.05
C PRO H 279 18.45 -22.29 38.18
N ASP H 280 18.22 -22.13 36.87
CA ASP H 280 18.67 -23.09 35.88
C ASP H 280 20.16 -22.89 35.61
N ILE H 281 20.60 -21.62 35.73
CA ILE H 281 21.98 -21.23 35.48
C ILE H 281 22.35 -20.17 36.50
N MET H 282 23.58 -20.29 37.04
CA MET H 282 24.05 -19.37 38.05
C MET H 282 25.42 -18.88 37.64
N VAL H 283 25.68 -17.59 37.85
CA VAL H 283 26.90 -16.93 37.43
C VAL H 283 27.61 -16.32 38.64
N LEU H 284 28.93 -16.59 38.74
CA LEU H 284 29.72 -16.22 39.90
C LEU H 284 30.99 -15.52 39.46
N SER H 285 31.47 -14.61 40.30
CA SER H 285 32.76 -13.97 40.14
C SER H 285 33.04 -13.16 41.41
N LYS H 286 33.97 -12.20 41.31
CA LYS H 286 34.26 -11.22 42.36
C LYS H 286 34.65 -11.94 43.66
N GLN H 287 33.71 -12.09 44.59
CA GLN H 287 34.00 -12.64 45.90
C GLN H 287 34.45 -14.09 45.75
N LEU H 288 34.30 -14.67 44.56
CA LEU H 288 34.84 -15.99 44.26
C LEU H 288 36.35 -16.05 44.52
N THR H 289 37.07 -14.95 44.27
CA THR H 289 38.52 -14.90 44.49
C THR H 289 38.90 -13.65 45.28
N SER H 290 37.91 -12.94 45.81
CA SER H 290 38.14 -11.64 46.40
C SER H 290 38.84 -10.73 45.39
N SER H 291 38.73 -11.07 44.10
CA SER H 291 39.34 -10.32 43.00
C SER H 291 40.87 -10.35 43.06
N TYR H 292 41.45 -11.32 43.79
CA TYR H 292 42.90 -11.44 43.86
C TYR H 292 43.41 -12.00 42.55
N GLN H 293 42.53 -12.70 41.86
CA GLN H 293 42.78 -13.21 40.53
C GLN H 293 41.50 -13.05 39.70
N PRO H 294 41.61 -12.72 38.39
CA PRO H 294 40.47 -12.70 37.49
C PRO H 294 39.89 -14.09 37.28
N LEU H 295 38.66 -14.29 37.78
CA LEU H 295 37.96 -15.53 37.58
C LEU H 295 36.46 -15.32 37.71
N ALA H 296 35.73 -16.10 36.90
CA ALA H 296 34.29 -16.21 36.99
C ALA H 296 33.86 -17.60 36.56
N ALA H 297 32.61 -17.95 36.87
CA ALA H 297 32.14 -19.31 36.59
C ALA H 297 30.68 -19.24 36.18
N VAL H 298 30.36 -20.06 35.17
CA VAL H 298 28.98 -20.32 34.81
C VAL H 298 28.66 -21.72 35.30
N VAL H 299 27.63 -21.84 36.15
CA VAL H 299 27.18 -23.14 36.60
C VAL H 299 25.82 -23.45 35.98
N VAL H 300 25.68 -24.63 35.38
CA VAL H 300 24.47 -24.95 34.65
C VAL H 300 23.91 -26.28 35.15
N SER H 301 22.60 -26.49 34.90
CA SER H 301 21.91 -27.71 35.24
C SER H 301 22.46 -28.92 34.47
N ASP H 302 22.09 -30.13 34.91
CA ASP H 302 22.45 -31.36 34.21
C ASP H 302 21.77 -31.37 32.84
N ALA H 303 20.57 -30.80 32.76
CA ALA H 303 19.80 -30.81 31.54
C ALA H 303 20.52 -29.99 30.48
N MET H 304 20.94 -28.77 30.87
CA MET H 304 21.70 -27.88 30.01
C MET H 304 22.92 -28.63 29.50
N ASN H 305 23.64 -29.24 30.43
CA ASN H 305 24.91 -29.86 30.12
C ASN H 305 24.69 -30.99 29.12
N ASP H 306 23.61 -31.75 29.31
CA ASP H 306 23.30 -32.88 28.43
C ASP H 306 23.16 -32.39 26.99
N VAL H 307 22.55 -31.22 26.81
CA VAL H 307 22.34 -30.68 25.47
C VAL H 307 23.68 -30.22 24.90
N LEU H 308 24.52 -29.60 25.74
CA LEU H 308 25.86 -29.19 25.31
C LEU H 308 26.61 -30.40 24.79
N VAL H 309 26.50 -31.53 25.52
CA VAL H 309 27.20 -32.75 25.18
C VAL H 309 26.66 -33.34 23.89
N SER H 310 25.34 -33.31 23.72
CA SER H 310 24.72 -33.89 22.53
C SER H 310 25.10 -33.08 21.30
N GLN H 311 25.36 -31.77 21.49
CA GLN H 311 25.82 -30.93 20.40
C GLN H 311 27.22 -31.33 19.94
N SER H 312 28.11 -31.71 20.88
CA SER H 312 29.47 -32.09 20.52
C SER H 312 29.45 -33.37 19.68
N GLN H 313 28.45 -34.23 19.92
CA GLN H 313 28.26 -35.45 19.13
C GLN H 313 28.13 -35.11 17.64
N ARG H 314 27.44 -34.03 17.29
CA ARG H 314 27.13 -33.75 15.89
C ARG H 314 27.91 -32.55 15.36
N LEU H 315 28.50 -31.71 16.21
CA LEU H 315 29.23 -30.54 15.75
C LEU H 315 30.73 -30.75 15.89
N GLY H 316 31.16 -31.69 16.75
CA GLY H 316 32.57 -32.05 16.79
C GLY H 316 33.31 -31.42 17.96
N ALA H 317 32.80 -30.31 18.51
CA ALA H 317 33.49 -29.64 19.60
C ALA H 317 32.62 -28.49 20.10
N PHE H 318 32.76 -28.18 21.39
CA PHE H 318 32.11 -27.02 21.96
C PHE H 318 32.99 -25.81 21.65
N ALA H 319 32.61 -25.08 20.59
CA ALA H 319 33.50 -24.11 19.97
C ALA H 319 33.43 -22.77 20.70
N HIS H 320 33.90 -22.78 21.95
CA HIS H 320 33.85 -21.62 22.81
C HIS H 320 34.90 -21.79 23.90
N GLY H 321 35.70 -20.74 24.13
CA GLY H 321 36.66 -20.76 25.23
C GLY H 321 37.52 -19.49 25.26
N PHE H 322 38.18 -19.27 26.38
CA PHE H 322 39.16 -18.20 26.54
C PHE H 322 40.52 -18.85 26.88
N THR H 323 41.61 -18.14 26.52
CA THR H 323 42.96 -18.62 26.76
C THR H 323 43.11 -19.09 28.22
N CYS H 324 42.65 -18.25 29.14
CA CYS H 324 42.86 -18.47 30.57
C CYS H 324 41.62 -19.08 31.23
N THR H 325 40.71 -19.66 30.44
CA THR H 325 39.65 -20.48 31.00
C THR H 325 40.30 -21.56 31.85
N GLY H 326 39.92 -21.59 33.14
CA GLY H 326 40.36 -22.63 34.06
C GLY H 326 41.80 -22.41 34.55
N HIS H 327 42.27 -21.17 34.52
CA HIS H 327 43.65 -20.89 34.87
C HIS H 327 43.99 -21.52 36.22
N PRO H 328 45.07 -22.31 36.28
CA PRO H 328 45.42 -23.03 37.50
C PRO H 328 45.66 -22.14 38.70
N VAL H 329 46.24 -20.96 38.48
CA VAL H 329 46.53 -20.05 39.58
C VAL H 329 45.24 -19.38 40.06
N ALA H 330 44.44 -18.89 39.12
CA ALA H 330 43.22 -18.21 39.50
C ALA H 330 42.27 -19.18 40.21
N THR H 331 42.18 -20.43 39.73
CA THR H 331 41.28 -21.39 40.33
C THR H 331 41.82 -21.84 41.68
N ALA H 332 43.14 -21.99 41.79
CA ALA H 332 43.76 -22.33 43.06
C ALA H 332 43.38 -21.28 44.11
N VAL H 333 43.42 -20.01 43.71
CA VAL H 333 43.13 -18.91 44.63
C VAL H 333 41.66 -18.95 45.03
N ALA H 334 40.77 -19.32 44.08
CA ALA H 334 39.35 -19.37 44.36
C ALA H 334 39.10 -20.45 45.40
N LEU H 335 39.77 -21.58 45.25
CA LEU H 335 39.58 -22.70 46.16
C LEU H 335 39.94 -22.27 47.58
N GLU H 336 41.09 -21.62 47.75
CA GLU H 336 41.55 -21.18 49.06
C GLU H 336 40.58 -20.14 49.61
N ASN H 337 40.14 -19.22 48.74
CA ASN H 337 39.22 -18.18 49.14
C ASN H 337 37.94 -18.82 49.72
N ILE H 338 37.46 -19.89 49.09
CA ILE H 338 36.23 -20.53 49.53
C ILE H 338 36.48 -21.31 50.81
N ARG H 339 37.61 -22.05 50.85
CA ARG H 339 38.02 -22.73 52.07
C ARG H 339 37.99 -21.76 53.25
N ILE H 340 38.49 -20.55 53.05
CA ILE H 340 38.58 -19.58 54.14
C ILE H 340 37.20 -19.16 54.59
N ILE H 341 36.30 -18.93 53.62
CA ILE H 341 34.98 -18.45 53.94
C ILE H 341 34.25 -19.51 54.78
N GLU H 342 34.42 -20.78 54.40
CA GLU H 342 33.73 -21.87 55.08
C GLU H 342 34.34 -22.11 56.45
N GLU H 343 35.67 -22.20 56.51
CA GLU H 343 36.36 -22.62 57.71
C GLU H 343 36.13 -21.60 58.83
N ARG H 344 36.15 -20.30 58.49
CA ARG H 344 35.92 -19.26 59.48
C ARG H 344 34.43 -18.93 59.62
N ASP H 345 33.56 -19.68 58.93
CA ASP H 345 32.13 -19.45 58.89
C ASP H 345 31.83 -17.95 58.70
N LEU H 346 32.28 -17.37 57.58
CA LEU H 346 32.11 -15.94 57.36
C LEU H 346 30.67 -15.64 56.94
N VAL H 347 29.96 -16.65 56.43
CA VAL H 347 28.53 -16.54 56.21
C VAL H 347 27.83 -16.29 57.56
N GLY H 348 28.16 -17.12 58.55
CA GLY H 348 27.68 -16.95 59.90
C GLY H 348 28.03 -15.57 60.45
N HIS H 349 29.26 -15.11 60.21
CA HIS H 349 29.69 -13.80 60.67
C HIS H 349 28.76 -12.72 60.09
N VAL H 350 28.41 -12.86 58.82
CA VAL H 350 27.58 -11.85 58.18
C VAL H 350 26.19 -11.84 58.83
N GLN H 351 25.65 -13.04 59.14
CA GLN H 351 24.35 -13.15 59.78
C GLN H 351 24.33 -12.40 61.12
N HIS H 352 25.43 -12.49 61.89
CA HIS H 352 25.52 -11.83 63.19
C HIS H 352 25.76 -10.33 63.01
N LEU H 353 26.47 -9.93 61.95
CA LEU H 353 26.85 -8.54 61.78
C LEU H 353 25.76 -7.76 61.03
N ALA H 354 24.94 -8.46 60.23
CA ALA H 354 24.00 -7.81 59.34
C ALA H 354 23.07 -6.86 60.10
N PRO H 355 22.44 -7.32 61.22
CA PRO H 355 21.50 -6.49 61.94
C PRO H 355 22.12 -5.20 62.47
N VAL H 356 23.40 -5.27 62.86
CA VAL H 356 24.12 -4.10 63.38
C VAL H 356 24.39 -3.14 62.22
N PHE H 357 24.85 -3.70 61.10
CA PHE H 357 25.11 -2.93 59.89
C PHE H 357 23.83 -2.23 59.44
N GLN H 358 22.73 -2.97 59.38
CA GLN H 358 21.46 -2.42 58.91
C GLN H 358 20.95 -1.32 59.85
N ARG H 359 21.17 -1.51 61.16
CA ARG H 359 20.69 -0.54 62.14
C ARG H 359 21.47 0.77 61.98
N HIS H 360 22.78 0.67 61.75
CA HIS H 360 23.60 1.85 61.48
C HIS H 360 23.12 2.58 60.23
N LEU H 361 22.69 1.83 59.19
CA LEU H 361 22.18 2.43 57.97
C LEU H 361 20.89 3.18 58.29
N ARG H 362 19.98 2.49 58.98
CA ARG H 362 18.64 3.00 59.25
C ARG H 362 18.71 4.27 60.11
N ALA H 363 19.77 4.39 60.90
CA ALA H 363 19.94 5.57 61.74
C ALA H 363 19.84 6.86 60.93
N PHE H 364 20.07 6.80 59.61
CA PHE H 364 20.10 7.98 58.78
C PHE H 364 18.73 8.26 58.15
N GLU H 365 17.71 7.46 58.49
CA GLU H 365 16.39 7.58 57.86
C GLU H 365 15.82 8.97 58.07
N ASP H 366 16.04 9.55 59.26
CA ASP H 366 15.40 10.80 59.65
C ASP H 366 16.30 11.99 59.32
N HIS H 367 17.38 11.79 58.58
CA HIS H 367 18.26 12.87 58.16
C HIS H 367 17.56 13.72 57.09
N PRO H 368 17.77 15.06 57.04
CA PRO H 368 17.05 15.91 56.10
C PRO H 368 17.30 15.58 54.62
N LEU H 369 18.49 15.06 54.30
CA LEU H 369 18.90 14.77 52.94
C LEU H 369 18.44 13.39 52.46
N VAL H 370 18.09 12.49 53.40
CA VAL H 370 17.89 11.09 53.10
C VAL H 370 16.40 10.81 52.84
N GLY H 371 16.11 10.23 51.68
CA GLY H 371 14.75 9.90 51.29
C GLY H 371 14.40 8.45 51.56
N ASN H 372 15.41 7.56 51.50
CA ASN H 372 15.17 6.13 51.61
C ASN H 372 16.45 5.45 52.07
N VAL H 373 16.31 4.41 52.90
CA VAL H 373 17.41 3.55 53.26
C VAL H 373 16.98 2.11 52.99
N ARG H 374 17.89 1.30 52.42
CA ARG H 374 17.54 -0.06 52.06
C ARG H 374 18.81 -0.90 52.08
N GLY H 375 18.65 -2.21 52.28
CA GLY H 375 19.80 -3.06 52.48
C GLY H 375 19.40 -4.49 52.84
N VAL H 376 20.31 -5.41 52.60
CA VAL H 376 20.18 -6.80 53.01
C VAL H 376 21.58 -7.27 53.36
N GLY H 377 21.68 -8.12 54.39
CA GLY H 377 22.97 -8.66 54.79
C GLY H 377 23.99 -7.55 54.95
N LEU H 378 25.11 -7.67 54.23
CA LEU H 378 26.18 -6.70 54.35
C LEU H 378 26.25 -5.81 53.11
N MET H 379 25.08 -5.48 52.55
CA MET H 379 24.98 -4.51 51.47
C MET H 379 23.88 -3.51 51.83
N GLY H 380 24.15 -2.23 51.59
CA GLY H 380 23.18 -1.20 51.93
C GLY H 380 23.30 0.02 51.04
N GLY H 381 22.22 0.81 51.02
CA GLY H 381 22.17 2.04 50.26
C GLY H 381 21.40 3.13 51.01
N ILE H 382 21.91 4.35 50.91
CA ILE H 382 21.27 5.52 51.49
C ILE H 382 21.02 6.52 50.37
N GLU H 383 19.74 6.70 50.01
CA GLU H 383 19.42 7.51 48.86
C GLU H 383 19.15 8.93 49.33
N LEU H 384 19.92 9.90 48.78
CA LEU H 384 19.70 11.30 49.06
C LEU H 384 18.70 11.87 48.04
N VAL H 385 17.82 12.77 48.51
CA VAL H 385 16.78 13.39 47.69
C VAL H 385 16.71 14.89 48.01
N ALA H 386 16.04 15.63 47.11
CA ALA H 386 15.91 17.07 47.22
C ALA H 386 14.74 17.45 48.13
N ASP H 387 13.69 16.63 48.11
CA ASP H 387 12.51 16.83 48.94
C ASP H 387 12.05 15.46 49.45
N LYS H 388 12.01 15.31 50.77
CA LYS H 388 11.61 14.05 51.40
C LYS H 388 10.11 13.80 51.22
N ALA H 389 9.31 14.88 51.19
CA ALA H 389 7.87 14.77 51.03
C ALA H 389 7.51 14.11 49.69
N THR H 390 8.07 14.64 48.59
CA THR H 390 7.69 14.23 47.25
C THR H 390 8.65 13.16 46.70
N ARG H 391 9.58 12.68 47.55
CA ARG H 391 10.56 11.66 47.21
C ARG H 391 11.28 11.98 45.90
N GLN H 392 11.45 13.28 45.61
CA GLN H 392 11.86 13.72 44.27
C GLN H 392 13.36 13.91 44.21
N PRO H 393 14.04 13.44 43.12
CA PRO H 393 15.48 13.66 42.94
C PRO H 393 15.85 15.12 42.65
N PHE H 394 17.16 15.34 42.48
CA PHE H 394 17.73 16.67 42.32
C PHE H 394 17.66 17.11 40.86
N ALA H 395 18.01 18.38 40.63
CA ALA H 395 17.97 18.97 39.30
C ALA H 395 18.83 18.14 38.33
N GLN H 396 20.13 17.99 38.63
CA GLN H 396 20.99 17.09 37.88
C GLN H 396 21.37 15.93 38.79
N PRO H 397 20.71 14.75 38.67
CA PRO H 397 21.00 13.65 39.58
C PRO H 397 22.49 13.31 39.56
N GLY H 398 23.06 13.01 40.73
CA GLY H 398 24.46 12.59 40.82
C GLY H 398 25.36 13.72 41.32
N THR H 399 24.84 14.94 41.39
CA THR H 399 25.61 16.09 41.83
C THR H 399 26.02 15.88 43.28
N LEU H 400 25.02 15.62 44.13
CA LEU H 400 25.26 15.48 45.56
C LEU H 400 26.04 14.20 45.85
N GLY H 401 25.63 13.09 45.20
CA GLY H 401 26.33 11.84 45.35
C GLY H 401 27.80 11.96 44.95
N GLY H 402 28.05 12.67 43.84
CA GLY H 402 29.40 12.90 43.36
C GLY H 402 30.25 13.61 44.41
N TYR H 403 29.64 14.57 45.12
CA TYR H 403 30.29 15.33 46.17
C TYR H 403 30.60 14.41 47.36
N VAL H 404 29.61 13.60 47.76
CA VAL H 404 29.77 12.70 48.88
C VAL H 404 30.94 11.75 48.60
N PHE H 405 31.06 11.29 47.35
CA PHE H 405 32.09 10.33 47.00
C PHE H 405 33.46 10.96 47.20
N LYS H 406 33.63 12.20 46.71
CA LYS H 406 34.90 12.92 46.81
C LYS H 406 35.19 13.25 48.26
N GLN H 407 34.18 13.80 48.95
CA GLN H 407 34.34 14.34 50.29
C GLN H 407 34.64 13.24 51.31
N ALA H 408 34.05 12.05 51.12
CA ALA H 408 34.25 10.94 52.02
C ALA H 408 35.74 10.59 52.11
N HIS H 409 36.49 10.84 51.03
CA HIS H 409 37.92 10.53 50.99
C HIS H 409 38.68 11.35 52.03
N LYS H 410 38.24 12.61 52.23
CA LYS H 410 38.90 13.50 53.17
C LYS H 410 38.69 13.01 54.59
N HIS H 411 37.71 12.11 54.80
CA HIS H 411 37.46 11.52 56.11
C HIS H 411 37.84 10.05 56.15
N GLY H 412 38.73 9.62 55.24
CA GLY H 412 39.30 8.28 55.29
C GLY H 412 38.30 7.18 54.89
N LEU H 413 37.29 7.52 54.08
CA LEU H 413 36.24 6.59 53.71
C LEU H 413 36.06 6.52 52.18
N ILE H 414 36.10 5.29 51.66
CA ILE H 414 35.76 5.05 50.26
C ILE H 414 34.41 4.37 50.19
N ILE H 415 33.44 5.06 49.57
CA ILE H 415 32.14 4.48 49.26
C ILE H 415 31.91 4.58 47.76
N ARG H 416 30.69 4.26 47.30
CA ARG H 416 30.34 4.39 45.90
C ARG H 416 29.06 5.21 45.78
N ALA H 417 29.08 6.22 44.91
CA ALA H 417 27.87 6.98 44.60
C ALA H 417 27.25 6.42 43.33
N ILE H 418 26.01 5.95 43.45
CA ILE H 418 25.20 5.56 42.31
C ILE H 418 24.16 6.66 42.12
N TYR H 419 24.50 7.62 41.25
CA TYR H 419 23.79 8.89 41.20
C TYR H 419 23.80 9.46 42.62
N ASP H 420 22.64 9.54 43.28
CA ASP H 420 22.58 10.18 44.59
C ASP H 420 22.29 9.15 45.68
N THR H 421 22.58 7.88 45.38
CA THR H 421 22.44 6.82 46.37
C THR H 421 23.85 6.42 46.80
N ILE H 422 24.10 6.39 48.12
CA ILE H 422 25.42 6.02 48.62
C ILE H 422 25.41 4.54 48.97
N ALA H 423 26.36 3.81 48.39
CA ALA H 423 26.38 2.37 48.49
C ALA H 423 27.43 1.95 49.49
N PHE H 424 27.09 0.89 50.23
CA PHE H 424 27.98 0.29 51.20
C PHE H 424 27.97 -1.21 50.98
N CYS H 425 29.18 -1.79 50.85
CA CYS H 425 29.36 -3.20 50.61
C CYS H 425 30.72 -3.60 51.16
N PRO H 426 30.92 -3.51 52.50
CA PRO H 426 32.23 -3.71 53.10
C PRO H 426 32.65 -5.18 53.10
N PRO H 427 33.93 -5.49 53.31
CA PRO H 427 34.41 -6.87 53.24
C PRO H 427 33.70 -7.79 54.23
N LEU H 428 33.77 -9.10 53.98
CA LEU H 428 33.11 -10.06 54.85
C LEU H 428 33.80 -10.09 56.21
N ILE H 429 35.06 -9.64 56.27
CA ILE H 429 35.86 -9.67 57.48
C ILE H 429 35.65 -8.40 58.29
N THR H 430 34.76 -7.51 57.85
CA THR H 430 34.40 -6.32 58.61
C THR H 430 34.03 -6.72 60.04
N THR H 431 34.46 -5.91 61.02
CA THR H 431 34.10 -6.07 62.42
C THR H 431 33.08 -5.02 62.83
N GLN H 432 32.46 -5.21 63.99
CA GLN H 432 31.63 -4.19 64.61
C GLN H 432 32.35 -2.85 64.71
N ASP H 433 33.64 -2.88 65.06
CA ASP H 433 34.42 -1.65 65.21
C ASP H 433 34.57 -0.95 63.85
N ASP H 434 34.87 -1.74 62.81
CA ASP H 434 34.95 -1.23 61.45
C ASP H 434 33.63 -0.53 61.07
N ILE H 435 32.50 -1.13 61.46
CA ILE H 435 31.20 -0.57 61.09
C ILE H 435 31.03 0.81 61.72
N GLU H 436 31.44 0.95 62.99
CA GLU H 436 31.31 2.20 63.70
C GLU H 436 32.21 3.25 63.07
N ALA H 437 33.39 2.83 62.62
CA ALA H 437 34.34 3.73 61.96
C ALA H 437 33.79 4.20 60.62
N ILE H 438 33.12 3.29 59.91
CA ILE H 438 32.58 3.60 58.60
C ILE H 438 31.53 4.69 58.75
N PHE H 439 30.58 4.48 59.67
CA PHE H 439 29.41 5.34 59.72
C PHE H 439 29.74 6.66 60.44
N SER H 440 30.68 6.59 61.38
CA SER H 440 31.27 7.80 61.94
C SER H 440 31.83 8.67 60.82
N ALA H 441 32.69 8.11 59.96
CA ALA H 441 33.29 8.85 58.86
C ALA H 441 32.21 9.33 57.88
N PHE H 442 31.18 8.50 57.70
CA PHE H 442 30.11 8.88 56.79
C PHE H 442 29.31 10.03 57.38
N GLU H 443 29.13 10.04 58.70
CA GLU H 443 28.34 11.07 59.36
C GLU H 443 29.00 12.44 59.19
N ARG H 444 30.33 12.51 59.33
CA ARG H 444 31.08 13.72 59.05
C ARG H 444 30.91 14.12 57.57
N THR H 445 30.99 13.13 56.66
CA THR H 445 30.87 13.42 55.25
C THR H 445 29.51 14.03 54.98
N LEU H 446 28.48 13.46 55.61
CA LEU H 446 27.11 13.85 55.36
C LEU H 446 26.85 15.23 55.95
N ALA H 447 27.56 15.57 57.03
CA ALA H 447 27.48 16.90 57.60
C ALA H 447 28.06 17.94 56.64
N ASP H 448 29.24 17.65 56.10
CA ASP H 448 29.83 18.49 55.05
C ASP H 448 28.87 18.61 53.87
N ALA H 449 28.20 17.51 53.53
CA ALA H 449 27.31 17.47 52.38
C ALA H 449 26.08 18.34 52.62
N THR H 450 25.61 18.38 53.88
CA THR H 450 24.45 19.18 54.24
C THR H 450 24.79 20.65 54.08
N ASP H 451 26.01 21.06 54.50
CA ASP H 451 26.50 22.43 54.30
C ASP H 451 26.57 22.74 52.81
N TRP H 452 27.23 21.85 52.07
CA TRP H 452 27.54 22.08 50.66
C TRP H 452 26.25 22.23 49.86
N ALA H 453 25.22 21.47 50.24
CA ALA H 453 23.95 21.43 49.53
C ALA H 453 23.17 22.72 49.74
N ARG H 454 23.31 23.35 50.92
CA ARG H 454 22.64 24.62 51.19
C ARG H 454 23.28 25.71 50.35
N SER H 455 24.62 25.79 50.35
CA SER H 455 25.33 26.85 49.66
C SER H 455 25.18 26.73 48.14
N GLN H 456 24.77 25.55 47.66
CA GLN H 456 24.57 25.31 46.24
C GLN H 456 23.11 25.44 45.84
N HIS H 457 22.25 25.80 46.81
CA HIS H 457 20.79 25.91 46.62
C HIS H 457 20.25 24.70 45.87
N LEU H 458 20.40 23.50 46.45
CA LEU H 458 20.03 22.26 45.77
C LEU H 458 18.69 21.72 46.27
N LEU H 459 18.28 22.07 47.50
CA LEU H 459 17.09 21.51 48.13
C LEU H 459 15.84 22.36 47.74
C1 PEG I . -5.31 36.10 3.52
O1 PEG I . -5.87 36.91 2.47
C2 PEG I . -4.26 35.12 3.06
O2 PEG I . -2.98 35.45 3.61
C3 PEG I . -2.82 35.11 4.99
C4 PEG I . -1.68 35.89 5.61
O4 PEG I . -1.93 36.24 6.96
C1 EDO J . -12.47 40.13 7.59
O1 EDO J . -11.28 39.77 8.29
C2 EDO J . -12.25 40.80 6.26
O2 EDO J . -13.45 41.09 5.52
C1 EDO K . -3.64 23.61 17.08
O1 EDO K . -4.29 23.95 18.32
C2 EDO K . -3.02 24.75 16.28
O2 EDO K . -1.58 25.01 16.37
S SO4 L . -9.52 20.65 19.33
O1 SO4 L . -10.00 21.75 20.08
O2 SO4 L . -10.43 20.37 18.27
O3 SO4 L . -8.24 20.91 18.78
O4 SO4 L . -9.42 19.52 20.22
C1 EDO M . -7.99 11.53 23.66
O1 EDO M . -8.67 12.55 24.36
C2 EDO M . -7.59 11.90 22.25
O2 EDO M . -6.70 10.99 21.62
C1 EDO N . -15.68 -0.95 21.80
O1 EDO N . -16.21 -0.34 22.98
C2 EDO N . -14.28 -0.58 21.39
O2 EDO N . -14.23 0.40 20.41
C1 EDO O . 2.55 11.62 -2.24
O1 EDO O . 1.43 11.68 -3.14
C2 EDO O . 3.94 11.82 -2.82
O2 EDO O . 5.02 11.08 -2.22
S SO4 P . -18.96 9.13 20.25
O1 SO4 P . -17.96 8.99 21.29
O2 SO4 P . -20.19 9.48 20.87
O3 SO4 P . -18.62 10.16 19.31
O4 SO4 P . -19.08 7.89 19.53
S SO4 Q . -28.97 7.69 -3.22
O1 SO4 Q . -29.86 8.51 -2.45
O2 SO4 Q . -28.77 8.27 -4.53
O3 SO4 Q . -27.70 7.59 -2.52
O4 SO4 Q . -29.57 6.40 -3.35
C1 PEG R . 25.42 24.98 -32.07
O1 PEG R . 24.08 24.63 -31.68
C2 PEG R . 26.43 24.57 -31.05
O2 PEG R . 25.99 25.00 -29.76
C3 PEG R . 26.17 24.08 -28.68
C4 PEG R . 24.88 23.88 -27.90
O4 PEG R . 24.20 25.10 -27.48
C1 PEG S . 33.22 20.48 -34.37
O1 PEG S . 32.32 20.64 -33.28
C2 PEG S . 32.69 21.08 -35.63
O2 PEG S . 33.00 22.48 -35.70
C3 PEG S . 32.20 23.22 -36.63
C4 PEG S . 32.04 24.69 -36.20
O4 PEG S . 30.85 24.96 -35.42
C1 EDO T . 18.00 -9.09 -29.37
O1 EDO T . 16.83 -8.76 -28.62
C2 EDO T . 19.22 -9.31 -28.51
O2 EDO T . 20.47 -9.34 -29.18
S SO4 U . 16.94 1.56 -24.48
O1 SO4 U . 16.13 2.73 -24.58
O2 SO4 U . 18.13 1.71 -25.23
O3 SO4 U . 17.30 1.28 -23.12
O4 SO4 U . 16.20 0.48 -25.05
C1 GOL V . 15.27 8.13 -24.80
O1 GOL V . 14.91 7.05 -25.67
C2 GOL V . 14.11 8.59 -23.93
O2 GOL V . 13.75 9.93 -24.29
C3 GOL V . 14.40 8.42 -22.43
O3 GOL V . 13.96 9.50 -21.59
C1 EDO W . 19.19 -19.64 3.67
O1 EDO W . 18.95 -18.99 4.92
C2 EDO W . 17.99 -19.85 2.78
O2 EDO W . 18.26 -20.29 1.45
S SO4 X . 17.63 -12.57 -19.48
O1 SO4 X . 18.58 -13.52 -19.93
O2 SO4 X . 18.29 -11.41 -18.92
O3 SO4 X . 16.79 -12.25 -20.58
O4 SO4 X . 16.84 -13.17 -18.44
S SO4 Y . -6.66 -12.75 -23.57
O1 SO4 Y . -7.77 -13.34 -22.89
O2 SO4 Y . -7.02 -12.50 -24.96
O3 SO4 Y . -5.54 -13.66 -23.52
O4 SO4 Y . -6.32 -11.50 -22.93
C1 EDO Z . -29.39 24.46 2.18
O1 EDO Z . -28.19 25.17 2.02
C2 EDO Z . -29.18 23.06 1.74
O2 EDO Z . -29.45 22.06 2.70
S SO4 AA . -45.01 3.81 -22.58
O1 SO4 AA . -45.83 3.36 -21.51
O2 SO4 AA . -44.60 5.16 -22.37
O3 SO4 AA . -43.83 2.99 -22.68
O4 SO4 AA . -45.76 3.71 -23.81
C1 EDO BA . -17.27 -13.54 -31.59
O1 EDO BA . -17.73 -13.18 -32.88
C2 EDO BA . -15.78 -13.53 -31.42
O2 EDO BA . -15.29 -14.18 -30.23
S SO4 CA . -36.02 -0.37 -33.35
O1 SO4 CA . -36.02 0.50 -32.20
O2 SO4 CA . -35.37 0.29 -34.46
O3 SO4 CA . -35.31 -1.53 -32.99
O4 SO4 CA . -37.37 -0.73 -33.71
C1 PEG DA . 43.65 -17.75 19.86
O1 PEG DA . 43.44 -16.34 20.05
C2 PEG DA . 42.91 -18.65 20.85
O2 PEG DA . 43.40 -19.99 20.78
C3 PEG DA . 42.86 -20.78 19.70
C4 PEG DA . 41.35 -20.81 19.75
O4 PEG DA . 40.76 -21.93 19.08
S SO4 EA . 28.03 -10.09 3.58
O1 SO4 EA . 27.98 -11.11 4.60
O2 SO4 EA . 26.69 -9.63 3.18
O3 SO4 EA . 28.75 -8.95 4.09
O4 SO4 EA . 28.68 -10.67 2.43
S SO4 FA . 41.19 -14.85 24.73
O1 SO4 FA . 39.79 -14.55 24.71
O2 SO4 FA . 41.89 -13.82 24.01
O3 SO4 FA . 41.69 -14.88 26.10
O4 SO4 FA . 41.38 -16.11 24.09
C1 EDO GA . 9.22 -7.24 36.52
O1 EDO GA . 8.45 -6.58 35.52
C2 EDO GA . 10.60 -6.69 36.71
O2 EDO GA . 11.02 -6.51 38.06
S SO4 HA . 33.27 -8.28 35.37
O1 SO4 HA . 34.48 -9.00 35.66
O2 SO4 HA . 32.20 -8.80 36.16
O3 SO4 HA . 33.46 -6.88 35.66
O4 SO4 HA . 32.93 -8.44 33.97
#